data_9RFU
#
_entry.id   9RFU
#
_cell.length_a   1.00
_cell.length_b   1.00
_cell.length_c   1.00
_cell.angle_alpha   90.00
_cell.angle_beta   90.00
_cell.angle_gamma   90.00
#
_symmetry.space_group_name_H-M   'P 1'
#
loop_
_entity.id
_entity.type
_entity.pdbx_description
1 polymer 'Siderophore export accessory protein MmpS5'
2 polymer 'Siderophore exporter MmpL5'
3 polymer 'Meromycolate extension acyl carrier protein'
4 non-polymer '(1S)-2-{[(S)-(2-aminoethoxy)(hydroxy)phosphoryl]oxy}-1-[(octadecanoyloxy)methyl]ethyl (9Z)-octadec-9-enoate'
#
loop_
_entity_poly.entity_id
_entity_poly.type
_entity_poly.pdbx_seq_one_letter_code
_entity_poly.pdbx_strand_id
1 'polypeptide(L)' SIGTLKRAWIPLLILVVVAIAGFTVQRIRTF A,B,C
2 'polypeptide(L)'
;ARPFIPRMIRTFAVPIILGWLVTIAVLNVTVPQLETVGQIQAVSMSPDAAPSMISMKHIGKVFEEGDSDSAAMIVLEGQR
PLGDAAHAFYDQMIGRLQADTTHVQSLQDFWGDPLTATGAQSSDGKAAYVQVKLAGNQGESLANESVEAVKTIVERLAPP
PGVKVYVTGSAALVADQQQAGDRSLQVIEAVTFTVIIVMLLLVYRSIITSAIMLTMVVLGLLATRGGVAFLGFHRIIGLS
TFATNLLVVLAIAAATDYAIFLIGRYQEARGLGQDRESAYYTMFGGTAHVVLGSGLTIAGATFCLSFTRLPYFQTLGVPL
AIGMVIVVAAALTLGPAIIAVTSRFGKLLEPKRMARVRGWRKVGAAIVRWPGPILVGAVALALVGLLTLPGYRTNYNDRN
YLPADLPANEGYAAAERHFSQARMNPEVLMVESDHDMRNSADFLVINKIAKAIFAVEGISRVQAITRPDGKPIESFYLPP
EVFDNPDFQRGLEQFLSPDGHAVRFIISHEGDPMSQAGIARIAKIKTAAKEAIKGTPLEGSAIYLGGTAAMFKDLSDGNT
YDLMIAGISALCLIFIIMLITTRSVVAAAVIVGTVVLSLGASFGLSVLIWQHILGIELHWLVLAMAVIILLAVGADYNLL
LVARLKEEIHAGINTGIIRAMGGSGSVVTAAGLVFAFTMMSFAVSELTVMAQVGTTIGMGLLFDTLIVRSFMTPSIAALL
GKWFWWPQVVRQRPIPQPW
;
D,E,F
3 'polypeptide(L)'
;ATQEEIIAGLAEIIEEVTGIEPSEVTPEKSFVDDLDID(4HH)LSMVEIAVQTEDKYGVKIPDEDLAGLRTVGDVVAYIQ
KL
;
G,H,I
#
loop_
_chem_comp.id
_chem_comp.type
_chem_comp.name
_chem_comp.formula
L9Q non-polymer '(1S)-2-{[(S)-(2-aminoethoxy)(hydroxy)phosphoryl]oxy}-1-[(octadecanoyloxy)methyl]ethyl (9Z)-octadec-9-enoate' 'C41 H80 N O8 P'
#
# COMPACT_ATOMS: atom_id res chain seq x y z
N SER A 1 40.76 15.22 -17.08
CA SER A 1 41.04 14.11 -18.03
C SER A 1 40.36 12.82 -17.59
N ILE A 2 40.12 11.93 -18.56
CA ILE A 2 39.43 10.67 -18.27
C ILE A 2 40.32 9.73 -17.48
N GLY A 3 41.64 9.86 -17.60
CA GLY A 3 42.54 8.90 -17.00
C GLY A 3 42.35 8.77 -15.50
N THR A 4 42.24 9.89 -14.79
CA THR A 4 42.11 9.86 -13.35
C THR A 4 40.69 9.55 -12.88
N LEU A 5 39.69 9.65 -13.76
CA LEU A 5 38.30 9.43 -13.38
C LEU A 5 37.77 8.07 -13.83
N LYS A 6 38.58 7.27 -14.53
CA LYS A 6 38.20 5.91 -14.87
C LYS A 6 39.18 4.86 -14.33
N ARG A 7 40.36 5.27 -13.90
CA ARG A 7 41.24 4.40 -13.12
C ARG A 7 40.91 4.44 -11.64
N ALA A 8 40.26 5.50 -11.17
CA ALA A 8 39.95 5.68 -9.76
C ALA A 8 38.45 5.71 -9.54
N TRP A 9 37.71 4.80 -10.18
CA TRP A 9 36.28 4.76 -9.97
C TRP A 9 35.89 3.94 -8.75
N ILE A 10 36.57 2.82 -8.47
CA ILE A 10 36.27 2.07 -7.25
C ILE A 10 36.53 2.91 -6.01
N PRO A 11 37.71 3.50 -5.81
CA PRO A 11 37.90 4.31 -4.60
C PRO A 11 36.91 5.46 -4.46
N LEU A 12 36.58 6.13 -5.55
CA LEU A 12 35.66 7.27 -5.44
C LEU A 12 34.24 6.81 -5.17
N LEU A 13 33.84 5.68 -5.77
CA LEU A 13 32.53 5.13 -5.47
C LEU A 13 32.43 4.72 -4.00
N ILE A 14 33.48 4.09 -3.48
CA ILE A 14 33.49 3.74 -2.06
C ILE A 14 33.43 5.00 -1.20
N LEU A 15 34.17 6.03 -1.57
CA LEU A 15 34.16 7.26 -0.78
C LEU A 15 32.77 7.90 -0.78
N VAL A 16 32.10 7.91 -1.92
CA VAL A 16 30.77 8.55 -1.96
C VAL A 16 29.76 7.71 -1.18
N VAL A 17 29.84 6.38 -1.29
CA VAL A 17 28.94 5.52 -0.52
C VAL A 17 29.14 5.77 0.96
N VAL A 18 30.39 5.77 1.43
CA VAL A 18 30.65 6.02 2.83
C VAL A 18 30.18 7.42 3.22
N ALA A 19 30.33 8.39 2.33
CA ALA A 19 29.91 9.75 2.63
C ALA A 19 28.41 9.81 2.90
N ILE A 20 27.61 9.23 2.01
CA ILE A 20 26.17 9.30 2.18
C ILE A 20 25.72 8.48 3.38
N ALA A 21 26.33 7.30 3.58
CA ALA A 21 25.98 6.49 4.74
C ALA A 21 26.31 7.22 6.03
N GLY A 22 27.48 7.85 6.11
CA GLY A 22 27.83 8.59 7.31
C GLY A 22 26.90 9.76 7.54
N PHE A 23 26.54 10.48 6.48
CA PHE A 23 25.63 11.61 6.63
C PHE A 23 24.29 11.14 7.19
N THR A 24 23.72 10.09 6.60
CA THR A 24 22.41 9.64 7.04
C THR A 24 22.46 9.07 8.45
N VAL A 25 23.54 8.36 8.80
CA VAL A 25 23.64 7.82 10.15
C VAL A 25 23.79 8.95 11.18
N GLN A 26 24.60 9.95 10.86
CA GLN A 26 24.71 11.10 11.75
C GLN A 26 23.38 11.81 11.90
N ARG A 27 22.58 11.86 10.82
CA ARG A 27 21.26 12.48 10.92
C ARG A 27 20.32 11.62 11.77
N ILE A 28 20.45 10.30 11.71
CA ILE A 28 19.57 9.43 12.49
C ILE A 28 19.93 9.47 13.97
N ARG A 29 21.20 9.61 14.30
CA ARG A 29 21.62 9.51 15.69
C ARG A 29 20.96 10.56 16.58
N THR A 30 20.50 11.68 16.02
CA THR A 30 19.94 12.75 16.84
C THR A 30 18.46 12.57 17.13
N PHE A 31 17.84 11.52 16.60
CA PHE A 31 16.41 11.28 16.84
C PHE A 31 16.18 10.84 18.28
N SER B 1 -20.31 0.22 -41.32
CA SER B 1 -19.62 -0.97 -41.90
C SER B 1 -18.13 -0.96 -41.57
N ILE B 2 -17.43 -1.99 -42.02
CA ILE B 2 -16.01 -2.15 -41.71
C ILE B 2 -15.21 -1.00 -42.30
N GLY B 3 -15.41 -0.71 -43.58
CA GLY B 3 -14.59 0.29 -44.25
C GLY B 3 -14.75 1.67 -43.65
N THR B 4 -15.99 2.10 -43.46
CA THR B 4 -16.24 3.45 -42.94
C THR B 4 -15.90 3.57 -41.47
N LEU B 5 -15.75 2.46 -40.76
CA LEU B 5 -15.34 2.50 -39.37
C LEU B 5 -13.83 2.51 -39.21
N LYS B 6 -13.12 1.69 -39.97
CA LYS B 6 -11.66 1.61 -39.87
C LYS B 6 -10.96 2.65 -40.74
N ARG B 7 -11.67 3.36 -41.60
CA ARG B 7 -11.06 4.45 -42.36
C ARG B 7 -10.99 5.75 -41.56
N ALA B 8 -11.65 5.81 -40.41
CA ALA B 8 -11.67 7.02 -39.60
C ALA B 8 -11.55 6.68 -38.13
N TRP B 9 -10.68 5.73 -37.79
CA TRP B 9 -10.57 5.34 -36.38
C TRP B 9 -10.00 6.46 -35.52
N ILE B 10 -9.16 7.32 -36.10
CA ILE B 10 -8.53 8.39 -35.33
C ILE B 10 -9.60 9.35 -34.81
N PRO B 11 -10.41 9.99 -35.67
CA PRO B 11 -11.39 10.95 -35.13
C PRO B 11 -12.31 10.34 -34.10
N LEU B 12 -12.77 9.11 -34.31
CA LEU B 12 -13.64 8.48 -33.32
C LEU B 12 -12.91 8.27 -31.99
N LEU B 13 -11.64 7.86 -32.04
CA LEU B 13 -10.90 7.68 -30.80
C LEU B 13 -10.76 9.01 -30.06
N ILE B 14 -10.46 10.09 -30.78
CA ILE B 14 -10.37 11.40 -30.13
C ILE B 14 -11.72 11.79 -29.53
N LEU B 15 -12.81 11.51 -30.25
CA LEU B 15 -14.13 11.82 -29.71
C LEU B 15 -14.37 11.07 -28.40
N VAL B 16 -14.01 9.78 -28.37
CA VAL B 16 -14.22 8.99 -27.16
C VAL B 16 -13.42 9.57 -26.00
N VAL B 17 -12.15 9.91 -26.26
CA VAL B 17 -11.29 10.43 -25.20
C VAL B 17 -11.83 11.75 -24.67
N VAL B 18 -12.24 12.65 -25.58
CA VAL B 18 -12.76 13.94 -25.14
C VAL B 18 -14.05 13.75 -24.36
N ALA B 19 -14.91 12.81 -24.79
CA ALA B 19 -16.15 12.57 -24.06
C ALA B 19 -15.86 12.10 -22.64
N ILE B 20 -14.97 11.12 -22.48
CA ILE B 20 -14.64 10.62 -21.16
C ILE B 20 -14.07 11.74 -20.30
N ALA B 21 -13.13 12.50 -20.86
CA ALA B 21 -12.50 13.57 -20.09
C ALA B 21 -13.50 14.62 -19.66
N GLY B 22 -14.43 14.99 -20.55
CA GLY B 22 -15.44 15.96 -20.18
C GLY B 22 -16.35 15.46 -19.08
N PHE B 23 -16.77 14.20 -19.17
CA PHE B 23 -17.61 13.63 -18.11
C PHE B 23 -16.89 13.65 -16.77
N THR B 24 -15.63 13.18 -16.75
CA THR B 24 -14.89 13.14 -15.50
C THR B 24 -14.67 14.53 -14.94
N VAL B 25 -14.32 15.49 -15.80
CA VAL B 25 -14.07 16.84 -15.33
C VAL B 25 -15.35 17.46 -14.77
N GLN B 26 -16.48 17.24 -15.43
CA GLN B 26 -17.74 17.75 -14.92
C GLN B 26 -18.03 17.16 -13.54
N ARG B 27 -17.88 15.83 -13.41
CA ARG B 27 -18.19 15.20 -12.12
C ARG B 27 -17.26 15.71 -11.02
N ILE B 28 -15.97 15.85 -11.32
CA ILE B 28 -15.03 16.32 -10.31
C ILE B 28 -15.31 17.77 -9.93
N ARG B 29 -15.75 18.59 -10.90
CA ARG B 29 -15.92 20.01 -10.66
C ARG B 29 -16.98 20.27 -9.60
N THR B 30 -18.04 19.46 -9.58
CA THR B 30 -19.17 19.73 -8.69
C THR B 30 -18.80 19.62 -7.22
N PHE B 31 -17.68 18.99 -6.89
CA PHE B 31 -17.28 18.83 -5.49
C PHE B 31 -17.06 20.17 -4.84
N SER C 1 11.49 -44.14 -1.48
CA SER C 1 12.21 -44.28 -2.79
C SER C 1 11.69 -43.28 -3.81
N ILE C 2 12.57 -42.84 -4.72
CA ILE C 2 12.17 -41.89 -5.74
C ILE C 2 11.11 -42.50 -6.65
N GLY C 3 11.20 -43.80 -6.92
CA GLY C 3 10.24 -44.42 -7.81
C GLY C 3 8.80 -44.25 -7.34
N THR C 4 8.56 -44.52 -6.06
CA THR C 4 7.21 -44.37 -5.52
C THR C 4 6.83 -42.92 -5.31
N LEU C 5 7.80 -42.05 -5.02
CA LEU C 5 7.50 -40.64 -4.83
C LEU C 5 7.21 -39.93 -6.15
N LYS C 6 7.61 -40.52 -7.27
CA LYS C 6 7.30 -39.99 -8.58
C LYS C 6 6.13 -40.68 -9.24
N ARG C 7 5.86 -41.94 -8.88
CA ARG C 7 4.74 -42.65 -9.47
C ARG C 7 3.40 -42.13 -8.92
N ALA C 8 3.40 -41.63 -7.69
CA ALA C 8 2.16 -41.26 -6.99
C ALA C 8 2.29 -39.87 -6.38
N TRP C 9 2.78 -38.91 -7.16
CA TRP C 9 2.88 -37.55 -6.65
C TRP C 9 1.52 -36.86 -6.60
N ILE C 10 0.60 -37.23 -7.50
CA ILE C 10 -0.69 -36.54 -7.54
C ILE C 10 -1.49 -36.73 -6.25
N PRO C 11 -1.79 -37.96 -5.81
CA PRO C 11 -2.55 -38.09 -4.57
C PRO C 11 -1.90 -37.41 -3.39
N LEU C 12 -0.57 -37.46 -3.31
CA LEU C 12 0.11 -36.79 -2.21
C LEU C 12 -0.10 -35.30 -2.26
N LEU C 13 -0.01 -34.71 -3.46
CA LEU C 13 -0.21 -33.28 -3.58
C LEU C 13 -1.62 -32.88 -3.17
N ILE C 14 -2.63 -33.63 -3.64
CA ILE C 14 -3.99 -33.32 -3.23
C ILE C 14 -4.15 -33.47 -1.73
N LEU C 15 -3.55 -34.49 -1.14
CA LEU C 15 -3.67 -34.68 0.31
C LEU C 15 -3.09 -33.48 1.04
N VAL C 16 -1.92 -33.00 0.60
CA VAL C 16 -1.31 -31.85 1.25
C VAL C 16 -2.23 -30.64 1.14
N VAL C 17 -2.76 -30.39 -0.05
CA VAL C 17 -3.61 -29.22 -0.26
C VAL C 17 -4.85 -29.29 0.62
N VAL C 18 -5.51 -30.44 0.63
CA VAL C 18 -6.73 -30.58 1.42
C VAL C 18 -6.44 -30.46 2.91
N ALA C 19 -5.31 -31.02 3.37
CA ALA C 19 -4.98 -30.90 4.79
C ALA C 19 -4.74 -29.46 5.17
N ILE C 20 -4.02 -28.71 4.34
CA ILE C 20 -3.79 -27.30 4.63
C ILE C 20 -5.10 -26.54 4.67
N ALA C 21 -5.97 -26.79 3.68
CA ALA C 21 -7.24 -26.09 3.63
C ALA C 21 -8.11 -26.43 4.84
N GLY C 22 -8.11 -27.70 5.25
CA GLY C 22 -8.87 -28.09 6.41
C GLY C 22 -8.40 -27.41 7.68
N PHE C 23 -7.07 -27.35 7.87
CA PHE C 23 -6.55 -26.66 9.04
C PHE C 23 -6.95 -25.19 9.02
N THR C 24 -6.84 -24.54 7.86
CA THR C 24 -7.18 -23.12 7.79
C THR C 24 -8.66 -22.90 8.10
N VAL C 25 -9.54 -23.75 7.56
CA VAL C 25 -10.96 -23.59 7.78
C VAL C 25 -11.31 -23.84 9.24
N GLN C 26 -10.71 -24.88 9.85
CA GLN C 26 -10.96 -25.14 11.26
C GLN C 26 -10.53 -23.96 12.12
N ARG C 27 -9.39 -23.36 11.80
CA ARG C 27 -8.95 -22.20 12.57
C ARG C 27 -9.91 -21.03 12.40
N ILE C 28 -10.33 -20.74 11.16
CA ILE C 28 -11.15 -19.56 10.95
C ILE C 28 -12.54 -19.73 11.53
N ARG C 29 -13.06 -20.97 11.54
CA ARG C 29 -14.43 -21.16 12.00
C ARG C 29 -14.63 -20.75 13.45
N THR C 30 -13.56 -20.67 14.23
CA THR C 30 -13.66 -20.35 15.65
C THR C 30 -13.77 -18.85 15.92
N PHE C 31 -13.65 -18.01 14.89
CA PHE C 31 -13.76 -16.57 15.08
C PHE C 31 -15.18 -16.18 15.44
N ALA D 1 6.80 22.77 -55.82
CA ALA D 1 8.15 23.39 -55.62
C ALA D 1 8.25 24.00 -54.23
N ARG D 2 8.40 25.32 -54.14
CA ARG D 2 8.48 25.98 -52.85
C ARG D 2 7.07 26.27 -52.33
N PRO D 3 6.68 25.77 -51.17
CA PRO D 3 5.33 26.05 -50.67
C PRO D 3 5.05 27.54 -50.59
N PHE D 4 3.76 27.86 -50.59
CA PHE D 4 3.32 29.24 -50.59
C PHE D 4 3.85 30.00 -49.37
N ILE D 5 3.63 29.45 -48.18
CA ILE D 5 3.82 30.22 -46.95
C ILE D 5 5.27 30.67 -46.78
N PRO D 6 6.27 29.80 -46.91
CA PRO D 6 7.65 30.28 -46.75
C PRO D 6 8.05 31.30 -47.79
N ARG D 7 7.59 31.15 -49.04
CA ARG D 7 7.93 32.12 -50.06
C ARG D 7 7.37 33.49 -49.72
N MET D 8 6.10 33.53 -49.28
CA MET D 8 5.52 34.82 -48.94
C MET D 8 6.17 35.40 -47.68
N ILE D 9 6.55 34.56 -46.73
CA ILE D 9 7.24 35.06 -45.54
C ILE D 9 8.54 35.73 -45.93
N ARG D 10 9.33 35.07 -46.78
CA ARG D 10 10.67 35.57 -47.07
C ARG D 10 10.68 36.72 -48.06
N THR D 11 9.78 36.70 -49.06
CA THR D 11 9.77 37.76 -50.06
C THR D 11 9.42 39.10 -49.43
N PHE D 12 8.45 39.11 -48.52
CA PHE D 12 8.04 40.33 -47.84
C PHE D 12 8.71 40.50 -46.49
N ALA D 13 9.96 40.06 -46.35
CA ALA D 13 10.59 40.00 -45.03
C ALA D 13 10.66 41.38 -44.38
N VAL D 14 11.23 42.36 -45.08
CA VAL D 14 11.45 43.68 -44.48
C VAL D 14 10.13 44.36 -44.11
N PRO D 15 9.12 44.41 -44.97
CA PRO D 15 7.87 45.06 -44.55
C PRO D 15 7.21 44.40 -43.35
N ILE D 16 7.28 43.07 -43.23
CA ILE D 16 6.65 42.43 -42.08
C ILE D 16 7.47 42.69 -40.82
N ILE D 17 8.80 42.75 -40.93
CA ILE D 17 9.61 43.13 -39.78
C ILE D 17 9.22 44.53 -39.31
N LEU D 18 9.10 45.47 -40.25
CA LEU D 18 8.71 46.83 -39.88
C LEU D 18 7.33 46.84 -39.24
N GLY D 19 6.40 46.05 -39.79
CA GLY D 19 5.07 45.99 -39.18
C GLY D 19 5.11 45.48 -37.76
N TRP D 20 5.88 44.42 -37.51
CA TRP D 20 6.00 43.90 -36.15
C TRP D 20 6.59 44.95 -35.23
N LEU D 21 7.64 45.63 -35.67
CA LEU D 21 8.27 46.64 -34.83
C LEU D 21 7.30 47.77 -34.49
N VAL D 22 6.56 48.25 -35.49
CA VAL D 22 5.65 49.38 -35.23
C VAL D 22 4.50 48.95 -34.34
N THR D 23 3.98 47.73 -34.53
CA THR D 23 2.92 47.25 -33.65
C THR D 23 3.40 47.15 -32.22
N ILE D 24 4.58 46.57 -32.00
CA ILE D 24 5.10 46.48 -30.64
C ILE D 24 5.27 47.88 -30.06
N ALA D 25 5.78 48.81 -30.86
CA ALA D 25 5.98 50.19 -30.39
C ALA D 25 4.66 50.78 -29.91
N VAL D 26 3.63 50.73 -30.76
CA VAL D 26 2.37 51.38 -30.43
C VAL D 26 1.72 50.69 -29.24
N LEU D 27 1.85 49.37 -29.14
CA LEU D 27 1.23 48.66 -28.03
C LEU D 27 1.97 48.87 -26.72
N ASN D 28 3.24 49.24 -26.76
CA ASN D 28 3.98 49.50 -25.53
C ASN D 28 4.01 50.97 -25.13
N VAL D 29 3.72 51.90 -26.03
CA VAL D 29 3.79 53.31 -25.65
C VAL D 29 2.43 53.83 -25.19
N THR D 30 1.35 53.43 -25.86
CA THR D 30 0.03 53.97 -25.55
C THR D 30 -0.68 53.24 -24.41
N VAL D 31 -0.23 52.04 -24.05
CA VAL D 31 -0.90 51.21 -23.06
C VAL D 31 0.07 50.97 -21.92
N PRO D 32 -0.32 51.16 -20.66
CA PRO D 32 0.62 50.96 -19.56
C PRO D 32 1.20 49.56 -19.55
N GLN D 33 2.16 49.36 -18.65
CA GLN D 33 2.83 48.08 -18.52
C GLN D 33 1.94 47.08 -17.78
N LEU D 34 2.41 45.83 -17.72
CA LEU D 34 1.58 44.76 -17.18
C LEU D 34 1.42 44.88 -15.67
N GLU D 35 2.47 45.27 -14.96
CA GLU D 35 2.35 45.37 -13.52
C GLU D 35 1.26 46.35 -13.11
N THR D 36 1.23 47.52 -13.75
CA THR D 36 0.25 48.54 -13.37
C THR D 36 -1.17 48.12 -13.74
N VAL D 37 -1.36 47.67 -14.98
CA VAL D 37 -2.71 47.31 -15.40
C VAL D 37 -3.20 46.10 -14.61
N GLY D 38 -2.29 45.21 -14.21
CA GLY D 38 -2.68 44.11 -13.35
C GLY D 38 -3.08 44.57 -11.97
N GLN D 39 -2.33 45.51 -11.39
CA GLN D 39 -2.63 45.95 -10.03
C GLN D 39 -3.93 46.75 -9.98
N ILE D 40 -4.24 47.51 -11.02
CA ILE D 40 -5.45 48.34 -10.96
C ILE D 40 -6.71 47.48 -10.93
N GLN D 41 -6.65 46.27 -11.48
CA GLN D 41 -7.83 45.40 -11.53
C GLN D 41 -7.50 44.02 -10.97
N ALA D 42 -6.83 43.99 -9.82
CA ALA D 42 -6.59 42.73 -9.14
C ALA D 42 -7.88 42.19 -8.54
N VAL D 43 -7.89 40.89 -8.26
CA VAL D 43 -9.07 40.21 -7.75
C VAL D 43 -8.71 39.48 -6.46
N SER D 44 -9.70 39.31 -5.59
CA SER D 44 -9.51 38.60 -4.34
C SER D 44 -9.18 37.13 -4.61
N MET D 45 -8.25 36.59 -3.85
CA MET D 45 -7.80 35.21 -4.07
C MET D 45 -8.66 34.18 -3.37
N SER D 46 -9.58 34.58 -2.50
CA SER D 46 -10.42 33.56 -1.89
C SER D 46 -11.64 33.29 -2.77
N PRO D 47 -12.03 32.02 -2.98
CA PRO D 47 -13.22 31.75 -3.80
C PRO D 47 -14.43 32.54 -3.32
N ASP D 48 -15.39 32.75 -4.20
CA ASP D 48 -16.53 33.61 -3.90
C ASP D 48 -17.55 32.92 -2.98
N ALA D 49 -17.65 31.60 -3.04
CA ALA D 49 -18.70 30.87 -2.34
C ALA D 49 -18.11 29.80 -1.42
N ALA D 50 -16.90 30.01 -0.92
CA ALA D 50 -16.31 29.06 -0.01
C ALA D 50 -17.00 29.15 1.36
N PRO D 51 -16.97 28.08 2.14
CA PRO D 51 -17.66 28.12 3.45
C PRO D 51 -17.15 29.23 4.36
N SER D 52 -15.85 29.54 4.32
CA SER D 52 -15.31 30.56 5.21
C SER D 52 -15.71 31.96 4.77
N MET D 53 -15.72 32.21 3.46
CA MET D 53 -16.01 33.56 2.98
C MET D 53 -17.43 33.98 3.34
N ILE D 54 -18.39 33.08 3.10
CA ILE D 54 -19.78 33.37 3.44
C ILE D 54 -19.88 33.68 4.94
N SER D 55 -19.14 32.93 5.76
CA SER D 55 -19.18 33.15 7.19
C SER D 55 -18.66 34.52 7.57
N MET D 56 -17.57 34.96 6.96
CA MET D 56 -17.02 36.28 7.27
C MET D 56 -17.99 37.37 6.86
N LYS D 57 -18.56 37.25 5.65
CA LYS D 57 -19.52 38.27 5.22
C LYS D 57 -20.72 38.31 6.15
N HIS D 58 -21.25 37.15 6.55
CA HIS D 58 -22.44 37.14 7.39
C HIS D 58 -22.13 37.68 8.78
N ILE D 59 -20.98 37.30 9.35
CA ILE D 59 -20.60 37.82 10.66
C ILE D 59 -20.49 39.33 10.61
N GLY D 60 -19.87 39.86 9.55
CA GLY D 60 -19.80 41.30 9.42
C GLY D 60 -21.16 41.93 9.30
N LYS D 61 -22.07 41.28 8.55
CA LYS D 61 -23.38 41.87 8.32
C LYS D 61 -24.20 41.93 9.62
N VAL D 62 -24.19 40.86 10.41
CA VAL D 62 -25.08 40.78 11.56
C VAL D 62 -24.72 41.83 12.60
N PHE D 63 -23.43 41.94 12.94
CA PHE D 63 -23.00 42.89 13.96
C PHE D 63 -22.77 44.29 13.39
N GLU D 64 -22.96 44.48 12.09
CA GLU D 64 -22.77 45.79 11.46
C GLU D 64 -21.33 46.28 11.64
N GLU D 65 -20.40 45.52 11.04
CA GLU D 65 -18.98 45.83 11.09
C GLU D 65 -18.35 45.69 9.71
N GLY D 66 -19.13 45.93 8.66
CA GLY D 66 -18.61 45.89 7.29
C GLY D 66 -18.92 44.57 6.61
N ASP D 67 -18.47 44.49 5.35
CA ASP D 67 -18.69 43.33 4.51
C ASP D 67 -17.38 42.70 4.04
N SER D 68 -16.25 43.15 4.56
CA SER D 68 -14.94 42.68 4.14
C SER D 68 -14.44 41.58 5.08
N ASP D 69 -13.19 41.15 4.85
CA ASP D 69 -12.54 40.22 5.76
C ASP D 69 -11.08 40.56 6.02
N SER D 70 -10.65 41.78 5.70
CA SER D 70 -9.28 42.21 5.99
C SER D 70 -9.24 42.85 7.38
N ALA D 71 -8.17 42.55 8.11
CA ALA D 71 -8.03 43.06 9.46
C ALA D 71 -6.56 43.23 9.80
N ALA D 72 -6.29 44.07 10.79
CA ALA D 72 -4.94 44.33 11.24
C ALA D 72 -4.95 44.52 12.75
N MET D 73 -3.76 44.49 13.34
CA MET D 73 -3.57 44.63 14.78
C MET D 73 -2.58 45.75 15.05
N ILE D 74 -2.74 46.41 16.18
CA ILE D 74 -1.77 47.37 16.68
C ILE D 74 -1.26 46.86 18.01
N VAL D 75 0.06 46.75 18.14
CA VAL D 75 0.70 46.21 19.33
C VAL D 75 1.30 47.38 20.10
N LEU D 76 1.03 47.43 21.39
CA LEU D 76 1.45 48.52 22.27
C LEU D 76 2.23 47.93 23.44
N GLU D 77 3.53 48.16 23.48
CA GLU D 77 4.37 47.62 24.54
C GLU D 77 5.39 48.66 24.98
N GLY D 78 5.93 48.45 26.18
CA GLY D 78 6.95 49.32 26.72
C GLY D 78 7.89 48.54 27.62
N GLN D 79 9.03 49.17 27.93
CA GLN D 79 10.00 48.56 28.83
C GLN D 79 9.58 48.66 30.28
N ARG D 80 8.51 49.39 30.58
CA ARG D 80 7.95 49.46 31.92
C ARG D 80 6.44 49.28 31.81
N PRO D 81 5.80 48.66 32.80
CA PRO D 81 4.36 48.40 32.68
C PRO D 81 3.58 49.67 32.39
N LEU D 82 2.59 49.53 31.53
CA LEU D 82 1.85 50.70 31.02
C LEU D 82 1.09 51.40 32.14
N GLY D 83 1.04 52.72 32.07
CA GLY D 83 0.40 53.52 33.10
C GLY D 83 -0.76 54.34 32.58
N ASP D 84 -1.03 55.46 33.26
CA ASP D 84 -2.17 56.29 32.87
C ASP D 84 -1.92 57.00 31.54
N ALA D 85 -0.69 57.48 31.33
CA ALA D 85 -0.36 58.07 30.04
C ALA D 85 -0.58 57.09 28.90
N ALA D 86 -0.37 55.80 29.16
CA ALA D 86 -0.64 54.78 28.16
C ALA D 86 -2.11 54.81 27.76
N HIS D 87 -3.02 54.80 28.74
CA HIS D 87 -4.44 54.90 28.43
C HIS D 87 -4.74 56.21 27.71
N ALA D 88 -4.12 57.30 28.14
CA ALA D 88 -4.39 58.60 27.54
C ALA D 88 -4.09 58.58 26.05
N PHE D 89 -2.89 58.15 25.69
CA PHE D 89 -2.54 58.17 24.27
C PHE D 89 -3.27 57.09 23.50
N TYR D 90 -3.59 55.97 24.15
CA TYR D 90 -4.40 54.95 23.49
C TYR D 90 -5.75 55.53 23.11
N ASP D 91 -6.37 56.27 24.03
CA ASP D 91 -7.67 56.88 23.74
C ASP D 91 -7.55 57.93 22.63
N GLN D 92 -6.52 58.78 22.69
CA GLN D 92 -6.39 59.77 21.63
C GLN D 92 -6.20 59.11 20.27
N MET D 93 -5.35 58.09 20.21
CA MET D 93 -5.15 57.38 18.96
C MET D 93 -6.46 56.74 18.48
N ILE D 94 -7.23 56.16 19.39
CA ILE D 94 -8.41 55.42 18.96
C ILE D 94 -9.45 56.40 18.42
N GLY D 95 -9.56 57.58 19.06
CA GLY D 95 -10.39 58.64 18.50
C GLY D 95 -9.95 59.04 17.11
N ARG D 96 -8.63 59.21 16.91
CA ARG D 96 -8.14 59.59 15.58
C ARG D 96 -8.49 58.53 14.55
N LEU D 97 -8.27 57.25 14.87
CA LEU D 97 -8.57 56.19 13.91
C LEU D 97 -10.07 56.13 13.61
N GLN D 98 -10.91 56.33 14.62
CA GLN D 98 -12.34 56.34 14.38
C GLN D 98 -12.79 57.57 13.60
N ALA D 99 -11.98 58.64 13.59
CA ALA D 99 -12.33 59.82 12.82
C ALA D 99 -12.32 59.53 11.31
N ASP D 100 -11.44 58.65 10.86
CA ASP D 100 -11.25 58.40 9.42
C ASP D 100 -12.16 57.26 8.99
N THR D 101 -13.39 57.61 8.58
CA THR D 101 -14.35 56.62 8.15
C THR D 101 -14.09 56.09 6.74
N THR D 102 -13.15 56.69 6.01
CA THR D 102 -12.95 56.30 4.62
C THR D 102 -12.35 54.90 4.53
N HIS D 103 -11.37 54.59 5.37
CA HIS D 103 -10.54 53.40 5.21
C HIS D 103 -10.80 52.32 6.25
N VAL D 104 -11.08 52.68 7.49
CA VAL D 104 -11.42 51.71 8.53
C VAL D 104 -12.93 51.70 8.68
N GLN D 105 -13.53 50.51 8.62
CA GLN D 105 -14.98 50.37 8.70
C GLN D 105 -15.46 50.30 10.15
N SER D 106 -14.88 49.41 10.95
CA SER D 106 -15.32 49.21 12.32
C SER D 106 -14.15 48.71 13.15
N LEU D 107 -14.35 48.68 14.46
CA LEU D 107 -13.28 48.61 15.44
C LEU D 107 -13.68 47.64 16.56
N GLN D 108 -12.69 47.24 17.37
CA GLN D 108 -12.91 46.27 18.45
C GLN D 108 -12.15 46.79 19.67
N ASP D 109 -12.83 47.59 20.49
CA ASP D 109 -12.20 48.26 21.63
C ASP D 109 -12.38 47.39 22.88
N PHE D 110 -11.36 46.57 23.16
CA PHE D 110 -11.35 45.75 24.37
C PHE D 110 -10.54 46.40 25.49
N TRP D 111 -9.31 46.85 25.18
CA TRP D 111 -8.43 47.37 26.23
C TRP D 111 -9.00 48.60 26.89
N GLY D 112 -9.87 49.35 26.21
CA GLY D 112 -10.47 50.52 26.79
C GLY D 112 -11.64 50.23 27.71
N ASP D 113 -12.01 48.96 27.86
CA ASP D 113 -13.12 48.54 28.68
C ASP D 113 -12.61 47.83 29.92
N PRO D 114 -12.81 48.35 31.14
CA PRO D 114 -12.19 47.72 32.31
C PRO D 114 -12.56 46.26 32.49
N LEU D 115 -13.81 45.87 32.20
CA LEU D 115 -14.22 44.50 32.45
C LEU D 115 -13.43 43.53 31.59
N THR D 116 -13.23 43.86 30.32
CA THR D 116 -12.55 42.98 29.38
C THR D 116 -11.06 43.31 29.24
N ALA D 117 -10.58 44.34 29.92
CA ALA D 117 -9.20 44.76 29.74
C ALA D 117 -8.22 43.65 30.09
N THR D 118 -8.57 42.77 31.03
CA THR D 118 -7.68 41.67 31.38
C THR D 118 -7.45 40.76 30.19
N GLY D 119 -8.48 40.54 29.37
CA GLY D 119 -8.34 39.75 28.17
C GLY D 119 -7.67 40.47 27.02
N ALA D 120 -7.38 41.76 27.17
CA ALA D 120 -6.69 42.56 26.17
C ALA D 120 -5.41 43.14 26.75
N GLN D 121 -4.66 42.33 27.48
CA GLN D 121 -3.44 42.78 28.13
C GLN D 121 -2.60 41.55 28.45
N SER D 122 -1.28 41.75 28.46
CA SER D 122 -0.39 40.63 28.71
C SER D 122 -0.50 40.15 30.16
N SER D 123 0.07 38.97 30.41
CA SER D 123 0.01 38.39 31.74
C SER D 123 0.74 39.26 32.75
N ASP D 124 1.86 39.87 32.34
CA ASP D 124 2.65 40.75 33.19
C ASP D 124 2.25 42.22 33.03
N GLY D 125 1.21 42.50 32.28
CA GLY D 125 0.74 43.88 32.14
C GLY D 125 1.70 44.81 31.44
N LYS D 126 2.34 44.34 30.36
CA LYS D 126 3.30 45.15 29.63
C LYS D 126 2.93 45.38 28.17
N ALA D 127 1.88 44.71 27.67
CA ALA D 127 1.53 44.79 26.26
C ALA D 127 0.02 44.83 26.11
N ALA D 128 -0.42 45.33 24.97
CA ALA D 128 -1.84 45.40 24.65
C ALA D 128 -2.00 45.19 23.15
N TYR D 129 -3.24 45.19 22.68
CA TYR D 129 -3.47 45.08 21.25
C TYR D 129 -4.88 45.54 20.92
N VAL D 130 -5.11 45.80 19.64
CA VAL D 130 -6.40 46.25 19.14
C VAL D 130 -6.62 45.62 17.76
N GLN D 131 -7.88 45.44 17.41
CA GLN D 131 -8.26 44.88 16.11
C GLN D 131 -8.97 45.94 15.30
N VAL D 132 -8.59 46.07 14.03
CA VAL D 132 -9.15 47.06 13.12
C VAL D 132 -9.69 46.33 11.89
N LYS D 133 -10.93 46.64 11.52
CA LYS D 133 -11.56 46.08 10.33
C LYS D 133 -11.33 47.06 9.18
N LEU D 134 -10.76 46.57 8.08
CA LEU D 134 -10.26 47.41 7.02
C LEU D 134 -11.03 47.21 5.72
N ALA D 135 -11.05 48.28 4.91
CA ALA D 135 -11.81 48.29 3.68
C ALA D 135 -11.16 47.41 2.62
N GLY D 136 -11.98 46.69 1.88
CA GLY D 136 -11.50 45.85 0.79
C GLY D 136 -11.18 44.44 1.26
N ASN D 137 -11.34 43.49 0.34
CA ASN D 137 -11.01 42.10 0.63
C ASN D 137 -9.50 41.89 0.50
N GLN D 138 -9.07 40.65 0.72
CA GLN D 138 -7.67 40.30 0.60
C GLN D 138 -7.23 40.39 -0.86
N GLY D 139 -6.11 41.05 -1.10
CA GLY D 139 -5.48 41.06 -2.40
C GLY D 139 -5.93 42.18 -3.32
N GLU D 140 -7.09 42.79 -3.06
CA GLU D 140 -7.47 43.97 -3.82
C GLU D 140 -6.65 45.16 -3.36
N SER D 141 -6.33 46.05 -4.31
CA SER D 141 -5.52 47.22 -4.00
C SER D 141 -6.12 48.04 -2.87
N LEU D 142 -7.46 48.04 -2.77
CA LEU D 142 -8.11 48.83 -1.73
C LEU D 142 -7.56 48.49 -0.37
N ALA D 143 -7.42 47.20 -0.08
CA ALA D 143 -6.84 46.78 1.19
C ALA D 143 -5.44 47.32 1.35
N ASN D 144 -4.66 47.34 0.26
CA ASN D 144 -3.29 47.82 0.35
C ASN D 144 -3.23 49.29 0.75
N GLU D 145 -3.95 50.16 0.02
CA GLU D 145 -3.83 51.56 0.41
C GLU D 145 -4.51 51.81 1.75
N SER D 146 -5.50 51.01 2.12
CA SER D 146 -6.12 51.18 3.43
C SER D 146 -5.13 50.86 4.56
N VAL D 147 -4.39 49.75 4.43
CA VAL D 147 -3.42 49.42 5.47
C VAL D 147 -2.31 50.46 5.50
N GLU D 148 -1.89 50.94 4.34
CA GLU D 148 -0.89 52.02 4.33
C GLU D 148 -1.42 53.26 5.02
N ALA D 149 -2.69 53.60 4.79
CA ALA D 149 -3.29 54.76 5.43
C ALA D 149 -3.32 54.60 6.94
N VAL D 150 -3.65 53.40 7.42
CA VAL D 150 -3.64 53.16 8.87
C VAL D 150 -2.23 53.29 9.41
N LYS D 151 -1.24 52.75 8.70
CA LYS D 151 0.15 52.91 9.14
C LYS D 151 0.52 54.37 9.27
N THR D 152 0.16 55.19 8.28
CA THR D 152 0.48 56.61 8.35
C THR D 152 -0.24 57.28 9.51
N ILE D 153 -1.54 57.01 9.67
CA ILE D 153 -2.30 57.69 10.71
C ILE D 153 -1.82 57.30 12.10
N VAL D 154 -1.27 56.10 12.25
CA VAL D 154 -0.75 55.70 13.55
C VAL D 154 0.66 56.24 13.79
N GLU D 155 1.48 56.33 12.74
CA GLU D 155 2.86 56.78 12.92
C GLU D 155 3.03 58.29 12.85
N ARG D 156 1.99 59.03 12.49
CA ARG D 156 2.11 60.49 12.42
C ARG D 156 2.46 61.07 13.79
N LEU D 157 1.81 60.60 14.84
CA LEU D 157 1.98 61.17 16.17
C LEU D 157 2.98 60.34 16.95
N ALA D 158 3.83 61.03 17.70
CA ALA D 158 4.92 60.38 18.43
C ALA D 158 4.39 59.70 19.69
N PRO D 159 4.71 58.44 19.92
CA PRO D 159 4.33 57.78 21.17
C PRO D 159 5.09 58.35 22.34
N PRO D 160 4.58 58.18 23.56
CA PRO D 160 5.26 58.73 24.73
C PRO D 160 6.56 57.98 25.00
N PRO D 161 7.46 58.57 25.76
CA PRO D 161 8.73 57.88 26.03
C PRO D 161 8.50 56.55 26.74
N GLY D 162 9.31 55.57 26.36
CA GLY D 162 9.30 54.27 26.99
C GLY D 162 8.52 53.20 26.24
N VAL D 163 7.61 53.60 25.35
CA VAL D 163 6.77 52.66 24.63
C VAL D 163 7.00 52.84 23.13
N LYS D 164 6.56 51.84 22.38
CA LYS D 164 6.72 51.80 20.94
C LYS D 164 5.48 51.16 20.32
N VAL D 165 5.14 51.61 19.11
CA VAL D 165 3.93 51.19 18.43
C VAL D 165 4.33 50.41 17.18
N TYR D 166 3.61 49.32 16.92
CA TYR D 166 3.79 48.55 15.69
C TYR D 166 2.47 48.49 14.94
N VAL D 167 2.55 47.96 13.72
CA VAL D 167 1.39 47.55 12.95
C VAL D 167 1.63 46.12 12.52
N THR D 168 0.61 45.29 12.64
CA THR D 168 0.79 43.85 12.64
C THR D 168 -0.42 43.21 11.99
N GLY D 169 -0.30 41.92 11.68
CA GLY D 169 -1.42 41.15 11.20
C GLY D 169 -1.09 40.49 9.89
N SER D 170 -2.14 40.20 9.11
CA SER D 170 -1.98 39.61 7.79
C SER D 170 -2.02 40.64 6.67
N ALA D 171 -2.81 41.69 6.82
CA ALA D 171 -2.87 42.72 5.79
C ALA D 171 -1.51 43.41 5.64
N ALA D 172 -0.91 43.80 6.77
CA ALA D 172 0.43 44.36 6.71
C ALA D 172 1.40 43.35 6.11
N LEU D 173 1.20 42.06 6.41
CA LEU D 173 2.10 41.04 5.88
C LEU D 173 2.04 41.02 4.36
N VAL D 174 0.84 41.06 3.78
CA VAL D 174 0.73 40.98 2.32
C VAL D 174 1.25 42.27 1.68
N ALA D 175 0.95 43.42 2.27
CA ALA D 175 1.48 44.66 1.72
C ALA D 175 3.01 44.62 1.69
N ASP D 176 3.63 44.25 2.82
CA ASP D 176 5.08 44.27 2.89
C ASP D 176 5.70 43.18 2.04
N GLN D 177 5.02 42.05 1.84
CA GLN D 177 5.57 41.02 0.96
C GLN D 177 5.56 41.49 -0.48
N GLN D 178 4.51 42.22 -0.88
CA GLN D 178 4.51 42.83 -2.21
C GLN D 178 5.71 43.78 -2.36
N GLN D 179 5.90 44.65 -1.36
CA GLN D 179 7.04 45.57 -1.42
C GLN D 179 8.36 44.82 -1.49
N ALA D 180 8.49 43.72 -0.73
CA ALA D 180 9.73 42.97 -0.69
C ALA D 180 10.03 42.31 -2.03
N GLY D 181 9.01 41.72 -2.67
CA GLY D 181 9.22 41.20 -4.01
C GLY D 181 9.68 42.28 -4.97
N ASP D 182 9.03 43.44 -4.92
CA ASP D 182 9.45 44.55 -5.77
C ASP D 182 10.91 44.90 -5.54
N ARG D 183 11.34 44.92 -4.27
CA ARG D 183 12.73 45.23 -3.97
C ARG D 183 13.67 44.18 -4.56
N SER D 184 13.35 42.90 -4.39
CA SER D 184 14.24 41.84 -4.83
C SER D 184 14.37 41.77 -6.36
N LEU D 185 13.37 42.30 -7.08
CA LEU D 185 13.37 42.19 -8.54
C LEU D 185 14.70 42.65 -9.14
N GLN D 186 15.25 43.77 -8.68
CA GLN D 186 16.41 44.36 -9.35
C GLN D 186 17.61 43.41 -9.31
N VAL D 187 17.97 42.95 -8.10
CA VAL D 187 19.14 42.08 -7.97
C VAL D 187 18.92 40.77 -8.70
N ILE D 188 17.73 40.19 -8.58
CA ILE D 188 17.51 38.90 -9.23
C ILE D 188 17.62 39.05 -10.74
N GLU D 189 17.11 40.15 -11.28
CA GLU D 189 17.20 40.38 -12.72
C GLU D 189 18.65 40.56 -13.16
N ALA D 190 19.45 41.31 -12.38
CA ALA D 190 20.86 41.47 -12.75
C ALA D 190 21.56 40.13 -12.84
N VAL D 191 21.41 39.29 -11.80
CA VAL D 191 22.15 38.04 -11.78
C VAL D 191 21.66 37.10 -12.88
N THR D 192 20.35 37.01 -13.09
CA THR D 192 19.87 36.14 -14.15
C THR D 192 20.32 36.63 -15.51
N PHE D 193 20.41 37.94 -15.71
CA PHE D 193 20.89 38.48 -16.97
C PHE D 193 22.31 38.01 -17.25
N THR D 194 23.20 38.17 -16.26
CA THR D 194 24.57 37.73 -16.49
C THR D 194 24.65 36.24 -16.74
N VAL D 195 23.87 35.44 -15.99
CA VAL D 195 23.93 34.00 -16.16
C VAL D 195 23.44 33.60 -17.54
N ILE D 196 22.36 34.21 -18.03
CA ILE D 196 21.84 33.82 -19.33
C ILE D 196 22.80 34.22 -20.44
N ILE D 197 23.45 35.39 -20.32
CA ILE D 197 24.44 35.75 -21.34
C ILE D 197 25.58 34.74 -21.34
N VAL D 198 26.07 34.38 -20.15
CA VAL D 198 27.16 33.40 -20.09
C VAL D 198 26.74 32.11 -20.76
N MET D 199 25.54 31.63 -20.45
CA MET D 199 25.11 30.34 -20.98
C MET D 199 24.96 30.41 -22.49
N LEU D 200 24.46 31.52 -23.03
CA LEU D 200 24.28 31.60 -24.48
C LEU D 200 25.63 31.66 -25.19
N LEU D 201 26.55 32.50 -24.71
CA LEU D 201 27.89 32.49 -25.30
C LEU D 201 28.54 31.13 -25.18
N LEU D 202 28.22 30.36 -24.15
CA LEU D 202 28.82 29.04 -24.01
C LEU D 202 28.23 28.06 -25.01
N VAL D 203 26.92 28.11 -25.21
CA VAL D 203 26.29 27.15 -26.12
C VAL D 203 26.67 27.44 -27.57
N TYR D 204 26.80 28.71 -27.95
CA TYR D 204 26.99 29.05 -29.35
C TYR D 204 28.42 29.42 -29.72
N ARG D 205 29.25 29.81 -28.75
CA ARG D 205 30.62 30.22 -29.04
C ARG D 205 30.66 31.30 -30.12
N SER D 206 29.77 32.28 -29.97
CA SER D 206 29.75 33.45 -30.85
C SER D 206 29.04 34.57 -30.12
N ILE D 207 29.25 35.80 -30.60
CA ILE D 207 28.61 36.97 -30.03
C ILE D 207 27.44 37.42 -30.89
N ILE D 208 27.56 37.29 -32.21
CA ILE D 208 26.51 37.77 -33.10
C ILE D 208 25.27 36.89 -33.02
N THR D 209 25.44 35.57 -33.03
CA THR D 209 24.28 34.67 -32.97
C THR D 209 23.53 34.84 -31.67
N SER D 210 24.26 34.98 -30.56
CA SER D 210 23.61 35.23 -29.28
C SER D 210 22.82 36.53 -29.32
N ALA D 211 23.39 37.57 -29.91
CA ALA D 211 22.69 38.85 -29.98
C ALA D 211 21.41 38.73 -30.80
N ILE D 212 21.47 38.00 -31.91
CA ILE D 212 20.29 37.80 -32.74
C ILE D 212 19.21 37.03 -31.98
N MET D 213 19.60 36.00 -31.24
CA MET D 213 18.63 35.27 -30.42
C MET D 213 18.02 36.16 -29.34
N LEU D 214 18.84 36.92 -28.63
CA LEU D 214 18.29 37.86 -27.66
C LEU D 214 17.29 38.79 -28.32
N THR D 215 17.57 39.22 -29.55
CA THR D 215 16.63 40.06 -30.27
C THR D 215 15.31 39.33 -30.49
N MET D 216 15.36 38.10 -31.00
CA MET D 216 14.13 37.34 -31.20
C MET D 216 13.32 37.27 -29.91
N VAL D 217 13.98 36.90 -28.81
CA VAL D 217 13.28 36.67 -27.56
C VAL D 217 12.67 37.97 -27.05
N VAL D 218 13.41 39.08 -27.14
CA VAL D 218 12.90 40.33 -26.58
C VAL D 218 11.75 40.86 -27.43
N LEU D 219 11.84 40.74 -28.76
CA LEU D 219 10.71 41.17 -29.58
C LEU D 219 9.46 40.35 -29.25
N GLY D 220 9.61 39.03 -29.15
CA GLY D 220 8.47 38.21 -28.79
C GLY D 220 7.89 38.58 -27.43
N LEU D 221 8.75 38.77 -26.44
CA LEU D 221 8.29 39.09 -25.09
C LEU D 221 7.58 40.43 -25.05
N LEU D 222 8.16 41.44 -25.70
CA LEU D 222 7.53 42.76 -25.71
C LEU D 222 6.20 42.72 -26.43
N ALA D 223 6.12 42.01 -27.56
CA ALA D 223 4.85 41.91 -28.28
C ALA D 223 3.79 41.25 -27.41
N THR D 224 4.15 40.13 -26.78
CA THR D 224 3.17 39.42 -25.95
C THR D 224 2.70 40.30 -24.80
N ARG D 225 3.64 40.92 -24.09
CA ARG D 225 3.29 41.76 -22.95
C ARG D 225 2.42 42.92 -23.38
N GLY D 226 2.81 43.61 -24.45
CA GLY D 226 2.02 44.74 -24.91
C GLY D 226 0.63 44.35 -25.34
N GLY D 227 0.52 43.25 -26.10
CA GLY D 227 -0.80 42.82 -26.56
C GLY D 227 -1.71 42.44 -25.42
N VAL D 228 -1.20 41.67 -24.46
CA VAL D 228 -2.04 41.25 -23.34
C VAL D 228 -2.43 42.44 -22.49
N ALA D 229 -1.51 43.39 -22.30
CA ALA D 229 -1.87 44.59 -21.54
C ALA D 229 -2.88 45.45 -22.29
N PHE D 230 -2.81 45.45 -23.62
CA PHE D 230 -3.81 46.15 -24.42
C PHE D 230 -5.18 45.54 -24.25
N LEU D 231 -5.25 44.20 -24.30
CA LEU D 231 -6.54 43.54 -24.10
C LEU D 231 -7.07 43.79 -22.70
N GLY D 232 -6.21 43.69 -21.68
CA GLY D 232 -6.66 43.85 -20.31
C GLY D 232 -6.92 45.28 -19.90
N PHE D 233 -6.39 46.25 -20.64
CA PHE D 233 -6.54 47.64 -20.24
C PHE D 233 -7.96 48.13 -20.44
N HIS D 234 -8.62 47.67 -21.50
CA HIS D 234 -9.99 48.07 -21.82
C HIS D 234 -11.03 47.18 -21.14
N ARG D 235 -10.65 46.46 -20.09
CA ARG D 235 -11.57 45.58 -19.37
C ARG D 235 -12.19 44.56 -20.31
N ILE D 236 -11.39 44.04 -21.25
CA ILE D 236 -11.87 43.00 -22.15
C ILE D 236 -11.71 41.63 -21.51
N ILE D 237 -10.59 41.39 -20.84
CA ILE D 237 -10.35 40.15 -20.11
C ILE D 237 -9.77 40.49 -18.74
N GLY D 238 -9.80 39.52 -17.84
CA GLY D 238 -9.29 39.72 -16.50
C GLY D 238 -7.80 39.51 -16.39
N LEU D 239 -7.22 40.10 -15.34
CA LEU D 239 -5.78 39.99 -15.11
C LEU D 239 -5.53 39.89 -13.61
N SER D 240 -4.36 39.38 -13.27
CA SER D 240 -3.93 39.26 -11.88
C SER D 240 -2.42 39.14 -11.84
N THR D 241 -1.84 39.58 -10.72
CA THR D 241 -0.38 39.60 -10.60
C THR D 241 0.20 38.22 -10.86
N PHE D 242 -0.40 37.18 -10.29
CA PHE D 242 0.07 35.82 -10.53
C PHE D 242 0.01 35.49 -12.00
N ALA D 243 -1.07 35.92 -12.67
CA ALA D 243 -1.19 35.70 -14.11
C ALA D 243 -0.07 36.38 -14.88
N THR D 244 0.24 37.64 -14.55
CA THR D 244 1.30 38.34 -15.29
C THR D 244 2.64 37.67 -15.08
N ASN D 245 2.95 37.27 -13.84
CA ASN D 245 4.23 36.63 -13.58
C ASN D 245 4.36 35.33 -14.37
N LEU D 246 3.38 34.45 -14.26
CA LEU D 246 3.49 33.18 -14.97
C LEU D 246 3.48 33.40 -16.47
N LEU D 247 2.78 34.43 -16.94
CA LEU D 247 2.79 34.76 -18.36
C LEU D 247 4.18 35.14 -18.81
N VAL D 248 4.88 35.95 -18.02
CA VAL D 248 6.25 36.34 -18.36
C VAL D 248 7.14 35.11 -18.47
N VAL D 249 7.03 34.22 -17.47
CA VAL D 249 7.90 33.04 -17.47
C VAL D 249 7.61 32.16 -18.68
N LEU D 250 6.33 31.91 -18.95
CA LEU D 250 5.98 31.06 -20.09
C LEU D 250 6.40 31.70 -21.41
N ALA D 251 6.22 33.02 -21.54
CA ALA D 251 6.64 33.70 -22.75
C ALA D 251 8.12 33.49 -23.00
N ILE D 252 8.94 33.71 -21.98
CA ILE D 252 10.38 33.54 -22.16
C ILE D 252 10.69 32.10 -22.56
N ALA D 253 10.10 31.13 -21.86
CA ALA D 253 10.42 29.73 -22.12
C ALA D 253 10.05 29.36 -23.56
N ALA D 254 8.84 29.68 -23.99
CA ALA D 254 8.39 29.30 -25.32
C ALA D 254 9.20 30.02 -26.39
N ALA D 255 9.45 31.32 -26.21
CA ALA D 255 10.18 32.07 -27.21
C ALA D 255 11.57 31.51 -27.41
N THR D 256 12.29 31.24 -26.31
CA THR D 256 13.63 30.68 -26.45
C THR D 256 13.58 29.28 -27.05
N ASP D 257 12.59 28.48 -26.66
CA ASP D 257 12.45 27.15 -27.23
C ASP D 257 12.38 27.23 -28.74
N TYR D 258 11.48 28.06 -29.26
CA TYR D 258 11.28 28.11 -30.71
C TYR D 258 12.46 28.75 -31.43
N ALA D 259 13.06 29.79 -30.82
CA ALA D 259 14.22 30.43 -31.46
C ALA D 259 15.35 29.43 -31.63
N ILE D 260 15.66 28.69 -30.56
CA ILE D 260 16.73 27.70 -30.65
C ILE D 260 16.36 26.63 -31.66
N PHE D 261 15.11 26.16 -31.63
CA PHE D 261 14.65 25.21 -32.63
C PHE D 261 15.04 25.66 -34.03
N LEU D 262 14.59 26.85 -34.40
CA LEU D 262 14.74 27.32 -35.77
C LEU D 262 16.21 27.52 -36.13
N ILE D 263 16.96 28.22 -35.27
CA ILE D 263 18.35 28.50 -35.61
C ILE D 263 19.16 27.23 -35.68
N GLY D 264 18.93 26.30 -34.74
CA GLY D 264 19.67 25.05 -34.76
C GLY D 264 19.39 24.25 -36.01
N ARG D 265 18.13 24.18 -36.43
CA ARG D 265 17.82 23.47 -37.67
C ARG D 265 18.50 24.14 -38.85
N TYR D 266 18.49 25.47 -38.87
CA TYR D 266 19.15 26.19 -39.97
C TYR D 266 20.63 25.84 -40.04
N GLN D 267 21.32 25.95 -38.90
CA GLN D 267 22.76 25.72 -38.90
C GLN D 267 23.08 24.27 -39.24
N GLU D 268 22.27 23.33 -38.74
CA GLU D 268 22.46 21.93 -39.08
C GLU D 268 22.32 21.73 -40.58
N ALA D 269 21.29 22.31 -41.19
CA ALA D 269 21.10 22.18 -42.63
C ALA D 269 22.27 22.76 -43.40
N ARG D 270 22.74 23.94 -42.99
CA ARG D 270 23.90 24.52 -43.67
C ARG D 270 25.11 23.61 -43.56
N GLY D 271 25.32 23.03 -42.37
CA GLY D 271 26.43 22.12 -42.20
C GLY D 271 26.34 20.91 -43.11
N LEU D 272 25.12 20.44 -43.39
CA LEU D 272 24.99 19.30 -44.28
C LEU D 272 25.54 19.59 -45.67
N GLY D 273 25.64 20.85 -46.05
CA GLY D 273 26.17 21.23 -47.35
C GLY D 273 25.19 21.96 -48.26
N GLN D 274 23.97 22.22 -47.81
CA GLN D 274 23.03 22.96 -48.64
C GLN D 274 23.40 24.44 -48.68
N ASP D 275 22.92 25.11 -49.72
CA ASP D 275 23.11 26.54 -49.84
C ASP D 275 22.10 27.27 -48.95
N ARG D 276 22.15 28.60 -48.97
CA ARG D 276 21.34 29.38 -48.03
C ARG D 276 19.85 29.17 -48.29
N GLU D 277 19.42 29.27 -49.53
CA GLU D 277 18.00 29.20 -49.84
C GLU D 277 17.40 27.86 -49.45
N SER D 278 18.04 26.77 -49.90
CA SER D 278 17.53 25.44 -49.57
C SER D 278 17.59 25.17 -48.08
N ALA D 279 18.59 25.72 -47.38
CA ALA D 279 18.66 25.57 -45.94
C ALA D 279 17.46 26.23 -45.27
N TYR D 280 17.12 27.44 -45.71
CA TYR D 280 15.94 28.11 -45.17
C TYR D 280 14.69 27.29 -45.41
N TYR D 281 14.54 26.80 -46.64
CA TYR D 281 13.31 26.08 -46.98
C TYR D 281 13.21 24.79 -46.19
N THR D 282 14.32 24.08 -46.00
CA THR D 282 14.25 22.83 -45.24
C THR D 282 14.04 23.08 -43.75
N MET D 283 14.63 24.13 -43.18
CA MET D 283 14.34 24.38 -41.77
C MET D 283 12.87 24.68 -41.58
N PHE D 284 12.28 25.49 -42.47
CA PHE D 284 10.86 25.78 -42.32
C PHE D 284 10.04 24.51 -42.47
N GLY D 285 10.28 23.75 -43.54
CA GLY D 285 9.52 22.53 -43.78
C GLY D 285 9.73 21.45 -42.74
N GLY D 286 10.76 21.57 -41.91
CA GLY D 286 11.00 20.59 -40.87
C GLY D 286 10.61 21.01 -39.47
N THR D 287 10.40 22.31 -39.24
CA THR D 287 10.08 22.79 -37.89
C THR D 287 8.77 23.55 -37.77
N ALA D 288 8.16 24.00 -38.88
CA ALA D 288 6.99 24.87 -38.78
C ALA D 288 5.82 24.15 -38.12
N HIS D 289 5.50 22.93 -38.59
CA HIS D 289 4.33 22.24 -38.07
C HIS D 289 4.54 21.83 -36.61
N VAL D 290 5.77 21.47 -36.25
CA VAL D 290 6.07 21.15 -34.85
C VAL D 290 5.82 22.36 -33.98
N VAL D 291 6.32 23.53 -34.39
CA VAL D 291 6.12 24.72 -33.58
C VAL D 291 4.63 25.03 -33.45
N LEU D 292 3.89 24.94 -34.55
CA LEU D 292 2.47 25.25 -34.52
C LEU D 292 1.72 24.31 -33.59
N GLY D 293 1.98 23.00 -33.73
CA GLY D 293 1.30 22.03 -32.90
C GLY D 293 1.61 22.21 -31.42
N SER D 294 2.88 22.40 -31.08
CA SER D 294 3.24 22.61 -29.68
C SER D 294 2.55 23.84 -29.12
N GLY D 295 2.57 24.94 -29.88
CA GLY D 295 1.94 26.15 -29.39
C GLY D 295 0.46 25.98 -29.15
N LEU D 296 -0.23 25.34 -30.08
CA LEU D 296 -1.68 25.17 -29.91
C LEU D 296 -2.01 24.18 -28.80
N THR D 297 -1.19 23.14 -28.61
CA THR D 297 -1.44 22.23 -27.50
C THR D 297 -1.28 22.94 -26.17
N ILE D 298 -0.22 23.75 -26.02
CA ILE D 298 -0.03 24.47 -24.76
C ILE D 298 -1.16 25.47 -24.56
N ALA D 299 -1.55 26.18 -25.62
CA ALA D 299 -2.66 27.11 -25.50
C ALA D 299 -3.94 26.41 -25.08
N GLY D 300 -4.22 25.25 -25.68
CA GLY D 300 -5.43 24.53 -25.32
C GLY D 300 -5.43 24.03 -23.90
N ALA D 301 -4.30 23.48 -23.45
CA ALA D 301 -4.23 23.03 -22.07
C ALA D 301 -4.40 24.19 -21.09
N THR D 302 -3.74 25.31 -21.37
CA THR D 302 -3.84 26.44 -20.46
C THR D 302 -5.19 27.13 -20.52
N PHE D 303 -5.94 26.93 -21.62
CA PHE D 303 -7.33 27.38 -21.64
C PHE D 303 -8.21 26.43 -20.84
N CYS D 304 -8.02 25.13 -21.00
CA CYS D 304 -8.80 24.16 -20.23
C CYS D 304 -8.57 24.31 -18.73
N LEU D 305 -7.42 24.86 -18.36
CA LEU D 305 -7.17 25.17 -16.96
C LEU D 305 -8.18 26.15 -16.38
N SER D 306 -9.00 26.80 -17.22
CA SER D 306 -9.88 27.87 -16.76
C SER D 306 -11.15 27.36 -16.11
N PHE D 307 -11.46 26.07 -16.21
CA PHE D 307 -12.65 25.52 -15.58
C PHE D 307 -12.45 25.27 -14.09
N THR D 308 -11.21 25.36 -13.61
CA THR D 308 -10.92 25.25 -12.19
C THR D 308 -11.80 26.19 -11.37
N ARG D 309 -12.01 25.82 -10.10
CA ARG D 309 -12.84 26.59 -9.18
C ARG D 309 -12.04 27.56 -8.31
N LEU D 310 -10.79 27.25 -8.00
CA LEU D 310 -9.99 28.13 -7.15
C LEU D 310 -9.47 29.30 -7.99
N PRO D 311 -9.68 30.55 -7.58
CA PRO D 311 -9.31 31.67 -8.47
C PRO D 311 -7.86 31.68 -8.90
N TYR D 312 -6.94 31.14 -8.09
CA TYR D 312 -5.54 31.15 -8.49
C TYR D 312 -5.33 30.53 -9.86
N PHE D 313 -6.15 29.55 -10.23
CA PHE D 313 -6.13 28.99 -11.57
C PHE D 313 -7.22 29.53 -12.46
N GLN D 314 -8.36 29.93 -11.90
CA GLN D 314 -9.45 30.45 -12.71
C GLN D 314 -9.00 31.69 -13.48
N THR D 315 -8.40 32.65 -12.79
CA THR D 315 -8.00 33.89 -13.44
C THR D 315 -6.85 33.67 -14.40
N LEU D 316 -6.19 32.52 -14.32
CA LEU D 316 -4.96 32.26 -15.03
C LEU D 316 -5.17 31.60 -16.39
N GLY D 317 -6.42 31.40 -16.80
CA GLY D 317 -6.69 30.59 -17.97
C GLY D 317 -6.66 31.33 -19.29
N VAL D 318 -7.33 32.47 -19.37
CA VAL D 318 -7.45 33.20 -20.63
C VAL D 318 -6.13 33.90 -20.94
N PRO D 319 -5.62 34.79 -20.07
CA PRO D 319 -4.44 35.58 -20.46
C PRO D 319 -3.28 34.73 -20.92
N LEU D 320 -3.03 33.60 -20.28
CA LEU D 320 -1.90 32.78 -20.69
C LEU D 320 -2.12 32.18 -22.07
N ALA D 321 -3.35 31.76 -22.38
CA ALA D 321 -3.64 31.23 -23.70
C ALA D 321 -3.45 32.30 -24.77
N ILE D 322 -3.95 33.50 -24.52
CA ILE D 322 -3.79 34.58 -25.49
C ILE D 322 -2.31 34.87 -25.70
N GLY D 323 -1.55 34.96 -24.61
CA GLY D 323 -0.12 35.21 -24.73
C GLY D 323 0.59 34.13 -25.51
N MET D 324 0.25 32.87 -25.28
CA MET D 324 0.90 31.78 -26.00
C MET D 324 0.58 31.84 -27.49
N VAL D 325 -0.67 32.17 -27.84
CA VAL D 325 -1.01 32.28 -29.25
C VAL D 325 -0.21 33.41 -29.89
N ILE D 326 -0.09 34.54 -29.20
CA ILE D 326 0.69 35.65 -29.74
C ILE D 326 2.14 35.22 -29.93
N VAL D 327 2.70 34.49 -28.96
CA VAL D 327 4.09 34.06 -29.04
C VAL D 327 4.30 33.17 -30.26
N VAL D 328 3.41 32.21 -30.48
CA VAL D 328 3.61 31.29 -31.59
C VAL D 328 3.43 32.01 -32.91
N ALA D 329 2.47 32.94 -32.99
CA ALA D 329 2.30 33.72 -34.22
C ALA D 329 3.56 34.53 -34.51
N ALA D 330 4.10 35.20 -33.50
CA ALA D 330 5.29 36.00 -33.70
C ALA D 330 6.48 35.15 -34.11
N ALA D 331 6.66 34.00 -33.46
CA ALA D 331 7.81 33.15 -33.77
C ALA D 331 7.61 32.33 -35.03
N LEU D 332 6.43 32.34 -35.63
CA LEU D 332 6.25 31.74 -36.94
C LEU D 332 6.31 32.75 -38.08
N THR D 333 5.99 34.01 -37.82
CA THR D 333 6.11 35.04 -38.84
C THR D 333 7.47 35.74 -38.80
N LEU D 334 7.76 36.42 -37.68
CA LEU D 334 8.97 37.22 -37.58
C LEU D 334 10.23 36.38 -37.61
N GLY D 335 10.18 35.14 -37.12
CA GLY D 335 11.36 34.33 -36.98
C GLY D 335 12.05 34.05 -38.31
N PRO D 336 11.41 33.25 -39.16
CA PRO D 336 12.03 32.93 -40.46
C PRO D 336 12.31 34.18 -41.28
N ALA D 337 11.51 35.22 -41.13
CA ALA D 337 11.76 36.45 -41.87
C ALA D 337 13.13 37.03 -41.55
N ILE D 338 13.42 37.23 -40.27
CA ILE D 338 14.70 37.83 -39.92
C ILE D 338 15.83 36.85 -40.13
N ILE D 339 15.57 35.54 -40.01
CA ILE D 339 16.62 34.59 -40.35
C ILE D 339 17.00 34.73 -41.81
N ALA D 340 16.01 34.87 -42.69
CA ALA D 340 16.28 35.07 -44.11
C ALA D 340 17.02 36.38 -44.35
N VAL D 341 16.56 37.46 -43.73
CA VAL D 341 17.21 38.77 -43.93
C VAL D 341 18.66 38.71 -43.48
N THR D 342 18.90 38.15 -42.29
CA THR D 342 20.26 38.12 -41.76
C THR D 342 21.15 37.22 -42.58
N SER D 343 20.64 36.07 -43.05
CA SER D 343 21.45 35.21 -43.88
C SER D 343 21.79 35.87 -45.21
N ARG D 344 20.84 36.59 -45.80
CA ARG D 344 21.06 37.19 -47.11
C ARG D 344 22.00 38.38 -47.03
N PHE D 345 21.78 39.26 -46.04
CA PHE D 345 22.44 40.56 -46.06
C PHE D 345 23.96 40.42 -45.99
N GLY D 346 24.45 39.67 -45.00
CA GLY D 346 25.88 39.53 -44.81
C GLY D 346 26.30 38.11 -44.58
N LYS D 347 27.07 37.88 -43.52
CA LYS D 347 27.48 36.54 -43.09
C LYS D 347 27.45 36.51 -41.56
N LEU D 348 26.27 36.23 -41.00
CA LEU D 348 26.10 36.25 -39.55
C LEU D 348 25.74 34.89 -38.97
N LEU D 349 24.73 34.21 -39.52
CA LEU D 349 24.37 32.86 -39.07
C LEU D 349 25.23 31.87 -39.83
N GLU D 350 26.28 31.38 -39.18
CA GLU D 350 27.24 30.50 -39.81
C GLU D 350 27.72 29.44 -38.82
N PRO D 351 27.39 28.17 -39.04
CA PRO D 351 27.89 27.13 -38.11
C PRO D 351 29.41 27.09 -38.12
N LYS D 352 29.98 26.87 -36.93
CA LYS D 352 31.41 26.73 -36.77
C LYS D 352 31.70 25.50 -35.94
N ARG D 353 32.69 24.71 -36.38
CA ARG D 353 33.07 23.49 -35.70
C ARG D 353 31.91 22.50 -35.69
N MET D 354 32.20 21.22 -35.44
CA MET D 354 31.15 20.21 -35.28
C MET D 354 31.63 19.19 -34.26
N ALA D 355 31.22 19.38 -33.00
CA ALA D 355 31.61 18.48 -31.92
C ALA D 355 30.45 17.96 -31.10
N ARG D 356 29.27 18.61 -31.14
CA ARG D 356 28.11 18.13 -30.41
C ARG D 356 27.35 17.06 -31.18
N VAL D 357 27.24 17.23 -32.50
CA VAL D 357 26.46 16.29 -33.31
C VAL D 357 27.11 14.91 -33.29
N ARG D 358 28.43 14.85 -33.45
CA ARG D 358 29.10 13.55 -33.43
C ARG D 358 28.97 12.88 -32.07
N GLY D 359 29.15 13.65 -30.99
CA GLY D 359 29.01 13.07 -29.67
C GLY D 359 27.62 12.53 -29.40
N TRP D 360 26.60 13.29 -29.80
CA TRP D 360 25.24 12.82 -29.58
C TRP D 360 24.90 11.64 -30.48
N ARG D 361 25.48 11.58 -31.68
CA ARG D 361 25.32 10.39 -32.50
C ARG D 361 25.94 9.18 -31.81
N LYS D 362 27.08 9.37 -31.15
CA LYS D 362 27.68 8.29 -30.38
C LYS D 362 26.78 7.84 -29.23
N VAL D 363 26.19 8.80 -28.52
CA VAL D 363 25.25 8.46 -27.45
C VAL D 363 24.08 7.66 -28.00
N GLY D 364 23.58 8.06 -29.17
CA GLY D 364 22.52 7.30 -29.81
C GLY D 364 22.96 5.89 -30.17
N ALA D 365 24.21 5.74 -30.60
CA ALA D 365 24.72 4.40 -30.89
C ALA D 365 24.72 3.53 -29.64
N ALA D 366 25.15 4.10 -28.51
CA ALA D 366 25.12 3.35 -27.26
C ALA D 366 23.69 2.96 -26.89
N ILE D 367 22.75 3.88 -27.06
CA ILE D 367 21.36 3.59 -26.71
C ILE D 367 20.82 2.48 -27.58
N VAL D 368 21.07 2.54 -28.88
CA VAL D 368 20.53 1.54 -29.79
C VAL D 368 21.12 0.17 -29.50
N ARG D 369 22.44 0.09 -29.34
CA ARG D 369 23.07 -1.22 -29.29
C ARG D 369 22.72 -1.99 -28.02
N TRP D 370 22.65 -1.29 -26.88
CA TRP D 370 22.38 -1.92 -25.59
C TRP D 370 21.23 -1.16 -24.93
N PRO D 371 19.99 -1.42 -25.36
CA PRO D 371 18.86 -0.61 -24.86
C PRO D 371 18.29 -1.09 -23.54
N GLY D 372 18.51 -2.34 -23.19
CA GLY D 372 17.95 -2.90 -21.98
C GLY D 372 18.60 -2.34 -20.74
N PRO D 373 19.90 -2.60 -20.57
CA PRO D 373 20.59 -2.13 -19.35
C PRO D 373 20.47 -0.63 -19.12
N ILE D 374 20.53 0.18 -20.18
CA ILE D 374 20.39 1.62 -20.00
C ILE D 374 19.00 1.95 -19.47
N LEU D 375 18.00 1.21 -19.93
CA LEU D 375 16.64 1.41 -19.42
C LEU D 375 16.57 1.13 -17.93
N VAL D 376 17.17 0.03 -17.47
CA VAL D 376 17.09 -0.29 -16.04
C VAL D 376 17.86 0.74 -15.24
N GLY D 377 18.98 1.24 -15.76
CA GLY D 377 19.68 2.31 -15.06
C GLY D 377 18.82 3.56 -14.92
N ALA D 378 18.18 3.98 -16.01
CA ALA D 378 17.37 5.19 -15.96
C ALA D 378 16.19 5.02 -15.01
N VAL D 379 15.51 3.87 -15.06
CA VAL D 379 14.38 3.67 -14.17
C VAL D 379 14.86 3.55 -12.72
N ALA D 380 16.07 3.04 -12.50
CA ALA D 380 16.60 2.99 -11.14
C ALA D 380 16.81 4.40 -10.59
N LEU D 381 17.36 5.29 -11.42
CA LEU D 381 17.49 6.69 -10.99
C LEU D 381 16.12 7.30 -10.72
N ALA D 382 15.17 7.07 -11.61
CA ALA D 382 13.82 7.57 -11.38
C ALA D 382 13.22 7.00 -10.10
N LEU D 383 13.59 5.76 -9.76
CA LEU D 383 13.08 5.14 -8.53
C LEU D 383 13.65 5.84 -7.30
N VAL D 384 14.96 6.05 -7.27
CA VAL D 384 15.54 6.75 -6.14
C VAL D 384 14.93 8.14 -6.02
N GLY D 385 14.53 8.72 -7.15
CA GLY D 385 13.78 9.97 -7.08
C GLY D 385 12.40 9.80 -6.48
N LEU D 386 11.70 8.75 -6.88
CA LEU D 386 10.28 8.60 -6.55
C LEU D 386 10.07 8.20 -5.09
N LEU D 387 11.00 7.45 -4.50
CA LEU D 387 10.73 6.85 -3.21
C LEU D 387 10.60 7.86 -2.09
N THR D 388 11.13 9.07 -2.25
CA THR D 388 10.99 10.09 -1.23
C THR D 388 9.70 10.89 -1.34
N LEU D 389 8.93 10.69 -2.41
CA LEU D 389 7.71 11.48 -2.61
C LEU D 389 6.67 11.24 -1.54
N PRO D 390 6.33 10.01 -1.14
CA PRO D 390 5.18 9.84 -0.24
C PRO D 390 5.30 10.61 1.05
N GLY D 391 6.52 10.81 1.55
CA GLY D 391 6.70 11.67 2.70
C GLY D 391 6.88 13.11 2.24
N TYR D 392 5.78 13.86 2.21
CA TYR D 392 5.77 15.22 1.67
C TYR D 392 4.83 16.06 2.51
N ARG D 393 5.36 17.12 3.11
CA ARG D 393 4.58 18.03 3.94
C ARG D 393 4.61 19.42 3.32
N THR D 394 3.65 20.24 3.72
CA THR D 394 3.47 21.56 3.14
C THR D 394 3.02 22.52 4.21
N ASN D 395 3.48 23.77 4.12
CA ASN D 395 3.27 24.76 5.16
C ASN D 395 2.59 25.98 4.56
N TYR D 396 1.52 26.44 5.21
CA TYR D 396 0.72 27.54 4.69
C TYR D 396 1.10 28.88 5.31
N ASN D 397 1.74 28.89 6.47
CA ASN D 397 2.23 30.13 7.06
C ASN D 397 3.22 30.78 6.11
N ASP D 398 2.95 32.03 5.75
CA ASP D 398 3.84 32.81 4.89
C ASP D 398 4.75 33.73 5.69
N ARG D 399 4.62 33.75 7.00
CA ARG D 399 5.48 34.58 7.83
C ARG D 399 6.94 34.19 7.66
N ASN D 400 7.23 32.89 7.75
CA ASN D 400 8.61 32.42 7.80
C ASN D 400 9.16 32.08 6.43
N TYR D 401 8.70 32.77 5.39
CA TYR D 401 9.27 32.65 4.04
C TYR D 401 9.80 33.99 3.53
N LEU D 402 10.01 34.95 4.42
CA LEU D 402 10.43 36.30 4.06
C LEU D 402 11.57 36.71 4.99
N PRO D 403 12.38 37.68 4.58
CA PRO D 403 13.39 38.21 5.48
C PRO D 403 12.76 38.87 6.69
N ALA D 404 13.51 38.93 7.77
CA ALA D 404 12.96 39.32 9.07
C ALA D 404 12.91 40.83 9.27
N ASP D 405 13.27 41.63 8.27
CA ASP D 405 13.31 43.08 8.45
C ASP D 405 12.01 43.78 8.06
N LEU D 406 11.03 43.05 7.51
CA LEU D 406 9.75 43.67 7.22
C LEU D 406 9.08 44.12 8.52
N PRO D 407 8.46 45.31 8.55
CA PRO D 407 7.89 45.79 9.82
C PRO D 407 6.92 44.81 10.47
N ALA D 408 6.09 44.15 9.67
CA ALA D 408 5.15 43.18 10.23
C ALA D 408 5.88 42.08 10.99
N ASN D 409 7.09 41.74 10.56
CA ASN D 409 7.83 40.69 11.25
C ASN D 409 8.30 41.17 12.62
N GLU D 410 8.71 42.44 12.74
CA GLU D 410 9.03 42.95 14.08
C GLU D 410 7.77 43.02 14.95
N GLY D 411 6.63 43.38 14.37
CA GLY D 411 5.39 43.34 15.14
C GLY D 411 5.10 41.95 15.66
N TYR D 412 5.21 40.95 14.80
CA TYR D 412 5.04 39.57 15.22
C TYR D 412 6.03 39.20 16.31
N ALA D 413 7.28 39.62 16.16
CA ALA D 413 8.29 39.27 17.15
C ALA D 413 7.94 39.84 18.50
N ALA D 414 7.48 41.09 18.54
CA ALA D 414 7.05 41.67 19.81
C ALA D 414 5.90 40.88 20.41
N ALA D 415 4.89 40.55 19.58
CA ALA D 415 3.74 39.82 20.10
C ALA D 415 4.17 38.48 20.69
N GLU D 416 5.04 37.75 20.00
CA GLU D 416 5.53 36.48 20.55
C GLU D 416 6.38 36.69 21.79
N ARG D 417 7.07 37.84 21.88
CA ARG D 417 7.90 38.08 23.05
C ARG D 417 7.05 38.28 24.29
N HIS D 418 5.88 38.91 24.16
CA HIS D 418 5.04 39.19 25.33
C HIS D 418 3.81 38.29 25.44
N PHE D 419 3.57 37.40 24.50
CA PHE D 419 2.42 36.50 24.55
C PHE D 419 2.86 35.08 24.22
N SER D 420 2.26 34.12 24.92
CA SER D 420 2.64 32.72 24.79
C SER D 420 1.70 31.92 23.89
N GLN D 421 0.80 32.58 23.19
CA GLN D 421 -0.08 31.94 22.21
C GLN D 421 0.12 32.60 20.85
N ALA D 422 -0.67 32.17 19.87
CA ALA D 422 -0.71 32.82 18.56
C ALA D 422 -1.88 33.80 18.54
N ARG D 423 -1.76 34.85 19.34
CA ARG D 423 -2.85 35.80 19.54
C ARG D 423 -3.01 36.79 18.39
N MET D 424 -2.11 36.78 17.41
CA MET D 424 -2.21 37.69 16.27
C MET D 424 -3.05 37.12 15.13
N ASN D 425 -3.46 35.85 15.20
CA ASN D 425 -4.24 35.21 14.14
C ASN D 425 -5.42 34.49 14.79
N PRO D 426 -6.36 35.23 15.38
CA PRO D 426 -7.50 34.58 16.03
C PRO D 426 -8.51 34.02 15.06
N GLU D 427 -9.62 33.50 15.58
CA GLU D 427 -10.76 33.07 14.79
C GLU D 427 -12.02 33.61 15.44
N VAL D 428 -13.15 33.44 14.76
CA VAL D 428 -14.44 33.82 15.32
C VAL D 428 -15.42 32.70 15.05
N LEU D 429 -16.18 32.31 16.07
CA LEU D 429 -17.27 31.37 15.92
C LEU D 429 -18.58 32.13 16.11
N MET D 430 -19.61 31.70 15.40
CA MET D 430 -20.93 32.32 15.46
C MET D 430 -22.00 31.25 15.55
N VAL D 431 -23.02 31.51 16.35
CA VAL D 431 -24.21 30.67 16.41
C VAL D 431 -25.42 31.55 16.14
N GLU D 432 -26.24 31.15 15.18
CA GLU D 432 -27.40 31.91 14.75
C GLU D 432 -28.65 31.10 15.08
N SER D 433 -29.39 31.55 16.09
CA SER D 433 -30.60 30.92 16.54
C SER D 433 -31.80 31.76 16.13
N ASP D 434 -32.99 31.28 16.49
CA ASP D 434 -34.24 31.91 16.08
C ASP D 434 -35.01 32.46 17.26
N HIS D 435 -34.31 32.87 18.31
CA HIS D 435 -34.96 33.47 19.47
C HIS D 435 -33.93 34.26 20.27
N ASP D 436 -34.44 35.17 21.10
CA ASP D 436 -33.59 36.10 21.82
C ASP D 436 -32.78 35.35 22.87
N MET D 437 -31.48 35.65 22.96
CA MET D 437 -30.55 34.92 23.81
C MET D 437 -30.18 35.67 25.08
N ARG D 438 -30.79 36.82 25.35
CA ARG D 438 -30.47 37.61 26.55
C ARG D 438 -31.33 37.13 27.71
N ASN D 439 -30.98 35.94 28.19
CA ASN D 439 -31.65 35.34 29.34
C ASN D 439 -30.71 34.30 29.94
N SER D 440 -31.15 33.68 31.05
CA SER D 440 -30.24 32.89 31.87
C SER D 440 -29.94 31.52 31.25
N ALA D 441 -30.98 30.77 30.89
CA ALA D 441 -30.77 29.42 30.39
C ALA D 441 -29.91 29.43 29.13
N ASP D 442 -30.18 30.38 28.23
CA ASP D 442 -29.34 30.50 27.05
C ASP D 442 -27.91 30.85 27.42
N PHE D 443 -27.69 31.59 28.52
CA PHE D 443 -26.31 31.82 28.95
C PHE D 443 -25.66 30.53 29.43
N LEU D 444 -26.40 29.68 30.15
CA LEU D 444 -25.83 28.40 30.54
C LEU D 444 -25.42 27.61 29.31
N VAL D 445 -26.24 27.65 28.25
CA VAL D 445 -25.87 26.94 27.03
C VAL D 445 -24.65 27.59 26.38
N ILE D 446 -24.58 28.93 26.43
CA ILE D 446 -23.42 29.63 25.87
C ILE D 446 -22.14 29.17 26.57
N ASN D 447 -22.18 29.10 27.89
CA ASN D 447 -21.01 28.65 28.63
C ASN D 447 -20.68 27.20 28.33
N LYS D 448 -21.72 26.38 28.15
CA LYS D 448 -21.47 25.00 27.74
C LYS D 448 -20.71 24.95 26.42
N ILE D 449 -21.11 25.78 25.46
CA ILE D 449 -20.39 25.84 24.19
C ILE D 449 -18.96 26.28 24.42
N ALA D 450 -18.76 27.33 25.22
CA ALA D 450 -17.42 27.86 25.42
C ALA D 450 -16.51 26.81 26.04
N LYS D 451 -17.01 26.10 27.05
CA LYS D 451 -16.21 25.05 27.68
C LYS D 451 -15.92 23.91 26.71
N ALA D 452 -16.92 23.51 25.92
CA ALA D 452 -16.69 22.44 24.97
C ALA D 452 -15.63 22.82 23.96
N ILE D 453 -15.59 24.09 23.57
CA ILE D 453 -14.56 24.55 22.65
C ILE D 453 -13.20 24.58 23.34
N PHE D 454 -13.16 25.03 24.60
CA PHE D 454 -11.90 25.17 25.31
C PHE D 454 -11.19 23.83 25.46
N ALA D 455 -11.93 22.73 25.49
CA ALA D 455 -11.36 21.43 25.79
C ALA D 455 -10.79 20.73 24.57
N VAL D 456 -10.81 21.36 23.41
CA VAL D 456 -10.20 20.75 22.23
C VAL D 456 -8.69 20.74 22.40
N GLU D 457 -8.04 19.75 21.80
CA GLU D 457 -6.59 19.61 21.90
C GLU D 457 -5.94 20.63 20.98
N GLY D 458 -5.49 21.75 21.56
CA GLY D 458 -4.81 22.77 20.78
C GLY D 458 -5.23 24.19 21.12
N ILE D 459 -6.49 24.38 21.50
CA ILE D 459 -6.98 25.72 21.82
C ILE D 459 -6.43 26.15 23.16
N SER D 460 -6.10 27.44 23.28
CA SER D 460 -5.57 28.00 24.51
C SER D 460 -6.51 28.98 25.18
N ARG D 461 -7.15 29.87 24.41
CA ARG D 461 -8.10 30.82 24.95
C ARG D 461 -9.42 30.70 24.21
N VAL D 462 -10.52 30.90 24.93
CA VAL D 462 -11.83 30.99 24.32
C VAL D 462 -12.56 32.12 25.02
N GLN D 463 -12.64 33.26 24.35
CA GLN D 463 -13.12 34.50 24.97
C GLN D 463 -14.61 34.65 24.69
N ALA D 464 -15.42 34.72 25.74
CA ALA D 464 -16.86 34.68 25.63
C ALA D 464 -17.46 35.73 26.57
N ILE D 465 -18.80 35.81 26.56
CA ILE D 465 -19.48 36.72 27.47
C ILE D 465 -19.28 36.26 28.91
N THR D 466 -19.34 34.95 29.14
CA THR D 466 -19.14 34.42 30.48
C THR D 466 -17.78 34.80 31.04
N ARG D 467 -16.72 34.54 30.29
CA ARG D 467 -15.35 34.81 30.73
C ARG D 467 -14.62 35.65 29.69
N PRO D 468 -14.50 36.96 29.91
CA PRO D 468 -13.80 37.81 28.94
C PRO D 468 -12.29 37.58 28.88
N ASP D 469 -11.68 37.00 29.91
CA ASP D 469 -10.24 36.75 29.89
C ASP D 469 -9.89 35.40 29.30
N GLY D 470 -10.88 34.57 28.98
CA GLY D 470 -10.64 33.38 28.19
C GLY D 470 -10.16 32.16 28.93
N LYS D 471 -10.71 31.90 30.12
CA LYS D 471 -10.48 30.65 30.85
C LYS D 471 -11.79 30.12 31.40
N PRO D 472 -12.70 29.68 30.52
CA PRO D 472 -13.91 29.01 31.05
C PRO D 472 -13.66 27.62 31.62
N ILE D 473 -13.24 27.59 32.90
CA ILE D 473 -12.98 26.34 33.59
C ILE D 473 -13.71 26.33 34.94
N GLU D 474 -14.84 27.01 35.02
CA GLU D 474 -15.48 27.27 36.30
C GLU D 474 -16.99 27.08 36.19
N SER D 475 -17.60 26.79 37.33
CA SER D 475 -19.06 26.76 37.41
C SER D 475 -19.60 28.17 37.33
N PHE D 476 -20.81 28.30 36.78
CA PHE D 476 -21.33 29.57 36.31
C PHE D 476 -22.64 29.94 36.99
N TYR D 477 -22.80 31.23 37.26
CA TYR D 477 -24.07 31.81 37.66
C TYR D 477 -23.99 33.30 37.43
N LEU D 478 -24.98 33.86 36.75
CA LEU D 478 -25.10 35.30 36.56
C LEU D 478 -26.54 35.70 36.79
N PRO D 479 -26.87 36.28 37.95
CA PRO D 479 -28.26 36.60 38.23
C PRO D 479 -28.81 37.58 37.21
N PRO D 480 -30.11 37.54 36.93
CA PRO D 480 -30.64 38.30 35.78
C PRO D 480 -30.46 39.80 35.89
N GLU D 481 -30.21 40.35 37.08
CA GLU D 481 -30.14 41.81 37.15
C GLU D 481 -28.93 42.38 36.41
N VAL D 482 -28.00 41.53 35.97
CA VAL D 482 -26.76 42.01 35.38
C VAL D 482 -26.97 42.75 34.07
N PHE D 483 -28.18 42.70 33.49
CA PHE D 483 -28.45 43.37 32.23
C PHE D 483 -28.65 44.88 32.37
N ASP D 484 -28.34 45.45 33.53
CA ASP D 484 -28.55 46.87 33.78
C ASP D 484 -27.26 47.64 34.01
N ASN D 485 -26.15 46.96 34.25
CA ASN D 485 -24.87 47.64 34.41
C ASN D 485 -24.40 48.17 33.06
N PRO D 486 -24.20 49.49 32.90
CA PRO D 486 -23.80 50.00 31.58
C PRO D 486 -22.54 49.37 31.03
N ASP D 487 -21.56 49.06 31.88
CA ASP D 487 -20.37 48.36 31.40
C ASP D 487 -20.74 47.01 30.83
N PHE D 488 -21.64 46.30 31.50
CA PHE D 488 -22.11 45.03 30.96
C PHE D 488 -22.82 45.23 29.63
N GLN D 489 -23.56 46.32 29.49
CA GLN D 489 -24.23 46.60 28.23
C GLN D 489 -23.22 46.84 27.10
N ARG D 490 -22.14 47.57 27.41
CA ARG D 490 -21.10 47.78 26.40
C ARG D 490 -20.49 46.45 25.98
N GLY D 491 -20.08 45.64 26.96
CA GLY D 491 -19.62 44.31 26.62
C GLY D 491 -20.65 43.51 25.85
N LEU D 492 -21.94 43.78 26.11
CA LEU D 492 -23.01 43.04 25.48
C LEU D 492 -23.10 43.39 24.01
N GLU D 493 -22.94 44.67 23.67
CA GLU D 493 -22.86 45.04 22.27
C GLU D 493 -21.60 44.49 21.62
N GLN D 494 -20.49 44.46 22.34
CA GLN D 494 -19.26 43.92 21.78
C GLN D 494 -19.40 42.45 21.44
N PHE D 495 -20.11 41.68 22.29
CA PHE D 495 -20.11 40.23 22.19
C PHE D 495 -21.40 39.63 21.66
N LEU D 496 -22.50 40.35 21.69
CA LEU D 496 -23.80 39.83 21.28
C LEU D 496 -24.40 40.74 20.22
N SER D 497 -25.09 40.12 19.26
CA SER D 497 -25.76 40.89 18.22
C SER D 497 -26.74 41.86 18.86
N PRO D 498 -26.94 43.05 18.27
CA PRO D 498 -27.91 43.99 18.83
C PRO D 498 -29.32 43.45 18.81
N ASP D 499 -29.64 42.50 17.93
CA ASP D 499 -30.95 41.87 17.95
C ASP D 499 -31.05 40.80 19.02
N GLY D 500 -29.93 40.32 19.54
CA GLY D 500 -29.93 39.26 20.52
C GLY D 500 -30.00 37.87 19.93
N HIS D 501 -29.92 37.74 18.60
CA HIS D 501 -30.09 36.46 17.94
C HIS D 501 -28.78 35.75 17.63
N ALA D 502 -27.64 36.28 18.07
CA ALA D 502 -26.37 35.68 17.70
C ALA D 502 -25.35 35.84 18.82
N VAL D 503 -24.38 34.94 18.85
CA VAL D 503 -23.28 34.96 19.80
C VAL D 503 -22.00 34.71 19.03
N ARG D 504 -20.88 35.24 19.55
CA ARG D 504 -19.59 34.94 18.95
C ARG D 504 -18.51 34.83 20.00
N PHE D 505 -17.64 33.83 19.84
CA PHE D 505 -16.50 33.58 20.71
C PHE D 505 -15.23 33.70 19.89
N ILE D 506 -14.21 34.32 20.47
CA ILE D 506 -12.93 34.54 19.80
C ILE D 506 -11.96 33.45 20.24
N ILE D 507 -11.43 32.71 19.27
CA ILE D 507 -10.68 31.49 19.51
C ILE D 507 -9.25 31.71 19.02
N SER D 508 -8.28 31.57 19.91
CA SER D 508 -6.87 31.73 19.59
C SER D 508 -6.12 30.44 19.84
N HIS D 509 -5.36 29.99 18.85
CA HIS D 509 -4.73 28.67 18.88
C HIS D 509 -3.51 28.69 19.80
N GLU D 510 -2.75 27.60 19.77
CA GLU D 510 -1.40 27.55 20.31
C GLU D 510 -0.47 27.04 19.21
N GLY D 511 0.75 27.58 19.19
CA GLY D 511 1.65 27.30 18.08
C GLY D 511 1.27 28.12 16.86
N ASP D 512 1.69 27.63 15.70
CA ASP D 512 1.39 28.32 14.44
C ASP D 512 -0.01 27.94 13.96
N PRO D 513 -0.93 28.90 13.81
CA PRO D 513 -2.29 28.55 13.37
C PRO D 513 -2.40 28.10 11.92
N MET D 514 -1.32 28.12 11.13
CA MET D 514 -1.42 27.86 9.70
C MET D 514 -0.72 26.58 9.27
N SER D 515 -0.08 25.86 10.18
CA SER D 515 0.49 24.57 9.81
C SER D 515 -0.64 23.56 9.61
N GLN D 516 -0.26 22.32 9.26
CA GLN D 516 -1.27 21.32 8.95
C GLN D 516 -2.18 21.05 10.15
N ALA D 517 -1.60 20.99 11.35
CA ALA D 517 -2.42 20.76 12.53
C ALA D 517 -3.40 21.89 12.76
N GLY D 518 -2.95 23.14 12.58
CA GLY D 518 -3.84 24.27 12.73
C GLY D 518 -4.94 24.30 11.70
N ILE D 519 -4.78 23.56 10.60
CA ILE D 519 -5.84 23.43 9.61
C ILE D 519 -6.80 22.32 10.01
N ALA D 520 -6.26 21.19 10.47
CA ALA D 520 -7.12 20.07 10.87
C ALA D 520 -7.92 20.38 12.14
N ARG D 521 -7.52 21.40 12.90
CA ARG D 521 -8.18 21.67 14.18
C ARG D 521 -9.56 22.30 14.04
N ILE D 522 -9.84 23.00 12.94
CA ILE D 522 -11.11 23.72 12.85
C ILE D 522 -12.29 22.77 12.68
N ALA D 523 -12.08 21.64 11.98
CA ALA D 523 -13.16 20.66 11.88
C ALA D 523 -13.57 20.19 13.27
N LYS D 524 -12.60 19.93 14.14
CA LYS D 524 -12.90 19.54 15.50
C LYS D 524 -13.58 20.66 16.27
N ILE D 525 -13.16 21.91 16.04
CA ILE D 525 -13.83 23.02 16.71
C ILE D 525 -15.31 23.03 16.34
N LYS D 526 -15.60 22.86 15.06
CA LYS D 526 -17.00 22.86 14.62
C LYS D 526 -17.78 21.69 15.22
N THR D 527 -17.16 20.50 15.23
CA THR D 527 -17.86 19.34 15.79
C THR D 527 -18.18 19.54 17.26
N ALA D 528 -17.22 20.06 18.02
CA ALA D 528 -17.47 20.31 19.44
C ALA D 528 -18.54 21.36 19.65
N ALA D 529 -18.50 22.43 18.86
CA ALA D 529 -19.51 23.48 19.01
C ALA D 529 -20.89 22.97 18.62
N LYS D 530 -20.97 22.03 17.69
CA LYS D 530 -22.26 21.45 17.32
C LYS D 530 -22.78 20.53 18.40
N GLU D 531 -21.91 19.67 18.95
CA GLU D 531 -22.35 18.73 19.97
C GLU D 531 -22.60 19.38 21.32
N ALA D 532 -22.09 20.59 21.55
CA ALA D 532 -22.34 21.25 22.83
C ALA D 532 -23.80 21.68 22.97
N ILE D 533 -24.44 22.05 21.86
CA ILE D 533 -25.84 22.48 21.90
C ILE D 533 -26.83 21.33 21.77
N LYS D 534 -26.37 20.13 21.46
CA LYS D 534 -27.25 18.98 21.27
C LYS D 534 -28.05 18.68 22.52
N GLY D 535 -29.38 18.87 22.45
CA GLY D 535 -30.29 18.61 23.54
C GLY D 535 -30.83 19.87 24.20
N THR D 536 -30.09 20.96 24.13
CA THR D 536 -30.54 22.25 24.62
C THR D 536 -31.47 22.89 23.60
N PRO D 537 -32.27 23.88 24.02
CA PRO D 537 -33.24 24.43 23.05
C PRO D 537 -32.60 25.01 21.83
N LEU D 538 -31.33 25.37 21.88
CA LEU D 538 -30.65 25.96 20.73
C LEU D 538 -30.38 24.96 19.61
N GLU D 539 -30.86 23.72 19.67
CA GLU D 539 -30.54 22.76 18.62
C GLU D 539 -31.08 23.24 17.28
N GLY D 540 -30.36 22.89 16.21
CA GLY D 540 -30.75 23.24 14.87
C GLY D 540 -30.28 24.60 14.40
N SER D 541 -29.54 25.34 15.22
CA SER D 541 -29.03 26.63 14.80
C SER D 541 -27.89 26.44 13.80
N ALA D 542 -27.50 27.56 13.18
CA ALA D 542 -26.46 27.56 12.16
C ALA D 542 -25.16 28.08 12.77
N ILE D 543 -24.05 27.39 12.51
CA ILE D 543 -22.78 27.69 13.14
C ILE D 543 -21.80 28.10 12.04
N TYR D 544 -21.29 29.33 12.14
CA TYR D 544 -20.30 29.86 11.22
C TYR D 544 -18.95 29.93 11.91
N LEU D 545 -17.89 29.74 11.13
CA LEU D 545 -16.53 29.80 11.64
C LEU D 545 -15.68 30.58 10.65
N GLY D 546 -15.33 31.81 11.00
CA GLY D 546 -14.56 32.66 10.10
C GLY D 546 -13.19 32.99 10.64
N GLY D 547 -12.15 32.66 9.87
CA GLY D 547 -10.79 32.94 10.30
C GLY D 547 -9.79 32.47 9.27
N THR D 548 -8.51 32.70 9.58
CA THR D 548 -7.45 32.42 8.63
C THR D 548 -7.33 30.93 8.34
N ALA D 549 -7.31 30.11 9.39
CA ALA D 549 -7.17 28.68 9.18
C ALA D 549 -8.33 28.11 8.38
N ALA D 550 -9.54 28.64 8.57
CA ALA D 550 -10.67 28.20 7.76
C ALA D 550 -10.43 28.49 6.29
N MET D 551 -9.97 29.70 5.99
CA MET D 551 -9.67 30.06 4.60
C MET D 551 -8.65 29.11 4.02
N PHE D 552 -7.60 28.80 4.78
CA PHE D 552 -6.54 27.97 4.24
C PHE D 552 -6.99 26.51 4.07
N LYS D 553 -7.87 26.02 4.95
CA LYS D 553 -8.42 24.68 4.72
C LYS D 553 -9.21 24.64 3.43
N ASP D 554 -10.07 25.63 3.21
CA ASP D 554 -10.83 25.69 1.97
C ASP D 554 -9.89 25.72 0.77
N LEU D 555 -8.84 26.53 0.86
CA LEU D 555 -7.90 26.64 -0.25
C LEU D 555 -7.18 25.32 -0.49
N SER D 556 -6.84 24.59 0.56
CA SER D 556 -6.16 23.31 0.37
C SER D 556 -7.06 22.31 -0.34
N ASP D 557 -8.33 22.22 0.07
CA ASP D 557 -9.25 21.31 -0.60
C ASP D 557 -9.41 21.68 -2.08
N GLY D 558 -9.67 22.96 -2.34
CA GLY D 558 -9.76 23.40 -3.71
C GLY D 558 -8.48 23.11 -4.48
N ASN D 559 -7.34 23.24 -3.82
CA ASN D 559 -6.06 23.02 -4.47
C ASN D 559 -5.94 21.59 -4.96
N THR D 560 -6.24 20.63 -4.10
CA THR D 560 -6.11 19.24 -4.53
C THR D 560 -7.07 18.93 -5.68
N TYR D 561 -8.33 19.37 -5.57
CA TYR D 561 -9.28 19.05 -6.63
C TYR D 561 -8.90 19.72 -7.94
N ASP D 562 -8.41 20.95 -7.88
CA ASP D 562 -8.02 21.66 -9.09
C ASP D 562 -6.76 21.07 -9.71
N LEU D 563 -5.82 20.62 -8.88
CA LEU D 563 -4.66 19.92 -9.42
C LEU D 563 -5.10 18.71 -10.20
N MET D 564 -6.05 17.93 -9.68
CA MET D 564 -6.44 16.74 -10.44
C MET D 564 -7.19 17.11 -11.72
N ILE D 565 -8.05 18.13 -11.68
CA ILE D 565 -8.72 18.57 -12.91
C ILE D 565 -7.68 18.94 -13.97
N ALA D 566 -6.74 19.80 -13.59
CA ALA D 566 -5.74 20.26 -14.55
C ALA D 566 -4.91 19.10 -15.05
N GLY D 567 -4.57 18.16 -14.17
CA GLY D 567 -3.79 17.02 -14.61
C GLY D 567 -4.49 16.22 -15.67
N ILE D 568 -5.76 15.88 -15.44
CA ILE D 568 -6.49 15.10 -16.44
C ILE D 568 -6.54 15.85 -17.76
N SER D 569 -6.89 17.14 -17.69
CA SER D 569 -7.02 17.92 -18.92
C SER D 569 -5.71 17.96 -19.71
N ALA D 570 -4.62 18.31 -19.03
CA ALA D 570 -3.34 18.44 -19.70
C ALA D 570 -2.90 17.10 -20.29
N LEU D 571 -2.97 16.04 -19.50
CA LEU D 571 -2.47 14.75 -19.98
C LEU D 571 -3.29 14.26 -21.18
N CYS D 572 -4.61 14.45 -21.15
CA CYS D 572 -5.41 14.01 -22.28
C CYS D 572 -5.09 14.83 -23.54
N LEU D 573 -4.82 16.13 -23.39
CA LEU D 573 -4.46 16.91 -24.57
C LEU D 573 -3.10 16.49 -25.12
N ILE D 574 -2.13 16.16 -24.25
CA ILE D 574 -0.86 15.62 -24.75
C ILE D 574 -1.12 14.35 -25.53
N PHE D 575 -1.98 13.48 -25.01
CA PHE D 575 -2.32 12.26 -25.75
C PHE D 575 -2.86 12.61 -27.13
N ILE D 576 -3.78 13.58 -27.20
CA ILE D 576 -4.40 13.92 -28.47
C ILE D 576 -3.37 14.41 -29.47
N ILE D 577 -2.48 15.30 -29.04
CA ILE D 577 -1.53 15.87 -30.00
C ILE D 577 -0.54 14.81 -30.46
N MET D 578 -0.06 13.96 -29.55
CA MET D 578 0.85 12.90 -29.97
C MET D 578 0.19 11.96 -30.95
N LEU D 579 -1.09 11.62 -30.72
CA LEU D 579 -1.79 10.76 -31.65
C LEU D 579 -1.94 11.40 -33.01
N ILE D 580 -2.27 12.69 -33.04
CA ILE D 580 -2.41 13.38 -34.32
C ILE D 580 -1.09 13.38 -35.07
N THR D 581 0.00 13.64 -34.36
CA THR D 581 1.30 13.80 -35.01
C THR D 581 1.86 12.47 -35.52
N THR D 582 1.78 11.42 -34.69
CA THR D 582 2.45 10.17 -35.01
C THR D 582 1.56 9.12 -35.65
N ARG D 583 0.24 9.25 -35.54
CA ARG D 583 -0.68 8.22 -36.01
C ARG D 583 -0.32 6.86 -35.43
N SER D 584 -0.05 6.86 -34.12
CA SER D 584 0.28 5.65 -33.38
C SER D 584 -0.33 5.74 -32.00
N VAL D 585 -0.95 4.66 -31.54
CA VAL D 585 -1.63 4.66 -30.25
C VAL D 585 -0.74 4.20 -29.11
N VAL D 586 0.30 3.42 -29.39
CA VAL D 586 1.24 3.03 -28.34
C VAL D 586 2.24 4.13 -28.08
N ALA D 587 2.66 4.87 -29.12
CA ALA D 587 3.63 5.94 -28.93
C ALA D 587 3.09 7.01 -28.00
N ALA D 588 1.85 7.42 -28.19
CA ALA D 588 1.28 8.45 -27.34
C ALA D 588 1.19 7.97 -25.90
N ALA D 589 0.82 6.71 -25.69
CA ALA D 589 0.76 6.17 -24.34
C ALA D 589 2.13 6.16 -23.68
N VAL D 590 3.16 5.77 -24.43
CA VAL D 590 4.51 5.76 -23.89
C VAL D 590 4.92 7.18 -23.50
N ILE D 591 4.62 8.15 -24.35
CA ILE D 591 4.98 9.54 -24.03
C ILE D 591 4.26 9.99 -22.76
N VAL D 592 2.97 9.66 -22.63
CA VAL D 592 2.22 10.05 -21.44
C VAL D 592 2.83 9.43 -20.19
N GLY D 593 3.14 8.13 -20.25
CA GLY D 593 3.76 7.47 -19.12
C GLY D 593 5.09 8.11 -18.76
N THR D 594 5.92 8.38 -19.76
CA THR D 594 7.22 8.98 -19.49
C THR D 594 7.10 10.36 -18.87
N VAL D 595 6.17 11.18 -19.37
CA VAL D 595 6.05 12.53 -18.84
C VAL D 595 5.58 12.50 -17.39
N VAL D 596 4.58 11.66 -17.09
CA VAL D 596 4.12 11.61 -15.70
C VAL D 596 5.21 11.06 -14.79
N LEU D 597 5.95 10.05 -15.26
CA LEU D 597 7.05 9.50 -14.47
C LEU D 597 8.11 10.56 -14.22
N SER D 598 8.40 11.39 -15.22
CA SER D 598 9.39 12.45 -15.05
C SER D 598 8.93 13.49 -14.05
N LEU D 599 7.66 13.91 -14.12
CA LEU D 599 7.15 14.81 -13.10
C LEU D 599 7.36 14.22 -11.72
N GLY D 600 7.01 12.94 -11.56
CA GLY D 600 7.15 12.31 -10.26
C GLY D 600 8.58 12.30 -9.76
N ALA D 601 9.51 11.84 -10.61
CA ALA D 601 10.91 11.76 -10.19
C ALA D 601 11.48 13.14 -9.90
N SER D 602 11.17 14.11 -10.75
CA SER D 602 11.67 15.47 -10.53
C SER D 602 11.22 16.00 -9.18
N PHE D 603 9.93 15.88 -8.88
CA PHE D 603 9.47 16.42 -7.62
C PHE D 603 9.99 15.61 -6.44
N GLY D 604 10.23 14.32 -6.62
CA GLY D 604 10.86 13.54 -5.57
C GLY D 604 12.26 14.03 -5.23
N LEU D 605 13.08 14.26 -6.26
CA LEU D 605 14.39 14.84 -6.02
C LEU D 605 14.29 16.19 -5.35
N SER D 606 13.36 17.03 -5.81
CA SER D 606 13.24 18.37 -5.24
C SER D 606 12.90 18.31 -3.75
N VAL D 607 11.95 17.45 -3.39
CA VAL D 607 11.57 17.36 -1.98
C VAL D 607 12.69 16.74 -1.16
N LEU D 608 13.46 15.82 -1.75
CA LEU D 608 14.61 15.27 -1.04
C LEU D 608 15.62 16.37 -0.73
N ILE D 609 15.87 17.25 -1.68
CA ILE D 609 16.88 18.29 -1.48
C ILE D 609 16.38 19.36 -0.52
N TRP D 610 15.13 19.79 -0.65
CA TRP D 610 14.71 21.03 -0.03
C TRP D 610 14.16 20.87 1.39
N GLN D 611 13.47 19.77 1.67
CA GLN D 611 12.88 19.59 3.00
C GLN D 611 13.71 18.66 3.89
N HIS D 612 14.28 17.60 3.33
CA HIS D 612 15.03 16.66 4.14
C HIS D 612 16.42 17.19 4.49
N ILE D 613 17.14 17.75 3.52
CA ILE D 613 18.53 18.14 3.72
C ILE D 613 18.61 19.56 4.28
N LEU D 614 18.15 20.55 3.52
CA LEU D 614 18.24 21.93 3.99
C LEU D 614 17.27 22.23 5.11
N GLY D 615 16.34 21.33 5.41
CA GLY D 615 15.48 21.51 6.56
C GLY D 615 14.48 22.64 6.45
N ILE D 616 14.13 23.07 5.24
CA ILE D 616 13.09 24.06 5.03
C ILE D 616 11.98 23.41 4.21
N GLU D 617 10.75 23.65 4.62
CA GLU D 617 9.60 22.97 4.05
C GLU D 617 9.11 23.70 2.80
N LEU D 618 8.60 22.93 1.84
CA LEU D 618 8.13 23.54 0.60
C LEU D 618 6.87 24.35 0.86
N HIS D 619 6.59 25.27 -0.07
CA HIS D 619 5.40 26.10 0.02
C HIS D 619 4.19 25.32 -0.48
N TRP D 620 3.02 25.94 -0.46
CA TRP D 620 1.80 25.33 -0.96
C TRP D 620 1.46 25.79 -2.37
N LEU D 621 2.31 26.59 -3.01
CA LEU D 621 2.15 26.98 -4.41
C LEU D 621 3.20 26.39 -5.33
N VAL D 622 4.27 25.79 -4.80
CA VAL D 622 5.35 25.31 -5.65
C VAL D 622 4.85 24.24 -6.61
N LEU D 623 4.00 23.34 -6.11
CA LEU D 623 3.54 22.23 -6.95
C LEU D 623 2.87 22.74 -8.22
N ALA D 624 1.95 23.69 -8.09
CA ALA D 624 1.16 24.13 -9.24
C ALA D 624 2.03 24.75 -10.32
N MET D 625 2.84 25.75 -9.93
CA MET D 625 3.68 26.41 -10.93
C MET D 625 4.68 25.44 -11.53
N ALA D 626 5.31 24.63 -10.69
CA ALA D 626 6.30 23.69 -11.19
C ALA D 626 5.69 22.75 -12.22
N VAL D 627 4.50 22.21 -11.91
CA VAL D 627 3.90 21.24 -12.82
C VAL D 627 3.46 21.92 -14.11
N ILE D 628 2.92 23.13 -14.01
CA ILE D 628 2.51 23.84 -15.23
C ILE D 628 3.70 23.96 -16.17
N ILE D 629 4.80 24.54 -15.67
CA ILE D 629 5.94 24.81 -16.55
C ILE D 629 6.55 23.52 -17.05
N LEU D 630 6.71 22.53 -16.16
CA LEU D 630 7.34 21.28 -16.58
C LEU D 630 6.52 20.59 -17.66
N LEU D 631 5.18 20.57 -17.50
CA LEU D 631 4.34 19.91 -18.50
C LEU D 631 4.42 20.62 -19.84
N ALA D 632 4.37 21.96 -19.84
CA ALA D 632 4.47 22.68 -21.10
C ALA D 632 5.78 22.36 -21.81
N VAL D 633 6.90 22.50 -21.09
CA VAL D 633 8.20 22.33 -21.73
C VAL D 633 8.38 20.88 -22.20
N GLY D 634 7.90 19.93 -21.40
CA GLY D 634 7.99 18.54 -21.81
C GLY D 634 7.18 18.26 -23.06
N ALA D 635 5.97 18.80 -23.13
CA ALA D 635 5.18 18.65 -24.35
C ALA D 635 5.98 19.14 -25.55
N ASP D 636 6.57 20.34 -25.42
CA ASP D 636 7.31 20.91 -26.55
C ASP D 636 8.44 20.00 -27.00
N TYR D 637 9.32 19.62 -26.06
CA TYR D 637 10.51 18.87 -26.44
C TYR D 637 10.15 17.48 -26.95
N ASN D 638 9.22 16.79 -26.27
CA ASN D 638 8.83 15.47 -26.73
C ASN D 638 8.23 15.56 -28.13
N LEU D 639 7.43 16.58 -28.40
CA LEU D 639 6.84 16.70 -29.73
C LEU D 639 7.91 16.84 -30.79
N LEU D 640 8.89 17.73 -30.56
CA LEU D 640 9.97 17.86 -31.54
C LEU D 640 10.67 16.54 -31.77
N LEU D 641 11.11 15.89 -30.69
CA LEU D 641 11.93 14.71 -30.84
C LEU D 641 11.17 13.60 -31.57
N VAL D 642 9.90 13.40 -31.20
CA VAL D 642 9.14 12.32 -31.80
C VAL D 642 8.83 12.62 -33.26
N ALA D 643 8.53 13.88 -33.59
CA ALA D 643 8.30 14.22 -34.99
C ALA D 643 9.54 13.96 -35.83
N ARG D 644 10.71 14.37 -35.34
CA ARG D 644 11.95 14.11 -36.05
C ARG D 644 12.17 12.61 -36.22
N LEU D 645 11.96 11.85 -35.15
CA LEU D 645 12.16 10.40 -35.22
C LEU D 645 11.26 9.80 -36.27
N LYS D 646 9.98 10.20 -36.30
CA LYS D 646 9.08 9.72 -37.34
C LYS D 646 9.60 10.09 -38.72
N GLU D 647 10.18 11.28 -38.84
CA GLU D 647 10.68 11.72 -40.14
C GLU D 647 11.78 10.81 -40.65
N GLU D 648 12.65 10.32 -39.75
CA GLU D 648 13.80 9.53 -40.17
C GLU D 648 13.61 8.02 -40.05
N ILE D 649 12.36 7.55 -39.96
CA ILE D 649 12.15 6.11 -39.79
C ILE D 649 12.45 5.34 -41.07
N HIS D 650 12.19 5.93 -42.24
CA HIS D 650 12.04 5.15 -43.45
C HIS D 650 13.26 4.28 -43.73
N ALA D 651 14.45 4.73 -43.35
CA ALA D 651 15.67 3.96 -43.58
C ALA D 651 16.05 3.11 -42.38
N GLY D 652 15.13 2.32 -41.87
CA GLY D 652 15.40 1.48 -40.73
C GLY D 652 14.96 2.12 -39.42
N ILE D 653 14.57 1.28 -38.47
CA ILE D 653 14.04 1.78 -37.20
C ILE D 653 15.15 2.41 -36.37
N ASN D 654 16.31 1.77 -36.31
CA ASN D 654 17.33 2.15 -35.33
C ASN D 654 18.41 3.08 -35.88
N THR D 655 18.86 2.92 -37.13
CA THR D 655 19.70 3.96 -37.69
C THR D 655 18.93 5.27 -37.77
N GLY D 656 17.62 5.17 -37.92
CA GLY D 656 16.78 6.33 -37.70
C GLY D 656 16.93 6.89 -36.31
N ILE D 657 17.03 6.03 -35.31
CA ILE D 657 17.19 6.51 -33.94
C ILE D 657 18.49 7.29 -33.79
N ILE D 658 19.60 6.75 -34.31
CA ILE D 658 20.87 7.44 -34.12
C ILE D 658 20.89 8.74 -34.92
N ARG D 659 20.35 8.72 -36.14
CA ARG D 659 20.27 9.95 -36.92
C ARG D 659 19.43 11.01 -36.22
N ALA D 660 18.27 10.62 -35.70
CA ALA D 660 17.41 11.58 -35.01
C ALA D 660 18.11 12.12 -33.77
N MET D 661 18.82 11.27 -33.04
CA MET D 661 19.57 11.75 -31.89
C MET D 661 20.57 12.80 -32.31
N GLY D 662 21.42 12.48 -33.28
CA GLY D 662 22.40 13.46 -33.75
C GLY D 662 21.75 14.76 -34.18
N GLY D 663 20.61 14.67 -34.88
CA GLY D 663 20.00 15.86 -35.43
C GLY D 663 19.37 16.76 -34.37
N SER D 664 18.61 16.17 -33.44
CA SER D 664 17.72 16.93 -32.58
C SER D 664 18.02 16.84 -31.10
N GLY D 665 18.70 15.79 -30.64
CA GLY D 665 19.04 15.72 -29.23
C GLY D 665 19.85 16.92 -28.80
N SER D 666 20.79 17.36 -29.63
CA SER D 666 21.61 18.51 -29.29
C SER D 666 20.76 19.76 -29.14
N VAL D 667 19.78 19.96 -30.02
CA VAL D 667 18.94 21.15 -29.96
C VAL D 667 18.10 21.13 -28.69
N VAL D 668 17.45 20.00 -28.41
CA VAL D 668 16.61 19.93 -27.22
C VAL D 668 17.46 20.09 -25.96
N THR D 669 18.66 19.48 -25.95
CA THR D 669 19.53 19.64 -24.80
C THR D 669 19.94 21.09 -24.61
N ALA D 670 20.31 21.78 -25.69
CA ALA D 670 20.70 23.17 -25.55
C ALA D 670 19.57 24.00 -24.98
N ALA D 671 18.37 23.83 -25.51
CA ALA D 671 17.24 24.62 -25.00
C ALA D 671 16.97 24.29 -23.54
N GLY D 672 16.98 23.00 -23.20
CA GLY D 672 16.73 22.61 -21.83
C GLY D 672 17.72 23.21 -20.87
N LEU D 673 19.01 23.14 -21.19
CA LEU D 673 20.02 23.67 -20.29
C LEU D 673 19.95 25.18 -20.17
N VAL D 674 19.76 25.89 -21.28
CA VAL D 674 19.67 27.35 -21.18
C VAL D 674 18.53 27.74 -20.26
N PHE D 675 17.33 27.19 -20.49
CA PHE D 675 16.20 27.56 -19.64
C PHE D 675 16.42 27.11 -18.20
N ALA D 676 16.97 25.91 -18.02
CA ALA D 676 17.13 25.35 -16.69
C ALA D 676 18.05 26.22 -15.85
N PHE D 677 19.17 26.65 -16.43
CA PHE D 677 20.09 27.46 -15.65
C PHE D 677 19.59 28.89 -15.49
N THR D 678 18.88 29.42 -16.49
CA THR D 678 18.25 30.72 -16.30
C THR D 678 17.33 30.70 -15.09
N MET D 679 16.59 29.60 -14.91
CA MET D 679 15.73 29.49 -13.72
C MET D 679 16.55 29.21 -12.47
N MET D 680 17.62 28.40 -12.59
CA MET D 680 18.40 28.00 -11.44
C MET D 680 19.16 29.17 -10.84
N SER D 681 19.41 30.23 -11.61
CA SER D 681 20.09 31.39 -11.06
C SER D 681 19.23 32.16 -10.06
N PHE D 682 18.04 31.69 -9.72
CA PHE D 682 17.17 32.34 -8.77
C PHE D 682 17.42 31.92 -7.33
N ALA D 683 18.32 30.96 -7.11
CA ALA D 683 18.55 30.46 -5.76
C ALA D 683 19.11 31.53 -4.83
N VAL D 684 19.68 32.61 -5.37
CA VAL D 684 20.29 33.64 -4.53
C VAL D 684 19.32 34.71 -4.11
N SER D 685 18.04 34.57 -4.45
CA SER D 685 17.04 35.56 -4.05
C SER D 685 16.70 35.40 -2.57
N GLU D 686 16.37 36.51 -1.92
CA GLU D 686 16.03 36.51 -0.52
C GLU D 686 14.54 36.27 -0.25
N LEU D 687 13.73 36.18 -1.29
CA LEU D 687 12.36 35.70 -1.16
C LEU D 687 12.40 34.20 -1.40
N THR D 688 12.46 33.42 -0.33
CA THR D 688 12.81 32.02 -0.45
C THR D 688 11.81 31.23 -1.29
N VAL D 689 10.55 31.68 -1.37
CA VAL D 689 9.57 30.95 -2.16
C VAL D 689 9.96 30.97 -3.64
N MET D 690 10.39 32.12 -4.14
CA MET D 690 10.85 32.19 -5.53
C MET D 690 12.07 31.31 -5.72
N ALA D 691 12.95 31.26 -4.72
CA ALA D 691 14.09 30.35 -4.80
C ALA D 691 13.63 28.91 -4.93
N GLN D 692 12.60 28.53 -4.15
CA GLN D 692 12.08 27.17 -4.21
C GLN D 692 11.55 26.85 -5.60
N VAL D 693 10.73 27.75 -6.14
CA VAL D 693 10.13 27.48 -7.46
C VAL D 693 11.22 27.39 -8.52
N GLY D 694 12.14 28.36 -8.52
CA GLY D 694 13.19 28.35 -9.53
C GLY D 694 14.03 27.09 -9.46
N THR D 695 14.43 26.69 -8.24
CA THR D 695 15.29 25.53 -8.11
C THR D 695 14.56 24.25 -8.49
N THR D 696 13.28 24.14 -8.12
CA THR D 696 12.51 22.96 -8.50
C THR D 696 12.44 22.84 -10.02
N ILE D 697 12.06 23.92 -10.71
CA ILE D 697 11.98 23.84 -12.17
C ILE D 697 13.35 23.53 -12.75
N GLY D 698 14.40 24.16 -12.23
CA GLY D 698 15.73 23.92 -12.76
C GLY D 698 16.13 22.46 -12.65
N MET D 699 16.14 21.92 -11.43
CA MET D 699 16.55 20.54 -11.24
C MET D 699 15.64 19.60 -12.02
N GLY D 700 14.35 19.91 -12.11
CA GLY D 700 13.45 19.07 -12.89
C GLY D 700 13.85 19.01 -14.35
N LEU D 701 14.21 20.16 -14.93
CA LEU D 701 14.58 20.15 -16.34
C LEU D 701 15.94 19.51 -16.54
N LEU D 702 16.87 19.67 -15.59
CA LEU D 702 18.12 18.94 -15.66
C LEU D 702 17.86 17.44 -15.73
N PHE D 703 17.06 16.91 -14.81
CA PHE D 703 16.79 15.48 -14.82
C PHE D 703 16.05 15.07 -16.09
N ASP D 704 15.07 15.86 -16.51
CA ASP D 704 14.32 15.52 -17.71
C ASP D 704 15.25 15.40 -18.90
N THR D 705 16.06 16.43 -19.15
CA THR D 705 16.85 16.47 -20.38
C THR D 705 18.00 15.47 -20.34
N LEU D 706 18.69 15.38 -19.22
CA LEU D 706 19.94 14.63 -19.18
C LEU D 706 19.77 13.15 -18.86
N ILE D 707 18.60 12.72 -18.37
CA ILE D 707 18.35 11.33 -18.01
C ILE D 707 17.14 10.75 -18.74
N VAL D 708 16.01 11.44 -18.67
CA VAL D 708 14.77 10.88 -19.21
C VAL D 708 14.76 10.95 -20.73
N ARG D 709 14.77 12.16 -21.27
CA ARG D 709 14.50 12.37 -22.68
C ARG D 709 15.60 11.82 -23.57
N SER D 710 16.82 11.70 -23.07
CA SER D 710 17.95 11.27 -23.87
C SER D 710 18.31 9.80 -23.68
N PHE D 711 17.79 9.14 -22.65
CA PHE D 711 18.17 7.76 -22.35
C PHE D 711 16.99 6.81 -22.13
N MET D 712 15.81 7.32 -21.79
CA MET D 712 14.66 6.47 -21.48
C MET D 712 13.74 6.27 -22.68
N THR D 713 13.38 7.34 -23.40
CA THR D 713 12.44 7.16 -24.49
C THR D 713 13.11 6.64 -25.76
N PRO D 714 14.30 7.10 -26.15
CA PRO D 714 14.96 6.43 -27.27
C PRO D 714 15.23 4.97 -26.99
N SER D 715 15.59 4.63 -25.77
CA SER D 715 15.82 3.23 -25.43
C SER D 715 14.54 2.43 -25.54
N ILE D 716 13.43 2.99 -25.06
CA ILE D 716 12.14 2.30 -25.19
C ILE D 716 11.82 2.06 -26.65
N ALA D 717 12.01 3.10 -27.49
CA ALA D 717 11.70 2.96 -28.90
C ALA D 717 12.56 1.88 -29.55
N ALA D 718 13.84 1.84 -29.22
CA ALA D 718 14.73 0.84 -29.81
C ALA D 718 14.48 -0.54 -29.25
N LEU D 719 13.87 -0.64 -28.07
CA LEU D 719 13.59 -1.93 -27.46
C LEU D 719 12.32 -2.55 -28.03
N LEU D 720 11.22 -1.80 -28.01
CA LEU D 720 9.96 -2.33 -28.54
C LEU D 720 10.11 -2.70 -30.01
N GLY D 721 10.72 -1.83 -30.80
CA GLY D 721 10.93 -2.11 -32.20
C GLY D 721 9.79 -1.58 -33.04
N LYS D 722 9.29 -2.41 -33.96
CA LYS D 722 8.21 -1.99 -34.84
C LYS D 722 6.89 -1.81 -34.10
N TRP D 723 6.79 -2.25 -32.86
CA TRP D 723 5.58 -2.12 -32.08
C TRP D 723 5.44 -0.75 -31.43
N PHE D 724 6.32 0.20 -31.75
CA PHE D 724 6.15 1.57 -31.30
C PHE D 724 5.23 2.36 -32.21
N TRP D 725 4.91 1.84 -33.39
CA TRP D 725 4.13 2.57 -34.39
C TRP D 725 2.79 1.90 -34.68
N TRP D 726 2.40 0.90 -33.90
CA TRP D 726 1.09 0.29 -34.07
C TRP D 726 0.01 1.36 -33.94
N PRO D 727 -1.05 1.33 -34.78
CA PRO D 727 -1.41 0.32 -35.79
C PRO D 727 -0.68 0.40 -37.12
N GLN D 728 0.12 1.42 -37.40
CA GLN D 728 0.83 1.45 -38.67
C GLN D 728 1.82 0.29 -38.75
N VAL D 729 1.97 -0.25 -39.95
CA VAL D 729 2.88 -1.36 -40.21
C VAL D 729 4.18 -0.81 -40.75
N VAL D 730 5.28 -1.08 -40.05
CA VAL D 730 6.61 -0.62 -40.43
C VAL D 730 7.55 -1.81 -40.39
N ARG D 731 8.76 -1.61 -40.89
CA ARG D 731 9.77 -2.65 -40.97
C ARG D 731 10.95 -2.30 -40.07
N GLN D 732 11.53 -3.33 -39.44
CA GLN D 732 12.72 -3.11 -38.61
C GLN D 732 13.90 -2.65 -39.45
N ARG D 733 14.14 -3.30 -40.60
CA ARG D 733 15.20 -2.92 -41.52
C ARG D 733 14.67 -2.90 -42.94
N PRO D 734 15.13 -1.98 -43.77
CA PRO D 734 14.73 -1.98 -45.18
C PRO D 734 15.17 -3.26 -45.88
N ILE D 735 14.73 -3.38 -47.13
CA ILE D 735 15.16 -4.50 -47.95
C ILE D 735 16.68 -4.48 -48.04
N PRO D 736 17.38 -5.63 -47.95
CA PRO D 736 18.85 -5.59 -47.99
C PRO D 736 19.40 -5.19 -49.34
N GLN D 737 19.92 -3.97 -49.43
CA GLN D 737 20.48 -3.48 -50.68
C GLN D 737 21.82 -4.16 -50.95
N PRO D 738 22.15 -4.42 -52.21
CA PRO D 738 23.41 -5.08 -52.52
C PRO D 738 24.59 -4.11 -52.47
N TRP D 739 25.79 -4.66 -52.60
CA TRP D 739 27.01 -3.86 -52.58
C TRP D 739 27.14 -2.98 -53.81
N ALA E 1 56.32 -19.27 -7.28
CA ALA E 1 56.53 -20.66 -6.77
C ALA E 1 55.68 -20.89 -5.52
N ARG E 2 56.33 -21.05 -4.36
CA ARG E 2 55.60 -21.24 -3.12
C ARG E 2 55.57 -19.92 -2.37
N PRO E 3 54.42 -19.24 -2.28
CA PRO E 3 54.41 -17.90 -1.70
C PRO E 3 55.00 -17.90 -0.29
N PHE E 4 55.35 -16.71 0.18
CA PHE E 4 56.04 -16.59 1.46
C PHE E 4 55.17 -17.10 2.61
N ILE E 5 53.92 -16.62 2.68
CA ILE E 5 53.09 -16.92 3.85
C ILE E 5 52.83 -18.41 4.00
N PRO E 6 52.36 -19.13 2.98
CA PRO E 6 52.07 -20.55 3.19
C PRO E 6 53.28 -21.34 3.65
N ARG E 7 54.46 -21.04 3.10
CA ARG E 7 55.67 -21.73 3.54
C ARG E 7 56.03 -21.35 4.98
N MET E 8 55.91 -20.06 5.32
CA MET E 8 56.23 -19.62 6.67
C MET E 8 55.30 -20.25 7.70
N ILE E 9 54.08 -20.58 7.29
CA ILE E 9 53.15 -21.25 8.21
C ILE E 9 53.32 -22.77 8.19
N ARG E 10 53.85 -23.32 7.09
CA ARG E 10 54.02 -24.77 7.03
C ARG E 10 55.28 -25.21 7.77
N THR E 11 56.41 -24.56 7.51
CA THR E 11 57.68 -25.00 8.07
C THR E 11 57.67 -24.95 9.59
N PHE E 12 57.08 -23.90 10.15
CA PHE E 12 57.10 -23.66 11.60
C PHE E 12 55.79 -24.09 12.26
N ALA E 13 55.19 -25.18 11.78
CA ALA E 13 53.87 -25.58 12.28
C ALA E 13 53.92 -25.83 13.79
N VAL E 14 54.83 -26.68 14.24
CA VAL E 14 54.86 -27.06 15.66
C VAL E 14 55.10 -25.85 16.55
N PRO E 15 56.06 -24.97 16.26
CA PRO E 15 56.21 -23.77 17.11
C PRO E 15 54.96 -22.93 17.20
N ILE E 16 54.22 -22.77 16.10
CA ILE E 16 52.99 -21.97 16.15
C ILE E 16 51.94 -22.66 16.99
N ILE E 17 51.80 -23.98 16.84
CA ILE E 17 50.82 -24.71 17.65
C ILE E 17 51.14 -24.56 19.13
N LEU E 18 52.41 -24.77 19.49
CA LEU E 18 52.79 -24.66 20.90
C LEU E 18 52.59 -23.23 21.41
N GLY E 19 52.91 -22.24 20.58
CA GLY E 19 52.66 -20.87 20.98
C GLY E 19 51.21 -20.62 21.30
N TRP E 20 50.31 -21.10 20.44
CA TRP E 20 48.89 -20.89 20.69
C TRP E 20 48.44 -21.62 21.95
N LEU E 21 48.89 -22.85 22.15
CA LEU E 21 48.51 -23.58 23.36
C LEU E 21 48.95 -22.82 24.62
N VAL E 22 50.20 -22.38 24.65
CA VAL E 22 50.69 -21.71 25.86
C VAL E 22 49.96 -20.39 26.07
N THR E 23 49.68 -19.66 24.99
CA THR E 23 48.98 -18.39 25.12
C THR E 23 47.58 -18.58 25.69
N ILE E 24 46.85 -19.57 25.18
CA ILE E 24 45.50 -19.81 25.71
C ILE E 24 45.58 -20.30 27.14
N ALA E 25 46.56 -21.14 27.46
CA ALA E 25 46.69 -21.64 28.82
C ALA E 25 46.88 -20.49 29.80
N VAL E 26 47.82 -19.58 29.47
CA VAL E 26 48.04 -18.42 30.33
C VAL E 26 46.76 -17.59 30.43
N LEU E 27 46.12 -17.32 29.30
CA LEU E 27 44.97 -16.43 29.30
C LEU E 27 43.82 -16.98 30.13
N ASN E 28 43.66 -18.30 30.16
CA ASN E 28 42.56 -18.89 30.91
C ASN E 28 42.92 -19.24 32.34
N VAL E 29 44.21 -19.30 32.69
CA VAL E 29 44.56 -19.56 34.09
C VAL E 29 44.71 -18.26 34.88
N THR E 30 45.32 -17.22 34.30
CA THR E 30 45.55 -16.00 35.07
C THR E 30 44.37 -15.04 35.01
N VAL E 31 43.26 -15.40 34.37
CA VAL E 31 42.10 -14.51 34.29
C VAL E 31 40.83 -15.30 34.58
N PRO E 32 39.82 -14.72 35.23
CA PRO E 32 38.53 -15.39 35.36
C PRO E 32 37.87 -15.58 34.00
N GLN E 33 36.72 -16.24 34.02
CA GLN E 33 36.02 -16.56 32.78
C GLN E 33 35.23 -15.35 32.28
N LEU E 34 34.69 -15.48 31.06
CA LEU E 34 33.91 -14.39 30.49
C LEU E 34 32.71 -14.06 31.35
N GLU E 35 31.98 -15.09 31.80
CA GLU E 35 30.73 -14.84 32.51
C GLU E 35 30.98 -14.14 33.83
N THR E 36 32.02 -14.53 34.56
CA THR E 36 32.31 -13.88 35.83
C THR E 36 32.70 -12.42 35.61
N VAL E 37 33.53 -12.15 34.60
CA VAL E 37 33.93 -10.77 34.32
C VAL E 37 32.71 -9.93 33.95
N GLY E 38 31.83 -10.48 33.11
CA GLY E 38 30.60 -9.77 32.80
C GLY E 38 29.74 -9.52 34.02
N GLN E 39 29.73 -10.47 34.95
CA GLN E 39 29.00 -10.29 36.21
C GLN E 39 29.55 -9.11 36.99
N ILE E 40 30.86 -9.10 37.22
CA ILE E 40 31.44 -8.09 38.10
C ILE E 40 31.36 -6.69 37.50
N GLN E 41 31.09 -6.58 36.21
CA GLN E 41 31.08 -5.29 35.51
C GLN E 41 29.84 -5.12 34.67
N ALA E 42 28.67 -5.40 35.25
CA ALA E 42 27.42 -5.19 34.54
C ALA E 42 27.15 -3.70 34.34
N VAL E 43 26.35 -3.40 33.32
CA VAL E 43 26.03 -2.03 32.95
C VAL E 43 24.51 -1.86 32.92
N SER E 44 24.07 -0.63 33.06
CA SER E 44 22.65 -0.34 33.10
C SER E 44 21.99 -0.65 31.76
N MET E 45 20.68 -0.89 31.80
CA MET E 45 19.91 -1.19 30.61
C MET E 45 19.30 0.05 29.98
N SER E 46 18.79 0.97 30.79
CA SER E 46 18.11 2.14 30.27
C SER E 46 19.12 3.25 30.00
N PRO E 47 19.19 3.81 28.78
CA PRO E 47 20.14 4.88 28.53
C PRO E 47 19.85 6.09 29.38
N ASP E 48 20.91 6.84 29.73
CA ASP E 48 20.75 7.98 30.61
C ASP E 48 19.88 9.06 29.99
N ALA E 49 19.83 9.14 28.66
CA ALA E 49 19.07 10.18 27.99
C ALA E 49 17.58 9.88 27.89
N ALA E 50 17.15 8.69 28.28
CA ALA E 50 15.75 8.34 28.19
C ALA E 50 14.94 9.21 29.13
N PRO E 51 13.83 9.81 28.69
CA PRO E 51 13.02 10.61 29.62
C PRO E 51 12.52 9.84 30.82
N SER E 52 12.28 8.53 30.69
CA SER E 52 11.86 7.73 31.83
C SER E 52 12.93 7.71 32.91
N MET E 53 14.19 7.47 32.51
CA MET E 53 15.27 7.43 33.47
C MET E 53 15.48 8.78 34.15
N ILE E 54 15.46 9.85 33.35
CA ILE E 54 15.62 11.20 33.91
C ILE E 54 14.49 11.48 34.89
N SER E 55 13.26 11.14 34.53
CA SER E 55 12.12 11.39 35.39
C SER E 55 12.22 10.61 36.69
N MET E 56 12.62 9.35 36.63
CA MET E 56 12.77 8.57 37.85
C MET E 56 13.85 9.17 38.74
N LYS E 57 14.98 9.56 38.16
CA LYS E 57 16.03 10.18 38.96
C LYS E 57 15.52 11.45 39.63
N HIS E 58 14.78 12.28 38.89
CA HIS E 58 14.34 13.55 39.44
C HIS E 58 13.27 13.36 40.51
N ILE E 59 12.36 12.41 40.31
CA ILE E 59 11.37 12.10 41.33
C ILE E 59 12.06 11.64 42.59
N GLY E 60 13.05 10.75 42.46
CA GLY E 60 13.79 10.32 43.63
C GLY E 60 14.49 11.47 44.33
N LYS E 61 15.10 12.37 43.56
CA LYS E 61 15.84 13.47 44.15
C LYS E 61 14.92 14.41 44.92
N VAL E 62 13.77 14.75 44.35
CA VAL E 62 12.92 15.76 44.98
C VAL E 62 12.31 15.24 46.27
N PHE E 63 11.91 13.97 46.28
CA PHE E 63 11.29 13.37 47.47
C PHE E 63 12.32 12.71 48.40
N GLU E 64 13.61 12.79 48.08
CA GLU E 64 14.65 12.24 48.94
C GLU E 64 14.39 10.77 49.23
N GLU E 65 14.15 10.00 48.17
CA GLU E 65 13.87 8.57 48.28
C GLU E 65 14.89 7.72 47.55
N GLY E 66 16.03 8.29 47.15
CA GLY E 66 17.07 7.56 46.47
C GLY E 66 17.26 8.04 45.04
N ASP E 67 18.29 7.47 44.41
CA ASP E 67 18.66 7.82 43.04
C ASP E 67 18.75 6.57 42.17
N SER E 68 17.90 5.59 42.44
CA SER E 68 17.87 4.34 41.68
C SER E 68 16.46 4.06 41.21
N ASP E 69 16.36 3.40 40.07
CA ASP E 69 15.07 3.04 39.50
C ASP E 69 14.53 1.71 40.00
N SER E 70 15.33 0.93 40.72
CA SER E 70 14.92 -0.41 41.13
C SER E 70 13.87 -0.35 42.23
N ALA E 71 12.99 -1.35 42.25
CA ALA E 71 11.92 -1.43 43.23
C ALA E 71 11.44 -2.87 43.33
N ALA E 72 10.78 -3.17 44.45
CA ALA E 72 10.19 -4.49 44.65
C ALA E 72 9.05 -4.37 45.64
N MET E 73 8.22 -5.41 45.68
CA MET E 73 6.99 -5.41 46.46
C MET E 73 7.00 -6.61 47.40
N ILE E 74 6.44 -6.43 48.59
CA ILE E 74 6.16 -7.54 49.50
C ILE E 74 4.66 -7.59 49.73
N VAL E 75 4.08 -8.78 49.51
CA VAL E 75 2.64 -8.98 49.53
C VAL E 75 2.31 -10.03 50.58
N LEU E 76 1.35 -9.70 51.44
CA LEU E 76 0.87 -10.58 52.50
C LEU E 76 -0.52 -11.06 52.15
N GLU E 77 -0.75 -12.37 52.17
CA GLU E 77 -2.06 -12.94 51.94
C GLU E 77 -2.38 -13.98 53.00
N GLY E 78 -3.66 -14.11 53.32
CA GLY E 78 -4.10 -15.05 54.34
C GLY E 78 -5.44 -15.63 54.00
N GLN E 79 -5.70 -16.83 54.55
CA GLN E 79 -6.97 -17.49 54.33
C GLN E 79 -8.12 -16.83 55.07
N ARG E 80 -7.82 -15.89 55.95
CA ARG E 80 -8.81 -15.15 56.71
C ARG E 80 -8.49 -13.67 56.63
N PRO E 81 -9.48 -12.80 56.73
CA PRO E 81 -9.21 -11.36 56.67
C PRO E 81 -8.12 -10.97 57.64
N LEU E 82 -7.16 -10.18 57.15
CA LEU E 82 -5.97 -9.87 57.93
C LEU E 82 -6.36 -9.12 59.21
N GLY E 83 -5.78 -9.55 60.33
CA GLY E 83 -6.13 -9.01 61.63
C GLY E 83 -4.99 -8.29 62.31
N ASP E 84 -5.01 -8.25 63.64
CA ASP E 84 -4.03 -7.47 64.39
C ASP E 84 -2.68 -8.17 64.47
N ALA E 85 -2.66 -9.50 64.48
CA ALA E 85 -1.38 -10.20 64.41
C ALA E 85 -0.67 -9.89 63.11
N ALA E 86 -1.42 -9.80 62.01
CA ALA E 86 -0.84 -9.39 60.74
C ALA E 86 -0.26 -7.99 60.83
N HIS E 87 -0.98 -7.07 61.49
CA HIS E 87 -0.46 -5.72 61.64
C HIS E 87 0.85 -5.71 62.42
N ALA E 88 0.91 -6.49 63.51
CA ALA E 88 2.14 -6.54 64.30
C ALA E 88 3.30 -7.11 63.48
N PHE E 89 3.04 -8.20 62.76
CA PHE E 89 4.08 -8.76 61.90
C PHE E 89 4.55 -7.75 60.88
N TYR E 90 3.62 -7.02 60.28
CA TYR E 90 3.98 -6.05 59.24
C TYR E 90 4.79 -4.91 59.82
N ASP E 91 4.43 -4.41 61.01
CA ASP E 91 5.20 -3.33 61.61
C ASP E 91 6.62 -3.79 61.95
N GLN E 92 6.76 -4.98 62.53
CA GLN E 92 8.10 -5.49 62.76
C GLN E 92 8.85 -5.68 61.45
N MET E 93 8.13 -6.06 60.39
CA MET E 93 8.73 -6.24 59.08
C MET E 93 9.33 -4.94 58.57
N ILE E 94 8.56 -3.85 58.61
CA ILE E 94 9.05 -2.58 58.11
C ILE E 94 10.19 -2.07 58.99
N GLY E 95 10.11 -2.30 60.30
CA GLY E 95 11.21 -1.91 61.16
C GLY E 95 12.50 -2.62 60.77
N ARG E 96 12.42 -3.94 60.59
CA ARG E 96 13.61 -4.70 60.20
C ARG E 96 14.14 -4.24 58.86
N LEU E 97 13.25 -4.00 57.89
CA LEU E 97 13.71 -3.57 56.57
C LEU E 97 14.42 -2.23 56.66
N GLN E 98 13.78 -1.23 57.27
CA GLN E 98 14.37 0.09 57.36
C GLN E 98 15.63 0.10 58.23
N ALA E 99 15.82 -0.92 59.07
CA ALA E 99 17.07 -1.00 59.83
C ALA E 99 18.28 -1.01 58.89
N ASP E 100 18.20 -1.77 57.80
CA ASP E 100 19.25 -1.75 56.79
C ASP E 100 19.29 -0.39 56.12
N THR E 101 20.50 0.06 55.79
CA THR E 101 20.70 1.32 55.08
C THR E 101 21.45 1.16 53.77
N THR E 102 22.36 0.20 53.67
CA THR E 102 23.16 0.00 52.47
C THR E 102 22.41 -0.72 51.35
N HIS E 103 21.23 -1.26 51.62
CA HIS E 103 20.46 -2.01 50.62
C HIS E 103 19.12 -1.37 50.30
N VAL E 104 18.33 -1.02 51.31
CA VAL E 104 17.03 -0.40 51.11
C VAL E 104 17.18 1.09 51.37
N GLN E 105 17.08 1.90 50.31
CA GLN E 105 17.28 3.33 50.46
C GLN E 105 16.08 4.00 51.12
N SER E 106 14.87 3.57 50.76
CA SER E 106 13.68 4.14 51.38
C SER E 106 12.53 3.15 51.21
N LEU E 107 11.53 3.31 52.06
CA LEU E 107 10.37 2.43 52.07
C LEU E 107 9.09 3.28 52.12
N GLN E 108 8.06 2.78 51.45
CA GLN E 108 6.79 3.50 51.30
C GLN E 108 5.73 2.82 52.15
N ASP E 109 5.36 3.46 53.24
CA ASP E 109 4.49 2.88 54.25
C ASP E 109 3.08 3.45 54.08
N PHE E 110 2.19 2.67 53.47
CA PHE E 110 0.78 3.02 53.40
C PHE E 110 -0.08 2.26 54.40
N TRP E 111 0.03 0.92 54.42
CA TRP E 111 -0.93 0.12 55.17
C TRP E 111 -0.98 0.53 56.64
N GLY E 112 0.17 0.89 57.21
CA GLY E 112 0.18 1.31 58.60
C GLY E 112 -0.76 2.48 58.85
N ASP E 113 -0.77 3.45 57.96
CA ASP E 113 -1.62 4.62 58.13
C ASP E 113 -3.08 4.23 57.92
N PRO E 114 -3.96 4.42 58.91
CA PRO E 114 -5.37 4.09 58.69
C PRO E 114 -6.05 4.94 57.64
N LEU E 115 -5.51 6.12 57.31
CA LEU E 115 -6.14 6.95 56.28
C LEU E 115 -6.03 6.29 54.91
N THR E 116 -4.85 5.80 54.56
CA THR E 116 -4.61 5.20 53.25
C THR E 116 -4.69 3.67 53.28
N ALA E 117 -4.92 3.08 54.45
CA ALA E 117 -5.00 1.63 54.52
C ALA E 117 -6.10 1.09 53.60
N THR E 118 -7.19 1.84 53.45
CA THR E 118 -8.26 1.38 52.56
C THR E 118 -7.78 1.25 51.14
N GLY E 119 -6.87 2.13 50.70
CA GLY E 119 -6.31 2.03 49.37
C GLY E 119 -5.17 1.04 49.26
N ALA E 120 -4.50 0.74 50.36
CA ALA E 120 -3.39 -0.19 50.35
C ALA E 120 -3.80 -1.64 50.61
N GLN E 121 -5.10 -1.91 50.76
CA GLN E 121 -5.57 -3.23 51.11
C GLN E 121 -6.63 -3.69 50.12
N SER E 122 -6.66 -4.99 49.86
CA SER E 122 -7.63 -5.54 48.93
C SER E 122 -9.04 -5.23 49.40
N SER E 123 -9.99 -5.36 48.47
CA SER E 123 -11.39 -5.06 48.80
C SER E 123 -11.94 -6.03 49.84
N ASP E 124 -11.65 -7.32 49.70
CA ASP E 124 -12.15 -8.32 50.62
C ASP E 124 -11.29 -8.50 51.85
N GLY E 125 -10.16 -7.79 51.94
CA GLY E 125 -9.37 -7.76 53.16
C GLY E 125 -8.37 -8.87 53.31
N LYS E 126 -8.15 -9.69 52.30
CA LYS E 126 -7.28 -10.86 52.40
C LYS E 126 -5.87 -10.61 51.90
N ALA E 127 -5.51 -9.37 51.55
CA ALA E 127 -4.19 -9.11 51.00
C ALA E 127 -3.75 -7.69 51.32
N ALA E 128 -2.44 -7.47 51.26
CA ALA E 128 -1.85 -6.16 51.45
C ALA E 128 -0.47 -6.17 50.80
N TYR E 129 0.11 -4.97 50.65
CA TYR E 129 1.39 -4.87 49.96
C TYR E 129 2.11 -3.60 50.39
N VAL E 130 3.41 -3.56 50.10
CA VAL E 130 4.28 -2.43 50.40
C VAL E 130 5.38 -2.39 49.35
N GLN E 131 5.88 -1.18 49.07
CA GLN E 131 6.94 -1.01 48.08
C GLN E 131 8.23 -0.52 48.74
N VAL E 132 9.32 -1.25 48.47
CA VAL E 132 10.64 -0.91 48.97
C VAL E 132 11.54 -0.63 47.77
N LYS E 133 12.36 0.41 47.87
CA LYS E 133 13.27 0.80 46.81
C LYS E 133 14.67 0.28 47.12
N LEU E 134 15.23 -0.46 46.18
CA LEU E 134 16.51 -1.14 46.38
C LEU E 134 17.64 -0.22 45.94
N ALA E 135 18.85 -0.76 45.86
CA ALA E 135 20.04 -0.02 45.46
C ALA E 135 20.66 -0.67 44.24
N GLY E 136 21.04 0.15 43.26
CA GLY E 136 21.62 -0.37 42.03
C GLY E 136 20.61 -0.42 40.90
N ASN E 137 20.89 0.33 39.83
CA ASN E 137 19.93 0.43 38.74
C ASN E 137 19.72 -0.93 38.08
N GLN E 138 18.71 -1.00 37.22
CA GLN E 138 18.36 -2.25 36.56
C GLN E 138 19.51 -2.78 35.73
N GLY E 139 19.71 -4.09 35.78
CA GLY E 139 20.77 -4.75 35.05
C GLY E 139 22.09 -4.83 35.78
N GLU E 140 22.26 -4.05 36.85
CA GLU E 140 23.47 -4.08 37.64
C GLU E 140 23.39 -5.18 38.70
N SER E 141 24.57 -5.64 39.12
CA SER E 141 24.63 -6.68 40.15
C SER E 141 24.30 -6.14 41.54
N LEU E 142 24.45 -4.83 41.74
CA LEU E 142 24.09 -4.23 43.02
C LEU E 142 22.63 -4.48 43.34
N ALA E 143 21.75 -4.29 42.36
CA ALA E 143 20.33 -4.56 42.57
C ALA E 143 20.10 -6.03 42.92
N ASN E 144 20.81 -6.93 42.24
CA ASN E 144 20.62 -8.35 42.49
C ASN E 144 20.99 -8.71 43.93
N GLU E 145 22.18 -8.27 44.38
CA GLU E 145 22.57 -8.58 45.74
C GLU E 145 21.64 -7.92 46.75
N SER E 146 21.17 -6.71 46.43
CA SER E 146 20.25 -6.02 47.34
C SER E 146 18.94 -6.77 47.50
N VAL E 147 18.38 -7.25 46.38
CA VAL E 147 17.11 -7.97 46.45
C VAL E 147 17.31 -9.33 47.13
N GLU E 148 18.45 -9.99 46.90
CA GLU E 148 18.73 -11.21 47.63
C GLU E 148 18.77 -10.95 49.13
N ALA E 149 19.40 -9.85 49.54
CA ALA E 149 19.45 -9.49 50.95
C ALA E 149 18.07 -9.27 51.52
N VAL E 150 17.22 -8.55 50.78
CA VAL E 150 15.86 -8.29 51.26
C VAL E 150 15.09 -9.60 51.38
N LYS E 151 15.27 -10.50 50.42
CA LYS E 151 14.58 -11.79 50.50
C LYS E 151 15.01 -12.57 51.73
N THR E 152 16.31 -12.55 52.06
CA THR E 152 16.75 -13.28 53.23
C THR E 152 16.22 -12.63 54.52
N ILE E 153 16.17 -11.30 54.56
CA ILE E 153 15.56 -10.63 55.71
C ILE E 153 14.09 -11.02 55.84
N VAL E 154 13.42 -11.18 54.71
CA VAL E 154 12.01 -11.58 54.73
C VAL E 154 11.87 -12.98 55.33
N GLU E 155 12.67 -13.92 54.84
CA GLU E 155 12.50 -15.31 55.26
C GLU E 155 13.07 -15.59 56.64
N ARG E 156 13.90 -14.71 57.20
CA ARG E 156 14.49 -15.01 58.50
C ARG E 156 13.44 -15.10 59.60
N LEU E 157 12.45 -14.21 59.61
CA LEU E 157 11.49 -14.14 60.70
C LEU E 157 10.24 -14.96 60.36
N ALA E 158 9.68 -15.61 61.39
CA ALA E 158 8.54 -16.51 61.24
C ALA E 158 7.23 -15.71 61.22
N PRO E 159 6.36 -15.92 60.23
CA PRO E 159 5.12 -15.14 60.17
C PRO E 159 4.06 -15.71 61.09
N PRO E 160 2.95 -15.00 61.28
CA PRO E 160 1.83 -15.58 62.03
C PRO E 160 1.27 -16.79 61.30
N PRO E 161 0.42 -17.57 61.96
CA PRO E 161 -0.19 -18.73 61.28
C PRO E 161 -1.28 -18.30 60.32
N GLY E 162 -1.35 -18.99 59.18
CA GLY E 162 -2.38 -18.73 58.19
C GLY E 162 -2.07 -17.62 57.22
N VAL E 163 -0.86 -17.07 57.21
CA VAL E 163 -0.46 -16.02 56.29
C VAL E 163 0.89 -16.39 55.69
N LYS E 164 1.04 -16.18 54.39
CA LYS E 164 2.31 -16.33 53.69
C LYS E 164 2.78 -14.96 53.22
N VAL E 165 4.09 -14.86 52.99
CA VAL E 165 4.72 -13.60 52.59
C VAL E 165 5.61 -13.87 51.40
N TYR E 166 5.50 -13.04 50.36
CA TYR E 166 6.26 -13.20 49.13
C TYR E 166 6.93 -11.88 48.76
N VAL E 167 7.93 -11.99 47.89
CA VAL E 167 8.63 -10.85 47.32
C VAL E 167 8.40 -10.87 45.81
N THR E 168 8.08 -9.70 45.25
CA THR E 168 7.65 -9.58 43.88
C THR E 168 8.23 -8.29 43.31
N GLY E 169 7.74 -7.88 42.15
CA GLY E 169 8.21 -6.68 41.47
C GLY E 169 9.22 -7.03 40.39
N SER E 170 9.58 -5.99 39.63
CA SER E 170 10.50 -6.18 38.52
C SER E 170 11.88 -6.63 38.99
N ALA E 171 12.34 -6.08 40.12
CA ALA E 171 13.67 -6.44 40.60
C ALA E 171 13.78 -7.93 40.87
N ALA E 172 12.79 -8.49 41.57
CA ALA E 172 12.79 -9.92 41.82
C ALA E 172 12.74 -10.69 40.51
N LEU E 173 11.94 -10.21 39.56
CA LEU E 173 11.81 -10.91 38.28
C LEU E 173 13.15 -10.99 37.57
N VAL E 174 13.84 -9.87 37.43
CA VAL E 174 15.11 -9.87 36.71
C VAL E 174 16.15 -10.72 37.45
N ALA E 175 16.23 -10.56 38.77
CA ALA E 175 17.22 -11.33 39.53
C ALA E 175 16.99 -12.81 39.36
N ASP E 176 15.76 -13.27 39.60
CA ASP E 176 15.49 -14.69 39.58
C ASP E 176 15.47 -15.23 38.15
N GLN E 177 15.20 -14.37 37.16
CA GLN E 177 15.39 -14.77 35.77
C GLN E 177 16.86 -15.07 35.50
N GLN E 178 17.76 -14.22 36.01
CA GLN E 178 19.18 -14.50 35.82
C GLN E 178 19.58 -15.80 36.51
N GLN E 179 19.06 -16.03 37.72
CA GLN E 179 19.36 -17.29 38.39
C GLN E 179 18.83 -18.47 37.59
N ALA E 180 17.61 -18.36 37.07
CA ALA E 180 17.02 -19.44 36.28
C ALA E 180 17.86 -19.72 35.03
N GLY E 181 18.28 -18.67 34.35
CA GLY E 181 19.18 -18.86 33.21
C GLY E 181 20.46 -19.55 33.62
N ASP E 182 21.00 -19.18 34.79
CA ASP E 182 22.21 -19.84 35.27
C ASP E 182 21.99 -21.33 35.46
N ARG E 183 20.83 -21.71 35.98
CA ARG E 183 20.56 -23.11 36.33
C ARG E 183 19.94 -23.91 35.18
N SER E 184 19.78 -23.34 33.99
CA SER E 184 19.06 -23.98 32.90
C SER E 184 19.94 -24.15 31.66
N LEU E 185 21.20 -24.54 31.86
CA LEU E 185 22.15 -24.79 30.77
C LEU E 185 22.86 -26.12 30.98
N GLN E 186 22.11 -27.18 31.30
CA GLN E 186 22.72 -28.49 31.48
C GLN E 186 22.14 -29.53 30.52
N VAL E 187 20.83 -29.75 30.52
CA VAL E 187 20.26 -30.78 29.66
C VAL E 187 20.29 -30.32 28.21
N ILE E 188 20.01 -29.03 27.98
CA ILE E 188 20.04 -28.51 26.62
C ILE E 188 21.47 -28.56 26.09
N GLU E 189 22.46 -28.32 26.96
CA GLU E 189 23.85 -28.50 26.54
C GLU E 189 24.15 -29.96 26.20
N ALA E 190 23.64 -30.90 27.00
CA ALA E 190 23.86 -32.32 26.68
C ALA E 190 23.31 -32.67 25.30
N VAL E 191 22.05 -32.29 25.04
CA VAL E 191 21.45 -32.62 23.76
C VAL E 191 22.17 -31.87 22.63
N THR E 192 22.62 -30.65 22.88
CA THR E 192 23.38 -29.93 21.88
C THR E 192 24.66 -30.67 21.52
N PHE E 193 25.38 -31.17 22.53
CA PHE E 193 26.61 -31.89 22.25
C PHE E 193 26.34 -33.15 21.43
N THR E 194 25.30 -33.91 21.80
CA THR E 194 25.03 -35.14 21.06
C THR E 194 24.59 -34.84 19.63
N VAL E 195 23.78 -33.81 19.43
CA VAL E 195 23.36 -33.47 18.07
C VAL E 195 24.56 -33.00 17.26
N ILE E 196 25.46 -32.22 17.86
CA ILE E 196 26.66 -31.80 17.16
C ILE E 196 27.44 -33.02 16.69
N ILE E 197 27.66 -33.98 17.58
CA ILE E 197 28.53 -35.09 17.21
C ILE E 197 27.87 -35.97 16.15
N VAL E 198 26.56 -36.20 16.26
CA VAL E 198 25.90 -37.00 15.22
C VAL E 198 25.95 -36.28 13.89
N MET E 199 25.75 -34.96 13.89
CA MET E 199 25.75 -34.23 12.63
C MET E 199 27.14 -34.24 12.00
N LEU E 200 28.18 -34.10 12.82
CA LEU E 200 29.53 -34.18 12.27
C LEU E 200 29.81 -35.55 11.68
N LEU E 201 29.41 -36.61 12.40
CA LEU E 201 29.60 -37.96 11.87
C LEU E 201 28.79 -38.15 10.60
N LEU E 202 27.70 -37.41 10.43
CA LEU E 202 26.94 -37.49 9.20
C LEU E 202 27.65 -36.78 8.06
N VAL E 203 28.22 -35.60 8.33
CA VAL E 203 28.89 -34.83 7.28
C VAL E 203 30.14 -35.54 6.79
N TYR E 204 31.00 -35.99 7.71
CA TYR E 204 32.26 -36.60 7.33
C TYR E 204 32.22 -38.12 7.29
N ARG E 205 31.23 -38.73 7.94
CA ARG E 205 31.20 -40.18 8.14
C ARG E 205 32.57 -40.70 8.55
N SER E 206 33.23 -39.97 9.46
CA SER E 206 34.46 -40.44 10.09
C SER E 206 34.55 -39.83 11.47
N ILE E 207 35.35 -40.46 12.33
CA ILE E 207 35.45 -40.05 13.73
C ILE E 207 36.70 -39.23 13.95
N ILE E 208 37.77 -39.56 13.21
CA ILE E 208 39.02 -38.82 13.38
C ILE E 208 38.90 -37.41 12.82
N THR E 209 38.29 -37.28 11.63
CA THR E 209 38.21 -35.97 11.00
C THR E 209 37.28 -35.03 11.76
N SER E 210 36.14 -35.55 12.22
CA SER E 210 35.28 -34.76 13.08
C SER E 210 36.02 -34.33 14.33
N ALA E 211 36.87 -35.23 14.85
CA ALA E 211 37.66 -34.89 16.03
C ALA E 211 38.61 -33.74 15.74
N ILE E 212 39.27 -33.75 14.58
CA ILE E 212 40.19 -32.68 14.25
C ILE E 212 39.45 -31.36 14.08
N MET E 213 38.29 -31.39 13.41
CA MET E 213 37.54 -30.17 13.21
C MET E 213 37.06 -29.61 14.55
N LEU E 214 36.56 -30.48 15.42
CA LEU E 214 36.17 -30.03 16.74
C LEU E 214 37.36 -29.47 17.52
N THR E 215 38.53 -30.08 17.34
CA THR E 215 39.74 -29.54 17.95
C THR E 215 39.96 -28.09 17.51
N MET E 216 39.88 -27.85 16.20
CA MET E 216 40.08 -26.48 15.71
C MET E 216 39.04 -25.54 16.28
N VAL E 217 37.78 -25.95 16.28
CA VAL E 217 36.72 -25.08 16.78
C VAL E 217 36.96 -24.73 18.24
N VAL E 218 37.32 -25.73 19.06
CA VAL E 218 37.46 -25.50 20.49
C VAL E 218 38.70 -24.65 20.78
N LEU E 219 39.80 -24.89 20.08
CA LEU E 219 40.96 -24.02 20.28
C LEU E 219 40.65 -22.58 19.91
N GLY E 220 39.95 -22.38 18.78
CA GLY E 220 39.58 -21.01 18.42
C GLY E 220 38.68 -20.37 19.46
N LEU E 221 37.70 -21.13 19.97
CA LEU E 221 36.80 -20.61 20.97
C LEU E 221 37.56 -20.24 22.24
N LEU E 222 38.46 -21.11 22.68
CA LEU E 222 39.23 -20.83 23.89
C LEU E 222 40.09 -19.60 23.69
N ALA E 223 40.72 -19.47 22.53
CA ALA E 223 41.56 -18.30 22.28
C ALA E 223 40.75 -17.02 22.36
N THR E 224 39.61 -16.97 21.67
CA THR E 224 38.80 -15.75 21.68
C THR E 224 38.27 -15.45 23.08
N ARG E 225 37.80 -16.48 23.79
CA ARG E 225 37.29 -16.27 25.14
C ARG E 225 38.37 -15.71 26.05
N GLY E 226 39.53 -16.36 26.08
CA GLY E 226 40.60 -15.89 26.93
C GLY E 226 41.04 -14.48 26.58
N GLY E 227 41.17 -14.19 25.28
CA GLY E 227 41.61 -12.85 24.89
C GLY E 227 40.64 -11.78 25.34
N VAL E 228 39.35 -11.98 25.07
CA VAL E 228 38.37 -10.95 25.44
C VAL E 228 38.29 -10.82 26.94
N ALA E 229 38.35 -11.94 27.67
CA ALA E 229 38.33 -11.88 29.12
C ALA E 229 39.52 -11.11 29.66
N PHE E 230 40.70 -11.35 29.11
CA PHE E 230 41.89 -10.64 29.55
C PHE E 230 41.76 -9.15 29.30
N LEU E 231 41.32 -8.78 28.09
CA LEU E 231 41.21 -7.36 27.77
C LEU E 231 40.18 -6.67 28.64
N GLY E 232 39.08 -7.35 28.94
CA GLY E 232 38.05 -6.74 29.78
C GLY E 232 38.36 -6.76 31.26
N PHE E 233 39.25 -7.65 31.70
CA PHE E 233 39.54 -7.78 33.12
C PHE E 233 40.16 -6.51 33.69
N HIS E 234 41.07 -5.89 32.94
CA HIS E 234 41.77 -4.69 33.39
C HIS E 234 41.05 -3.41 33.01
N ARG E 235 39.73 -3.47 32.86
CA ARG E 235 38.90 -2.28 32.62
C ARG E 235 39.29 -1.54 31.34
N ILE E 236 39.90 -2.24 30.38
CA ILE E 236 40.22 -1.61 29.10
C ILE E 236 38.94 -1.35 28.30
N ILE E 237 38.06 -2.35 28.24
CA ILE E 237 36.82 -2.26 27.49
C ILE E 237 35.66 -2.69 28.39
N GLY E 238 34.47 -2.19 28.06
CA GLY E 238 33.28 -2.50 28.84
C GLY E 238 32.57 -3.74 28.33
N LEU E 239 32.01 -4.51 29.27
CA LEU E 239 31.37 -5.78 28.95
C LEU E 239 30.01 -5.87 29.63
N SER E 240 29.23 -6.86 29.20
CA SER E 240 27.92 -7.14 29.76
C SER E 240 27.56 -8.57 29.37
N THR E 241 26.66 -9.17 30.15
CA THR E 241 26.35 -10.59 29.95
C THR E 241 25.81 -10.84 28.54
N PHE E 242 25.00 -9.90 28.04
CA PHE E 242 24.47 -10.03 26.69
C PHE E 242 25.59 -10.10 25.67
N ALA E 243 26.59 -9.24 25.83
CA ALA E 243 27.75 -9.26 24.95
C ALA E 243 28.47 -10.60 25.02
N THR E 244 28.64 -11.15 26.22
CA THR E 244 29.32 -12.44 26.35
C THR E 244 28.56 -13.54 25.64
N ASN E 245 27.24 -13.58 25.82
CA ASN E 245 26.45 -14.62 25.17
C ASN E 245 26.59 -14.56 23.66
N LEU E 246 26.36 -13.37 23.08
CA LEU E 246 26.46 -13.25 21.63
C LEU E 246 27.88 -13.53 21.16
N LEU E 247 28.89 -13.10 21.92
CA LEU E 247 30.26 -13.35 21.51
C LEU E 247 30.55 -14.83 21.45
N VAL E 248 30.10 -15.59 22.44
CA VAL E 248 30.32 -17.04 22.41
C VAL E 248 29.67 -17.65 21.18
N VAL E 249 28.39 -17.34 20.96
CA VAL E 249 27.68 -18.01 19.85
C VAL E 249 28.32 -17.65 18.52
N LEU E 250 28.62 -16.36 18.30
CA LEU E 250 29.21 -15.94 17.06
C LEU E 250 30.60 -16.54 16.88
N ALA E 251 31.35 -16.71 17.97
CA ALA E 251 32.66 -17.33 17.88
C ALA E 251 32.54 -18.76 17.37
N ILE E 252 31.60 -19.52 17.91
CA ILE E 252 31.42 -20.89 17.40
C ILE E 252 31.03 -20.86 15.93
N ALA E 253 30.11 -19.96 15.57
CA ALA E 253 29.66 -19.91 14.18
C ALA E 253 30.83 -19.68 13.23
N ALA E 254 31.61 -18.63 13.49
CA ALA E 254 32.72 -18.30 12.60
C ALA E 254 33.78 -19.39 12.60
N ALA E 255 34.10 -19.93 13.77
CA ALA E 255 35.15 -20.94 13.86
C ALA E 255 34.78 -22.18 13.07
N THR E 256 33.54 -22.66 13.22
CA THR E 256 33.14 -23.84 12.45
C THR E 256 33.10 -23.52 10.96
N ASP E 257 32.64 -22.32 10.59
CA ASP E 257 32.64 -21.95 9.17
C ASP E 257 34.03 -22.08 8.58
N TYR E 258 35.02 -21.45 9.21
CA TYR E 258 36.36 -21.44 8.63
C TYR E 258 36.99 -22.83 8.66
N ALA E 259 36.75 -23.59 9.73
CA ALA E 259 37.31 -24.93 9.80
C ALA E 259 36.77 -25.81 8.67
N ILE E 260 35.45 -25.77 8.46
CA ILE E 260 34.90 -26.61 7.41
C ILE E 260 35.37 -26.11 6.05
N PHE E 261 35.49 -24.79 5.86
CA PHE E 261 36.01 -24.28 4.59
C PHE E 261 37.37 -24.87 4.28
N LEU E 262 38.30 -24.77 5.22
CA LEU E 262 39.66 -25.23 4.97
C LEU E 262 39.70 -26.73 4.76
N ILE E 263 39.03 -27.49 5.61
CA ILE E 263 39.05 -28.94 5.47
C ILE E 263 38.43 -29.36 4.15
N GLY E 264 37.29 -28.76 3.79
CA GLY E 264 36.63 -29.15 2.56
C GLY E 264 37.44 -28.84 1.33
N ARG E 265 38.09 -27.67 1.30
CA ARG E 265 38.91 -27.34 0.14
C ARG E 265 40.11 -28.28 0.05
N TYR E 266 40.76 -28.57 1.17
CA TYR E 266 41.87 -29.52 1.14
C TYR E 266 41.40 -30.89 0.67
N GLN E 267 40.27 -31.36 1.18
CA GLN E 267 39.76 -32.67 0.82
C GLN E 267 39.41 -32.74 -0.66
N GLU E 268 38.77 -31.70 -1.18
CA GLU E 268 38.43 -31.69 -2.60
C GLU E 268 39.70 -31.71 -3.44
N ALA E 269 40.66 -30.85 -3.10
CA ALA E 269 41.91 -30.82 -3.87
C ALA E 269 42.58 -32.19 -3.85
N ARG E 270 42.57 -32.86 -2.70
CA ARG E 270 43.09 -34.22 -2.64
C ARG E 270 42.30 -35.14 -3.56
N GLY E 271 40.98 -35.00 -3.58
CA GLY E 271 40.16 -35.84 -4.43
C GLY E 271 40.51 -35.68 -5.90
N LEU E 272 40.84 -34.45 -6.31
CA LEU E 272 41.21 -34.24 -7.71
C LEU E 272 42.47 -35.01 -8.09
N GLY E 273 43.26 -35.45 -7.10
CA GLY E 273 44.34 -36.38 -7.36
C GLY E 273 45.73 -35.80 -7.25
N GLN E 274 45.93 -34.92 -6.27
CA GLN E 274 47.24 -34.33 -6.02
C GLN E 274 47.87 -34.95 -4.77
N ASP E 275 49.10 -34.56 -4.49
CA ASP E 275 49.83 -35.07 -3.34
C ASP E 275 49.40 -34.32 -2.08
N ARG E 276 50.12 -34.52 -0.98
CA ARG E 276 49.74 -33.96 0.31
C ARG E 276 50.28 -32.57 0.56
N GLU E 277 51.11 -32.04 -0.33
CA GLU E 277 51.67 -30.69 -0.18
C GLU E 277 51.02 -29.69 -1.12
N SER E 278 51.01 -29.97 -2.41
CA SER E 278 50.32 -29.10 -3.36
C SER E 278 48.87 -28.90 -2.97
N ALA E 279 48.24 -29.91 -2.36
CA ALA E 279 46.88 -29.74 -1.88
C ALA E 279 46.81 -28.66 -0.80
N TYR E 280 47.76 -28.69 0.13
CA TYR E 280 47.81 -27.66 1.16
C TYR E 280 48.01 -26.28 0.54
N TYR E 281 48.92 -26.19 -0.43
CA TYR E 281 49.18 -24.89 -1.04
C TYR E 281 47.96 -24.37 -1.79
N THR E 282 47.25 -25.24 -2.51
CA THR E 282 46.10 -24.78 -3.27
C THR E 282 44.94 -24.41 -2.35
N MET E 283 44.71 -25.17 -1.28
CA MET E 283 43.64 -24.77 -0.37
C MET E 283 43.95 -23.44 0.30
N PHE E 284 45.20 -23.23 0.71
CA PHE E 284 45.55 -21.94 1.27
C PHE E 284 45.32 -20.83 0.24
N GLY E 285 45.90 -20.98 -0.95
CA GLY E 285 45.80 -19.93 -1.94
C GLY E 285 44.39 -19.67 -2.42
N GLY E 286 43.49 -20.64 -2.25
CA GLY E 286 42.12 -20.46 -2.69
C GLY E 286 41.16 -20.03 -1.61
N THR E 287 41.52 -20.16 -0.34
CA THR E 287 40.61 -19.84 0.75
C THR E 287 41.08 -18.71 1.66
N ALA E 288 42.37 -18.38 1.69
CA ALA E 288 42.87 -17.43 2.67
C ALA E 288 42.24 -16.06 2.49
N HIS E 289 42.19 -15.56 1.26
CA HIS E 289 41.63 -14.23 1.04
C HIS E 289 40.14 -14.19 1.36
N VAL E 290 39.42 -15.27 1.06
CA VAL E 290 38.00 -15.33 1.40
C VAL E 290 37.82 -15.22 2.91
N VAL E 291 38.61 -16.00 3.67
CA VAL E 291 38.50 -15.96 5.12
C VAL E 291 38.81 -14.56 5.63
N LEU E 292 39.89 -13.97 5.11
CA LEU E 292 40.31 -12.65 5.59
C LEU E 292 39.24 -11.60 5.33
N GLY E 293 38.70 -11.58 4.10
CA GLY E 293 37.68 -10.60 3.78
C GLY E 293 36.42 -10.78 4.59
N SER E 294 35.95 -12.02 4.72
CA SER E 294 34.76 -12.27 5.51
C SER E 294 34.94 -11.79 6.95
N GLY E 295 36.06 -12.18 7.57
CA GLY E 295 36.28 -11.80 8.94
C GLY E 295 36.36 -10.30 9.13
N LEU E 296 37.09 -9.62 8.25
CA LEU E 296 37.25 -8.18 8.43
C LEU E 296 35.95 -7.44 8.17
N THR E 297 35.15 -7.88 7.20
CA THR E 297 33.88 -7.19 6.98
C THR E 297 32.93 -7.40 8.16
N ILE E 298 32.91 -8.61 8.73
CA ILE E 298 32.08 -8.83 9.91
C ILE E 298 32.56 -7.95 11.06
N ALA E 299 33.87 -7.85 11.25
CA ALA E 299 34.41 -7.02 12.31
C ALA E 299 34.03 -5.56 12.10
N GLY E 300 34.14 -5.08 10.87
CA GLY E 300 33.78 -3.69 10.60
C GLY E 300 32.31 -3.39 10.84
N ALA E 301 31.43 -4.28 10.38
CA ALA E 301 30.01 -4.08 10.62
C ALA E 301 29.70 -4.07 12.11
N THR E 302 30.25 -5.04 12.85
CA THR E 302 29.99 -5.11 14.28
C THR E 302 30.55 -3.90 15.00
N PHE E 303 31.69 -3.37 14.54
CA PHE E 303 32.21 -2.15 15.17
C PHE E 303 31.29 -0.97 14.90
N CYS E 304 30.84 -0.82 13.64
CA CYS E 304 29.92 0.27 13.33
C CYS E 304 28.61 0.14 14.09
N LEU E 305 28.32 -1.06 14.58
CA LEU E 305 27.14 -1.26 15.43
C LEU E 305 27.25 -0.51 16.75
N SER E 306 28.42 0.02 17.08
CA SER E 306 28.62 0.74 18.33
C SER E 306 28.30 2.22 18.24
N PHE E 307 27.74 2.68 17.11
CA PHE E 307 27.44 4.08 16.90
C PHE E 307 25.99 4.44 17.26
N THR E 308 25.30 3.56 17.98
CA THR E 308 23.88 3.72 18.24
C THR E 308 23.66 4.36 19.61
N ARG E 309 22.40 4.43 20.04
CA ARG E 309 22.02 5.05 21.30
C ARG E 309 21.09 4.14 22.10
N LEU E 310 21.47 2.89 22.24
CA LEU E 310 20.75 1.94 23.08
C LEU E 310 21.74 0.99 23.74
N PRO E 311 21.77 0.90 25.07
CA PRO E 311 22.85 0.14 25.73
C PRO E 311 22.94 -1.31 25.28
N TYR E 312 21.83 -1.94 24.89
CA TYR E 312 21.89 -3.33 24.48
C TYR E 312 22.81 -3.51 23.27
N PHE E 313 22.91 -2.50 22.41
CA PHE E 313 23.73 -2.55 21.22
C PHE E 313 25.01 -1.74 21.29
N GLN E 314 24.98 -0.59 21.96
CA GLN E 314 26.16 0.27 22.03
C GLN E 314 27.33 -0.44 22.68
N THR E 315 27.08 -1.12 23.80
CA THR E 315 28.13 -1.79 24.56
C THR E 315 28.51 -3.14 23.97
N LEU E 316 28.23 -3.34 22.70
CA LEU E 316 28.30 -4.66 22.08
C LEU E 316 29.24 -4.72 20.89
N GLY E 317 29.67 -3.58 20.35
CA GLY E 317 30.48 -3.56 19.15
C GLY E 317 31.93 -3.92 19.36
N VAL E 318 32.58 -3.27 20.33
CA VAL E 318 34.01 -3.48 20.53
C VAL E 318 34.33 -4.93 20.92
N PRO E 319 33.63 -5.54 21.88
CA PRO E 319 33.95 -6.94 22.20
C PRO E 319 33.87 -7.86 21.00
N LEU E 320 32.85 -7.71 20.16
CA LEU E 320 32.73 -8.60 19.01
C LEU E 320 33.76 -8.28 17.93
N ALA E 321 34.09 -7.00 17.75
CA ALA E 321 35.14 -6.67 16.78
C ALA E 321 36.45 -7.34 17.17
N ILE E 322 36.84 -7.20 18.44
CA ILE E 322 38.10 -7.80 18.88
C ILE E 322 38.00 -9.33 18.86
N GLY E 323 36.86 -9.88 19.25
CA GLY E 323 36.71 -11.33 19.20
C GLY E 323 36.85 -11.87 17.78
N MET E 324 36.24 -11.19 16.81
CA MET E 324 36.33 -11.65 15.43
C MET E 324 37.74 -11.50 14.90
N VAL E 325 38.46 -10.45 15.30
CA VAL E 325 39.86 -10.33 14.91
C VAL E 325 40.65 -11.52 15.44
N ILE E 326 40.44 -11.86 16.71
CA ILE E 326 41.15 -13.00 17.29
C ILE E 326 40.82 -14.28 16.55
N VAL E 327 39.53 -14.48 16.25
CA VAL E 327 39.11 -15.70 15.57
C VAL E 327 39.75 -15.78 14.19
N VAL E 328 39.82 -14.66 13.47
CA VAL E 328 40.41 -14.68 12.14
C VAL E 328 41.89 -15.02 12.22
N ALA E 329 42.60 -14.38 13.15
CA ALA E 329 44.03 -14.66 13.28
C ALA E 329 44.27 -16.13 13.61
N ALA E 330 43.49 -16.67 14.53
CA ALA E 330 43.63 -18.08 14.89
C ALA E 330 43.36 -18.96 13.68
N ALA E 331 42.24 -18.74 12.99
CA ALA E 331 41.87 -19.60 11.88
C ALA E 331 42.90 -19.52 10.76
N LEU E 332 43.57 -18.38 10.60
CA LEU E 332 44.54 -18.23 9.52
C LEU E 332 45.89 -18.84 9.87
N THR E 333 46.33 -18.73 11.13
CA THR E 333 47.66 -19.22 11.51
C THR E 333 47.64 -20.63 12.08
N LEU E 334 46.81 -20.90 13.09
CA LEU E 334 46.77 -22.23 13.68
C LEU E 334 46.18 -23.23 12.70
N GLY E 335 45.15 -22.84 11.95
CA GLY E 335 44.45 -23.74 11.08
C GLY E 335 45.36 -24.44 10.09
N PRO E 336 45.89 -23.68 9.13
CA PRO E 336 46.77 -24.31 8.12
C PRO E 336 47.90 -25.10 8.74
N ALA E 337 48.45 -24.61 9.86
CA ALA E 337 49.50 -25.35 10.54
C ALA E 337 49.00 -26.71 11.00
N ILE E 338 47.80 -26.76 11.57
CA ILE E 338 47.32 -28.02 12.11
C ILE E 338 46.98 -28.98 10.99
N ILE E 339 46.41 -28.49 9.88
CA ILE E 339 46.19 -29.37 8.73
C ILE E 339 47.53 -29.91 8.23
N ALA E 340 48.54 -29.05 8.14
CA ALA E 340 49.83 -29.49 7.62
C ALA E 340 50.44 -30.58 8.50
N VAL E 341 50.48 -30.34 9.81
CA VAL E 341 51.11 -31.31 10.70
C VAL E 341 50.32 -32.60 10.75
N THR E 342 48.99 -32.51 10.73
CA THR E 342 48.18 -33.72 10.78
C THR E 342 48.33 -34.55 9.50
N SER E 343 48.37 -33.89 8.34
CA SER E 343 48.48 -34.62 7.08
C SER E 343 49.87 -35.20 6.90
N ARG E 344 50.91 -34.47 7.32
CA ARG E 344 52.27 -34.98 7.18
C ARG E 344 52.47 -36.23 8.03
N PHE E 345 51.91 -36.24 9.24
CA PHE E 345 52.23 -37.29 10.20
C PHE E 345 51.83 -38.67 9.67
N GLY E 346 50.65 -38.78 9.07
CA GLY E 346 50.21 -40.04 8.54
C GLY E 346 49.03 -39.90 7.60
N LYS E 347 48.09 -40.85 7.66
CA LYS E 347 46.87 -40.83 6.86
C LYS E 347 45.73 -40.55 7.84
N LEU E 348 45.36 -39.28 7.95
CA LEU E 348 44.28 -38.86 8.83
C LEU E 348 43.21 -38.05 8.12
N LEU E 349 43.58 -37.20 7.18
CA LEU E 349 42.65 -36.38 6.42
C LEU E 349 42.63 -36.91 4.99
N GLU E 350 41.68 -37.81 4.72
CA GLU E 350 41.56 -38.46 3.44
C GLU E 350 40.08 -38.47 3.05
N PRO E 351 39.77 -38.33 1.76
CA PRO E 351 38.36 -38.47 1.34
C PRO E 351 37.99 -39.91 1.07
N LYS E 352 36.75 -40.26 1.42
CA LYS E 352 36.26 -41.60 1.19
C LYS E 352 34.75 -41.57 0.97
N ARG E 353 34.28 -42.45 0.09
CA ARG E 353 32.87 -42.55 -0.27
C ARG E 353 32.32 -41.17 -0.66
N MET E 354 32.89 -40.62 -1.72
CA MET E 354 32.47 -39.31 -2.22
C MET E 354 31.17 -39.46 -3.02
N ALA E 355 30.13 -38.75 -2.57
CA ALA E 355 28.86 -38.72 -3.29
C ALA E 355 28.21 -37.35 -3.26
N ARG E 356 28.92 -36.30 -2.87
CA ARG E 356 28.35 -34.97 -2.75
C ARG E 356 28.59 -34.11 -3.98
N VAL E 357 29.82 -34.07 -4.49
CA VAL E 357 30.11 -33.19 -5.61
C VAL E 357 29.40 -33.69 -6.87
N ARG E 358 29.19 -35.00 -7.00
CA ARG E 358 28.43 -35.50 -8.14
C ARG E 358 27.00 -34.96 -8.13
N GLY E 359 26.31 -35.11 -6.99
CA GLY E 359 24.97 -34.59 -6.90
C GLY E 359 24.91 -33.09 -7.10
N TRP E 360 25.92 -32.38 -6.61
CA TRP E 360 25.88 -30.93 -6.74
C TRP E 360 26.25 -30.48 -8.14
N ARG E 361 27.04 -31.25 -8.87
CA ARG E 361 27.20 -30.98 -10.30
C ARG E 361 25.90 -31.25 -11.06
N LYS E 362 25.15 -32.26 -10.64
CA LYS E 362 23.86 -32.51 -11.28
C LYS E 362 22.91 -31.35 -11.06
N VAL E 363 22.83 -30.84 -9.82
CA VAL E 363 21.97 -29.68 -9.59
C VAL E 363 22.51 -28.46 -10.31
N GLY E 364 23.83 -28.38 -10.50
CA GLY E 364 24.38 -27.31 -11.33
C GLY E 364 23.92 -27.40 -12.77
N ALA E 365 23.93 -28.61 -13.32
CA ALA E 365 23.43 -28.81 -14.68
C ALA E 365 21.96 -28.39 -14.76
N ALA E 366 21.18 -28.75 -13.75
CA ALA E 366 19.77 -28.36 -13.75
C ALA E 366 19.62 -26.85 -13.67
N ILE E 367 20.47 -26.17 -12.89
CA ILE E 367 20.28 -24.75 -12.66
C ILE E 367 20.83 -23.90 -13.79
N VAL E 368 21.70 -24.45 -14.64
CA VAL E 368 22.19 -23.69 -15.78
C VAL E 368 21.27 -23.81 -16.98
N ARG E 369 20.67 -24.99 -17.20
CA ARG E 369 19.89 -25.23 -18.40
C ARG E 369 18.56 -24.51 -18.37
N TRP E 370 17.86 -24.55 -17.24
CA TRP E 370 16.51 -24.00 -17.11
C TRP E 370 16.46 -23.03 -15.95
N PRO E 371 17.07 -21.85 -16.09
CA PRO E 371 17.10 -20.88 -15.00
C PRO E 371 15.76 -20.19 -14.75
N GLY E 372 14.95 -20.04 -15.80
CA GLY E 372 13.70 -19.33 -15.68
C GLY E 372 12.74 -19.99 -14.72
N PRO E 373 12.39 -21.25 -15.00
CA PRO E 373 11.47 -21.97 -14.10
C PRO E 373 11.97 -22.08 -12.66
N ILE E 374 13.25 -22.40 -12.47
CA ILE E 374 13.78 -22.56 -11.12
C ILE E 374 13.75 -21.22 -10.38
N LEU E 375 14.14 -20.15 -11.07
CA LEU E 375 14.10 -18.84 -10.45
C LEU E 375 12.67 -18.48 -10.03
N VAL E 376 11.70 -18.74 -10.90
CA VAL E 376 10.33 -18.35 -10.56
C VAL E 376 9.81 -19.20 -9.40
N GLY E 377 10.18 -20.48 -9.37
CA GLY E 377 9.77 -21.31 -8.24
C GLY E 377 10.34 -20.81 -6.92
N ALA E 378 11.64 -20.49 -6.92
CA ALA E 378 12.26 -19.97 -5.70
C ALA E 378 11.61 -18.66 -5.28
N VAL E 379 11.31 -17.79 -6.24
CA VAL E 379 10.62 -16.54 -5.91
C VAL E 379 9.24 -16.83 -5.33
N ALA E 380 8.57 -17.85 -5.85
CA ALA E 380 7.25 -18.20 -5.32
C ALA E 380 7.34 -18.59 -3.86
N LEU E 381 8.32 -19.43 -3.52
CA LEU E 381 8.49 -19.80 -2.11
C LEU E 381 8.85 -18.58 -1.27
N ALA E 382 9.70 -17.70 -1.80
CA ALA E 382 10.04 -16.49 -1.06
C ALA E 382 8.81 -15.65 -0.78
N LEU E 383 7.92 -15.51 -1.76
CA LEU E 383 6.69 -14.74 -1.55
C LEU E 383 5.79 -15.42 -0.53
N VAL E 384 5.74 -16.76 -0.55
CA VAL E 384 4.99 -17.46 0.50
C VAL E 384 5.53 -17.07 1.86
N GLY E 385 6.86 -16.93 1.96
CA GLY E 385 7.46 -16.48 3.21
C GLY E 385 7.11 -15.04 3.55
N LEU E 386 7.13 -14.15 2.56
CA LEU E 386 7.09 -12.72 2.83
C LEU E 386 5.72 -12.23 3.24
N LEU E 387 4.64 -12.83 2.71
CA LEU E 387 3.31 -12.27 2.89
C LEU E 387 2.85 -12.29 4.34
N THR E 388 3.40 -13.17 5.17
CA THR E 388 3.02 -13.23 6.57
C THR E 388 3.66 -12.11 7.39
N LEU E 389 4.67 -11.45 6.86
CA LEU E 389 5.45 -10.49 7.64
C LEU E 389 4.62 -9.31 8.13
N PRO E 390 3.84 -8.60 7.30
CA PRO E 390 3.27 -7.32 7.76
C PRO E 390 2.40 -7.45 8.99
N GLY E 391 1.79 -8.60 9.24
CA GLY E 391 1.06 -8.82 10.47
C GLY E 391 1.96 -9.44 11.52
N TYR E 392 2.51 -8.61 12.39
CA TYR E 392 3.54 -9.05 13.34
C TYR E 392 3.47 -8.16 14.56
N ARG E 393 3.29 -8.78 15.73
CA ARG E 393 3.19 -8.07 17.00
C ARG E 393 4.27 -8.56 17.96
N THR E 394 4.69 -7.67 18.84
CA THR E 394 5.73 -7.94 19.81
C THR E 394 5.16 -7.86 21.21
N ASN E 395 5.86 -8.49 22.16
CA ASN E 395 5.44 -8.53 23.55
C ASN E 395 6.60 -8.09 24.42
N TYR E 396 6.32 -7.22 25.39
CA TYR E 396 7.34 -6.75 26.31
C TYR E 396 7.26 -7.40 27.67
N ASN E 397 6.12 -8.00 28.02
CA ASN E 397 5.98 -8.77 29.24
C ASN E 397 6.96 -9.94 29.24
N ASP E 398 7.97 -9.88 30.10
CA ASP E 398 8.90 -10.98 30.25
C ASP E 398 8.42 -12.04 31.23
N ARG E 399 7.34 -11.77 31.96
CA ARG E 399 6.84 -12.72 32.96
C ARG E 399 6.43 -14.04 32.31
N ASN E 400 5.70 -13.98 31.20
CA ASN E 400 5.15 -15.17 30.59
C ASN E 400 6.10 -15.82 29.59
N TYR E 401 7.38 -15.46 29.65
CA TYR E 401 8.42 -16.15 28.91
C TYR E 401 9.33 -16.97 29.81
N LEU E 402 8.92 -17.19 31.06
CA LEU E 402 9.69 -17.94 32.04
C LEU E 402 8.82 -19.06 32.59
N PRO E 403 9.43 -20.14 33.06
CA PRO E 403 8.64 -21.19 33.72
C PRO E 403 7.84 -20.62 34.88
N ALA E 404 6.78 -21.34 35.25
CA ALA E 404 5.84 -20.86 36.24
C ALA E 404 6.25 -21.17 37.67
N ASP E 405 7.38 -21.85 37.87
CA ASP E 405 7.79 -22.27 39.21
C ASP E 405 8.70 -21.27 39.92
N LEU E 406 9.03 -20.15 39.28
CA LEU E 406 9.88 -19.16 39.91
C LEU E 406 9.15 -18.53 41.10
N PRO E 407 9.87 -18.25 42.20
CA PRO E 407 9.18 -17.64 43.35
C PRO E 407 8.52 -16.32 43.02
N ALA E 408 9.15 -15.50 42.16
CA ALA E 408 8.51 -14.26 41.77
C ALA E 408 7.18 -14.53 41.07
N ASN E 409 7.15 -15.56 40.23
CA ASN E 409 5.92 -15.91 39.54
C ASN E 409 4.83 -16.31 40.53
N GLU E 410 5.19 -17.07 41.56
CA GLU E 410 4.19 -17.49 42.54
C GLU E 410 3.70 -16.31 43.36
N GLY E 411 4.58 -15.38 43.71
CA GLY E 411 4.13 -14.16 44.36
C GLY E 411 3.19 -13.35 43.48
N TYR E 412 3.52 -13.25 42.20
CA TYR E 412 2.61 -12.62 41.23
C TYR E 412 1.25 -13.28 41.25
N ALA E 413 1.23 -14.62 41.16
CA ALA E 413 -0.04 -15.33 41.13
C ALA E 413 -0.84 -15.07 42.40
N ALA E 414 -0.17 -15.08 43.55
CA ALA E 414 -0.86 -14.78 44.81
C ALA E 414 -1.38 -13.36 44.81
N ALA E 415 -0.71 -12.44 44.11
CA ALA E 415 -1.20 -11.08 44.01
C ALA E 415 -2.40 -10.97 43.09
N GLU E 416 -2.48 -11.82 42.06
CA GLU E 416 -3.55 -11.75 41.07
C GLU E 416 -4.86 -12.32 41.56
N ARG E 417 -4.85 -13.12 42.64
CA ARG E 417 -6.06 -13.78 43.09
C ARG E 417 -7.02 -12.84 43.82
N HIS E 418 -6.48 -11.84 44.52
CA HIS E 418 -7.30 -10.92 45.30
C HIS E 418 -7.37 -9.53 44.72
N PHE E 419 -6.53 -9.18 43.76
CA PHE E 419 -6.48 -7.85 43.16
C PHE E 419 -6.95 -7.93 41.72
N SER E 420 -7.80 -6.98 41.33
CA SER E 420 -8.41 -6.98 40.01
C SER E 420 -7.60 -6.24 38.96
N GLN E 421 -6.47 -5.63 39.34
CA GLN E 421 -5.60 -4.90 38.42
C GLN E 421 -4.20 -5.48 38.48
N ALA E 422 -3.30 -4.88 37.71
CA ALA E 422 -1.88 -5.23 37.75
C ALA E 422 -1.21 -4.23 38.68
N ARG E 423 -1.39 -4.46 39.98
CA ARG E 423 -0.87 -3.55 41.00
C ARG E 423 0.61 -3.75 41.26
N MET E 424 1.24 -4.77 40.68
CA MET E 424 2.65 -5.00 40.89
C MET E 424 3.54 -4.12 40.02
N ASN E 425 2.96 -3.38 39.07
CA ASN E 425 3.72 -2.50 38.17
C ASN E 425 3.02 -1.15 38.11
N PRO E 426 3.16 -0.33 39.13
CA PRO E 426 2.55 1.01 39.11
C PRO E 426 3.33 1.97 38.23
N GLU E 427 2.81 3.18 38.14
CA GLU E 427 3.49 4.31 37.51
C GLU E 427 3.38 5.49 38.46
N VAL E 428 4.20 6.52 38.20
CA VAL E 428 4.20 7.72 39.01
C VAL E 428 4.22 8.91 38.08
N LEU E 429 3.40 9.91 38.37
CA LEU E 429 3.35 11.15 37.61
C LEU E 429 3.59 12.30 38.56
N MET E 430 4.39 13.27 38.12
CA MET E 430 4.84 14.36 38.97
C MET E 430 4.68 15.68 38.22
N VAL E 431 4.05 16.66 38.85
CA VAL E 431 3.95 18.01 38.31
C VAL E 431 4.64 18.96 39.28
N GLU E 432 5.60 19.72 38.79
CA GLU E 432 6.45 20.56 39.62
C GLU E 432 6.26 22.02 39.21
N SER E 433 5.76 22.83 40.13
CA SER E 433 5.50 24.24 39.87
C SER E 433 6.47 25.09 40.69
N ASP E 434 6.37 26.41 40.49
CA ASP E 434 7.25 27.37 41.15
C ASP E 434 6.59 28.05 42.34
N HIS E 435 5.61 27.40 42.96
CA HIS E 435 4.94 27.97 44.12
C HIS E 435 4.38 26.87 44.99
N ASP E 436 4.08 27.21 46.24
CA ASP E 436 3.59 26.23 47.20
C ASP E 436 2.22 25.72 46.80
N MET E 437 2.04 24.41 46.90
CA MET E 437 0.77 23.76 46.56
C MET E 437 -0.06 23.41 47.79
N ARG E 438 0.31 23.94 48.97
CA ARG E 438 -0.35 23.56 50.22
C ARG E 438 -1.43 24.59 50.56
N ASN E 439 -2.46 24.63 49.73
CA ASN E 439 -3.65 25.40 50.02
C ASN E 439 -4.79 24.89 49.14
N SER E 440 -5.99 25.40 49.41
CA SER E 440 -7.20 24.80 48.84
C SER E 440 -7.20 24.88 47.32
N ALA E 441 -6.79 26.02 46.75
CA ALA E 441 -6.90 26.20 45.30
C ALA E 441 -6.10 25.15 44.55
N ASP E 442 -4.83 24.98 44.92
CA ASP E 442 -4.02 23.97 44.27
C ASP E 442 -4.53 22.57 44.56
N PHE E 443 -5.24 22.37 45.67
CA PHE E 443 -5.85 21.06 45.91
C PHE E 443 -7.00 20.80 44.95
N LEU E 444 -7.81 21.82 44.67
CA LEU E 444 -8.85 21.67 43.66
C LEU E 444 -8.23 21.38 42.30
N VAL E 445 -7.14 22.07 41.95
CA VAL E 445 -6.49 21.80 40.67
C VAL E 445 -5.92 20.38 40.65
N ILE E 446 -5.39 19.92 41.79
CA ILE E 446 -4.89 18.55 41.87
C ILE E 446 -6.02 17.55 41.65
N ASN E 447 -7.19 17.83 42.22
CA ASN E 447 -8.33 16.94 42.00
C ASN E 447 -8.72 16.94 40.53
N LYS E 448 -8.70 18.10 39.89
CA LYS E 448 -8.98 18.14 38.45
C LYS E 448 -7.99 17.29 37.69
N ILE E 449 -6.70 17.38 38.03
CA ILE E 449 -5.69 16.56 37.37
C ILE E 449 -6.02 15.09 37.55
N ALA E 450 -6.31 14.69 38.79
CA ALA E 450 -6.55 13.28 39.08
C ALA E 450 -7.77 12.77 38.33
N LYS E 451 -8.84 13.55 38.30
CA LYS E 451 -10.04 13.15 37.59
C LYS E 451 -9.78 13.04 36.10
N ALA E 452 -9.05 14.00 35.52
CA ALA E 452 -8.76 13.94 34.10
C ALA E 452 -7.91 12.71 33.76
N ILE E 453 -6.91 12.41 34.57
CA ILE E 453 -6.09 11.23 34.32
C ILE E 453 -6.92 9.96 34.48
N PHE E 454 -7.90 9.98 35.39
CA PHE E 454 -8.67 8.77 35.66
C PHE E 454 -9.46 8.33 34.44
N ALA E 455 -10.01 9.29 33.68
CA ALA E 455 -10.93 8.99 32.59
C ALA E 455 -10.22 8.50 31.34
N VAL E 456 -8.91 8.22 31.39
CA VAL E 456 -8.24 7.67 30.24
C VAL E 456 -8.73 6.25 30.01
N GLU E 457 -8.81 5.85 28.74
CA GLU E 457 -9.31 4.54 28.38
C GLU E 457 -8.33 3.48 28.90
N GLY E 458 -8.73 2.77 29.94
CA GLY E 458 -7.96 1.66 30.46
C GLY E 458 -7.11 1.95 31.68
N ILE E 459 -7.31 3.08 32.33
CA ILE E 459 -6.65 3.38 33.60
C ILE E 459 -7.63 3.04 34.71
N SER E 460 -7.28 2.05 35.53
CA SER E 460 -8.22 1.50 36.50
C SER E 460 -8.19 2.23 37.83
N ARG E 461 -7.01 2.51 38.38
CA ARG E 461 -6.88 3.13 39.69
C ARG E 461 -5.88 4.26 39.63
N VAL E 462 -6.20 5.38 40.28
CA VAL E 462 -5.34 6.55 40.33
C VAL E 462 -5.38 7.10 41.75
N GLN E 463 -4.28 6.99 42.48
CA GLN E 463 -4.20 7.39 43.87
C GLN E 463 -3.61 8.79 43.97
N ALA E 464 -4.19 9.61 44.84
CA ALA E 464 -3.73 10.98 45.00
C ALA E 464 -4.05 11.43 46.42
N ILE E 465 -3.41 12.52 46.83
CA ILE E 465 -3.65 13.05 48.18
C ILE E 465 -5.11 13.41 48.35
N THR E 466 -5.82 13.69 47.27
CA THR E 466 -7.23 14.01 47.35
C THR E 466 -8.08 12.77 47.60
N ARG E 467 -7.81 11.68 46.89
CA ARG E 467 -8.57 10.44 46.98
C ARG E 467 -7.59 9.31 47.26
N PRO E 468 -7.29 9.04 48.53
CA PRO E 468 -6.20 8.10 48.85
C PRO E 468 -6.42 6.68 48.36
N ASP E 469 -7.66 6.26 48.09
CA ASP E 469 -7.90 4.86 47.73
C ASP E 469 -7.92 4.61 46.23
N GLY E 470 -8.12 5.64 45.41
CA GLY E 470 -7.96 5.53 43.98
C GLY E 470 -9.21 5.64 43.13
N LYS E 471 -10.26 6.29 43.62
CA LYS E 471 -11.51 6.42 42.87
C LYS E 471 -12.02 7.86 42.94
N PRO E 472 -11.34 8.79 42.26
CA PRO E 472 -11.80 10.21 42.23
C PRO E 472 -12.97 10.42 41.28
N ILE E 473 -14.17 10.07 41.75
CA ILE E 473 -15.35 10.08 40.91
C ILE E 473 -16.45 10.93 41.53
N GLU E 474 -16.06 11.98 42.24
CA GLU E 474 -17.04 12.86 42.87
C GLU E 474 -16.56 14.30 42.82
N SER E 475 -17.48 15.21 43.16
CA SER E 475 -17.11 16.57 43.53
C SER E 475 -16.48 16.56 44.92
N PHE E 476 -15.72 17.61 45.23
CA PHE E 476 -14.88 17.58 46.41
C PHE E 476 -14.56 18.99 46.86
N TYR E 477 -14.20 19.11 48.15
CA TYR E 477 -13.76 20.39 48.70
C TYR E 477 -12.95 20.09 49.96
N LEU E 478 -11.70 20.57 50.00
CA LEU E 478 -10.83 20.39 51.17
C LEU E 478 -10.71 21.70 51.91
N PRO E 479 -11.26 21.84 53.13
CA PRO E 479 -11.12 23.09 53.84
C PRO E 479 -9.69 23.30 54.31
N PRO E 480 -9.26 24.56 54.51
CA PRO E 480 -7.86 24.82 54.83
C PRO E 480 -7.47 24.51 56.27
N GLU E 481 -8.38 24.01 57.09
CA GLU E 481 -8.06 23.68 58.48
C GLU E 481 -7.68 22.22 58.68
N VAL E 482 -7.73 21.41 57.61
CA VAL E 482 -7.37 20.00 57.75
C VAL E 482 -5.86 19.81 57.79
N PHE E 483 -5.08 20.83 57.41
CA PHE E 483 -3.62 20.73 57.44
C PHE E 483 -3.06 20.62 58.85
N ASP E 484 -3.86 20.85 59.88
CA ASP E 484 -3.39 20.70 61.25
C ASP E 484 -3.41 19.26 61.74
N ASN E 485 -4.08 18.36 61.04
CA ASN E 485 -4.24 17.00 61.50
C ASN E 485 -2.93 16.22 61.29
N PRO E 486 -2.34 15.64 62.34
CA PRO E 486 -1.07 14.90 62.15
C PRO E 486 -1.18 13.77 61.14
N ASP E 487 -2.31 13.06 61.11
CA ASP E 487 -2.50 12.03 60.09
C ASP E 487 -2.45 12.64 58.70
N PHE E 488 -3.10 13.78 58.53
CA PHE E 488 -2.98 14.50 57.27
C PHE E 488 -1.54 14.93 57.02
N GLN E 489 -0.77 15.19 58.07
CA GLN E 489 0.62 15.56 57.88
C GLN E 489 1.42 14.38 57.34
N ARG E 490 1.18 13.18 57.85
CA ARG E 490 1.83 12.01 57.28
C ARG E 490 1.42 11.81 55.84
N GLY E 491 0.13 12.01 55.54
CA GLY E 491 -0.30 11.94 54.15
C GLY E 491 0.44 12.92 53.26
N LEU E 492 0.55 14.17 53.72
CA LEU E 492 1.26 15.18 52.95
C LEU E 492 2.70 14.78 52.71
N GLU E 493 3.41 14.40 53.78
CA GLU E 493 4.80 13.99 53.60
C GLU E 493 4.89 12.78 52.66
N GLN E 494 3.82 12.00 52.57
CA GLN E 494 3.83 10.87 51.65
C GLN E 494 3.68 11.32 50.21
N PHE E 495 2.80 12.28 49.94
CA PHE E 495 2.46 12.64 48.57
C PHE E 495 3.11 13.95 48.13
N LEU E 496 2.90 15.04 48.86
CA LEU E 496 3.50 16.30 48.49
C LEU E 496 5.01 16.28 48.76
N SER E 497 5.71 17.22 48.15
CA SER E 497 7.14 17.40 48.37
C SER E 497 7.38 18.10 49.70
N PRO E 498 8.51 17.82 50.37
CA PRO E 498 8.75 18.47 51.67
C PRO E 498 8.80 19.99 51.58
N ASP E 499 9.33 20.54 50.48
CA ASP E 499 9.32 21.98 50.30
C ASP E 499 8.01 22.48 49.70
N GLY E 500 7.14 21.59 49.25
CA GLY E 500 5.81 21.97 48.80
C GLY E 500 5.71 22.40 47.35
N HIS E 501 6.64 21.98 46.49
CA HIS E 501 6.63 22.37 45.08
C HIS E 501 6.38 21.17 44.17
N ALA E 502 5.67 20.16 44.64
CA ALA E 502 5.42 19.01 43.77
C ALA E 502 4.29 18.16 44.32
N VAL E 503 3.73 17.32 43.46
CA VAL E 503 2.75 16.32 43.83
C VAL E 503 2.94 15.13 42.91
N ARG E 504 2.58 13.94 43.39
CA ARG E 504 2.69 12.75 42.56
C ARG E 504 1.47 11.86 42.71
N PHE E 505 1.06 11.27 41.59
CA PHE E 505 -0.08 10.37 41.51
C PHE E 505 0.42 8.99 41.12
N ILE E 506 -0.12 7.95 41.74
CA ILE E 506 0.31 6.57 41.52
C ILE E 506 -0.74 5.88 40.68
N ILE E 507 -0.38 5.47 39.47
CA ILE E 507 -1.32 5.07 38.44
C ILE E 507 -1.09 3.59 38.13
N SER E 508 -2.17 2.81 38.16
CA SER E 508 -2.12 1.39 37.88
C SER E 508 -3.01 1.07 36.69
N HIS E 509 -2.51 0.22 35.79
CA HIS E 509 -3.16 -0.05 34.52
C HIS E 509 -4.22 -1.12 34.67
N GLU E 510 -4.81 -1.49 33.53
CA GLU E 510 -5.69 -2.64 33.41
C GLU E 510 -4.96 -3.74 32.64
N GLY E 511 -5.33 -4.99 32.91
CA GLY E 511 -4.78 -6.08 32.13
C GLY E 511 -3.27 -6.12 32.24
N ASP E 512 -2.60 -6.20 31.08
CA ASP E 512 -1.17 -6.36 31.03
C ASP E 512 -0.51 -5.03 30.69
N PRO E 513 0.17 -4.36 31.63
CA PRO E 513 0.73 -3.04 31.33
C PRO E 513 1.81 -3.05 30.27
N MET E 514 2.44 -4.20 30.01
CA MET E 514 3.59 -4.28 29.10
C MET E 514 3.22 -4.99 27.80
N SER E 515 2.00 -4.80 27.33
CA SER E 515 1.62 -5.13 25.97
C SER E 515 1.56 -3.84 25.15
N GLN E 516 1.14 -3.94 23.90
CA GLN E 516 1.18 -2.78 23.03
C GLN E 516 0.29 -1.66 23.57
N ALA E 517 -0.92 -1.99 24.03
CA ALA E 517 -1.83 -0.97 24.52
C ALA E 517 -1.26 -0.28 25.77
N GLY E 518 -0.67 -1.05 26.68
CA GLY E 518 -0.09 -0.45 27.87
C GLY E 518 1.01 0.53 27.52
N ILE E 519 1.83 0.19 26.52
CA ILE E 519 2.87 1.10 26.08
C ILE E 519 2.26 2.36 25.47
N ALA E 520 1.20 2.20 24.68
CA ALA E 520 0.58 3.35 24.04
C ALA E 520 -0.13 4.27 25.01
N ARG E 521 -0.52 3.76 26.19
CA ARG E 521 -1.36 4.55 27.10
C ARG E 521 -0.61 5.73 27.73
N ILE E 522 0.71 5.65 27.86
CA ILE E 522 1.42 6.64 28.66
C ILE E 522 1.42 8.00 27.99
N ALA E 523 1.53 8.03 26.66
CA ALA E 523 1.42 9.31 25.95
C ALA E 523 0.08 9.96 26.23
N LYS E 524 -0.99 9.17 26.24
CA LYS E 524 -2.30 9.71 26.55
C LYS E 524 -2.35 10.22 27.98
N ILE E 525 -1.70 9.53 28.92
CA ILE E 525 -1.66 10.02 30.30
C ILE E 525 -1.01 11.40 30.35
N LYS E 526 0.14 11.55 29.68
CA LYS E 526 0.84 12.82 29.69
C LYS E 526 -0.02 13.92 29.08
N THR E 527 -0.64 13.63 27.94
CA THR E 527 -1.48 14.62 27.29
C THR E 527 -2.64 15.02 28.18
N ALA E 528 -3.24 14.06 28.87
CA ALA E 528 -4.37 14.35 29.75
C ALA E 528 -3.95 15.25 30.89
N ALA E 529 -2.81 14.98 31.51
CA ALA E 529 -2.33 15.86 32.57
C ALA E 529 -2.09 17.26 32.05
N LYS E 530 -1.42 17.37 30.90
CA LYS E 530 -1.10 18.68 30.35
C LYS E 530 -2.37 19.47 30.06
N GLU E 531 -3.39 18.82 29.51
CA GLU E 531 -4.64 19.52 29.24
C GLU E 531 -5.41 19.83 30.51
N ALA E 532 -5.23 19.03 31.57
CA ALA E 532 -5.91 19.31 32.83
C ALA E 532 -5.35 20.55 33.49
N ILE E 533 -4.03 20.77 33.39
CA ILE E 533 -3.42 21.95 34.01
C ILE E 533 -3.52 23.21 33.17
N LYS E 534 -4.10 23.13 31.98
CA LYS E 534 -4.11 24.25 31.04
C LYS E 534 -5.16 25.27 31.45
N GLY E 535 -4.73 26.51 31.66
CA GLY E 535 -5.59 27.59 32.07
C GLY E 535 -5.59 27.89 33.55
N THR E 536 -5.14 26.94 34.37
CA THR E 536 -5.03 27.12 35.81
C THR E 536 -3.69 27.75 36.17
N PRO E 537 -3.56 28.31 37.36
CA PRO E 537 -2.28 28.94 37.75
C PRO E 537 -1.09 27.99 37.74
N LEU E 538 -1.30 26.69 37.55
CA LEU E 538 -0.20 25.74 37.41
C LEU E 538 0.26 25.60 35.96
N GLU E 539 -0.22 26.46 35.07
CA GLU E 539 0.03 26.29 33.64
C GLU E 539 1.53 26.35 33.35
N GLY E 540 1.98 25.45 32.48
CA GLY E 540 3.35 25.44 32.03
C GLY E 540 4.33 24.73 32.94
N SER E 541 3.85 24.00 33.94
CA SER E 541 4.73 23.31 34.86
C SER E 541 5.33 22.08 34.18
N ALA E 542 6.24 21.42 34.88
CA ALA E 542 6.98 20.27 34.34
C ALA E 542 6.29 18.98 34.74
N ILE E 543 6.15 18.07 33.77
CA ILE E 543 5.46 16.79 33.98
C ILE E 543 6.47 15.68 33.78
N TYR E 544 6.66 14.87 34.83
CA TYR E 544 7.59 13.75 34.81
C TYR E 544 6.80 12.46 35.00
N LEU E 545 6.99 11.51 34.07
CA LEU E 545 6.31 10.22 34.12
C LEU E 545 7.34 9.12 34.25
N GLY E 546 7.33 8.42 35.38
CA GLY E 546 8.28 7.37 35.65
C GLY E 546 7.57 6.04 35.89
N GLY E 547 8.30 4.96 35.62
CA GLY E 547 7.74 3.63 35.79
C GLY E 547 8.46 2.67 34.86
N THR E 548 7.79 1.54 34.59
CA THR E 548 8.32 0.56 33.65
C THR E 548 7.76 0.74 32.25
N ALA E 549 6.50 1.16 32.13
CA ALA E 549 5.90 1.34 30.81
C ALA E 549 6.63 2.42 30.01
N ALA E 550 6.98 3.53 30.67
CA ALA E 550 7.73 4.58 29.98
C ALA E 550 9.08 4.04 29.52
N MET E 551 9.75 3.29 30.40
CA MET E 551 11.02 2.68 30.05
C MET E 551 10.88 1.86 28.77
N PHE E 552 9.82 1.05 28.68
CA PHE E 552 9.70 0.17 27.54
C PHE E 552 9.29 0.91 26.28
N LYS E 553 8.47 1.95 26.38
CA LYS E 553 8.16 2.75 25.20
C LYS E 553 9.42 3.35 24.61
N ASP E 554 10.21 4.02 25.45
CA ASP E 554 11.41 4.65 24.95
C ASP E 554 12.39 3.62 24.42
N LEU E 555 12.45 2.46 25.07
CA LEU E 555 13.30 1.39 24.58
C LEU E 555 12.87 0.95 23.19
N SER E 556 11.56 0.85 22.96
CA SER E 556 11.08 0.43 21.64
C SER E 556 11.44 1.44 20.56
N ASP E 557 11.27 2.73 20.84
CA ASP E 557 11.64 3.75 19.85
C ASP E 557 13.12 3.66 19.53
N GLY E 558 13.96 3.60 20.57
CA GLY E 558 15.38 3.43 20.34
C GLY E 558 15.67 2.18 19.54
N ASN E 559 14.94 1.10 19.80
CA ASN E 559 15.15 -0.14 19.07
C ASN E 559 14.90 0.06 17.58
N THR E 560 13.82 0.73 17.23
CA THR E 560 13.53 0.94 15.80
C THR E 560 14.66 1.73 15.14
N TYR E 561 15.04 2.87 15.72
CA TYR E 561 16.06 3.69 15.08
C TYR E 561 17.39 2.94 15.01
N ASP E 562 17.75 2.22 16.07
CA ASP E 562 19.01 1.51 16.09
C ASP E 562 19.04 0.40 15.05
N LEU E 563 17.92 -0.29 14.87
CA LEU E 563 17.85 -1.30 13.83
C LEU E 563 18.09 -0.69 12.46
N MET E 564 17.50 0.48 12.20
CA MET E 564 17.77 1.12 10.91
C MET E 564 19.25 1.43 10.76
N ILE E 565 19.88 1.97 11.81
CA ILE E 565 21.30 2.32 11.72
C ILE E 565 22.13 1.09 11.39
N ALA E 566 21.92 0.00 12.14
CA ALA E 566 22.73 -1.19 11.95
C ALA E 566 22.50 -1.80 10.57
N GLY E 567 21.25 -1.82 10.11
CA GLY E 567 20.98 -2.35 8.79
C GLY E 567 21.72 -1.57 7.71
N ILE E 568 21.65 -0.25 7.77
CA ILE E 568 22.32 0.56 6.76
C ILE E 568 23.81 0.26 6.76
N SER E 569 24.43 0.26 7.94
CA SER E 569 25.88 0.06 8.00
C SER E 569 26.27 -1.30 7.46
N ALA E 570 25.57 -2.35 7.89
CA ALA E 570 25.93 -3.70 7.46
C ALA E 570 25.76 -3.85 5.95
N LEU E 571 24.67 -3.33 5.39
CA LEU E 571 24.45 -3.47 3.96
C LEU E 571 25.51 -2.72 3.17
N CYS E 572 25.88 -1.51 3.61
CA CYS E 572 26.95 -0.80 2.93
C CYS E 572 28.26 -1.60 2.95
N LEU E 573 28.62 -2.16 4.11
CA LEU E 573 29.87 -2.91 4.17
C LEU E 573 29.83 -4.14 3.28
N ILE E 574 28.70 -4.84 3.24
CA ILE E 574 28.61 -6.00 2.36
C ILE E 574 28.77 -5.58 0.91
N PHE E 575 28.13 -4.48 0.52
CA PHE E 575 28.30 -3.97 -0.84
C PHE E 575 29.76 -3.69 -1.14
N ILE E 576 30.45 -3.02 -0.22
CA ILE E 576 31.84 -2.63 -0.45
C ILE E 576 32.71 -3.86 -0.65
N ILE E 577 32.55 -4.87 0.21
CA ILE E 577 33.41 -6.03 0.11
C ILE E 577 33.11 -6.83 -1.15
N MET E 578 31.83 -6.94 -1.53
CA MET E 578 31.52 -7.61 -2.78
C MET E 578 32.16 -6.90 -3.96
N LEU E 579 32.08 -5.57 -3.97
CA LEU E 579 32.65 -4.80 -5.06
C LEU E 579 34.16 -4.97 -5.12
N ILE E 580 34.83 -5.02 -3.97
CA ILE E 580 36.27 -5.19 -3.97
C ILE E 580 36.65 -6.59 -4.46
N THR E 581 35.92 -7.62 -4.01
CA THR E 581 36.35 -8.99 -4.30
C THR E 581 36.03 -9.41 -5.73
N THR E 582 34.91 -8.95 -6.31
CA THR E 582 34.53 -9.40 -7.64
C THR E 582 34.66 -8.33 -8.71
N ARG E 583 34.75 -7.05 -8.32
CA ARG E 583 34.90 -5.95 -9.28
C ARG E 583 33.74 -5.93 -10.26
N SER E 584 32.54 -5.77 -9.71
CA SER E 584 31.33 -5.59 -10.48
C SER E 584 30.34 -4.83 -9.61
N VAL E 585 29.55 -3.95 -10.24
CA VAL E 585 28.50 -3.28 -9.49
C VAL E 585 27.20 -4.08 -9.54
N VAL E 586 26.95 -4.79 -10.65
CA VAL E 586 25.75 -5.60 -10.75
C VAL E 586 25.82 -6.78 -9.79
N ALA E 587 26.98 -7.44 -9.69
CA ALA E 587 27.08 -8.59 -8.81
C ALA E 587 26.84 -8.20 -7.35
N ALA E 588 27.45 -7.10 -6.92
CA ALA E 588 27.24 -6.63 -5.56
C ALA E 588 25.79 -6.24 -5.33
N ALA E 589 25.18 -5.54 -6.30
CA ALA E 589 23.79 -5.17 -6.13
C ALA E 589 22.89 -6.41 -6.01
N VAL E 590 23.13 -7.42 -6.84
CA VAL E 590 22.34 -8.64 -6.77
C VAL E 590 22.51 -9.32 -5.42
N ILE E 591 23.74 -9.40 -4.92
CA ILE E 591 23.96 -10.10 -3.66
C ILE E 591 23.27 -9.35 -2.51
N VAL E 592 23.35 -8.01 -2.51
CA VAL E 592 22.68 -7.25 -1.46
C VAL E 592 21.18 -7.48 -1.53
N GLY E 593 20.60 -7.44 -2.73
CA GLY E 593 19.17 -7.68 -2.85
C GLY E 593 18.78 -9.07 -2.37
N THR E 594 19.56 -10.08 -2.75
CA THR E 594 19.28 -11.43 -2.31
C THR E 594 19.32 -11.55 -0.80
N VAL E 595 20.32 -10.91 -0.17
CA VAL E 595 20.42 -10.97 1.29
C VAL E 595 19.17 -10.36 1.93
N VAL E 596 18.77 -9.18 1.46
CA VAL E 596 17.60 -8.54 2.06
C VAL E 596 16.36 -9.41 1.89
N LEU E 597 16.18 -9.95 0.69
CA LEU E 597 15.03 -10.82 0.44
C LEU E 597 15.04 -12.02 1.36
N SER E 598 16.21 -12.63 1.53
CA SER E 598 16.31 -13.84 2.34
C SER E 598 16.00 -13.58 3.80
N LEU E 599 16.53 -12.48 4.35
CA LEU E 599 16.21 -12.14 5.74
C LEU E 599 14.72 -11.91 5.90
N GLY E 600 14.11 -11.16 4.99
CA GLY E 600 12.68 -10.93 5.08
C GLY E 600 11.89 -12.23 5.06
N ALA E 601 12.23 -13.13 4.13
CA ALA E 601 11.50 -14.38 4.01
C ALA E 601 11.67 -15.25 5.24
N SER E 602 12.89 -15.35 5.76
CA SER E 602 13.13 -16.20 6.92
C SER E 602 12.40 -15.69 8.15
N PHE E 603 12.44 -14.37 8.39
CA PHE E 603 11.73 -13.86 9.56
C PHE E 603 10.22 -13.99 9.38
N GLY E 604 9.71 -13.82 8.17
CA GLY E 604 8.29 -14.08 7.94
C GLY E 604 7.91 -15.52 8.22
N LEU E 605 8.75 -16.46 7.80
CA LEU E 605 8.47 -17.87 8.06
C LEU E 605 8.47 -18.16 9.55
N SER E 606 9.41 -17.59 10.28
CA SER E 606 9.42 -17.78 11.74
C SER E 606 8.18 -17.18 12.38
N VAL E 607 7.76 -16.00 11.93
CA VAL E 607 6.53 -15.41 12.45
C VAL E 607 5.36 -16.33 12.18
N LEU E 608 5.31 -16.94 10.99
CA LEU E 608 4.22 -17.86 10.67
C LEU E 608 4.22 -19.03 11.64
N ILE E 609 5.39 -19.62 11.88
CA ILE E 609 5.44 -20.83 12.71
C ILE E 609 5.07 -20.51 14.16
N TRP E 610 5.51 -19.37 14.67
CA TRP E 610 5.37 -19.10 16.10
C TRP E 610 4.15 -18.27 16.46
N GLN E 611 3.92 -17.15 15.76
CA GLN E 611 2.84 -16.26 16.14
C GLN E 611 1.47 -16.80 15.75
N HIS E 612 1.36 -17.39 14.57
CA HIS E 612 0.05 -17.82 14.06
C HIS E 612 -0.32 -19.22 14.54
N ILE E 613 0.50 -20.22 14.22
CA ILE E 613 0.16 -21.60 14.56
C ILE E 613 0.23 -21.80 16.07
N LEU E 614 1.42 -21.64 16.65
CA LEU E 614 1.61 -21.97 18.06
C LEU E 614 0.92 -20.97 18.98
N GLY E 615 0.62 -19.77 18.50
CA GLY E 615 -0.21 -18.85 19.23
C GLY E 615 0.52 -17.97 20.24
N ILE E 616 1.84 -18.06 20.33
CA ILE E 616 2.62 -17.22 21.25
C ILE E 616 3.44 -16.25 20.42
N GLU E 617 3.36 -14.97 20.78
CA GLU E 617 4.06 -13.91 20.05
C GLU E 617 5.55 -13.94 20.35
N LEU E 618 6.32 -13.36 19.45
CA LEU E 618 7.77 -13.33 19.62
C LEU E 618 8.19 -12.17 20.52
N HIS E 619 9.34 -12.36 21.17
CA HIS E 619 10.00 -11.29 21.91
C HIS E 619 10.61 -10.35 20.86
N TRP E 620 11.44 -9.40 21.28
CA TRP E 620 12.11 -8.52 20.32
C TRP E 620 13.62 -8.72 20.28
N LEU E 621 14.22 -9.08 21.41
CA LEU E 621 15.56 -9.63 21.35
C LEU E 621 15.66 -10.67 20.25
N VAL E 622 14.59 -11.43 20.02
CA VAL E 622 14.63 -12.44 18.96
C VAL E 622 14.96 -11.77 17.64
N LEU E 623 14.24 -10.71 17.31
CA LEU E 623 14.53 -9.99 16.06
C LEU E 623 15.97 -9.53 16.02
N ALA E 624 16.43 -8.86 17.07
CA ALA E 624 17.76 -8.27 17.02
C ALA E 624 18.85 -9.32 16.81
N MET E 625 18.87 -10.34 17.66
CA MET E 625 19.95 -11.34 17.56
C MET E 625 19.82 -12.16 16.29
N ALA E 626 18.59 -12.49 15.89
CA ALA E 626 18.43 -13.26 14.67
C ALA E 626 18.98 -12.50 13.47
N VAL E 627 18.67 -11.21 13.37
CA VAL E 627 19.16 -10.45 12.22
C VAL E 627 20.68 -10.36 12.25
N ILE E 628 21.27 -10.14 13.44
CA ILE E 628 22.73 -10.03 13.51
C ILE E 628 23.38 -11.30 12.98
N ILE E 629 22.97 -12.45 13.53
CA ILE E 629 23.64 -13.70 13.17
C ILE E 629 23.40 -14.04 11.71
N LEU E 630 22.16 -13.87 11.23
CA LEU E 630 21.85 -14.20 9.84
C LEU E 630 22.67 -13.33 8.90
N LEU E 631 22.77 -12.03 9.18
CA LEU E 631 23.55 -11.15 8.33
C LEU E 631 24.99 -11.61 8.24
N ALA E 632 25.62 -11.83 9.40
CA ALA E 632 27.04 -12.21 9.38
C ALA E 632 27.26 -13.49 8.59
N VAL E 633 26.50 -14.54 8.93
CA VAL E 633 26.75 -15.85 8.31
C VAL E 633 26.45 -15.81 6.82
N GLY E 634 25.38 -15.11 6.42
CA GLY E 634 25.05 -15.00 5.02
C GLY E 634 26.14 -14.27 4.24
N ALA E 635 26.67 -13.19 4.82
CA ALA E 635 27.77 -12.51 4.16
C ALA E 635 28.93 -13.45 3.93
N ASP E 636 29.27 -14.26 4.94
CA ASP E 636 30.39 -15.19 4.77
C ASP E 636 30.14 -16.15 3.61
N TYR E 637 28.98 -16.82 3.61
CA TYR E 637 28.73 -17.82 2.56
C TYR E 637 28.69 -17.17 1.18
N ASN E 638 27.99 -16.04 1.06
CA ASN E 638 27.89 -15.37 -0.24
C ASN E 638 29.28 -15.03 -0.76
N LEU E 639 30.15 -14.50 0.11
CA LEU E 639 31.46 -14.10 -0.35
C LEU E 639 32.26 -15.30 -0.84
N LEU E 640 32.21 -16.42 -0.10
CA LEU E 640 32.96 -17.59 -0.58
C LEU E 640 32.45 -18.02 -1.94
N LEU E 641 31.13 -18.10 -2.10
CA LEU E 641 30.60 -18.63 -3.35
C LEU E 641 30.93 -17.72 -4.52
N VAL E 642 30.79 -16.41 -4.34
CA VAL E 642 31.07 -15.48 -5.44
C VAL E 642 32.55 -15.53 -5.80
N ALA E 643 33.44 -15.60 -4.80
CA ALA E 643 34.86 -15.70 -5.11
C ALA E 643 35.17 -16.97 -5.89
N ARG E 644 34.60 -18.11 -5.48
CA ARG E 644 34.86 -19.34 -6.22
C ARG E 644 34.34 -19.25 -7.64
N LEU E 645 33.16 -18.65 -7.81
CA LEU E 645 32.63 -18.47 -9.16
C LEU E 645 33.57 -17.62 -10.00
N LYS E 646 34.01 -16.49 -9.45
CA LYS E 646 34.95 -15.62 -10.15
C LYS E 646 36.21 -16.38 -10.53
N GLU E 647 36.60 -17.38 -9.74
CA GLU E 647 37.86 -18.08 -10.01
C GLU E 647 37.82 -18.82 -11.34
N GLU E 648 36.73 -19.52 -11.63
CA GLU E 648 36.67 -20.47 -12.75
C GLU E 648 35.66 -20.03 -13.80
N ILE E 649 35.65 -18.74 -14.13
CA ILE E 649 34.74 -18.21 -15.14
C ILE E 649 35.39 -18.15 -16.52
N HIS E 650 36.65 -18.57 -16.64
CA HIS E 650 37.37 -18.38 -17.90
C HIS E 650 36.96 -19.36 -18.98
N ALA E 651 36.56 -20.57 -18.62
CA ALA E 651 36.14 -21.58 -19.59
C ALA E 651 34.62 -21.55 -19.79
N GLY E 652 34.12 -20.37 -20.15
CA GLY E 652 32.70 -20.16 -20.29
C GLY E 652 32.05 -19.81 -18.96
N ILE E 653 30.81 -19.35 -19.04
CA ILE E 653 30.06 -19.03 -17.84
C ILE E 653 29.21 -20.21 -17.38
N ASN E 654 28.69 -21.01 -18.31
CA ASN E 654 27.88 -22.16 -17.92
C ASN E 654 28.73 -23.20 -17.22
N THR E 655 29.86 -23.57 -17.83
CA THR E 655 30.77 -24.52 -17.18
C THR E 655 31.28 -23.96 -15.87
N GLY E 656 31.54 -22.65 -15.83
CA GLY E 656 31.99 -22.05 -14.59
C GLY E 656 30.96 -22.17 -13.48
N ILE E 657 29.68 -21.93 -13.80
CA ILE E 657 28.65 -22.03 -12.78
C ILE E 657 28.53 -23.47 -12.28
N ILE E 658 28.52 -24.44 -13.20
CA ILE E 658 28.33 -25.82 -12.76
C ILE E 658 29.52 -26.31 -11.95
N ARG E 659 30.74 -25.90 -12.33
CA ARG E 659 31.90 -26.31 -11.56
C ARG E 659 31.94 -25.63 -10.20
N ALA E 660 31.61 -24.34 -10.14
CA ALA E 660 31.56 -23.66 -8.85
C ALA E 660 30.54 -24.32 -7.94
N MET E 661 29.37 -24.69 -8.47
CA MET E 661 28.42 -25.46 -7.69
C MET E 661 29.07 -26.74 -7.18
N GLY E 662 29.44 -27.64 -8.08
CA GLY E 662 30.00 -28.91 -7.67
C GLY E 662 31.16 -28.78 -6.70
N GLY E 663 31.83 -27.64 -6.67
CA GLY E 663 33.00 -27.48 -5.83
C GLY E 663 32.75 -26.86 -4.46
N SER E 664 31.85 -25.86 -4.39
CA SER E 664 31.63 -25.13 -3.16
C SER E 664 30.22 -25.18 -2.63
N GLY E 665 29.22 -25.57 -3.44
CA GLY E 665 27.89 -25.74 -2.90
C GLY E 665 27.87 -26.78 -1.80
N SER E 666 28.62 -27.87 -1.97
CA SER E 666 28.66 -28.90 -0.95
C SER E 666 29.23 -28.35 0.36
N VAL E 667 30.31 -27.57 0.26
CA VAL E 667 30.95 -27.03 1.47
C VAL E 667 30.01 -26.07 2.19
N VAL E 668 29.43 -25.12 1.44
CA VAL E 668 28.55 -24.15 2.08
C VAL E 668 27.35 -24.83 2.68
N THR E 669 26.81 -25.85 1.99
CA THR E 669 25.64 -26.54 2.51
C THR E 669 25.98 -27.33 3.76
N ALA E 670 27.14 -27.98 3.80
CA ALA E 670 27.53 -28.71 5.00
C ALA E 670 27.65 -27.76 6.19
N ALA E 671 28.33 -26.62 6.00
CA ALA E 671 28.48 -25.68 7.10
C ALA E 671 27.12 -25.15 7.56
N GLY E 672 26.29 -24.78 6.59
CA GLY E 672 24.98 -24.24 6.93
C GLY E 672 24.13 -25.24 7.69
N LEU E 673 24.12 -26.49 7.24
CA LEU E 673 23.32 -27.51 7.92
C LEU E 673 23.83 -27.77 9.33
N VAL E 674 25.15 -27.91 9.48
CA VAL E 674 25.68 -28.18 10.82
C VAL E 674 25.27 -27.08 11.78
N PHE E 675 25.50 -25.83 11.40
CA PHE E 675 25.17 -24.75 12.33
C PHE E 675 23.65 -24.62 12.52
N ALA E 676 22.88 -24.82 11.45
CA ALA E 676 21.44 -24.66 11.55
C ALA E 676 20.84 -25.65 12.53
N PHE E 677 21.26 -26.92 12.45
CA PHE E 677 20.70 -27.89 13.37
C PHE E 677 21.26 -27.76 14.78
N THR E 678 22.54 -27.39 14.92
CA THR E 678 23.04 -27.07 16.25
C THR E 678 22.20 -25.98 16.90
N MET E 679 21.73 -25.02 16.11
CA MET E 679 20.84 -23.99 16.64
C MET E 679 19.40 -24.48 16.80
N MET E 680 18.98 -25.49 16.05
CA MET E 680 17.65 -26.05 16.24
C MET E 680 17.55 -26.92 17.49
N SER E 681 18.69 -27.38 18.02
CA SER E 681 18.62 -28.18 19.24
C SER E 681 18.16 -27.39 20.46
N PHE E 682 18.09 -26.07 20.36
CA PHE E 682 17.62 -25.22 21.46
C PHE E 682 16.12 -25.22 21.59
N ALA E 683 15.39 -25.87 20.67
CA ALA E 683 13.93 -25.90 20.76
C ALA E 683 13.47 -26.61 22.02
N VAL E 684 14.15 -27.69 22.40
CA VAL E 684 13.75 -28.49 23.56
C VAL E 684 14.06 -27.74 24.84
N SER E 685 14.72 -26.59 24.73
CA SER E 685 15.04 -25.81 25.92
C SER E 685 13.76 -25.31 26.58
N GLU E 686 13.80 -25.22 27.89
CA GLU E 686 12.62 -24.80 28.63
C GLU E 686 12.37 -23.31 28.48
N LEU E 687 13.42 -22.49 28.54
CA LEU E 687 13.25 -21.06 28.43
C LEU E 687 12.73 -20.71 27.03
N THR E 688 11.68 -19.90 26.98
CA THR E 688 11.02 -19.63 25.72
C THR E 688 11.78 -18.64 24.85
N VAL E 689 12.46 -17.64 25.43
CA VAL E 689 13.16 -16.66 24.62
C VAL E 689 14.30 -17.31 23.86
N MET E 690 15.11 -18.11 24.56
CA MET E 690 16.24 -18.76 23.91
C MET E 690 15.79 -19.86 22.96
N ALA E 691 14.70 -20.56 23.27
CA ALA E 691 14.14 -21.51 22.31
C ALA E 691 13.67 -20.79 21.06
N GLN E 692 13.01 -19.64 21.22
CA GLN E 692 12.57 -18.86 20.07
C GLN E 692 13.74 -18.42 19.21
N VAL E 693 14.81 -17.92 19.84
CA VAL E 693 15.96 -17.47 19.06
C VAL E 693 16.60 -18.64 18.34
N GLY E 694 16.79 -19.75 19.03
CA GLY E 694 17.39 -20.91 18.38
C GLY E 694 16.58 -21.35 17.17
N THR E 695 15.26 -21.43 17.32
CA THR E 695 14.44 -21.88 16.19
C THR E 695 14.45 -20.87 15.06
N THR E 696 14.36 -19.58 15.37
CA THR E 696 14.39 -18.57 14.32
C THR E 696 15.66 -18.69 13.50
N ILE E 697 16.82 -18.76 14.17
CA ILE E 697 18.08 -18.82 13.44
C ILE E 697 18.20 -20.12 12.67
N GLY E 698 17.78 -21.24 13.25
CA GLY E 698 17.89 -22.50 12.55
C GLY E 698 17.04 -22.54 11.29
N MET E 699 15.78 -22.12 11.39
CA MET E 699 14.93 -22.08 10.21
C MET E 699 15.47 -21.08 9.19
N GLY E 700 15.99 -19.95 9.66
CA GLY E 700 16.55 -18.98 8.73
C GLY E 700 17.69 -19.56 7.91
N LEU E 701 18.62 -20.25 8.59
CA LEU E 701 19.73 -20.83 7.85
C LEU E 701 19.28 -21.97 6.95
N LEU E 702 18.28 -22.76 7.37
CA LEU E 702 17.81 -23.83 6.50
C LEU E 702 17.22 -23.27 5.21
N PHE E 703 16.34 -22.27 5.34
CA PHE E 703 15.76 -21.63 4.17
C PHE E 703 16.85 -20.98 3.32
N ASP E 704 17.80 -20.29 3.96
CA ASP E 704 18.84 -19.60 3.22
C ASP E 704 19.68 -20.58 2.41
N THR E 705 20.12 -21.65 3.05
CA THR E 705 21.07 -22.57 2.42
C THR E 705 20.41 -23.44 1.37
N LEU E 706 19.18 -23.90 1.62
CA LEU E 706 18.59 -24.88 0.72
C LEU E 706 17.82 -24.26 -0.45
N ILE E 707 17.42 -23.01 -0.37
CA ILE E 707 16.62 -22.40 -1.43
C ILE E 707 17.27 -21.13 -1.96
N VAL E 708 17.44 -20.12 -1.11
CA VAL E 708 17.88 -18.82 -1.60
C VAL E 708 19.28 -18.91 -2.18
N ARG E 709 20.16 -19.71 -1.59
CA ARG E 709 21.55 -19.72 -1.99
C ARG E 709 21.90 -20.84 -2.95
N SER E 710 21.12 -21.91 -2.99
CA SER E 710 21.43 -23.04 -3.85
C SER E 710 20.68 -23.02 -5.17
N PHE E 711 19.62 -22.21 -5.30
CA PHE E 711 18.79 -22.21 -6.50
C PHE E 711 18.56 -20.81 -7.04
N MET E 712 18.52 -19.82 -6.16
CA MET E 712 18.07 -18.49 -6.57
C MET E 712 19.22 -17.61 -7.06
N THR E 713 20.34 -17.58 -6.34
CA THR E 713 21.45 -16.73 -6.77
C THR E 713 22.16 -17.29 -8.00
N PRO E 714 22.53 -18.58 -8.04
CA PRO E 714 23.10 -19.11 -9.28
C PRO E 714 22.15 -19.00 -10.47
N SER E 715 20.85 -19.10 -10.25
CA SER E 715 19.91 -18.91 -11.35
C SER E 715 19.97 -17.49 -11.89
N ILE E 716 20.01 -16.49 -11.01
CA ILE E 716 20.13 -15.12 -11.47
C ILE E 716 21.42 -14.94 -12.24
N ALA E 717 22.51 -15.51 -11.73
CA ALA E 717 23.79 -15.40 -12.43
C ALA E 717 23.69 -15.98 -13.83
N ALA E 718 23.19 -17.21 -13.96
CA ALA E 718 23.12 -17.86 -15.26
C ALA E 718 22.17 -17.14 -16.20
N LEU E 719 21.08 -16.59 -15.66
CA LEU E 719 20.11 -15.88 -16.48
C LEU E 719 20.70 -14.59 -17.03
N LEU E 720 21.33 -13.78 -16.16
CA LEU E 720 21.90 -12.53 -16.60
C LEU E 720 23.16 -12.73 -17.45
N GLY E 721 23.79 -13.90 -17.36
CA GLY E 721 24.86 -14.20 -18.29
C GLY E 721 26.04 -13.26 -18.12
N LYS E 722 26.47 -12.66 -19.24
CA LYS E 722 27.67 -11.84 -19.26
C LYS E 722 27.48 -10.48 -18.63
N TRP E 723 26.25 -10.08 -18.31
CA TRP E 723 26.00 -8.82 -17.65
C TRP E 723 26.01 -8.95 -16.14
N PHE E 724 26.47 -10.08 -15.62
CA PHE E 724 26.69 -10.25 -14.19
C PHE E 724 28.05 -9.74 -13.75
N TRP E 725 28.91 -9.34 -14.70
CA TRP E 725 30.25 -8.86 -14.38
C TRP E 725 30.48 -7.43 -14.87
N TRP E 726 29.44 -6.71 -15.27
CA TRP E 726 29.60 -5.33 -15.67
C TRP E 726 30.09 -4.52 -14.47
N PRO E 727 30.99 -3.52 -14.67
CA PRO E 727 31.54 -2.97 -15.92
C PRO E 727 32.69 -3.76 -16.53
N GLN E 728 33.15 -4.84 -15.90
CA GLN E 728 34.13 -5.68 -16.57
C GLN E 728 33.50 -6.38 -17.76
N VAL E 729 34.31 -6.63 -18.79
CA VAL E 729 33.85 -7.27 -20.01
C VAL E 729 34.27 -8.74 -19.97
N VAL E 730 33.30 -9.63 -20.15
CA VAL E 730 33.53 -11.07 -20.14
C VAL E 730 32.81 -11.69 -21.32
N ARG E 731 33.37 -12.78 -21.83
CA ARG E 731 32.73 -13.54 -22.90
C ARG E 731 31.87 -14.63 -22.29
N GLN E 732 30.68 -14.82 -22.86
CA GLN E 732 29.77 -15.83 -22.37
C GLN E 732 30.22 -17.25 -22.73
N ARG E 733 31.16 -17.39 -23.66
CA ARG E 733 31.79 -18.68 -23.92
C ARG E 733 33.04 -18.50 -24.75
N PRO E 734 34.07 -19.34 -24.56
CA PRO E 734 35.34 -19.08 -25.23
C PRO E 734 35.29 -19.34 -26.72
N ILE E 735 36.39 -19.09 -27.41
CA ILE E 735 36.48 -19.39 -28.85
C ILE E 735 36.39 -20.90 -29.04
N PRO E 736 35.58 -21.40 -29.97
CA PRO E 736 35.51 -22.86 -30.15
C PRO E 736 36.87 -23.43 -30.47
N GLN E 737 37.14 -24.63 -29.94
CA GLN E 737 38.41 -25.28 -30.13
C GLN E 737 38.26 -26.44 -31.11
N PRO E 738 39.30 -26.78 -31.85
CA PRO E 738 39.20 -27.90 -32.78
C PRO E 738 39.05 -29.21 -32.02
N TRP E 739 38.30 -30.12 -32.64
CA TRP E 739 38.07 -31.45 -32.09
C TRP E 739 39.38 -32.17 -31.85
N ALA F 1 -13.83 -51.00 -29.73
CA ALA F 1 -14.44 -50.38 -30.94
C ALA F 1 -15.84 -49.82 -30.67
N ARG F 2 -16.44 -50.23 -29.55
CA ARG F 2 -17.79 -49.79 -29.20
C ARG F 2 -17.90 -49.61 -27.69
N PRO F 3 -18.01 -48.37 -27.19
CA PRO F 3 -18.14 -48.18 -25.74
C PRO F 3 -19.48 -48.67 -25.21
N PHE F 4 -19.51 -48.89 -23.90
CA PHE F 4 -20.64 -49.52 -23.25
C PHE F 4 -21.75 -48.53 -22.92
N ILE F 5 -21.43 -47.52 -22.09
CA ILE F 5 -22.48 -46.65 -21.55
C ILE F 5 -23.26 -45.93 -22.63
N PRO F 6 -22.64 -45.29 -23.62
CA PRO F 6 -23.45 -44.65 -24.67
C PRO F 6 -24.31 -45.64 -25.44
N ARG F 7 -23.81 -46.85 -25.67
CA ARG F 7 -24.63 -47.86 -26.35
C ARG F 7 -25.85 -48.21 -25.52
N MET F 8 -25.67 -48.38 -24.21
CA MET F 8 -26.80 -48.68 -23.34
C MET F 8 -27.81 -47.53 -23.36
N ILE F 9 -27.33 -46.29 -23.27
CA ILE F 9 -28.26 -45.16 -23.23
C ILE F 9 -28.99 -45.03 -24.54
N ARG F 10 -28.33 -45.28 -25.66
CA ARG F 10 -28.99 -45.15 -26.95
C ARG F 10 -30.01 -46.26 -27.17
N THR F 11 -29.61 -47.51 -26.93
CA THR F 11 -30.49 -48.64 -27.26
C THR F 11 -31.79 -48.55 -26.48
N PHE F 12 -31.70 -48.25 -25.19
CA PHE F 12 -32.87 -48.11 -24.33
C PHE F 12 -33.29 -46.66 -24.18
N ALA F 13 -33.14 -45.86 -25.24
CA ALA F 13 -33.45 -44.44 -25.13
C ALA F 13 -34.91 -44.22 -24.74
N VAL F 14 -35.83 -44.82 -25.51
CA VAL F 14 -37.26 -44.55 -25.30
C VAL F 14 -37.69 -44.93 -23.89
N PRO F 15 -37.37 -46.12 -23.38
CA PRO F 15 -37.74 -46.42 -21.98
C PRO F 15 -37.13 -45.44 -20.99
N ILE F 16 -35.89 -44.98 -21.21
CA ILE F 16 -35.28 -44.02 -20.29
C ILE F 16 -36.06 -42.71 -20.30
N ILE F 17 -36.41 -42.22 -21.49
CA ILE F 17 -37.16 -40.97 -21.59
C ILE F 17 -38.50 -41.11 -20.88
N LEU F 18 -39.20 -42.22 -21.14
CA LEU F 18 -40.51 -42.40 -20.51
C LEU F 18 -40.40 -42.50 -19.00
N GLY F 19 -39.39 -43.23 -18.51
CA GLY F 19 -39.19 -43.31 -17.08
C GLY F 19 -38.95 -41.95 -16.47
N TRP F 20 -38.11 -41.14 -17.10
CA TRP F 20 -37.86 -39.81 -16.57
C TRP F 20 -39.13 -38.97 -16.58
N LEU F 21 -39.90 -39.03 -17.67
CA LEU F 21 -41.14 -38.26 -17.72
C LEU F 21 -42.08 -38.64 -16.58
N VAL F 22 -42.27 -39.95 -16.37
CA VAL F 22 -43.19 -40.36 -15.32
C VAL F 22 -42.64 -39.97 -13.94
N THR F 23 -41.32 -40.02 -13.76
CA THR F 23 -40.74 -39.62 -12.47
C THR F 23 -40.96 -38.13 -12.19
N ILE F 24 -40.68 -37.26 -13.16
CA ILE F 24 -41.01 -35.85 -12.96
C ILE F 24 -42.49 -35.70 -12.65
N ALA F 25 -43.35 -36.40 -13.39
CA ALA F 25 -44.78 -36.28 -13.18
C ALA F 25 -45.15 -36.59 -11.73
N VAL F 26 -44.70 -37.75 -11.23
CA VAL F 26 -45.07 -38.18 -9.89
C VAL F 26 -44.49 -37.23 -8.84
N LEU F 27 -43.23 -36.82 -9.01
CA LEU F 27 -42.61 -35.96 -8.01
C LEU F 27 -43.34 -34.62 -7.91
N ASN F 28 -43.72 -34.03 -9.04
CA ASN F 28 -44.40 -32.74 -8.98
C ASN F 28 -45.87 -32.83 -8.56
N VAL F 29 -46.58 -33.91 -8.90
CA VAL F 29 -48.02 -33.92 -8.64
C VAL F 29 -48.29 -34.14 -7.14
N THR F 30 -47.59 -35.09 -6.52
CA THR F 30 -47.91 -35.47 -5.15
C THR F 30 -47.33 -34.54 -4.09
N VAL F 31 -46.43 -33.65 -4.46
CA VAL F 31 -45.72 -32.82 -3.48
C VAL F 31 -45.87 -31.35 -3.86
N PRO F 32 -45.97 -30.43 -2.90
CA PRO F 32 -46.06 -29.01 -3.26
C PRO F 32 -44.81 -28.48 -3.93
N GLN F 33 -44.84 -27.21 -4.33
CA GLN F 33 -43.71 -26.60 -5.00
C GLN F 33 -42.66 -26.15 -3.99
N LEU F 34 -41.46 -25.84 -4.49
CA LEU F 34 -40.37 -25.43 -3.62
C LEU F 34 -40.76 -24.22 -2.78
N GLU F 35 -41.45 -23.25 -3.37
CA GLU F 35 -41.72 -22.01 -2.66
C GLU F 35 -42.58 -22.26 -1.43
N THR F 36 -43.59 -23.13 -1.55
CA THR F 36 -44.47 -23.39 -0.42
C THR F 36 -43.76 -24.12 0.71
N VAL F 37 -43.00 -25.17 0.39
CA VAL F 37 -42.29 -25.90 1.43
C VAL F 37 -41.27 -24.99 2.10
N GLY F 38 -40.56 -24.20 1.31
CA GLY F 38 -39.62 -23.25 1.89
C GLY F 38 -40.30 -22.24 2.79
N GLN F 39 -41.48 -21.78 2.39
CA GLN F 39 -42.22 -20.81 3.19
C GLN F 39 -42.64 -21.41 4.53
N ILE F 40 -43.11 -22.65 4.52
CA ILE F 40 -43.54 -23.25 5.78
C ILE F 40 -42.36 -23.65 6.65
N GLN F 41 -41.21 -23.95 6.06
CA GLN F 41 -40.03 -24.42 6.77
C GLN F 41 -39.07 -23.27 7.08
N ALA F 42 -39.62 -22.08 7.33
CA ALA F 42 -38.77 -20.90 7.52
C ALA F 42 -37.84 -21.08 8.71
N VAL F 43 -36.64 -20.51 8.58
CA VAL F 43 -35.61 -20.55 9.60
C VAL F 43 -35.27 -19.12 10.01
N SER F 44 -34.77 -18.97 11.23
CA SER F 44 -34.33 -17.66 11.69
C SER F 44 -33.12 -17.22 10.89
N MET F 45 -33.07 -15.92 10.56
CA MET F 45 -32.04 -15.38 9.68
C MET F 45 -30.90 -14.72 10.44
N SER F 46 -30.89 -14.81 11.77
CA SER F 46 -29.77 -14.34 12.57
C SER F 46 -29.15 -15.54 13.27
N PRO F 47 -27.83 -15.68 13.26
CA PRO F 47 -27.22 -16.87 13.87
C PRO F 47 -27.48 -16.91 15.36
N ASP F 48 -27.44 -18.12 15.91
CA ASP F 48 -27.77 -18.31 17.33
C ASP F 48 -26.69 -17.72 18.23
N ALA F 49 -25.43 -17.75 17.81
CA ALA F 49 -24.32 -17.27 18.63
C ALA F 49 -24.14 -15.77 18.57
N ALA F 50 -24.87 -15.06 17.73
CA ALA F 50 -24.67 -13.63 17.59
C ALA F 50 -24.96 -12.94 18.93
N PRO F 51 -24.05 -12.09 19.43
CA PRO F 51 -24.28 -11.48 20.74
C PRO F 51 -25.58 -10.70 20.85
N SER F 52 -26.01 -10.03 19.79
CA SER F 52 -27.22 -9.22 19.88
C SER F 52 -28.46 -10.08 20.04
N MET F 53 -28.49 -11.23 19.36
CA MET F 53 -29.60 -12.16 19.56
C MET F 53 -29.69 -12.59 21.01
N ILE F 54 -28.57 -13.00 21.59
CA ILE F 54 -28.56 -13.42 22.98
C ILE F 54 -29.00 -12.28 23.88
N SER F 55 -28.54 -11.06 23.58
CA SER F 55 -28.92 -9.91 24.40
C SER F 55 -30.42 -9.66 24.35
N MET F 56 -31.00 -9.69 23.16
CA MET F 56 -32.44 -9.43 23.06
C MET F 56 -33.23 -10.51 23.81
N LYS F 57 -32.84 -11.77 23.63
CA LYS F 57 -33.53 -12.83 24.35
C LYS F 57 -33.44 -12.62 25.86
N HIS F 58 -32.25 -12.25 26.36
CA HIS F 58 -32.08 -12.12 27.80
C HIS F 58 -32.84 -10.91 28.35
N ILE F 59 -32.85 -9.79 27.62
CA ILE F 59 -33.63 -8.64 28.07
C ILE F 59 -35.11 -8.98 28.09
N GLY F 60 -35.58 -9.76 27.13
CA GLY F 60 -36.95 -10.23 27.20
C GLY F 60 -37.18 -11.12 28.41
N LYS F 61 -36.23 -12.00 28.69
CA LYS F 61 -36.38 -12.94 29.80
C LYS F 61 -36.49 -12.22 31.14
N VAL F 62 -35.53 -11.33 31.43
CA VAL F 62 -35.49 -10.69 32.74
C VAL F 62 -36.73 -9.84 32.97
N PHE F 63 -37.17 -9.10 31.96
CA PHE F 63 -38.30 -8.19 32.09
C PHE F 63 -39.63 -8.86 31.78
N GLU F 64 -39.65 -10.17 31.61
CA GLU F 64 -40.87 -10.93 31.34
C GLU F 64 -41.72 -10.21 30.28
N GLU F 65 -41.16 -10.15 29.07
CA GLU F 65 -41.82 -9.51 27.94
C GLU F 65 -41.71 -10.37 26.68
N GLY F 66 -41.52 -11.68 26.84
CA GLY F 66 -41.45 -12.59 25.72
C GLY F 66 -40.03 -12.97 25.36
N ASP F 67 -39.94 -13.85 24.36
CA ASP F 67 -38.67 -14.42 23.94
C ASP F 67 -38.24 -14.01 22.54
N SER F 68 -39.18 -13.75 21.64
CA SER F 68 -38.80 -13.41 20.28
C SER F 68 -38.12 -12.05 20.24
N ASP F 69 -37.63 -11.70 19.05
CA ASP F 69 -36.91 -10.45 18.84
C ASP F 69 -37.57 -9.53 17.82
N SER F 70 -38.63 -9.97 17.15
CA SER F 70 -39.32 -9.12 16.20
C SER F 70 -40.14 -8.06 16.93
N ALA F 71 -40.39 -6.95 16.25
CA ALA F 71 -41.20 -5.88 16.82
C ALA F 71 -41.74 -5.02 15.69
N ALA F 72 -42.79 -4.26 16.02
CA ALA F 72 -43.39 -3.32 15.09
C ALA F 72 -43.84 -2.11 15.89
N MET F 73 -44.36 -1.10 15.19
CA MET F 73 -44.80 0.11 15.86
C MET F 73 -46.08 0.64 15.23
N ILE F 74 -46.89 1.30 16.06
CA ILE F 74 -48.10 1.98 15.62
C ILE F 74 -47.87 3.47 15.79
N VAL F 75 -48.04 4.23 14.72
CA VAL F 75 -47.80 5.67 14.72
C VAL F 75 -49.12 6.38 14.50
N LEU F 76 -49.47 7.26 15.41
CA LEU F 76 -50.64 8.12 15.28
C LEU F 76 -50.19 9.50 14.86
N GLU F 77 -50.66 9.97 13.71
CA GLU F 77 -50.41 11.32 13.26
C GLU F 77 -51.74 12.04 13.09
N GLY F 78 -51.69 13.37 13.15
CA GLY F 78 -52.89 14.14 12.99
C GLY F 78 -52.62 15.54 12.47
N GLN F 79 -53.48 16.02 11.57
CA GLN F 79 -53.29 17.37 11.03
C GLN F 79 -53.32 18.42 12.13
N ARG F 80 -53.96 18.13 13.26
CA ARG F 80 -54.00 19.02 14.40
C ARG F 80 -53.48 18.31 15.64
N PRO F 81 -53.06 19.05 16.67
CA PRO F 81 -52.46 18.41 17.85
C PRO F 81 -53.39 17.38 18.46
N LEU F 82 -52.81 16.26 18.89
CA LEU F 82 -53.60 15.14 19.40
C LEU F 82 -54.40 15.58 20.62
N GLY F 83 -55.64 15.11 20.69
CA GLY F 83 -56.55 15.52 21.74
C GLY F 83 -57.12 14.38 22.55
N ASP F 84 -58.11 14.67 23.40
CA ASP F 84 -58.66 13.65 24.28
C ASP F 84 -59.33 12.52 23.50
N ALA F 85 -59.92 12.83 22.36
CA ALA F 85 -60.50 11.77 21.54
C ALA F 85 -59.42 10.82 21.03
N ALA F 86 -58.26 11.37 20.68
CA ALA F 86 -57.13 10.51 20.31
C ALA F 86 -56.74 9.63 21.48
N HIS F 87 -56.75 10.17 22.70
CA HIS F 87 -56.43 9.36 23.86
C HIS F 87 -57.43 8.23 24.06
N ALA F 88 -58.72 8.51 23.86
CA ALA F 88 -59.73 7.48 24.03
C ALA F 88 -59.57 6.37 22.99
N PHE F 89 -59.41 6.76 21.73
CA PHE F 89 -59.18 5.76 20.68
C PHE F 89 -57.92 4.98 20.97
N TYR F 90 -56.88 5.65 21.47
CA TYR F 90 -55.65 4.99 21.85
C TYR F 90 -55.88 3.93 22.91
N ASP F 91 -56.62 4.28 23.97
CA ASP F 91 -56.88 3.34 25.04
C ASP F 91 -57.66 2.13 24.54
N GLN F 92 -58.69 2.38 23.73
CA GLN F 92 -59.45 1.27 23.17
C GLN F 92 -58.55 0.35 22.35
N MET F 93 -57.79 0.94 21.42
CA MET F 93 -56.97 0.13 20.53
C MET F 93 -55.90 -0.63 21.30
N ILE F 94 -55.33 -0.02 22.33
CA ILE F 94 -54.29 -0.71 23.10
C ILE F 94 -54.89 -1.89 23.84
N GLY F 95 -56.09 -1.72 24.40
CA GLY F 95 -56.75 -2.86 25.00
C GLY F 95 -56.97 -3.99 24.01
N ARG F 96 -57.48 -3.65 22.83
CA ARG F 96 -57.73 -4.69 21.82
C ARG F 96 -56.44 -5.37 21.42
N LEU F 97 -55.38 -4.60 21.21
CA LEU F 97 -54.09 -5.19 20.85
C LEU F 97 -53.62 -6.17 21.91
N GLN F 98 -53.62 -5.74 23.17
CA GLN F 98 -53.11 -6.62 24.22
C GLN F 98 -54.02 -7.82 24.46
N ALA F 99 -55.27 -7.77 23.99
CA ALA F 99 -56.15 -8.91 24.14
C ALA F 99 -55.73 -10.12 23.31
N ASP F 100 -54.96 -9.91 22.24
CA ASP F 100 -54.62 -10.99 21.31
C ASP F 100 -53.37 -11.72 21.82
N THR F 101 -53.58 -12.53 22.85
CA THR F 101 -52.46 -13.15 23.54
C THR F 101 -51.69 -14.15 22.67
N THR F 102 -52.30 -14.65 21.59
CA THR F 102 -51.63 -15.67 20.78
C THR F 102 -50.63 -15.11 19.79
N HIS F 103 -50.71 -13.80 19.48
CA HIS F 103 -49.85 -13.19 18.49
C HIS F 103 -48.91 -12.14 19.08
N VAL F 104 -49.42 -11.21 19.89
CA VAL F 104 -48.58 -10.19 20.50
C VAL F 104 -48.12 -10.68 21.87
N GLN F 105 -46.82 -10.66 22.09
CA GLN F 105 -46.28 -11.08 23.38
C GLN F 105 -46.56 -10.04 24.45
N SER F 106 -46.02 -8.83 24.26
CA SER F 106 -46.22 -7.74 25.20
C SER F 106 -45.97 -6.45 24.45
N LEU F 107 -46.31 -5.34 25.09
CA LEU F 107 -46.14 -4.03 24.47
C LEU F 107 -45.60 -3.04 25.49
N GLN F 108 -45.09 -1.93 24.97
CA GLN F 108 -44.38 -0.91 25.75
C GLN F 108 -45.20 0.37 25.68
N ASP F 109 -46.12 0.54 26.62
CA ASP F 109 -47.04 1.67 26.64
C ASP F 109 -46.42 2.82 27.43
N PHE F 110 -45.93 3.84 26.71
CA PHE F 110 -45.40 5.04 27.33
C PHE F 110 -46.37 6.21 27.27
N TRP F 111 -47.11 6.38 26.17
CA TRP F 111 -47.95 7.55 26.02
C TRP F 111 -49.13 7.55 26.98
N GLY F 112 -49.41 6.44 27.65
CA GLY F 112 -50.53 6.37 28.56
C GLY F 112 -50.28 6.87 29.96
N ASP F 113 -49.09 7.41 30.23
CA ASP F 113 -48.73 7.89 31.56
C ASP F 113 -48.38 9.38 31.52
N PRO F 114 -48.85 10.17 32.49
CA PRO F 114 -48.48 11.59 32.49
C PRO F 114 -47.00 11.84 32.62
N LEU F 115 -46.26 10.99 33.34
CA LEU F 115 -44.83 11.22 33.53
C LEU F 115 -44.05 11.01 32.24
N THR F 116 -44.32 9.91 31.55
CA THR F 116 -43.58 9.54 30.36
C THR F 116 -44.29 9.95 29.06
N ALA F 117 -45.37 10.73 29.16
CA ALA F 117 -46.05 11.17 27.96
C ALA F 117 -45.15 12.03 27.09
N THR F 118 -44.35 12.91 27.72
CA THR F 118 -43.46 13.76 26.95
C THR F 118 -42.46 12.95 26.14
N GLY F 119 -42.11 11.75 26.62
CA GLY F 119 -41.09 10.97 25.94
C GLY F 119 -41.55 10.33 24.65
N ALA F 120 -42.86 10.16 24.48
CA ALA F 120 -43.42 9.48 23.31
C ALA F 120 -44.33 10.39 22.51
N GLN F 121 -44.01 11.68 22.46
CA GLN F 121 -44.76 12.66 21.70
C GLN F 121 -43.79 13.56 20.94
N SER F 122 -44.26 14.12 19.85
CA SER F 122 -43.40 14.96 19.02
C SER F 122 -43.20 16.33 19.67
N SER F 123 -42.20 17.05 19.16
CA SER F 123 -41.84 18.34 19.73
C SER F 123 -42.93 19.39 19.55
N ASP F 124 -43.81 19.21 18.57
CA ASP F 124 -44.92 20.13 18.35
C ASP F 124 -46.26 19.54 18.80
N GLY F 125 -46.25 18.43 19.53
CA GLY F 125 -47.46 17.86 20.06
C GLY F 125 -48.45 17.48 18.98
N LYS F 126 -47.98 16.79 17.94
CA LYS F 126 -48.81 16.46 16.79
C LYS F 126 -48.53 15.03 16.31
N ALA F 127 -48.00 14.19 17.19
CA ALA F 127 -47.75 12.80 16.83
C ALA F 127 -47.55 11.97 18.10
N ALA F 128 -47.59 10.65 17.92
CA ALA F 128 -47.33 9.71 19.00
C ALA F 128 -46.99 8.37 18.37
N TYR F 129 -46.40 7.49 19.18
CA TYR F 129 -45.99 6.20 18.65
C TYR F 129 -45.90 5.20 19.80
N VAL F 130 -45.88 3.92 19.44
CA VAL F 130 -45.93 2.83 20.40
C VAL F 130 -45.15 1.66 19.83
N GLN F 131 -44.53 0.88 20.70
CA GLN F 131 -43.81 -0.32 20.31
C GLN F 131 -44.57 -1.55 20.77
N VAL F 132 -44.79 -2.49 19.85
CA VAL F 132 -45.48 -3.74 20.13
C VAL F 132 -44.53 -4.88 19.81
N LYS F 133 -44.29 -5.74 20.78
CA LYS F 133 -43.42 -6.90 20.58
C LYS F 133 -44.27 -8.07 20.09
N LEU F 134 -43.93 -8.55 18.89
CA LEU F 134 -44.71 -9.60 18.24
C LEU F 134 -44.12 -10.96 18.60
N ALA F 135 -44.63 -12.02 17.97
CA ALA F 135 -44.18 -13.38 18.20
C ALA F 135 -43.52 -13.94 16.95
N GLY F 136 -42.43 -14.66 17.13
CA GLY F 136 -41.72 -15.24 16.01
C GLY F 136 -40.48 -14.48 15.63
N ASN F 137 -39.39 -15.19 15.41
CA ASN F 137 -38.11 -14.55 15.13
C ASN F 137 -38.04 -14.09 13.68
N GLN F 138 -37.02 -13.28 13.38
CA GLN F 138 -36.85 -12.76 12.04
C GLN F 138 -36.70 -13.89 11.04
N GLY F 139 -37.39 -13.76 9.91
CA GLY F 139 -37.34 -14.74 8.86
C GLY F 139 -38.35 -15.86 8.96
N GLU F 140 -39.00 -16.01 10.11
CA GLU F 140 -40.01 -17.03 10.28
C GLU F 140 -41.35 -16.55 9.73
N SER F 141 -42.16 -17.51 9.25
CA SER F 141 -43.52 -17.19 8.84
C SER F 141 -44.34 -16.66 10.00
N LEU F 142 -43.95 -17.00 11.23
CA LEU F 142 -44.70 -16.57 12.41
C LEU F 142 -44.75 -15.05 12.49
N ALA F 143 -43.62 -14.39 12.24
CA ALA F 143 -43.58 -12.94 12.30
C ALA F 143 -44.51 -12.31 11.28
N ASN F 144 -44.51 -12.84 10.05
CA ASN F 144 -45.38 -12.30 9.01
C ASN F 144 -46.84 -12.45 9.39
N GLU F 145 -47.24 -13.63 9.87
CA GLU F 145 -48.64 -13.80 10.22
C GLU F 145 -49.01 -12.91 11.40
N SER F 146 -48.09 -12.76 12.37
CA SER F 146 -48.36 -11.92 13.53
C SER F 146 -48.57 -10.46 13.12
N VAL F 147 -47.71 -9.95 12.23
CA VAL F 147 -47.84 -8.57 11.82
C VAL F 147 -49.11 -8.37 10.99
N GLU F 148 -49.46 -9.36 10.17
CA GLU F 148 -50.72 -9.28 9.44
C GLU F 148 -51.90 -9.22 10.40
N ALA F 149 -51.86 -10.05 11.45
CA ALA F 149 -52.94 -10.04 12.43
C ALA F 149 -53.04 -8.70 13.13
N VAL F 150 -51.89 -8.13 13.51
CA VAL F 150 -51.89 -6.82 14.17
C VAL F 150 -52.47 -5.77 13.23
N LYS F 151 -52.09 -5.82 11.96
CA LYS F 151 -52.60 -4.85 10.99
C LYS F 151 -54.11 -4.97 10.87
N THR F 152 -54.62 -6.19 10.78
CA THR F 152 -56.06 -6.39 10.68
C THR F 152 -56.78 -5.90 11.93
N ILE F 153 -56.20 -6.15 13.10
CA ILE F 153 -56.81 -5.68 14.35
C ILE F 153 -56.87 -4.15 14.37
N VAL F 154 -55.81 -3.49 13.92
CA VAL F 154 -55.75 -2.05 14.08
C VAL F 154 -56.58 -1.34 13.01
N GLU F 155 -56.79 -1.97 11.85
CA GLU F 155 -57.52 -1.30 10.77
C GLU F 155 -59.03 -1.45 10.90
N ARG F 156 -59.54 -2.32 11.77
CA ARG F 156 -60.97 -2.59 11.81
C ARG F 156 -61.74 -1.58 12.65
N LEU F 157 -61.09 -0.57 13.20
CA LEU F 157 -61.75 0.49 13.96
C LEU F 157 -61.48 1.82 13.26
N ALA F 158 -62.54 2.58 13.04
CA ALA F 158 -62.41 3.86 12.37
C ALA F 158 -61.68 4.86 13.27
N PRO F 159 -60.54 5.40 12.86
CA PRO F 159 -59.90 6.42 13.67
C PRO F 159 -60.78 7.66 13.77
N PRO F 160 -60.62 8.43 14.84
CA PRO F 160 -61.38 9.67 14.94
C PRO F 160 -60.99 10.62 13.80
N PRO F 161 -61.92 11.48 13.38
CA PRO F 161 -61.62 12.35 12.24
C PRO F 161 -60.45 13.29 12.56
N GLY F 162 -59.60 13.50 11.56
CA GLY F 162 -58.45 14.36 11.69
C GLY F 162 -57.16 13.67 12.06
N VAL F 163 -57.18 12.35 12.31
CA VAL F 163 -55.97 11.60 12.60
C VAL F 163 -55.99 10.31 11.79
N LYS F 164 -54.81 9.71 11.65
CA LYS F 164 -54.64 8.48 10.91
C LYS F 164 -53.71 7.56 11.66
N VAL F 165 -53.73 6.27 11.31
CA VAL F 165 -52.95 5.25 11.99
C VAL F 165 -52.25 4.39 10.95
N TYR F 166 -50.97 4.12 11.17
CA TYR F 166 -50.18 3.26 10.30
C TYR F 166 -49.56 2.13 11.12
N VAL F 167 -48.90 1.23 10.42
CA VAL F 167 -48.12 0.16 11.04
C VAL F 167 -46.77 0.12 10.34
N THR F 168 -45.70 0.32 11.10
CA THR F 168 -44.36 0.43 10.54
C THR F 168 -43.37 -0.39 11.35
N GLY F 169 -42.08 -0.17 11.12
CA GLY F 169 -41.05 -0.79 11.92
C GLY F 169 -40.26 -1.83 11.15
N SER F 170 -39.54 -2.65 11.91
CA SER F 170 -38.67 -3.64 11.31
C SER F 170 -39.46 -4.83 10.76
N ALA F 171 -40.27 -5.46 11.63
CA ALA F 171 -40.99 -6.65 11.21
C ALA F 171 -41.98 -6.34 10.10
N ALA F 172 -42.65 -5.19 10.19
CA ALA F 172 -43.62 -4.83 9.16
C ALA F 172 -42.95 -4.74 7.79
N LEU F 173 -41.77 -4.13 7.74
CA LEU F 173 -41.10 -3.96 6.46
C LEU F 173 -40.69 -5.30 5.87
N VAL F 174 -40.26 -6.26 6.70
CA VAL F 174 -39.83 -7.55 6.19
C VAL F 174 -41.01 -8.30 5.57
N ALA F 175 -42.14 -8.34 6.28
CA ALA F 175 -43.32 -9.00 5.74
C ALA F 175 -43.81 -8.31 4.49
N ASP F 176 -43.78 -6.98 4.49
CA ASP F 176 -44.20 -6.23 3.30
C ASP F 176 -43.29 -6.54 2.12
N GLN F 177 -41.98 -6.66 2.38
CA GLN F 177 -41.05 -7.00 1.31
C GLN F 177 -41.32 -8.39 0.77
N GLN F 178 -41.60 -9.35 1.65
CA GLN F 178 -41.91 -10.70 1.21
C GLN F 178 -43.17 -10.72 0.36
N GLN F 179 -44.15 -9.89 0.71
CA GLN F 179 -45.37 -9.79 -0.08
C GLN F 179 -45.09 -9.10 -1.42
N ALA F 180 -44.21 -8.10 -1.42
CA ALA F 180 -43.90 -7.35 -2.63
C ALA F 180 -43.02 -8.12 -3.60
N GLY F 181 -42.28 -9.11 -3.13
CA GLY F 181 -41.45 -9.89 -4.04
C GLY F 181 -42.27 -10.64 -5.07
N ASP F 182 -43.42 -11.17 -4.66
CA ASP F 182 -44.24 -11.99 -5.54
C ASP F 182 -45.22 -11.18 -6.37
N ARG F 183 -45.36 -9.88 -6.11
CA ARG F 183 -46.32 -9.07 -6.84
C ARG F 183 -45.83 -8.72 -8.24
N SER F 184 -44.53 -8.47 -8.41
CA SER F 184 -43.98 -7.98 -9.65
C SER F 184 -43.07 -9.00 -10.32
N LEU F 185 -43.47 -10.27 -10.31
CA LEU F 185 -42.70 -11.31 -10.98
C LEU F 185 -43.17 -11.58 -12.40
N GLN F 186 -44.42 -11.26 -12.72
CA GLN F 186 -44.97 -11.65 -14.02
C GLN F 186 -44.29 -10.91 -15.17
N VAL F 187 -44.21 -9.58 -15.07
CA VAL F 187 -43.66 -8.80 -16.17
C VAL F 187 -42.18 -9.12 -16.38
N ILE F 188 -41.44 -9.31 -15.28
CA ILE F 188 -40.05 -9.69 -15.40
C ILE F 188 -39.93 -11.04 -16.11
N GLU F 189 -40.84 -11.97 -15.79
CA GLU F 189 -40.82 -13.26 -16.45
C GLU F 189 -41.09 -13.12 -17.95
N ALA F 190 -42.06 -12.27 -18.31
CA ALA F 190 -42.35 -12.07 -19.72
C ALA F 190 -41.13 -11.51 -20.46
N VAL F 191 -40.49 -10.50 -19.89
CA VAL F 191 -39.33 -9.90 -20.53
C VAL F 191 -38.21 -10.91 -20.65
N THR F 192 -37.98 -11.69 -19.59
CA THR F 192 -36.91 -12.68 -19.63
C THR F 192 -37.19 -13.73 -20.68
N PHE F 193 -38.44 -14.15 -20.82
CA PHE F 193 -38.77 -15.16 -21.82
C PHE F 193 -38.55 -14.65 -23.23
N THR F 194 -39.00 -13.43 -23.52
CA THR F 194 -38.79 -12.89 -24.86
C THR F 194 -37.29 -12.71 -25.13
N VAL F 195 -36.52 -12.27 -24.13
CA VAL F 195 -35.09 -12.10 -24.35
C VAL F 195 -34.43 -13.44 -24.61
N ILE F 196 -34.79 -14.48 -23.86
CA ILE F 196 -34.12 -15.76 -24.06
C ILE F 196 -34.48 -16.34 -25.43
N ILE F 197 -35.74 -16.19 -25.86
CA ILE F 197 -36.11 -16.77 -27.14
C ILE F 197 -35.45 -16.01 -28.29
N VAL F 198 -35.41 -14.68 -28.22
CA VAL F 198 -34.74 -13.94 -29.28
C VAL F 198 -33.25 -14.27 -29.31
N MET F 199 -32.63 -14.35 -28.13
CA MET F 199 -31.21 -14.67 -28.09
C MET F 199 -30.93 -16.04 -28.67
N LEU F 200 -31.78 -17.02 -28.35
CA LEU F 200 -31.59 -18.35 -28.91
C LEU F 200 -31.80 -18.37 -30.41
N LEU F 201 -32.76 -17.60 -30.92
CA LEU F 201 -32.91 -17.52 -32.37
C LEU F 201 -31.70 -16.87 -33.01
N LEU F 202 -31.02 -15.97 -32.29
CA LEU F 202 -29.76 -15.44 -32.78
C LEU F 202 -28.67 -16.52 -32.79
N VAL F 203 -28.60 -17.33 -31.74
CA VAL F 203 -27.54 -18.32 -31.63
C VAL F 203 -27.71 -19.41 -32.68
N TYR F 204 -28.93 -19.95 -32.81
CA TYR F 204 -29.16 -21.14 -33.61
C TYR F 204 -29.82 -20.85 -34.95
N ARG F 205 -30.59 -19.77 -35.06
CA ARG F 205 -31.26 -19.41 -36.31
C ARG F 205 -32.17 -20.53 -36.79
N SER F 206 -32.82 -21.20 -35.84
CA SER F 206 -33.83 -22.21 -36.14
C SER F 206 -34.77 -22.29 -34.95
N ILE F 207 -35.95 -22.84 -35.19
CA ILE F 207 -36.98 -22.86 -34.15
C ILE F 207 -37.13 -24.26 -33.57
N ILE F 208 -36.94 -25.30 -34.39
CA ILE F 208 -37.07 -26.65 -33.87
C ILE F 208 -35.94 -26.98 -32.91
N THR F 209 -34.70 -26.59 -33.26
CA THR F 209 -33.57 -26.84 -32.36
C THR F 209 -33.72 -26.03 -31.08
N SER F 210 -34.18 -24.78 -31.19
CA SER F 210 -34.48 -23.99 -30.00
C SER F 210 -35.48 -24.72 -29.11
N ALA F 211 -36.53 -25.26 -29.72
CA ALA F 211 -37.53 -25.98 -28.94
C ALA F 211 -36.93 -27.20 -28.25
N ILE F 212 -36.06 -27.94 -28.95
CA ILE F 212 -35.45 -29.10 -28.34
C ILE F 212 -34.62 -28.70 -27.12
N MET F 213 -33.82 -27.64 -27.25
CA MET F 213 -32.98 -27.29 -26.10
C MET F 213 -33.81 -26.74 -24.95
N LEU F 214 -34.89 -26.00 -25.25
CA LEU F 214 -35.78 -25.58 -24.18
C LEU F 214 -36.39 -26.78 -23.48
N THR F 215 -36.74 -27.83 -24.24
CA THR F 215 -37.25 -29.03 -23.61
C THR F 215 -36.22 -29.64 -22.68
N MET F 216 -34.96 -29.72 -23.11
CA MET F 216 -33.90 -30.23 -22.24
C MET F 216 -33.83 -29.43 -20.94
N VAL F 217 -33.77 -28.11 -21.06
CA VAL F 217 -33.60 -27.26 -19.88
C VAL F 217 -34.80 -27.41 -18.94
N VAL F 218 -36.02 -27.41 -19.50
CA VAL F 218 -37.20 -27.45 -18.66
C VAL F 218 -37.32 -28.79 -17.95
N LEU F 219 -37.02 -29.89 -18.65
CA LEU F 219 -37.06 -31.18 -17.98
C LEU F 219 -36.03 -31.26 -16.85
N GLY F 220 -34.82 -30.77 -17.10
CA GLY F 220 -33.84 -30.75 -16.03
C GLY F 220 -34.31 -29.95 -14.83
N LEU F 221 -34.84 -28.76 -15.08
CA LEU F 221 -35.31 -27.90 -14.00
C LEU F 221 -36.44 -28.56 -13.22
N LEU F 222 -37.40 -29.15 -13.91
CA LEU F 222 -38.54 -29.76 -13.24
C LEU F 222 -38.09 -30.95 -12.40
N ALA F 223 -37.17 -31.76 -12.92
CA ALA F 223 -36.67 -32.88 -12.13
C ALA F 223 -35.98 -32.38 -10.88
N THR F 224 -35.17 -31.32 -11.00
CA THR F 224 -34.46 -30.80 -9.84
C THR F 224 -35.45 -30.29 -8.78
N ARG F 225 -36.42 -29.50 -9.22
CA ARG F 225 -37.40 -28.95 -8.27
C ARG F 225 -38.17 -30.07 -7.60
N GLY F 226 -38.62 -31.06 -8.37
CA GLY F 226 -39.35 -32.17 -7.76
C GLY F 226 -38.51 -32.89 -6.72
N GLY F 227 -37.27 -33.19 -7.06
CA GLY F 227 -36.43 -33.92 -6.11
C GLY F 227 -36.22 -33.15 -4.82
N VAL F 228 -35.85 -31.88 -4.93
CA VAL F 228 -35.54 -31.12 -3.72
C VAL F 228 -36.80 -30.88 -2.90
N ALA F 229 -37.95 -30.65 -3.57
CA ALA F 229 -39.19 -30.47 -2.83
C ALA F 229 -39.57 -31.74 -2.09
N PHE F 230 -39.43 -32.90 -2.73
CA PHE F 230 -39.70 -34.15 -2.04
C PHE F 230 -38.82 -34.28 -0.81
N LEU F 231 -37.51 -34.05 -0.97
CA LEU F 231 -36.60 -34.23 0.16
C LEU F 231 -36.94 -33.27 1.29
N GLY F 232 -37.29 -32.03 0.96
CA GLY F 232 -37.54 -31.03 1.99
C GLY F 232 -38.92 -31.08 2.62
N PHE F 233 -39.86 -31.80 2.00
CA PHE F 233 -41.20 -31.89 2.59
C PHE F 233 -41.23 -32.84 3.78
N HIS F 234 -40.46 -33.93 3.72
CA HIS F 234 -40.41 -34.92 4.78
C HIS F 234 -39.33 -34.62 5.81
N ARG F 235 -38.90 -33.37 5.92
CA ARG F 235 -37.92 -32.96 6.93
C ARG F 235 -36.67 -33.83 6.88
N ILE F 236 -36.24 -34.18 5.67
CA ILE F 236 -34.98 -34.89 5.50
C ILE F 236 -33.82 -33.90 5.34
N ILE F 237 -34.08 -32.71 4.81
CA ILE F 237 -33.09 -31.65 4.68
C ILE F 237 -33.74 -30.33 5.11
N GLY F 238 -32.98 -29.25 4.97
CA GLY F 238 -33.47 -27.94 5.37
C GLY F 238 -33.54 -26.96 4.22
N LEU F 239 -34.70 -26.35 4.02
CA LEU F 239 -34.92 -25.40 2.95
C LEU F 239 -35.10 -23.99 3.51
N SER F 240 -34.98 -23.02 2.61
CA SER F 240 -35.19 -21.62 2.95
C SER F 240 -35.50 -20.88 1.66
N THR F 241 -36.02 -19.66 1.80
CA THR F 241 -36.34 -18.87 0.62
C THR F 241 -35.10 -18.64 -0.24
N PHE F 242 -34.00 -18.26 0.40
CA PHE F 242 -32.77 -18.01 -0.34
C PHE F 242 -32.27 -19.28 -1.02
N ALA F 243 -32.36 -20.41 -0.31
CA ALA F 243 -31.90 -21.67 -0.90
C ALA F 243 -32.68 -21.97 -2.17
N THR F 244 -34.01 -21.81 -2.13
CA THR F 244 -34.82 -22.08 -3.31
C THR F 244 -34.49 -21.13 -4.45
N ASN F 245 -34.39 -19.83 -4.16
CA ASN F 245 -34.11 -18.87 -5.22
C ASN F 245 -32.76 -19.16 -5.88
N LEU F 246 -31.72 -19.34 -5.07
CA LEU F 246 -30.40 -19.61 -5.63
C LEU F 246 -30.40 -20.94 -6.38
N LEU F 247 -31.13 -21.92 -5.87
CA LEU F 247 -31.20 -23.19 -6.57
C LEU F 247 -31.83 -23.03 -7.94
N VAL F 248 -32.89 -22.23 -8.03
CA VAL F 248 -33.52 -21.99 -9.33
C VAL F 248 -32.51 -21.34 -10.28
N VAL F 249 -31.83 -20.29 -9.81
CA VAL F 249 -30.90 -19.57 -10.69
C VAL F 249 -29.79 -20.51 -11.18
N LEU F 250 -29.17 -21.24 -10.26
CA LEU F 250 -28.05 -22.09 -10.62
C LEU F 250 -28.49 -23.29 -11.45
N ALA F 251 -29.69 -23.82 -11.20
CA ALA F 251 -30.19 -24.90 -12.03
C ALA F 251 -30.40 -24.44 -13.45
N ILE F 252 -30.99 -23.25 -13.64
CA ILE F 252 -31.12 -22.71 -15.00
C ILE F 252 -29.75 -22.60 -15.64
N ALA F 253 -28.79 -22.01 -14.92
CA ALA F 253 -27.47 -21.79 -15.50
C ALA F 253 -26.84 -23.11 -15.94
N ALA F 254 -26.78 -24.08 -15.03
CA ALA F 254 -26.12 -25.35 -15.34
C ALA F 254 -26.87 -26.09 -16.44
N ALA F 255 -28.21 -26.08 -16.40
CA ALA F 255 -28.97 -26.81 -17.40
C ALA F 255 -28.73 -26.26 -18.79
N THR F 256 -28.84 -24.93 -18.95
CA THR F 256 -28.57 -24.33 -20.26
C THR F 256 -27.14 -24.60 -20.68
N ASP F 257 -26.19 -24.48 -19.75
CA ASP F 257 -24.80 -24.72 -20.07
C ASP F 257 -24.60 -26.11 -20.66
N TYR F 258 -25.10 -27.13 -19.98
CA TYR F 258 -24.84 -28.49 -20.44
C TYR F 258 -25.62 -28.81 -21.71
N ALA F 259 -26.85 -28.30 -21.82
CA ALA F 259 -27.60 -28.53 -23.06
C ALA F 259 -26.88 -27.93 -24.25
N ILE F 260 -26.38 -26.71 -24.11
CA ILE F 260 -25.69 -26.06 -25.21
C ILE F 260 -24.40 -26.81 -25.54
N PHE F 261 -23.65 -27.23 -24.52
CA PHE F 261 -22.44 -28.01 -24.76
C PHE F 261 -22.77 -29.24 -25.61
N LEU F 262 -23.76 -30.03 -25.16
CA LEU F 262 -24.10 -31.26 -25.86
C LEU F 262 -24.50 -30.99 -27.30
N ILE F 263 -25.46 -30.08 -27.49
CA ILE F 263 -25.99 -29.86 -28.83
C ILE F 263 -24.91 -29.30 -29.75
N GLY F 264 -24.11 -28.36 -29.25
CA GLY F 264 -23.08 -27.76 -30.09
C GLY F 264 -22.02 -28.76 -30.51
N ARG F 265 -21.57 -29.60 -29.58
CA ARG F 265 -20.57 -30.60 -29.96
C ARG F 265 -21.15 -31.58 -30.96
N TYR F 266 -22.40 -32.00 -30.77
CA TYR F 266 -22.99 -32.92 -31.74
C TYR F 266 -23.11 -32.27 -33.11
N GLN F 267 -23.53 -31.01 -33.15
CA GLN F 267 -23.69 -30.30 -34.40
C GLN F 267 -22.35 -30.18 -35.13
N GLU F 268 -21.28 -29.90 -34.37
CA GLU F 268 -19.96 -29.86 -34.99
C GLU F 268 -19.56 -31.21 -35.54
N ALA F 269 -19.80 -32.29 -34.79
CA ALA F 269 -19.44 -33.61 -35.28
C ALA F 269 -20.20 -33.95 -36.55
N ARG F 270 -21.47 -33.55 -36.62
CA ARG F 270 -22.23 -33.74 -37.85
C ARG F 270 -21.60 -32.96 -39.00
N GLY F 271 -21.35 -31.67 -38.79
CA GLY F 271 -20.81 -30.83 -39.85
C GLY F 271 -19.45 -31.26 -40.33
N LEU F 272 -18.69 -31.98 -39.50
CA LEU F 272 -17.36 -32.40 -39.92
C LEU F 272 -17.43 -33.37 -41.10
N GLY F 273 -18.45 -34.21 -41.15
CA GLY F 273 -18.61 -35.14 -42.24
C GLY F 273 -18.80 -36.57 -41.81
N GLN F 274 -19.19 -36.78 -40.55
CA GLN F 274 -19.52 -38.10 -40.06
C GLN F 274 -21.00 -38.35 -40.23
N ASP F 275 -21.43 -39.57 -39.92
CA ASP F 275 -22.83 -39.97 -40.01
C ASP F 275 -23.50 -39.86 -38.65
N ARG F 276 -24.83 -39.97 -38.66
CA ARG F 276 -25.59 -39.80 -37.43
C ARG F 276 -25.19 -40.81 -36.37
N GLU F 277 -24.68 -41.98 -36.78
CA GLU F 277 -24.33 -43.01 -35.82
C GLU F 277 -23.08 -42.63 -35.04
N SER F 278 -22.06 -42.11 -35.72
CA SER F 278 -20.78 -41.82 -35.09
C SER F 278 -20.72 -40.43 -34.47
N ALA F 279 -21.51 -39.48 -34.96
CA ALA F 279 -21.48 -38.14 -34.39
C ALA F 279 -21.94 -38.15 -32.94
N TYR F 280 -23.01 -38.88 -32.65
CA TYR F 280 -23.51 -38.95 -31.27
C TYR F 280 -22.49 -39.59 -30.35
N TYR F 281 -21.87 -40.68 -30.79
CA TYR F 281 -20.87 -41.36 -29.96
C TYR F 281 -19.65 -40.47 -29.73
N THR F 282 -19.20 -39.79 -30.78
CA THR F 282 -18.06 -38.88 -30.62
C THR F 282 -18.40 -37.75 -29.65
N MET F 283 -19.58 -37.17 -29.77
CA MET F 283 -19.97 -36.10 -28.87
C MET F 283 -20.01 -36.58 -27.43
N PHE F 284 -20.58 -37.78 -27.21
CA PHE F 284 -20.61 -38.33 -25.87
C PHE F 284 -19.20 -38.52 -25.33
N GLY F 285 -18.37 -39.26 -26.06
CA GLY F 285 -17.02 -39.50 -25.60
C GLY F 285 -16.20 -38.24 -25.46
N GLY F 286 -16.65 -37.13 -26.03
CA GLY F 286 -15.95 -35.88 -25.90
C GLY F 286 -16.37 -35.05 -24.70
N THR F 287 -17.68 -34.97 -24.42
CA THR F 287 -18.15 -34.03 -23.41
C THR F 287 -18.70 -34.67 -22.14
N ALA F 288 -18.89 -36.00 -22.11
CA ALA F 288 -19.50 -36.61 -20.94
C ALA F 288 -18.67 -36.39 -19.68
N HIS F 289 -17.36 -36.68 -19.76
CA HIS F 289 -16.55 -36.59 -18.55
C HIS F 289 -16.33 -35.14 -18.13
N VAL F 290 -16.32 -34.21 -19.08
CA VAL F 290 -16.28 -32.79 -18.72
C VAL F 290 -17.52 -32.41 -17.95
N VAL F 291 -18.70 -32.85 -18.42
CA VAL F 291 -19.94 -32.56 -17.72
C VAL F 291 -19.88 -33.12 -16.31
N LEU F 292 -19.42 -34.36 -16.18
CA LEU F 292 -19.36 -35.01 -14.87
C LEU F 292 -18.45 -34.23 -13.92
N GLY F 293 -17.23 -33.92 -14.37
CA GLY F 293 -16.28 -33.24 -13.51
C GLY F 293 -16.77 -31.87 -13.09
N SER F 294 -17.27 -31.09 -14.05
CA SER F 294 -17.77 -29.75 -13.73
C SER F 294 -18.89 -29.83 -12.70
N GLY F 295 -19.88 -30.70 -12.95
CA GLY F 295 -21.01 -30.76 -12.06
C GLY F 295 -20.64 -31.20 -10.66
N LEU F 296 -19.83 -32.25 -10.55
CA LEU F 296 -19.46 -32.73 -9.23
C LEU F 296 -18.57 -31.74 -8.50
N THR F 297 -17.72 -31.00 -9.21
CA THR F 297 -16.92 -29.97 -8.55
C THR F 297 -17.80 -28.85 -8.00
N ILE F 298 -18.80 -28.41 -8.78
CA ILE F 298 -19.70 -27.39 -8.27
C ILE F 298 -20.45 -27.92 -7.05
N ALA F 299 -20.89 -29.17 -7.11
CA ALA F 299 -21.58 -29.77 -5.97
C ALA F 299 -20.69 -29.78 -4.73
N GLY F 300 -19.43 -30.19 -4.90
CA GLY F 300 -18.52 -30.24 -3.77
C GLY F 300 -18.25 -28.88 -3.17
N ALA F 301 -18.02 -27.87 -4.02
CA ALA F 301 -17.77 -26.54 -3.50
C ALA F 301 -18.99 -26.00 -2.77
N THR F 302 -20.18 -26.20 -3.33
CA THR F 302 -21.37 -25.69 -2.67
C THR F 302 -21.69 -26.46 -1.40
N PHE F 303 -21.22 -27.72 -1.30
CA PHE F 303 -21.34 -28.46 -0.06
C PHE F 303 -20.39 -27.93 0.99
N CYS F 304 -19.14 -27.65 0.60
CA CYS F 304 -18.18 -27.07 1.52
C CYS F 304 -18.61 -25.67 1.96
N LEU F 305 -19.50 -25.03 1.21
CA LEU F 305 -20.08 -23.78 1.65
C LEU F 305 -20.83 -23.92 2.97
N SER F 306 -21.21 -25.14 3.34
CA SER F 306 -22.07 -25.39 4.48
C SER F 306 -21.33 -25.32 5.82
N PHE F 307 -20.00 -25.16 5.81
CA PHE F 307 -19.21 -25.08 7.04
C PHE F 307 -19.11 -23.66 7.56
N THR F 308 -19.82 -22.72 6.96
CA THR F 308 -19.76 -21.31 7.39
C THR F 308 -20.59 -21.16 8.65
N ARG F 309 -20.86 -19.92 9.05
CA ARG F 309 -21.51 -19.64 10.32
C ARG F 309 -22.84 -18.91 10.18
N LEU F 310 -22.97 -18.00 9.23
CA LEU F 310 -24.23 -17.30 9.07
C LEU F 310 -25.31 -18.24 8.57
N PRO F 311 -26.57 -18.01 8.95
CA PRO F 311 -27.64 -18.87 8.42
C PRO F 311 -27.79 -18.78 6.92
N TYR F 312 -27.54 -17.61 6.32
CA TYR F 312 -27.71 -17.48 4.88
C TYR F 312 -26.82 -18.46 4.14
N PHE F 313 -25.56 -18.55 4.55
CA PHE F 313 -24.61 -19.47 3.93
C PHE F 313 -24.61 -20.85 4.56
N GLN F 314 -25.33 -21.03 5.67
CA GLN F 314 -25.38 -22.34 6.32
C GLN F 314 -26.53 -23.19 5.79
N THR F 315 -27.70 -22.58 5.62
CA THR F 315 -28.87 -23.28 5.11
C THR F 315 -28.81 -23.49 3.63
N LEU F 316 -27.64 -23.25 3.04
CA LEU F 316 -27.49 -23.18 1.59
C LEU F 316 -26.46 -24.18 1.10
N GLY F 317 -26.21 -25.25 1.86
CA GLY F 317 -25.19 -26.20 1.47
C GLY F 317 -25.73 -27.47 0.83
N VAL F 318 -26.69 -28.11 1.49
CA VAL F 318 -27.20 -29.41 1.08
C VAL F 318 -28.22 -29.28 -0.06
N PRO F 319 -29.15 -28.32 0.01
CA PRO F 319 -30.10 -28.18 -1.11
C PRO F 319 -29.41 -28.07 -2.46
N LEU F 320 -28.43 -27.18 -2.58
CA LEU F 320 -27.77 -26.98 -3.87
C LEU F 320 -26.91 -28.18 -4.25
N ALA F 321 -26.33 -28.87 -3.29
CA ALA F 321 -25.58 -30.09 -3.62
C ALA F 321 -26.49 -31.13 -4.26
N ILE F 322 -27.66 -31.36 -3.64
CA ILE F 322 -28.61 -32.31 -4.21
C ILE F 322 -29.07 -31.83 -5.58
N GLY F 323 -29.35 -30.53 -5.70
CA GLY F 323 -29.79 -30.00 -6.98
C GLY F 323 -28.78 -30.25 -8.07
N MET F 324 -27.50 -30.02 -7.78
CA MET F 324 -26.47 -30.21 -8.80
C MET F 324 -26.30 -31.68 -9.15
N VAL F 325 -26.40 -32.57 -8.17
CA VAL F 325 -26.31 -34.00 -8.49
C VAL F 325 -27.45 -34.39 -9.44
N ILE F 326 -28.67 -33.93 -9.13
CA ILE F 326 -29.81 -34.24 -9.98
C ILE F 326 -29.60 -33.68 -11.38
N VAL F 327 -29.11 -32.43 -11.46
CA VAL F 327 -28.92 -31.79 -12.76
C VAL F 327 -27.91 -32.57 -13.59
N VAL F 328 -26.81 -33.00 -12.97
CA VAL F 328 -25.80 -33.75 -13.71
C VAL F 328 -26.37 -35.06 -14.20
N ALA F 329 -27.10 -35.77 -13.33
CA ALA F 329 -27.68 -37.05 -13.75
C ALA F 329 -28.63 -36.85 -14.91
N ALA F 330 -29.49 -35.84 -14.83
CA ALA F 330 -30.42 -35.55 -15.91
C ALA F 330 -29.66 -35.26 -17.20
N ALA F 331 -28.71 -34.33 -17.16
CA ALA F 331 -28.01 -33.95 -18.37
C ALA F 331 -27.25 -35.11 -18.98
N LEU F 332 -26.80 -36.06 -18.17
CA LEU F 332 -26.02 -37.17 -18.69
C LEU F 332 -26.87 -38.33 -19.20
N THR F 333 -28.08 -38.52 -18.67
CA THR F 333 -28.92 -39.62 -19.12
C THR F 333 -30.04 -39.19 -20.05
N LEU F 334 -30.82 -38.19 -19.65
CA LEU F 334 -31.95 -37.74 -20.47
C LEU F 334 -31.47 -37.06 -21.75
N GLY F 335 -30.43 -36.25 -21.66
CA GLY F 335 -29.96 -35.47 -22.77
C GLY F 335 -29.55 -36.33 -23.96
N PRO F 336 -28.47 -37.09 -23.79
CA PRO F 336 -28.00 -37.93 -24.91
C PRO F 336 -29.08 -38.85 -25.45
N ALA F 337 -29.97 -39.33 -24.59
CA ALA F 337 -31.03 -40.21 -25.05
C ALA F 337 -31.93 -39.49 -26.06
N ILE F 338 -32.37 -38.28 -25.73
CA ILE F 338 -33.29 -37.60 -26.63
C ILE F 338 -32.56 -37.10 -27.86
N ILE F 339 -31.26 -36.76 -27.75
CA ILE F 339 -30.51 -36.46 -28.96
C ILE F 339 -30.48 -37.68 -29.88
N ALA F 340 -30.25 -38.87 -29.31
CA ALA F 340 -30.21 -40.08 -30.11
C ALA F 340 -31.57 -40.34 -30.78
N VAL F 341 -32.66 -40.15 -30.04
CA VAL F 341 -33.98 -40.41 -30.61
C VAL F 341 -34.29 -39.39 -31.71
N THR F 342 -34.10 -38.10 -31.42
CA THR F 342 -34.45 -37.07 -32.39
C THR F 342 -33.60 -37.18 -33.64
N SER F 343 -32.33 -37.55 -33.50
CA SER F 343 -31.46 -37.66 -34.65
C SER F 343 -31.96 -38.71 -35.64
N ARG F 344 -32.35 -39.88 -35.14
CA ARG F 344 -32.78 -40.97 -36.01
C ARG F 344 -34.18 -40.75 -36.57
N PHE F 345 -35.03 -40.05 -35.81
CA PHE F 345 -36.44 -39.97 -36.18
C PHE F 345 -36.63 -39.31 -37.53
N GLY F 346 -35.94 -38.20 -37.77
CA GLY F 346 -36.06 -37.51 -39.04
C GLY F 346 -34.84 -36.66 -39.33
N LYS F 347 -35.08 -35.44 -39.80
CA LYS F 347 -34.05 -34.41 -39.93
C LYS F 347 -34.51 -33.27 -39.03
N LEU F 348 -34.01 -33.23 -37.80
CA LEU F 348 -34.36 -32.17 -36.86
C LEU F 348 -33.15 -31.39 -36.36
N LEU F 349 -32.11 -32.08 -35.90
CA LEU F 349 -30.89 -31.44 -35.43
C LEU F 349 -29.82 -31.58 -36.51
N GLU F 350 -29.56 -30.49 -37.22
CA GLU F 350 -28.58 -30.49 -38.30
C GLU F 350 -27.86 -29.16 -38.30
N PRO F 351 -26.63 -29.12 -38.81
CA PRO F 351 -25.92 -27.85 -38.94
C PRO F 351 -26.34 -27.12 -40.21
N LYS F 352 -26.02 -25.83 -40.24
CA LYS F 352 -26.28 -24.99 -41.40
C LYS F 352 -25.58 -23.65 -41.18
N ARG F 353 -25.07 -23.06 -42.26
CA ARG F 353 -24.42 -21.75 -42.19
C ARG F 353 -23.20 -21.80 -41.25
N MET F 354 -22.25 -22.65 -41.63
CA MET F 354 -21.05 -22.86 -40.83
C MET F 354 -20.14 -21.65 -41.02
N ALA F 355 -20.36 -20.62 -40.21
CA ALA F 355 -19.61 -19.37 -40.31
C ALA F 355 -18.88 -19.01 -39.03
N ARG F 356 -19.50 -19.24 -37.86
CA ARG F 356 -18.85 -18.89 -36.60
C ARG F 356 -17.51 -19.59 -36.45
N VAL F 357 -17.40 -20.82 -36.95
CA VAL F 357 -16.15 -21.57 -36.82
C VAL F 357 -15.01 -20.84 -37.51
N ARG F 358 -15.26 -20.33 -38.72
CA ARG F 358 -14.20 -19.60 -39.43
C ARG F 358 -13.80 -18.36 -38.67
N GLY F 359 -14.78 -17.63 -38.13
CA GLY F 359 -14.45 -16.42 -37.39
C GLY F 359 -13.57 -16.71 -36.17
N TRP F 360 -13.93 -17.74 -35.41
CA TRP F 360 -13.16 -18.03 -34.21
C TRP F 360 -11.82 -18.67 -34.54
N ARG F 361 -11.71 -19.39 -35.65
CA ARG F 361 -10.39 -19.86 -36.08
C ARG F 361 -9.50 -18.68 -36.48
N LYS F 362 -10.07 -17.68 -37.14
CA LYS F 362 -9.31 -16.46 -37.42
C LYS F 362 -8.82 -15.82 -36.13
N VAL F 363 -9.71 -15.69 -35.14
CA VAL F 363 -9.32 -15.07 -33.88
C VAL F 363 -8.23 -15.90 -33.19
N GLY F 364 -8.34 -17.23 -33.27
CA GLY F 364 -7.31 -18.07 -32.67
C GLY F 364 -5.96 -17.92 -33.35
N ALA F 365 -5.97 -17.82 -34.69
CA ALA F 365 -4.72 -17.57 -35.40
C ALA F 365 -4.12 -16.23 -34.99
N ALA F 366 -4.95 -15.20 -34.87
CA ALA F 366 -4.45 -13.92 -34.40
C ALA F 366 -3.84 -14.02 -33.01
N ILE F 367 -4.51 -14.74 -32.12
CA ILE F 367 -3.99 -14.88 -30.75
C ILE F 367 -2.65 -15.58 -30.75
N VAL F 368 -2.53 -16.66 -31.53
CA VAL F 368 -1.30 -17.45 -31.45
C VAL F 368 -0.15 -16.78 -32.19
N ARG F 369 -0.43 -15.96 -33.20
CA ARG F 369 0.64 -15.32 -33.94
C ARG F 369 1.24 -14.13 -33.20
N TRP F 370 0.43 -13.39 -32.44
CA TRP F 370 0.88 -12.20 -31.70
C TRP F 370 0.36 -12.28 -30.27
N PRO F 371 0.94 -13.15 -29.44
CA PRO F 371 0.39 -13.34 -28.09
C PRO F 371 0.70 -12.20 -27.13
N GLY F 372 1.92 -11.67 -27.22
CA GLY F 372 2.38 -10.66 -26.30
C GLY F 372 1.47 -9.44 -26.26
N PRO F 373 1.36 -8.75 -27.39
CA PRO F 373 0.54 -7.51 -27.41
C PRO F 373 -0.91 -7.74 -27.03
N ILE F 374 -1.50 -8.85 -27.47
CA ILE F 374 -2.89 -9.13 -27.10
C ILE F 374 -2.99 -9.30 -25.60
N LEU F 375 -2.04 -10.01 -25.00
CA LEU F 375 -2.03 -10.17 -23.55
C LEU F 375 -1.92 -8.82 -22.87
N VAL F 376 -1.08 -7.94 -23.40
CA VAL F 376 -0.90 -6.62 -22.78
C VAL F 376 -2.20 -5.83 -22.84
N GLY F 377 -2.90 -5.88 -23.98
CA GLY F 377 -4.18 -5.19 -24.06
C GLY F 377 -5.21 -5.73 -23.09
N ALA F 378 -5.32 -7.06 -23.02
CA ALA F 378 -6.28 -7.67 -22.11
C ALA F 378 -5.98 -7.28 -20.66
N VAL F 379 -4.71 -7.33 -20.27
CA VAL F 379 -4.36 -6.97 -18.90
C VAL F 379 -4.57 -5.47 -18.67
N ALA F 380 -4.41 -4.65 -19.70
CA ALA F 380 -4.71 -3.23 -19.54
C ALA F 380 -6.17 -3.03 -19.18
N LEU F 381 -7.06 -3.72 -19.89
CA LEU F 381 -8.49 -3.64 -19.54
C LEU F 381 -8.74 -4.20 -18.14
N ALA F 382 -8.07 -5.29 -17.80
CA ALA F 382 -8.25 -5.88 -16.48
C ALA F 382 -7.89 -4.89 -15.39
N LEU F 383 -6.78 -4.17 -15.55
CA LEU F 383 -6.41 -3.14 -14.59
C LEU F 383 -7.42 -2.00 -14.56
N VAL F 384 -7.89 -1.58 -15.74
CA VAL F 384 -8.96 -0.58 -15.76
C VAL F 384 -10.08 -1.01 -14.84
N GLY F 385 -10.40 -2.30 -14.85
CA GLY F 385 -11.41 -2.81 -13.93
C GLY F 385 -10.97 -2.78 -12.48
N LEU F 386 -9.78 -3.31 -12.21
CA LEU F 386 -9.36 -3.55 -10.82
C LEU F 386 -9.15 -2.27 -10.04
N LEU F 387 -8.66 -1.20 -10.67
CA LEU F 387 -8.21 -0.04 -9.92
C LEU F 387 -9.30 0.60 -9.06
N THR F 388 -10.57 0.36 -9.36
CA THR F 388 -11.64 1.02 -8.60
C THR F 388 -12.15 0.22 -7.42
N LEU F 389 -11.62 -0.99 -7.19
CA LEU F 389 -12.10 -1.82 -6.09
C LEU F 389 -11.86 -1.18 -4.73
N PRO F 390 -10.68 -0.66 -4.41
CA PRO F 390 -10.48 -0.10 -3.06
C PRO F 390 -11.52 0.94 -2.68
N GLY F 391 -12.16 1.58 -3.65
CA GLY F 391 -13.29 2.44 -3.34
C GLY F 391 -14.58 1.65 -3.40
N TYR F 392 -15.06 1.20 -2.24
CA TYR F 392 -16.25 0.36 -2.15
C TYR F 392 -16.92 0.64 -0.82
N ARG F 393 -18.19 1.01 -0.87
CA ARG F 393 -18.99 1.24 0.32
C ARG F 393 -20.32 0.50 0.17
N THR F 394 -20.74 -0.15 1.26
CA THR F 394 -21.90 -1.02 1.25
C THR F 394 -22.97 -0.47 2.17
N ASN F 395 -24.23 -0.77 1.85
CA ASN F 395 -25.37 -0.30 2.61
C ASN F 395 -26.15 -1.50 3.14
N TYR F 396 -26.61 -1.38 4.39
CA TYR F 396 -27.37 -2.44 5.03
C TYR F 396 -28.86 -2.12 5.12
N ASN F 397 -29.25 -0.86 5.01
CA ASN F 397 -30.65 -0.46 5.09
C ASN F 397 -31.32 -0.81 3.77
N ASP F 398 -32.23 -1.79 3.79
CA ASP F 398 -32.93 -2.21 2.58
C ASP F 398 -34.27 -1.53 2.41
N ARG F 399 -34.62 -0.59 3.28
CA ARG F 399 -35.80 0.24 3.05
C ARG F 399 -35.64 1.03 1.76
N ASN F 400 -34.46 1.58 1.52
CA ASN F 400 -34.21 2.41 0.34
C ASN F 400 -34.17 1.61 -0.95
N TYR F 401 -34.17 0.28 -0.87
CA TYR F 401 -34.04 -0.57 -2.04
C TYR F 401 -35.38 -1.15 -2.49
N LEU F 402 -36.47 -0.55 -2.06
CA LEU F 402 -37.82 -1.03 -2.32
C LEU F 402 -38.68 0.12 -2.80
N PRO F 403 -39.79 -0.16 -3.49
CA PRO F 403 -40.67 0.91 -3.95
C PRO F 403 -41.04 1.89 -2.84
N ALA F 404 -41.56 3.05 -3.22
CA ALA F 404 -41.96 4.07 -2.25
C ALA F 404 -43.45 4.08 -1.95
N ASP F 405 -44.22 3.17 -2.55
CA ASP F 405 -45.66 3.12 -2.33
C ASP F 405 -46.07 2.15 -1.24
N LEU F 406 -45.14 1.36 -0.71
CA LEU F 406 -45.49 0.39 0.32
C LEU F 406 -46.02 1.10 1.56
N PRO F 407 -46.99 0.50 2.27
CA PRO F 407 -47.50 1.16 3.47
C PRO F 407 -46.43 1.40 4.52
N ALA F 408 -45.51 0.44 4.71
CA ALA F 408 -44.48 0.64 5.72
C ALA F 408 -43.65 1.88 5.38
N ASN F 409 -43.29 2.04 4.11
CA ASN F 409 -42.50 3.18 3.71
C ASN F 409 -43.26 4.48 3.94
N GLU F 410 -44.56 4.50 3.68
CA GLU F 410 -45.33 5.72 3.89
C GLU F 410 -45.42 6.07 5.37
N GLY F 411 -45.60 5.05 6.23
CA GLY F 411 -45.58 5.32 7.66
C GLY F 411 -44.23 5.83 8.13
N TYR F 412 -43.15 5.25 7.60
CA TYR F 412 -41.82 5.77 7.87
C TYR F 412 -41.73 7.23 7.46
N ALA F 413 -42.30 7.56 6.30
CA ALA F 413 -42.27 8.94 5.82
C ALA F 413 -43.00 9.87 6.77
N ALA F 414 -44.15 9.44 7.28
CA ALA F 414 -44.86 10.24 8.28
C ALA F 414 -44.00 10.44 9.52
N ALA F 415 -43.41 9.36 10.02
CA ALA F 415 -42.57 9.46 11.21
C ALA F 415 -41.44 10.46 10.98
N GLU F 416 -40.77 10.36 9.84
CA GLU F 416 -39.68 11.28 9.53
C GLU F 416 -40.19 12.71 9.37
N ARG F 417 -41.40 12.86 8.86
CA ARG F 417 -41.98 14.19 8.73
C ARG F 417 -42.22 14.82 10.09
N HIS F 418 -42.43 14.00 11.13
CA HIS F 418 -42.74 14.52 12.44
C HIS F 418 -41.61 14.36 13.47
N PHE F 419 -40.62 13.52 13.20
CA PHE F 419 -39.56 13.20 14.16
C PHE F 419 -38.21 13.41 13.49
N SER F 420 -37.37 14.21 14.14
CA SER F 420 -36.13 14.67 13.51
C SER F 420 -35.01 13.63 13.51
N GLN F 421 -35.18 12.50 14.18
CA GLN F 421 -34.16 11.46 14.23
C GLN F 421 -34.81 10.10 13.96
N ALA F 422 -33.98 9.06 13.95
CA ALA F 422 -34.42 7.72 13.56
C ALA F 422 -35.08 7.05 14.76
N ARG F 423 -36.33 7.43 15.00
CA ARG F 423 -37.05 6.95 16.17
C ARG F 423 -37.68 5.58 15.98
N MET F 424 -37.75 5.07 14.76
CA MET F 424 -38.44 3.81 14.49
C MET F 424 -37.52 2.60 14.53
N ASN F 425 -36.25 2.78 14.87
CA ASN F 425 -35.33 1.67 15.13
C ASN F 425 -34.51 1.96 16.37
N PRO F 426 -35.15 2.02 17.55
CA PRO F 426 -34.40 2.26 18.78
C PRO F 426 -33.43 1.12 19.14
N GLU F 427 -32.74 1.27 20.27
CA GLU F 427 -31.91 0.21 20.81
C GLU F 427 -32.06 0.18 22.32
N VAL F 428 -31.72 -0.96 22.91
CA VAL F 428 -31.89 -1.18 24.33
C VAL F 428 -30.56 -1.61 24.92
N LEU F 429 -30.13 -0.91 25.97
CA LEU F 429 -28.95 -1.28 26.75
C LEU F 429 -29.40 -1.72 28.13
N MET F 430 -28.75 -2.74 28.67
CA MET F 430 -29.13 -3.31 29.96
C MET F 430 -27.88 -3.52 30.81
N VAL F 431 -27.96 -3.14 32.07
CA VAL F 431 -26.86 -3.30 33.03
C VAL F 431 -27.38 -4.18 34.16
N GLU F 432 -26.88 -5.42 34.23
CA GLU F 432 -27.38 -6.42 35.17
C GLU F 432 -26.40 -6.54 36.33
N SER F 433 -26.72 -5.86 37.43
CA SER F 433 -25.89 -5.89 38.63
C SER F 433 -26.29 -7.10 39.48
N ASP F 434 -25.82 -7.14 40.72
CA ASP F 434 -26.11 -8.26 41.63
C ASP F 434 -26.84 -7.82 42.90
N HIS F 435 -27.39 -6.61 42.93
CA HIS F 435 -28.08 -6.13 44.11
C HIS F 435 -29.21 -5.19 43.69
N ASP F 436 -30.06 -4.87 44.65
CA ASP F 436 -31.22 -4.05 44.39
C ASP F 436 -30.78 -2.62 44.10
N MET F 437 -31.25 -2.07 42.99
CA MET F 437 -30.80 -0.77 42.48
C MET F 437 -31.71 0.38 42.88
N ARG F 438 -32.72 0.12 43.71
CA ARG F 438 -33.75 1.12 44.01
C ARG F 438 -33.37 1.88 45.28
N ASN F 439 -32.42 2.80 45.12
CA ASN F 439 -31.98 3.65 46.22
C ASN F 439 -31.24 4.84 45.62
N SER F 440 -30.56 5.61 46.48
CA SER F 440 -29.94 6.86 46.03
C SER F 440 -28.76 6.59 45.11
N ALA F 441 -27.71 5.95 45.64
CA ALA F 441 -26.46 5.85 44.89
C ALA F 441 -26.67 5.20 43.53
N ASP F 442 -27.52 4.19 43.46
CA ASP F 442 -27.73 3.50 42.20
C ASP F 442 -28.34 4.42 41.16
N PHE F 443 -29.22 5.33 41.59
CA PHE F 443 -29.78 6.29 40.65
C PHE F 443 -28.72 7.28 40.17
N LEU F 444 -27.80 7.68 41.04
CA LEU F 444 -26.72 8.55 40.59
C LEU F 444 -25.86 7.86 39.54
N VAL F 445 -25.53 6.58 39.77
CA VAL F 445 -24.72 5.87 38.78
C VAL F 445 -25.51 5.68 37.49
N ILE F 446 -26.81 5.41 37.59
CA ILE F 446 -27.64 5.27 36.40
C ILE F 446 -27.62 6.56 35.59
N ASN F 447 -27.78 7.70 36.25
CA ASN F 447 -27.72 8.97 35.56
C ASN F 447 -26.36 9.17 34.91
N LYS F 448 -25.29 8.79 35.59
CA LYS F 448 -23.96 8.86 34.98
C LYS F 448 -23.91 8.08 33.67
N ILE F 449 -24.41 6.84 33.68
CA ILE F 449 -24.34 6.02 32.48
C ILE F 449 -25.16 6.65 31.36
N ALA F 450 -26.36 7.14 31.69
CA ALA F 450 -27.19 7.79 30.67
C ALA F 450 -26.47 8.98 30.07
N LYS F 451 -25.87 9.82 30.91
CA LYS F 451 -25.19 11.01 30.43
C LYS F 451 -23.97 10.67 29.59
N ALA F 452 -23.23 9.63 29.99
CA ALA F 452 -22.05 9.24 29.22
C ALA F 452 -22.44 8.70 27.86
N ILE F 453 -23.56 7.98 27.76
CA ILE F 453 -24.01 7.51 26.46
C ILE F 453 -24.57 8.66 25.62
N PHE F 454 -25.18 9.65 26.26
CA PHE F 454 -25.76 10.77 25.51
C PHE F 454 -24.70 11.61 24.81
N ALA F 455 -23.44 11.53 25.23
CA ALA F 455 -22.37 12.33 24.65
C ALA F 455 -21.54 11.56 23.64
N VAL F 456 -21.97 10.37 23.24
CA VAL F 456 -21.31 9.68 22.14
C VAL F 456 -21.53 10.47 20.86
N GLU F 457 -20.62 10.32 19.91
CA GLU F 457 -20.68 11.11 18.69
C GLU F 457 -21.76 10.60 17.75
N GLY F 458 -22.99 11.08 17.93
CA GLY F 458 -24.07 10.74 17.02
C GLY F 458 -25.26 10.05 17.64
N ILE F 459 -25.56 10.36 18.90
CA ILE F 459 -26.73 9.83 19.59
C ILE F 459 -27.66 11.00 19.91
N SER F 460 -28.91 10.90 19.48
CA SER F 460 -29.88 11.97 19.65
C SER F 460 -30.56 11.93 21.02
N ARG F 461 -31.18 10.81 21.36
CA ARG F 461 -31.94 10.67 22.59
C ARG F 461 -31.48 9.43 23.33
N VAL F 462 -31.44 9.53 24.66
CA VAL F 462 -31.25 8.39 25.53
C VAL F 462 -32.26 8.51 26.65
N GLN F 463 -33.04 7.46 26.87
CA GLN F 463 -34.15 7.46 27.81
C GLN F 463 -33.79 6.63 29.03
N ALA F 464 -34.09 7.16 30.21
CA ALA F 464 -33.79 6.47 31.45
C ALA F 464 -34.78 6.91 32.50
N ILE F 465 -34.92 6.07 33.54
CA ILE F 465 -35.82 6.42 34.65
C ILE F 465 -35.39 7.75 35.26
N THR F 466 -34.09 8.07 35.17
CA THR F 466 -33.62 9.38 35.61
C THR F 466 -34.25 10.51 34.81
N ARG F 467 -34.27 10.37 33.48
CA ARG F 467 -34.82 11.38 32.58
C ARG F 467 -35.67 10.69 31.52
N PRO F 468 -37.01 10.84 31.57
CA PRO F 468 -37.86 10.06 30.65
C PRO F 468 -37.97 10.64 29.25
N ASP F 469 -37.77 11.93 29.07
CA ASP F 469 -37.98 12.55 27.76
C ASP F 469 -36.78 12.41 26.83
N GLY F 470 -35.62 12.00 27.33
CA GLY F 470 -34.50 11.65 26.48
C GLY F 470 -33.35 12.63 26.43
N LYS F 471 -33.29 13.63 27.31
CA LYS F 471 -32.27 14.67 27.27
C LYS F 471 -31.63 14.82 28.65
N PRO F 472 -30.66 13.95 28.99
CA PRO F 472 -29.93 14.09 30.27
C PRO F 472 -28.77 15.08 30.20
N ILE F 473 -29.09 16.36 30.36
CA ILE F 473 -28.10 17.43 30.29
C ILE F 473 -28.07 18.23 31.59
N GLU F 474 -28.29 17.58 32.72
CA GLU F 474 -28.43 18.28 33.98
C GLU F 474 -27.78 17.50 35.11
N SER F 475 -27.42 18.23 36.17
CA SER F 475 -27.06 17.59 37.43
C SER F 475 -28.30 17.04 38.10
N PHE F 476 -28.16 15.89 38.74
CA PHE F 476 -29.30 15.10 39.18
C PHE F 476 -29.48 15.19 40.68
N TYR F 477 -30.75 15.22 41.11
CA TYR F 477 -31.09 15.24 42.53
C TYR F 477 -32.53 14.73 42.66
N LEU F 478 -32.69 13.55 43.27
CA LEU F 478 -34.01 12.96 43.41
C LEU F 478 -34.11 12.27 44.78
N PRO F 479 -35.05 12.67 45.63
CA PRO F 479 -35.08 12.13 46.99
C PRO F 479 -35.54 10.67 46.98
N PRO F 480 -35.12 9.88 47.96
CA PRO F 480 -35.58 8.48 48.02
C PRO F 480 -37.02 8.30 48.49
N GLU F 481 -37.75 9.36 48.78
CA GLU F 481 -39.17 9.20 49.11
C GLU F 481 -40.02 8.92 47.88
N VAL F 482 -39.47 9.09 46.69
CA VAL F 482 -40.24 9.02 45.44
C VAL F 482 -40.67 7.60 45.15
N PHE F 483 -40.23 6.65 45.97
CA PHE F 483 -40.55 5.25 45.77
C PHE F 483 -41.95 4.89 46.28
N ASP F 484 -42.84 5.88 46.45
CA ASP F 484 -44.16 5.64 47.01
C ASP F 484 -45.26 6.39 46.25
N ASN F 485 -45.00 6.82 45.02
CA ASN F 485 -46.00 7.48 44.19
C ASN F 485 -46.43 6.53 43.08
N PRO F 486 -47.68 6.07 43.04
CA PRO F 486 -48.03 4.97 42.11
C PRO F 486 -47.63 5.20 40.67
N ASP F 487 -47.78 6.42 40.15
CA ASP F 487 -47.35 6.70 38.79
C ASP F 487 -45.84 6.49 38.64
N PHE F 488 -45.07 6.95 39.62
CA PHE F 488 -43.64 6.65 39.60
C PHE F 488 -43.41 5.15 39.69
N GLN F 489 -44.29 4.42 40.39
CA GLN F 489 -44.12 2.97 40.47
C GLN F 489 -44.28 2.34 39.10
N ARG F 490 -45.31 2.74 38.35
CA ARG F 490 -45.50 2.19 37.02
C ARG F 490 -44.31 2.51 36.12
N GLY F 491 -43.84 3.76 36.17
CA GLY F 491 -42.64 4.10 35.43
C GLY F 491 -41.47 3.21 35.83
N LEU F 492 -41.38 2.92 37.13
CA LEU F 492 -40.28 2.10 37.63
C LEU F 492 -40.35 0.69 37.09
N GLU F 493 -41.54 0.06 37.10
CA GLU F 493 -41.60 -1.29 36.54
C GLU F 493 -41.40 -1.28 35.04
N GLN F 494 -41.67 -0.16 34.37
CA GLN F 494 -41.35 -0.08 32.95
C GLN F 494 -39.84 -0.03 32.73
N PHE F 495 -39.13 0.77 33.52
CA PHE F 495 -37.71 1.02 33.28
C PHE F 495 -36.77 0.15 34.08
N LEU F 496 -37.27 -0.66 35.02
CA LEU F 496 -36.42 -1.45 35.89
C LEU F 496 -36.96 -2.87 36.02
N SER F 497 -36.05 -3.80 36.28
CA SER F 497 -36.43 -5.19 36.43
C SER F 497 -37.39 -5.33 37.61
N PRO F 498 -38.33 -6.28 37.55
CA PRO F 498 -39.23 -6.45 38.70
C PRO F 498 -38.49 -6.76 39.98
N ASP F 499 -37.42 -7.55 39.90
CA ASP F 499 -36.60 -7.79 41.08
C ASP F 499 -35.80 -6.55 41.47
N GLY F 500 -35.39 -5.77 40.49
CA GLY F 500 -34.51 -4.63 40.73
C GLY F 500 -33.07 -4.86 40.36
N HIS F 501 -32.74 -6.03 39.80
CA HIS F 501 -31.38 -6.37 39.42
C HIS F 501 -31.04 -6.00 37.99
N ALA F 502 -31.69 -4.98 37.43
CA ALA F 502 -31.37 -4.58 36.06
C ALA F 502 -32.02 -3.23 35.78
N VAL F 503 -31.36 -2.47 34.92
CA VAL F 503 -31.90 -1.20 34.40
C VAL F 503 -31.68 -1.20 32.90
N ARG F 504 -32.55 -0.49 32.17
CA ARG F 504 -32.45 -0.43 30.72
C ARG F 504 -32.64 0.99 30.22
N PHE F 505 -31.94 1.29 29.12
CA PHE F 505 -32.01 2.58 28.45
C PHE F 505 -32.44 2.38 27.00
N ILE F 506 -33.12 3.38 26.45
CA ILE F 506 -33.59 3.34 25.06
C ILE F 506 -32.88 4.45 24.30
N ILE F 507 -32.25 4.08 23.18
CA ILE F 507 -31.32 4.94 22.47
C ILE F 507 -31.76 5.09 21.02
N SER F 508 -31.68 6.31 20.50
CA SER F 508 -32.06 6.60 19.11
C SER F 508 -30.95 7.41 18.44
N HIS F 509 -30.57 7.00 17.23
CA HIS F 509 -29.44 7.57 16.52
C HIS F 509 -29.82 8.88 15.83
N GLU F 510 -28.94 9.35 14.95
CA GLU F 510 -29.24 10.43 14.02
C GLU F 510 -29.23 9.88 12.60
N GLY F 511 -30.15 10.36 11.77
CA GLY F 511 -30.14 9.98 10.37
C GLY F 511 -30.43 8.50 10.13
N ASP F 512 -29.45 7.80 9.57
CA ASP F 512 -29.64 6.43 9.11
C ASP F 512 -28.94 5.45 10.04
N PRO F 513 -29.67 4.67 10.85
CA PRO F 513 -28.98 3.75 11.76
C PRO F 513 -28.15 2.68 11.08
N MET F 514 -28.55 2.20 9.92
CA MET F 514 -27.97 0.98 9.36
C MET F 514 -26.82 1.25 8.38
N SER F 515 -26.39 2.50 8.23
CA SER F 515 -25.30 2.81 7.32
C SER F 515 -23.96 2.36 7.92
N GLN F 516 -22.88 2.59 7.17
CA GLN F 516 -21.55 2.24 7.67
C GLN F 516 -21.22 3.00 8.95
N ALA F 517 -21.59 4.28 9.01
CA ALA F 517 -21.31 5.08 10.19
C ALA F 517 -22.27 4.80 11.33
N GLY F 518 -23.31 4.01 11.11
CA GLY F 518 -24.22 3.64 12.17
C GLY F 518 -23.90 2.28 12.76
N ILE F 519 -23.11 1.49 12.04
CA ILE F 519 -22.65 0.22 12.58
C ILE F 519 -21.54 0.45 13.59
N ALA F 520 -20.63 1.39 13.31
CA ALA F 520 -19.48 1.59 14.18
C ALA F 520 -19.83 2.28 15.49
N ARG F 521 -21.04 2.79 15.65
CA ARG F 521 -21.37 3.53 16.86
C ARG F 521 -21.62 2.60 18.05
N ILE F 522 -22.17 1.41 17.81
CA ILE F 522 -22.62 0.56 18.93
C ILE F 522 -21.43 0.17 19.80
N ALA F 523 -20.28 -0.12 19.19
CA ALA F 523 -19.10 -0.43 19.98
C ALA F 523 -18.76 0.73 20.91
N LYS F 524 -18.86 1.96 20.40
CA LYS F 524 -18.58 3.12 21.22
C LYS F 524 -19.61 3.31 22.31
N ILE F 525 -20.87 2.91 22.07
CA ILE F 525 -21.86 2.98 23.14
C ILE F 525 -21.52 2.01 24.26
N LYS F 526 -21.15 0.78 23.87
CA LYS F 526 -20.77 -0.21 24.89
C LYS F 526 -19.57 0.28 25.69
N THR F 527 -18.57 0.84 25.02
CA THR F 527 -17.39 1.33 25.73
C THR F 527 -17.73 2.51 26.62
N ALA F 528 -18.61 3.41 26.16
CA ALA F 528 -19.02 4.53 27.01
C ALA F 528 -19.69 4.03 28.27
N ALA F 529 -20.55 3.02 28.15
CA ALA F 529 -21.14 2.42 29.35
C ALA F 529 -20.08 1.81 30.25
N LYS F 530 -19.13 1.09 29.66
CA LYS F 530 -18.12 0.39 30.45
C LYS F 530 -17.26 1.36 31.26
N GLU F 531 -16.91 2.50 30.66
CA GLU F 531 -16.13 3.49 31.40
C GLU F 531 -16.98 4.46 32.20
N ALA F 532 -18.31 4.45 32.04
CA ALA F 532 -19.15 5.18 32.99
C ALA F 532 -19.46 4.36 34.23
N ILE F 533 -19.35 3.04 34.14
CA ILE F 533 -19.65 2.17 35.28
C ILE F 533 -18.41 1.89 36.13
N LYS F 534 -17.21 2.02 35.58
CA LYS F 534 -15.99 1.72 36.31
C LYS F 534 -15.76 2.73 37.42
N GLY F 535 -15.46 2.23 38.62
CA GLY F 535 -15.20 3.07 39.76
C GLY F 535 -16.36 3.09 40.76
N THR F 536 -17.57 3.10 40.23
CA THR F 536 -18.77 3.03 41.05
C THR F 536 -19.01 1.61 41.54
N PRO F 537 -19.85 1.42 42.56
CA PRO F 537 -20.05 0.08 43.12
C PRO F 537 -20.62 -0.94 42.13
N LEU F 538 -20.94 -0.52 40.92
CA LEU F 538 -21.50 -1.41 39.91
C LEU F 538 -20.43 -2.06 39.02
N GLU F 539 -19.16 -1.79 39.27
CA GLU F 539 -18.12 -2.33 38.39
C GLU F 539 -18.21 -3.84 38.32
N GLY F 540 -18.02 -4.37 37.13
CA GLY F 540 -18.04 -5.81 36.91
C GLY F 540 -19.38 -6.38 36.52
N SER F 541 -20.37 -5.54 36.21
CA SER F 541 -21.66 -6.03 35.78
C SER F 541 -21.55 -6.58 34.36
N ALA F 542 -22.68 -7.03 33.82
CA ALA F 542 -22.76 -7.51 32.45
C ALA F 542 -23.55 -6.51 31.62
N ILE F 543 -22.99 -6.12 30.47
CA ILE F 543 -23.59 -5.12 29.59
C ILE F 543 -24.19 -5.84 28.40
N TYR F 544 -25.48 -5.64 28.17
CA TYR F 544 -26.21 -6.25 27.07
C TYR F 544 -26.73 -5.16 26.16
N LEU F 545 -26.51 -5.32 24.86
CA LEU F 545 -26.94 -4.34 23.86
C LEU F 545 -27.70 -5.04 22.76
N GLY F 546 -28.92 -4.58 22.49
CA GLY F 546 -29.78 -5.23 21.53
C GLY F 546 -30.48 -4.22 20.64
N GLY F 547 -30.71 -4.63 19.40
CA GLY F 547 -31.35 -3.75 18.43
C GLY F 547 -31.11 -4.27 17.02
N THR F 548 -31.35 -3.37 16.06
CA THR F 548 -31.13 -3.71 14.66
C THR F 548 -29.67 -3.52 14.27
N ALA F 549 -29.09 -2.36 14.60
CA ALA F 549 -27.72 -2.08 14.20
C ALA F 549 -26.75 -3.09 14.79
N ALA F 550 -27.00 -3.52 16.03
CA ALA F 550 -26.15 -4.54 16.64
C ALA F 550 -26.21 -5.84 15.84
N MET F 551 -27.42 -6.25 15.47
CA MET F 551 -27.56 -7.43 14.63
C MET F 551 -26.76 -7.28 13.35
N PHE F 552 -26.85 -6.11 12.71
CA PHE F 552 -26.18 -5.94 11.43
C PHE F 552 -24.67 -5.90 11.59
N LYS F 553 -24.17 -5.38 12.70
CA LYS F 553 -22.72 -5.46 12.95
C LYS F 553 -22.27 -6.91 13.01
N ASP F 554 -22.99 -7.73 13.77
CA ASP F 554 -22.63 -9.14 13.85
C ASP F 554 -22.73 -9.81 12.48
N LEU F 555 -23.76 -9.45 11.72
CA LEU F 555 -23.93 -10.03 10.39
C LEU F 555 -22.78 -9.66 9.48
N SER F 556 -22.30 -8.42 9.55
CA SER F 556 -21.16 -8.01 8.72
C SER F 556 -19.91 -8.79 9.08
N ASP F 557 -19.65 -8.95 10.38
CA ASP F 557 -18.48 -9.73 10.79
C ASP F 557 -18.57 -11.14 10.23
N GLY F 558 -19.70 -11.80 10.46
CA GLY F 558 -19.88 -13.13 9.92
C GLY F 558 -19.76 -13.16 8.41
N ASN F 559 -20.21 -12.09 7.75
CA ASN F 559 -20.15 -12.03 6.29
C ASN F 559 -18.72 -12.09 5.81
N THR F 560 -17.86 -11.22 6.34
CA THR F 560 -16.47 -11.22 5.87
C THR F 560 -15.81 -12.57 6.15
N TYR F 561 -16.00 -13.11 7.35
CA TYR F 561 -15.34 -14.38 7.65
C TYR F 561 -15.84 -15.49 6.75
N ASP F 562 -17.16 -15.56 6.54
CA ASP F 562 -17.73 -16.63 5.74
C ASP F 562 -17.32 -16.51 4.28
N LEU F 563 -17.18 -15.29 3.79
CA LEU F 563 -16.67 -15.10 2.44
C LEU F 563 -15.25 -15.64 2.33
N MET F 564 -14.42 -15.38 3.35
CA MET F 564 -13.07 -15.95 3.34
C MET F 564 -13.13 -17.46 3.26
N ILE F 565 -13.97 -18.09 4.08
CA ILE F 565 -14.05 -19.56 4.09
C ILE F 565 -14.48 -20.07 2.73
N ALA F 566 -15.54 -19.48 2.19
CA ALA F 566 -16.07 -19.96 0.90
C ALA F 566 -15.03 -19.77 -0.21
N GLY F 567 -14.32 -18.65 -0.19
CA GLY F 567 -13.31 -18.43 -1.21
C GLY F 567 -12.20 -19.46 -1.14
N ILE F 568 -11.69 -19.72 0.06
CA ILE F 568 -10.63 -20.72 0.18
C ILE F 568 -11.11 -22.07 -0.34
N SER F 569 -12.31 -22.49 0.10
CA SER F 569 -12.81 -23.81 -0.29
C SER F 569 -13.00 -23.90 -1.81
N ALA F 570 -13.66 -22.89 -2.39
CA ALA F 570 -13.96 -22.95 -3.82
C ALA F 570 -12.68 -22.95 -4.65
N LEU F 571 -11.76 -22.04 -4.33
CA LEU F 571 -10.52 -21.97 -5.11
C LEU F 571 -9.73 -23.26 -4.98
N CYS F 572 -9.71 -23.85 -3.77
CA CYS F 572 -9.02 -25.12 -3.60
C CYS F 572 -9.63 -26.19 -4.49
N LEU F 573 -10.95 -26.37 -4.43
CA LEU F 573 -11.58 -27.43 -5.22
C LEU F 573 -11.34 -27.22 -6.71
N ILE F 574 -11.38 -25.98 -7.18
CA ILE F 574 -11.08 -25.73 -8.59
C ILE F 574 -9.65 -26.15 -8.89
N PHE F 575 -8.72 -25.84 -7.99
CA PHE F 575 -7.34 -26.28 -8.19
C PHE F 575 -7.27 -27.79 -8.34
N ILE F 576 -7.94 -28.52 -7.44
CA ILE F 576 -7.86 -29.99 -7.49
C ILE F 576 -8.42 -30.53 -8.80
N ILE F 577 -9.58 -30.02 -9.22
CA ILE F 577 -10.18 -30.58 -10.43
C ILE F 577 -9.35 -30.25 -11.65
N MET F 578 -8.84 -29.01 -11.74
CA MET F 578 -8.00 -28.66 -12.87
C MET F 578 -6.74 -29.50 -12.90
N LEU F 579 -6.18 -29.81 -11.72
CA LEU F 579 -5.01 -30.66 -11.67
C LEU F 579 -5.34 -32.07 -12.17
N ILE F 580 -6.48 -32.61 -11.77
CA ILE F 580 -6.80 -33.99 -12.16
C ILE F 580 -7.06 -34.08 -13.65
N THR F 581 -7.78 -33.09 -14.22
CA THR F 581 -8.22 -33.22 -15.60
C THR F 581 -7.08 -33.16 -16.61
N THR F 582 -5.96 -32.51 -16.28
CA THR F 582 -4.91 -32.26 -17.25
C THR F 582 -3.54 -32.75 -16.84
N ARG F 583 -3.33 -33.16 -15.59
CA ARG F 583 -2.03 -33.63 -15.11
C ARG F 583 -0.95 -32.58 -15.32
N SER F 584 -1.23 -31.37 -14.84
CA SER F 584 -0.30 -30.25 -14.99
C SER F 584 -0.43 -29.34 -13.77
N VAL F 585 0.70 -29.08 -13.11
CA VAL F 585 0.67 -28.26 -11.90
C VAL F 585 0.69 -26.77 -12.22
N VAL F 586 1.15 -26.37 -13.41
CA VAL F 586 1.19 -24.96 -13.78
C VAL F 586 -0.12 -24.51 -14.44
N ALA F 587 -0.77 -25.40 -15.18
CA ALA F 587 -2.06 -25.05 -15.78
C ALA F 587 -3.08 -24.70 -14.72
N ALA F 588 -3.11 -25.47 -13.63
CA ALA F 588 -4.03 -25.18 -12.54
C ALA F 588 -3.76 -23.81 -11.93
N ALA F 589 -2.49 -23.49 -11.72
CA ALA F 589 -2.14 -22.19 -11.14
C ALA F 589 -2.57 -21.06 -12.07
N VAL F 590 -2.31 -21.20 -13.37
CA VAL F 590 -2.71 -20.16 -14.32
C VAL F 590 -4.22 -19.98 -14.28
N ILE F 591 -4.96 -21.08 -14.28
CA ILE F 591 -6.42 -21.01 -14.32
C ILE F 591 -6.94 -20.33 -13.05
N VAL F 592 -6.40 -20.69 -11.89
CA VAL F 592 -6.85 -20.09 -10.64
C VAL F 592 -6.56 -18.60 -10.65
N GLY F 593 -5.36 -18.21 -11.07
CA GLY F 593 -5.05 -16.79 -11.14
C GLY F 593 -5.99 -16.04 -12.05
N THR F 594 -6.28 -16.62 -13.22
CA THR F 594 -7.19 -15.98 -14.16
C THR F 594 -8.57 -15.83 -13.56
N VAL F 595 -9.05 -16.85 -12.84
CA VAL F 595 -10.37 -16.77 -12.22
C VAL F 595 -10.43 -15.64 -11.21
N VAL F 596 -9.41 -15.56 -10.35
CA VAL F 596 -9.40 -14.49 -9.35
C VAL F 596 -9.36 -13.13 -10.03
N LEU F 597 -8.53 -12.99 -11.05
CA LEU F 597 -8.43 -11.72 -11.75
C LEU F 597 -9.75 -11.33 -12.39
N SER F 598 -10.43 -12.28 -13.03
CA SER F 598 -11.70 -11.99 -13.69
C SER F 598 -12.76 -11.60 -12.69
N LEU F 599 -12.83 -12.30 -11.56
CA LEU F 599 -13.79 -11.90 -10.52
C LEU F 599 -13.51 -10.49 -10.03
N GLY F 600 -12.24 -10.18 -9.76
CA GLY F 600 -11.93 -8.84 -9.29
C GLY F 600 -12.33 -7.78 -10.29
N ALA F 601 -12.00 -8.01 -11.56
CA ALA F 601 -12.33 -7.02 -12.59
C ALA F 601 -13.83 -6.86 -12.74
N SER F 602 -14.56 -7.98 -12.76
CA SER F 602 -16.01 -7.91 -12.94
C SER F 602 -16.65 -7.12 -11.81
N PHE F 603 -16.29 -7.42 -10.58
CA PHE F 603 -16.91 -6.71 -9.46
C PHE F 603 -16.48 -5.25 -9.42
N GLY F 604 -15.21 -4.97 -9.74
CA GLY F 604 -14.77 -3.58 -9.75
C GLY F 604 -15.51 -2.77 -10.79
N LEU F 605 -15.71 -3.34 -11.98
CA LEU F 605 -16.47 -2.66 -13.03
C LEU F 605 -17.91 -2.43 -12.60
N SER F 606 -18.51 -3.43 -11.94
CA SER F 606 -19.87 -3.25 -11.43
C SER F 606 -19.94 -2.14 -10.41
N VAL F 607 -18.95 -2.05 -9.52
CA VAL F 607 -18.91 -0.95 -8.56
C VAL F 607 -18.83 0.37 -9.30
N LEU F 608 -17.94 0.45 -10.30
CA LEU F 608 -17.80 1.67 -11.08
C LEU F 608 -19.13 2.12 -11.64
N ILE F 609 -19.85 1.20 -12.30
CA ILE F 609 -21.10 1.60 -12.96
C ILE F 609 -22.16 1.98 -11.93
N TRP F 610 -22.35 1.17 -10.89
CA TRP F 610 -23.49 1.37 -10.02
C TRP F 610 -23.27 2.51 -9.03
N GLN F 611 -22.09 2.58 -8.41
CA GLN F 611 -21.88 3.53 -7.33
C GLN F 611 -21.36 4.87 -7.80
N HIS F 612 -20.47 4.88 -8.80
CA HIS F 612 -19.84 6.12 -9.23
C HIS F 612 -20.67 6.86 -10.28
N ILE F 613 -21.16 6.16 -11.29
CA ILE F 613 -21.97 6.81 -12.32
C ILE F 613 -23.39 7.07 -11.82
N LEU F 614 -24.13 5.99 -11.51
CA LEU F 614 -25.53 6.14 -11.14
C LEU F 614 -25.70 6.71 -9.73
N GLY F 615 -24.77 6.45 -8.83
CA GLY F 615 -24.84 6.99 -7.49
C GLY F 615 -25.57 6.14 -6.47
N ILE F 616 -25.87 4.88 -6.80
CA ILE F 616 -26.56 3.96 -5.91
C ILE F 616 -25.56 2.93 -5.42
N GLU F 617 -25.44 2.79 -4.10
CA GLU F 617 -24.49 1.86 -3.53
C GLU F 617 -24.95 0.43 -3.78
N LEU F 618 -24.21 -0.53 -3.24
CA LEU F 618 -24.50 -1.93 -3.44
C LEU F 618 -25.11 -2.54 -2.17
N HIS F 619 -25.70 -3.73 -2.35
CA HIS F 619 -26.28 -4.51 -1.28
C HIS F 619 -25.39 -5.74 -1.08
N TRP F 620 -24.99 -6.02 0.15
CA TRP F 620 -23.96 -7.05 0.38
C TRP F 620 -24.36 -8.40 -0.23
N LEU F 621 -25.66 -8.67 -0.32
CA LEU F 621 -26.12 -9.90 -0.95
C LEU F 621 -25.65 -9.99 -2.40
N VAL F 622 -25.59 -8.86 -3.11
CA VAL F 622 -25.16 -8.91 -4.51
C VAL F 622 -23.75 -9.45 -4.58
N LEU F 623 -22.88 -8.96 -3.70
CA LEU F 623 -21.50 -9.44 -3.70
C LEU F 623 -21.48 -10.94 -3.45
N ALA F 624 -22.16 -11.39 -2.40
CA ALA F 624 -22.10 -12.81 -2.06
C ALA F 624 -22.60 -13.68 -3.22
N MET F 625 -23.81 -13.38 -3.72
CA MET F 625 -24.43 -14.20 -4.74
C MET F 625 -23.65 -14.15 -6.05
N ALA F 626 -23.20 -12.95 -6.44
CA ALA F 626 -22.42 -12.83 -7.65
C ALA F 626 -21.17 -13.68 -7.58
N VAL F 627 -20.47 -13.63 -6.44
CA VAL F 627 -19.28 -14.48 -6.31
C VAL F 627 -19.64 -15.93 -6.53
N ILE F 628 -20.72 -16.40 -5.89
CA ILE F 628 -21.05 -17.82 -5.96
C ILE F 628 -21.31 -18.23 -7.42
N ILE F 629 -22.23 -17.52 -8.09
CA ILE F 629 -22.61 -17.95 -9.44
C ILE F 629 -21.45 -17.79 -10.41
N LEU F 630 -20.70 -16.69 -10.31
CA LEU F 630 -19.59 -16.49 -11.23
C LEU F 630 -18.55 -17.58 -11.06
N LEU F 631 -18.22 -17.96 -9.82
CA LEU F 631 -17.28 -19.05 -9.63
C LEU F 631 -17.78 -20.33 -10.28
N ALA F 632 -19.06 -20.66 -10.06
CA ALA F 632 -19.60 -21.88 -10.64
C ALA F 632 -19.43 -21.89 -12.16
N VAL F 633 -19.92 -20.83 -12.81
CA VAL F 633 -19.96 -20.83 -14.27
C VAL F 633 -18.54 -20.76 -14.84
N GLY F 634 -17.66 -19.99 -14.22
CA GLY F 634 -16.29 -19.93 -14.69
C GLY F 634 -15.60 -21.27 -14.59
N ALA F 635 -15.82 -21.99 -13.49
CA ALA F 635 -15.27 -23.34 -13.38
C ALA F 635 -15.71 -24.18 -14.56
N ASP F 636 -17.01 -24.17 -14.85
CA ASP F 636 -17.51 -24.99 -15.96
C ASP F 636 -16.81 -24.64 -17.28
N TYR F 637 -16.82 -23.35 -17.63
CA TYR F 637 -16.28 -22.93 -18.92
C TYR F 637 -14.80 -23.28 -19.03
N ASN F 638 -14.01 -22.89 -18.03
CA ASN F 638 -12.58 -23.11 -18.10
C ASN F 638 -12.26 -24.59 -18.21
N LEU F 639 -13.02 -25.43 -17.48
CA LEU F 639 -12.73 -26.86 -17.56
C LEU F 639 -12.98 -27.39 -18.96
N LEU F 640 -14.09 -26.99 -19.60
CA LEU F 640 -14.29 -27.45 -20.98
C LEU F 640 -13.17 -26.98 -21.89
N LEU F 641 -12.82 -25.69 -21.77
CA LEU F 641 -11.82 -25.13 -22.68
C LEU F 641 -10.51 -25.89 -22.57
N VAL F 642 -10.03 -26.09 -21.34
CA VAL F 642 -8.75 -26.75 -21.14
C VAL F 642 -8.82 -28.21 -21.55
N ALA F 643 -9.94 -28.89 -21.29
CA ALA F 643 -10.05 -30.28 -21.68
C ALA F 643 -9.93 -30.43 -23.20
N ARG F 644 -10.68 -29.62 -23.95
CA ARG F 644 -10.58 -29.70 -25.40
C ARG F 644 -9.18 -29.34 -25.88
N LEU F 645 -8.60 -28.30 -25.30
CA LEU F 645 -7.28 -27.85 -25.72
C LEU F 645 -6.25 -28.97 -25.54
N LYS F 646 -6.25 -29.61 -24.37
CA LYS F 646 -5.36 -30.74 -24.15
C LYS F 646 -5.64 -31.86 -25.13
N GLU F 647 -6.91 -32.07 -25.47
CA GLU F 647 -7.23 -33.11 -26.44
C GLU F 647 -6.57 -32.83 -27.78
N GLU F 648 -6.55 -31.57 -28.20
CA GLU F 648 -6.09 -31.21 -29.53
C GLU F 648 -4.60 -30.87 -29.61
N ILE F 649 -3.88 -30.80 -28.49
CA ILE F 649 -2.45 -30.50 -28.55
C ILE F 649 -1.61 -31.55 -29.30
N HIS F 650 -2.14 -32.75 -29.53
CA HIS F 650 -1.25 -33.85 -29.90
C HIS F 650 -0.42 -33.57 -31.15
N ALA F 651 -0.86 -32.66 -32.02
CA ALA F 651 -0.14 -32.33 -33.25
C ALA F 651 0.21 -30.84 -33.24
N GLY F 652 1.35 -30.51 -32.65
CA GLY F 652 1.79 -29.12 -32.57
C GLY F 652 0.98 -28.36 -31.56
N ILE F 653 1.62 -27.50 -30.77
CA ILE F 653 0.88 -26.76 -29.74
C ILE F 653 -0.01 -25.70 -30.39
N ASN F 654 0.57 -24.84 -31.21
CA ASN F 654 -0.19 -23.68 -31.70
C ASN F 654 -1.28 -24.06 -32.70
N THR F 655 -1.07 -25.06 -33.55
CA THR F 655 -2.21 -25.62 -34.26
C THR F 655 -3.25 -26.12 -33.27
N GLY F 656 -2.80 -26.62 -32.13
CA GLY F 656 -3.73 -27.02 -31.09
C GLY F 656 -4.59 -25.87 -30.61
N ILE F 657 -3.97 -24.72 -30.33
CA ILE F 657 -4.77 -23.58 -29.89
C ILE F 657 -5.74 -23.17 -30.98
N ILE F 658 -5.28 -23.15 -32.24
CA ILE F 658 -6.18 -22.72 -33.32
C ILE F 658 -7.39 -23.64 -33.39
N ARG F 659 -7.15 -24.96 -33.44
CA ARG F 659 -8.25 -25.91 -33.59
C ARG F 659 -9.17 -25.89 -32.36
N ALA F 660 -8.59 -25.84 -31.17
CA ALA F 660 -9.42 -25.81 -29.96
C ALA F 660 -10.29 -24.57 -29.93
N MET F 661 -9.73 -23.42 -30.31
CA MET F 661 -10.54 -22.22 -30.39
C MET F 661 -11.67 -22.41 -31.38
N GLY F 662 -11.34 -22.83 -32.61
CA GLY F 662 -12.37 -22.99 -33.61
C GLY F 662 -13.48 -23.93 -33.18
N GLY F 663 -13.15 -24.96 -32.41
CA GLY F 663 -14.11 -25.98 -32.07
C GLY F 663 -14.81 -25.83 -30.73
N SER F 664 -14.34 -24.93 -29.86
CA SER F 664 -14.96 -24.76 -28.55
C SER F 664 -15.22 -23.33 -28.14
N GLY F 665 -14.49 -22.35 -28.68
CA GLY F 665 -14.81 -20.96 -28.35
C GLY F 665 -16.21 -20.60 -28.78
N SER F 666 -16.67 -21.14 -29.91
CA SER F 666 -18.02 -20.85 -30.36
C SER F 666 -19.05 -21.29 -29.33
N VAL F 667 -18.97 -22.55 -28.88
CA VAL F 667 -19.97 -23.05 -27.94
C VAL F 667 -19.87 -22.33 -26.61
N VAL F 668 -18.65 -22.13 -26.11
CA VAL F 668 -18.50 -21.48 -24.81
C VAL F 668 -19.04 -20.06 -24.87
N THR F 669 -18.73 -19.33 -25.94
CA THR F 669 -19.20 -17.96 -26.07
C THR F 669 -20.71 -17.91 -26.24
N ALA F 670 -21.28 -18.84 -27.01
CA ALA F 670 -22.74 -18.86 -27.15
C ALA F 670 -23.40 -19.05 -25.81
N ALA F 671 -22.95 -20.03 -25.03
CA ALA F 671 -23.55 -20.29 -23.72
C ALA F 671 -23.39 -19.08 -22.81
N GLY F 672 -22.18 -18.52 -22.77
CA GLY F 672 -21.95 -17.38 -21.91
C GLY F 672 -22.83 -16.20 -22.27
N LEU F 673 -22.98 -15.93 -23.57
CA LEU F 673 -23.77 -14.78 -24.00
C LEU F 673 -25.25 -14.98 -23.69
N VAL F 674 -25.78 -16.16 -23.98
CA VAL F 674 -27.21 -16.38 -23.71
C VAL F 674 -27.48 -16.23 -22.23
N PHE F 675 -26.65 -16.85 -21.40
CA PHE F 675 -26.87 -16.73 -19.95
C PHE F 675 -26.70 -15.29 -19.48
N ALA F 676 -25.69 -14.60 -20.00
CA ALA F 676 -25.43 -13.23 -19.55
C ALA F 676 -26.60 -12.32 -19.86
N PHE F 677 -27.17 -12.44 -21.07
CA PHE F 677 -28.29 -11.57 -21.42
C PHE F 677 -29.56 -11.97 -20.68
N THR F 678 -29.77 -13.28 -20.46
CA THR F 678 -30.91 -13.69 -19.64
C THR F 678 -30.83 -13.07 -18.25
N MET F 679 -29.66 -13.09 -17.64
CA MET F 679 -29.51 -12.49 -16.31
C MET F 679 -29.59 -10.97 -16.38
N MET F 680 -29.09 -10.35 -17.45
CA MET F 680 -29.08 -8.89 -17.55
C MET F 680 -30.46 -8.32 -17.81
N SER F 681 -31.39 -9.12 -18.32
CA SER F 681 -32.73 -8.62 -18.60
C SER F 681 -33.47 -8.20 -17.34
N PHE F 682 -32.88 -8.42 -16.17
CA PHE F 682 -33.52 -8.08 -14.90
C PHE F 682 -33.43 -6.61 -14.55
N ALA F 683 -32.71 -5.81 -15.33
CA ALA F 683 -32.49 -4.42 -14.93
C ALA F 683 -33.79 -3.63 -14.82
N VAL F 684 -34.86 -4.08 -15.49
CA VAL F 684 -36.12 -3.36 -15.45
C VAL F 684 -36.89 -3.60 -14.17
N SER F 685 -36.46 -4.54 -13.34
CA SER F 685 -37.22 -4.90 -12.15
C SER F 685 -37.34 -3.71 -11.21
N GLU F 686 -38.48 -3.64 -10.52
CA GLU F 686 -38.70 -2.57 -9.56
C GLU F 686 -37.94 -2.82 -8.26
N LEU F 687 -37.87 -4.08 -7.82
CA LEU F 687 -37.06 -4.42 -6.65
C LEU F 687 -35.60 -4.30 -7.04
N THR F 688 -34.96 -3.20 -6.64
CA THR F 688 -33.66 -2.86 -7.19
C THR F 688 -32.58 -3.87 -6.81
N VAL F 689 -32.77 -4.65 -5.74
CA VAL F 689 -31.74 -5.60 -5.36
C VAL F 689 -31.58 -6.68 -6.42
N MET F 690 -32.71 -7.21 -6.92
CA MET F 690 -32.63 -8.18 -7.99
C MET F 690 -32.04 -7.57 -9.25
N ALA F 691 -32.33 -6.30 -9.51
CA ALA F 691 -31.72 -5.62 -10.64
C ALA F 691 -30.20 -5.59 -10.48
N GLN F 692 -29.72 -5.27 -9.27
CA GLN F 692 -28.28 -5.19 -9.06
C GLN F 692 -27.63 -6.56 -9.25
N VAL F 693 -28.24 -7.61 -8.70
CA VAL F 693 -27.66 -8.95 -8.85
C VAL F 693 -27.61 -9.33 -10.33
N GLY F 694 -28.73 -9.14 -11.03
CA GLY F 694 -28.78 -9.54 -12.43
C GLY F 694 -27.78 -8.78 -13.28
N THR F 695 -27.71 -7.46 -13.09
CA THR F 695 -26.77 -6.66 -13.85
C THR F 695 -25.33 -7.04 -13.54
N THR F 696 -25.02 -7.27 -12.27
CA THR F 696 -23.65 -7.63 -11.90
C THR F 696 -23.26 -8.93 -12.57
N ILE F 697 -24.13 -9.93 -12.53
CA ILE F 697 -23.78 -11.23 -13.13
C ILE F 697 -23.70 -11.10 -14.64
N GLY F 698 -24.57 -10.30 -15.25
CA GLY F 698 -24.51 -10.13 -16.70
C GLY F 698 -23.19 -9.51 -17.14
N MET F 699 -22.79 -8.41 -16.48
CA MET F 699 -21.52 -7.79 -16.83
C MET F 699 -20.35 -8.73 -16.56
N GLY F 700 -20.42 -9.46 -15.45
CA GLY F 700 -19.35 -10.41 -15.16
C GLY F 700 -19.20 -11.45 -16.26
N LEU F 701 -20.31 -12.02 -16.72
CA LEU F 701 -20.23 -13.01 -17.78
C LEU F 701 -19.73 -12.39 -19.08
N LEU F 702 -20.17 -11.18 -19.41
CA LEU F 702 -19.70 -10.55 -20.64
C LEU F 702 -18.19 -10.34 -20.59
N PHE F 703 -17.69 -9.76 -19.50
CA PHE F 703 -16.24 -9.54 -19.40
C PHE F 703 -15.48 -10.86 -19.41
N ASP F 704 -16.00 -11.87 -18.72
CA ASP F 704 -15.30 -13.15 -18.66
C ASP F 704 -15.24 -13.82 -20.02
N THR F 705 -16.31 -13.72 -20.81
CA THR F 705 -16.38 -14.49 -22.04
C THR F 705 -15.73 -13.76 -23.20
N LEU F 706 -15.88 -12.44 -23.29
CA LEU F 706 -15.39 -11.70 -24.44
C LEU F 706 -13.91 -11.34 -24.34
N ILE F 707 -13.35 -11.26 -23.14
CA ILE F 707 -11.98 -10.78 -22.97
C ILE F 707 -11.11 -11.84 -22.30
N VAL F 708 -11.48 -12.24 -21.09
CA VAL F 708 -10.58 -13.05 -20.28
C VAL F 708 -10.44 -14.46 -20.84
N ARG F 709 -11.56 -15.10 -21.18
CA ARG F 709 -11.50 -16.48 -21.62
C ARG F 709 -11.07 -16.63 -23.07
N SER F 710 -11.32 -15.60 -23.88
CA SER F 710 -11.04 -15.68 -25.31
C SER F 710 -9.69 -15.08 -25.69
N PHE F 711 -9.20 -14.09 -24.94
CA PHE F 711 -7.99 -13.37 -25.31
C PHE F 711 -6.90 -13.40 -24.26
N MET F 712 -7.19 -13.74 -23.00
CA MET F 712 -6.15 -13.82 -21.98
C MET F 712 -5.61 -15.24 -21.85
N THR F 713 -6.47 -16.21 -21.56
CA THR F 713 -6.00 -17.57 -21.31
C THR F 713 -5.34 -18.19 -22.53
N PRO F 714 -5.91 -18.15 -23.72
CA PRO F 714 -5.21 -18.73 -24.88
C PRO F 714 -3.88 -18.07 -25.16
N SER F 715 -3.80 -16.76 -24.98
CA SER F 715 -2.54 -16.06 -25.20
C SER F 715 -1.49 -16.48 -24.18
N ILE F 716 -1.88 -16.62 -22.92
CA ILE F 716 -0.95 -17.09 -21.91
C ILE F 716 -0.46 -18.49 -22.27
N ALA F 717 -1.37 -19.35 -22.71
CA ALA F 717 -0.98 -20.71 -23.09
C ALA F 717 0.04 -20.69 -24.21
N ALA F 718 -0.25 -19.95 -25.28
CA ALA F 718 0.67 -19.90 -26.42
C ALA F 718 2.00 -19.28 -26.01
N LEU F 719 1.97 -18.25 -25.17
CA LEU F 719 3.18 -17.59 -24.73
C LEU F 719 4.07 -18.53 -23.96
N LEU F 720 3.52 -19.18 -22.92
CA LEU F 720 4.32 -20.11 -22.13
C LEU F 720 4.72 -21.34 -22.92
N GLY F 721 4.02 -21.66 -24.00
CA GLY F 721 4.49 -22.74 -24.87
C GLY F 721 4.39 -24.08 -24.18
N LYS F 722 5.50 -24.82 -24.17
CA LYS F 722 5.50 -26.16 -23.60
C LYS F 722 5.55 -26.16 -22.07
N TRP F 723 5.78 -25.02 -21.45
CA TRP F 723 5.80 -24.93 -20.00
C TRP F 723 4.41 -24.81 -19.41
N PHE F 724 3.37 -24.96 -20.22
CA PHE F 724 2.00 -24.99 -19.72
C PHE F 724 1.58 -26.37 -19.28
N TRP F 725 2.32 -27.41 -19.64
CA TRP F 725 1.98 -28.78 -19.31
C TRP F 725 2.93 -29.41 -18.30
N TRP F 726 3.83 -28.62 -17.72
CA TRP F 726 4.74 -29.17 -16.72
C TRP F 726 3.94 -29.76 -15.56
N PRO F 727 4.35 -30.92 -15.00
CA PRO F 727 5.54 -31.75 -15.28
C PRO F 727 5.51 -32.59 -16.55
N GLN F 728 4.41 -32.64 -17.30
CA GLN F 728 4.41 -33.42 -18.54
C GLN F 728 5.43 -32.86 -19.53
N VAL F 729 6.03 -33.75 -20.30
CA VAL F 729 7.01 -33.39 -21.32
C VAL F 729 6.31 -33.42 -22.67
N VAL F 730 6.19 -32.25 -23.30
CA VAL F 730 5.56 -32.10 -24.59
C VAL F 730 6.53 -31.36 -25.51
N ARG F 731 6.09 -31.13 -26.74
CA ARG F 731 6.92 -30.51 -27.76
C ARG F 731 6.21 -29.30 -28.34
N GLN F 732 7.03 -28.33 -28.76
CA GLN F 732 6.47 -27.15 -29.42
C GLN F 732 5.96 -27.46 -30.82
N ARG F 733 6.41 -28.56 -31.41
CA ARG F 733 5.92 -28.99 -32.71
C ARG F 733 6.45 -30.39 -33.02
N PRO F 734 5.69 -31.23 -33.70
CA PRO F 734 6.15 -32.60 -33.95
C PRO F 734 7.29 -32.65 -34.95
N ILE F 735 7.81 -33.85 -35.20
CA ILE F 735 8.84 -34.04 -36.22
C ILE F 735 8.25 -33.59 -37.56
N PRO F 736 8.90 -32.67 -38.28
CA PRO F 736 8.36 -32.26 -39.58
C PRO F 736 8.31 -33.41 -40.57
N GLN F 737 7.10 -33.80 -40.97
CA GLN F 737 6.93 -34.88 -41.93
C GLN F 737 7.32 -34.41 -43.33
N PRO F 738 7.81 -35.31 -44.18
CA PRO F 738 8.26 -34.90 -45.51
C PRO F 738 7.08 -34.48 -46.38
N TRP F 739 7.41 -33.71 -47.41
CA TRP F 739 6.40 -33.23 -48.34
C TRP F 739 5.59 -34.38 -48.89
N THR G 2 37.08 -39.06 -39.37
CA THR G 2 37.02 -37.92 -38.41
C THR G 2 36.19 -38.28 -37.19
N GLN G 3 35.49 -39.41 -37.26
CA GLN G 3 34.66 -39.82 -36.14
C GLN G 3 35.51 -40.15 -34.92
N GLU G 4 36.70 -40.70 -35.12
CA GLU G 4 37.52 -41.08 -33.98
C GLU G 4 37.87 -39.89 -33.11
N GLU G 5 38.11 -38.72 -33.71
CA GLU G 5 38.45 -37.57 -32.88
C GLU G 5 37.23 -37.11 -32.09
N ILE G 6 36.05 -37.21 -32.69
CA ILE G 6 34.82 -36.90 -31.96
C ILE G 6 34.68 -37.84 -30.77
N ILE G 7 34.93 -39.13 -30.99
CA ILE G 7 34.85 -40.10 -29.90
C ILE G 7 35.87 -39.75 -28.82
N ALA G 8 37.07 -39.35 -29.21
CA ALA G 8 38.09 -38.99 -28.22
C ALA G 8 37.63 -37.80 -27.38
N GLY G 9 37.12 -36.77 -28.03
CA GLY G 9 36.65 -35.61 -27.29
C GLY G 9 35.54 -35.96 -26.32
N LEU G 10 34.55 -36.73 -26.80
CA LEU G 10 33.45 -37.12 -25.94
C LEU G 10 33.94 -38.02 -24.81
N ALA G 11 34.92 -38.89 -25.08
CA ALA G 11 35.46 -39.73 -24.02
C ALA G 11 36.10 -38.89 -22.93
N GLU G 12 36.90 -37.89 -23.32
CA GLU G 12 37.51 -37.03 -22.32
C GLU G 12 36.44 -36.31 -21.50
N ILE G 13 35.42 -35.77 -22.17
CA ILE G 13 34.44 -34.99 -21.43
C ILE G 13 33.67 -35.88 -20.46
N ILE G 14 33.25 -37.07 -20.90
CA ILE G 14 32.45 -37.90 -20.01
C ILE G 14 33.31 -38.52 -18.91
N GLU G 15 34.60 -38.74 -19.19
CA GLU G 15 35.50 -39.14 -18.11
C GLU G 15 35.62 -38.03 -17.08
N GLU G 16 35.60 -36.77 -17.53
CA GLU G 16 35.56 -35.66 -16.58
C GLU G 16 34.29 -35.69 -15.75
N VAL G 17 33.14 -35.97 -16.38
CA VAL G 17 31.86 -35.90 -15.67
C VAL G 17 31.78 -36.99 -14.62
N THR G 18 31.78 -38.26 -15.04
CA THR G 18 31.48 -39.38 -14.15
C THR G 18 32.69 -40.19 -13.75
N GLY G 19 33.72 -40.27 -14.58
CA GLY G 19 34.90 -41.03 -14.27
C GLY G 19 34.94 -42.39 -14.94
N ILE G 20 34.64 -42.44 -16.23
CA ILE G 20 34.75 -43.64 -17.03
C ILE G 20 35.94 -43.48 -17.95
N GLU G 21 36.85 -44.44 -17.92
CA GLU G 21 38.10 -44.29 -18.66
C GLU G 21 37.82 -44.24 -20.16
N PRO G 22 38.55 -43.41 -20.91
CA PRO G 22 38.25 -43.29 -22.35
C PRO G 22 38.35 -44.59 -23.11
N SER G 23 39.26 -45.48 -22.73
CA SER G 23 39.42 -46.74 -23.45
C SER G 23 38.13 -47.56 -23.43
N GLU G 24 37.32 -47.40 -22.39
CA GLU G 24 36.11 -48.20 -22.26
C GLU G 24 35.01 -47.75 -23.20
N VAL G 25 35.01 -46.48 -23.60
CA VAL G 25 33.92 -45.91 -24.39
C VAL G 25 34.09 -46.33 -25.85
N THR G 26 33.07 -46.98 -26.40
CA THR G 26 33.05 -47.42 -27.78
C THR G 26 31.70 -47.08 -28.39
N PRO G 27 31.64 -46.85 -29.70
CA PRO G 27 30.36 -46.46 -30.32
C PRO G 27 29.34 -47.58 -30.44
N GLU G 28 29.60 -48.77 -29.89
CA GLU G 28 28.69 -49.92 -29.99
C GLU G 28 28.05 -50.23 -28.64
N LYS G 29 27.70 -49.21 -27.87
CA LYS G 29 27.04 -49.44 -26.60
C LYS G 29 26.25 -48.20 -26.19
N SER G 30 25.17 -48.42 -25.46
CA SER G 30 24.24 -47.36 -25.10
C SER G 30 24.69 -46.67 -23.82
N PHE G 31 23.92 -45.66 -23.41
CA PHE G 31 24.27 -44.82 -22.27
C PHE G 31 23.67 -45.32 -20.96
N VAL G 32 22.34 -45.44 -20.92
CA VAL G 32 21.67 -45.68 -19.65
C VAL G 32 21.90 -47.11 -19.16
N ASP G 33 21.78 -48.09 -20.05
CA ASP G 33 21.73 -49.48 -19.60
C ASP G 33 23.10 -50.09 -19.35
N ASP G 34 24.18 -49.47 -19.85
CA ASP G 34 25.52 -50.00 -19.62
C ASP G 34 26.39 -49.05 -18.82
N LEU G 35 26.52 -47.80 -19.26
CA LEU G 35 27.33 -46.82 -18.53
C LEU G 35 26.64 -46.29 -17.30
N ASP G 36 25.36 -46.60 -17.11
CA ASP G 36 24.57 -46.03 -16.02
C ASP G 36 24.74 -44.51 -16.00
N ILE G 37 24.27 -43.90 -17.08
CA ILE G 37 24.32 -42.46 -17.27
C ILE G 37 22.89 -41.95 -17.25
N ASP G 38 22.60 -41.05 -16.32
CA ASP G 38 21.25 -40.56 -16.12
C ASP G 38 20.91 -39.56 -17.22
O 4HH G 39 20.36 -35.64 -18.45
C 4HH G 39 19.97 -36.43 -17.57
CA 4HH G 39 19.42 -37.79 -17.98
N 4HH G 39 19.79 -38.85 -17.05
CB 4HH G 39 17.89 -37.73 -18.11
OG 4HH G 39 17.26 -37.82 -16.85
CJ 4HH G 39 14.89 -35.76 -16.57
CK 4HH G 39 14.63 -34.48 -17.36
CL1 4HH G 39 14.50 -33.33 -16.37
CL2 4HH G 39 15.82 -34.23 -18.28
CL3 4HH G 39 12.80 -33.26 -18.58
CM 4HH G 39 13.37 -34.63 -18.21
OM 4HH G 39 12.40 -35.33 -17.49
NN 4HH G 39 11.75 -32.67 -17.77
ON 4HH G 39 13.21 -32.68 -19.53
P 4HH G 39 15.80 -38.15 -16.87
O1P 4HH G 39 15.55 -39.34 -17.76
O2P 4HH G 39 15.33 -38.46 -15.47
O3P 4HH G 39 14.96 -36.85 -17.44
CO 4HH G 39 11.21 -31.38 -18.12
CP 4HH G 39 12.17 -30.27 -17.68
CQ 4HH G 39 12.15 -30.17 -16.15
CS 4HH G 39 12.75 -28.93 -14.05
CT 4HH G 39 13.02 -27.49 -13.64
NR 4HH G 39 12.76 -29.03 -15.49
OR 4HH G 39 11.64 -31.03 -15.52
SU 4HH G 39 11.62 -26.86 -12.68
N LEU G 40 20.04 -36.14 -16.28
CA LEU G 40 20.68 -34.90 -15.85
C LEU G 40 22.18 -34.93 -16.12
N SER G 41 22.81 -36.10 -15.98
CA SER G 41 24.17 -36.24 -16.47
C SER G 41 24.25 -36.06 -17.98
N MET G 42 23.17 -36.38 -18.68
CA MET G 42 23.15 -36.15 -20.12
C MET G 42 23.14 -34.66 -20.44
N VAL G 43 22.34 -33.87 -19.72
CA VAL G 43 22.39 -32.43 -19.96
C VAL G 43 23.75 -31.88 -19.51
N GLU G 44 24.35 -32.50 -18.49
CA GLU G 44 25.72 -32.17 -18.13
C GLU G 44 26.65 -32.29 -19.33
N ILE G 45 26.64 -33.46 -19.96
CA ILE G 45 27.52 -33.70 -21.10
C ILE G 45 27.22 -32.72 -22.22
N ALA G 46 25.93 -32.53 -22.52
CA ALA G 46 25.56 -31.66 -23.65
C ALA G 46 26.01 -30.22 -23.40
N VAL G 47 25.74 -29.69 -22.21
CA VAL G 47 26.12 -28.31 -21.91
C VAL G 47 27.64 -28.16 -21.97
N GLN G 48 28.37 -29.09 -21.36
CA GLN G 48 29.82 -28.93 -21.34
C GLN G 48 30.41 -29.01 -22.74
N THR G 49 29.93 -29.95 -23.57
CA THR G 49 30.49 -30.04 -24.91
C THR G 49 30.10 -28.84 -25.77
N GLU G 50 28.88 -28.33 -25.60
CA GLU G 50 28.49 -27.13 -26.33
C GLU G 50 29.35 -25.95 -25.93
N ASP G 51 29.67 -25.84 -24.64
CA ASP G 51 30.42 -24.68 -24.17
C ASP G 51 31.89 -24.78 -24.56
N LYS G 52 32.45 -25.98 -24.54
CA LYS G 52 33.88 -26.12 -24.82
C LYS G 52 34.16 -26.16 -26.32
N TYR G 53 33.38 -26.91 -27.11
CA TYR G 53 33.66 -27.04 -28.54
C TYR G 53 32.62 -26.37 -29.43
N GLY G 54 31.64 -25.68 -28.87
CA GLY G 54 30.71 -24.92 -29.67
C GLY G 54 29.80 -25.70 -30.58
N VAL G 55 29.20 -26.79 -30.10
CA VAL G 55 28.18 -27.54 -30.81
C VAL G 55 26.92 -27.52 -29.96
N LYS G 56 25.82 -27.02 -30.51
CA LYS G 56 24.57 -26.87 -29.78
C LYS G 56 23.65 -28.04 -30.09
N ILE G 57 23.35 -28.85 -29.07
CA ILE G 57 22.39 -29.94 -29.18
C ILE G 57 21.13 -29.49 -28.45
N PRO G 58 20.02 -29.24 -29.15
CA PRO G 58 18.86 -28.64 -28.48
C PRO G 58 18.19 -29.62 -27.53
N ASP G 59 17.43 -29.05 -26.60
CA ASP G 59 16.59 -29.84 -25.72
C ASP G 59 15.60 -30.62 -26.58
N GLU G 60 14.88 -31.56 -25.95
CA GLU G 60 13.91 -32.40 -26.64
C GLU G 60 14.52 -33.02 -27.89
N ASP G 61 15.84 -33.23 -27.85
CA ASP G 61 16.55 -34.05 -28.83
C ASP G 61 17.56 -34.99 -28.18
N LEU G 62 17.90 -34.79 -26.90
CA LEU G 62 18.84 -35.69 -26.23
C LEU G 62 18.24 -37.09 -26.08
N ALA G 63 16.97 -37.18 -25.69
CA ALA G 63 16.34 -38.49 -25.54
C ALA G 63 16.30 -39.25 -26.85
N GLY G 64 16.34 -38.55 -27.99
CA GLY G 64 16.28 -39.21 -29.28
C GLY G 64 17.51 -40.01 -29.62
N LEU G 65 18.60 -39.86 -28.86
CA LEU G 65 19.84 -40.59 -29.09
C LEU G 65 20.22 -41.34 -27.82
N ARG G 66 20.53 -42.63 -27.98
CA ARG G 66 20.77 -43.51 -26.85
C ARG G 66 22.16 -44.13 -26.82
N THR G 67 22.89 -44.10 -27.94
CA THR G 67 24.19 -44.76 -28.03
C THR G 67 25.26 -43.77 -28.46
N VAL G 68 26.50 -44.10 -28.11
CA VAL G 68 27.63 -43.24 -28.47
C VAL G 68 27.72 -43.11 -29.98
N GLY G 69 27.48 -44.20 -30.71
CA GLY G 69 27.45 -44.12 -32.15
C GLY G 69 26.41 -43.12 -32.64
N ASP G 70 25.26 -43.08 -31.99
CA ASP G 70 24.24 -42.10 -32.36
C ASP G 70 24.73 -40.68 -32.12
N VAL G 71 25.44 -40.46 -31.01
CA VAL G 71 25.91 -39.11 -30.71
C VAL G 71 26.92 -38.66 -31.75
N VAL G 72 27.88 -39.53 -32.08
CA VAL G 72 28.89 -39.15 -33.07
C VAL G 72 28.25 -38.96 -34.43
N ALA G 73 27.26 -39.78 -34.77
CA ALA G 73 26.55 -39.59 -36.03
C ALA G 73 25.86 -38.24 -36.07
N TYR G 74 25.22 -37.85 -34.97
CA TYR G 74 24.56 -36.56 -34.90
C TYR G 74 25.56 -35.42 -35.06
N ILE G 75 26.71 -35.53 -34.39
CA ILE G 75 27.70 -34.45 -34.46
C ILE G 75 28.26 -34.34 -35.87
N GLN G 76 28.62 -35.46 -36.49
CA GLN G 76 29.25 -35.43 -37.80
C GLN G 76 28.26 -35.23 -38.94
N LYS G 77 26.95 -35.37 -38.68
CA LYS G 77 25.95 -34.98 -39.65
C LYS G 77 25.77 -33.46 -39.69
N LEU G 78 25.97 -32.80 -38.56
CA LEU G 78 25.80 -31.35 -38.47
C LEU G 78 27.04 -30.64 -39.01
N ALA H 1 8.34 -35.01 -59.03
CA ALA H 1 8.49 -33.52 -59.01
C ALA H 1 8.13 -32.97 -57.64
N THR H 2 9.11 -32.35 -56.97
CA THR H 2 8.85 -31.76 -55.66
C THR H 2 7.78 -30.69 -55.75
N GLN H 3 7.68 -29.99 -56.88
CA GLN H 3 6.72 -28.92 -57.02
C GLN H 3 5.30 -29.43 -56.85
N GLU H 4 4.98 -30.56 -57.50
CA GLU H 4 3.61 -31.07 -57.44
C GLU H 4 3.22 -31.42 -56.01
N GLU H 5 4.13 -32.05 -55.27
CA GLU H 5 3.81 -32.39 -53.89
C GLU H 5 3.71 -31.16 -53.02
N ILE H 6 4.51 -30.12 -53.28
CA ILE H 6 4.37 -28.88 -52.53
C ILE H 6 2.97 -28.31 -52.74
N ILE H 7 2.52 -28.25 -53.99
CA ILE H 7 1.16 -27.75 -54.25
C ILE H 7 0.13 -28.65 -53.57
N ALA H 8 0.35 -29.97 -53.57
CA ALA H 8 -0.62 -30.86 -52.94
C ALA H 8 -0.77 -30.54 -51.46
N GLY H 9 0.36 -30.46 -50.74
CA GLY H 9 0.28 -30.15 -49.32
C GLY H 9 -0.34 -28.81 -49.05
N LEU H 10 0.09 -27.79 -49.81
CA LEU H 10 -0.49 -26.47 -49.61
C LEU H 10 -1.99 -26.49 -49.85
N ALA H 11 -2.44 -27.19 -50.89
CA ALA H 11 -3.86 -27.26 -51.19
C ALA H 11 -4.63 -27.91 -50.05
N GLU H 12 -4.07 -28.96 -49.45
CA GLU H 12 -4.71 -29.56 -48.29
C GLU H 12 -4.85 -28.53 -47.17
N ILE H 13 -3.80 -27.74 -46.94
CA ILE H 13 -3.89 -26.71 -45.92
C ILE H 13 -5.01 -25.73 -46.26
N ILE H 14 -5.12 -25.33 -47.54
CA ILE H 14 -6.14 -24.36 -47.91
C ILE H 14 -7.53 -24.93 -47.69
N GLU H 15 -7.75 -26.19 -48.11
CA GLU H 15 -9.08 -26.76 -47.96
C GLU H 15 -9.47 -26.83 -46.48
N GLU H 16 -8.52 -27.19 -45.61
CA GLU H 16 -8.88 -27.21 -44.19
C GLU H 16 -9.19 -25.81 -43.68
N VAL H 17 -8.34 -24.83 -43.99
CA VAL H 17 -8.46 -23.52 -43.35
C VAL H 17 -9.70 -22.77 -43.84
N THR H 18 -9.97 -22.82 -45.15
CA THR H 18 -11.03 -21.99 -45.73
C THR H 18 -12.02 -22.74 -46.61
N GLY H 19 -11.82 -24.03 -46.86
CA GLY H 19 -12.80 -24.82 -47.57
C GLY H 19 -12.82 -24.57 -49.08
N ILE H 20 -11.68 -24.74 -49.73
CA ILE H 20 -11.56 -24.67 -51.18
C ILE H 20 -10.98 -25.98 -51.66
N GLU H 21 -11.61 -26.58 -52.67
CA GLU H 21 -11.22 -27.90 -53.12
C GLU H 21 -9.84 -27.85 -53.77
N PRO H 22 -9.06 -28.91 -53.64
CA PRO H 22 -7.70 -28.91 -54.21
C PRO H 22 -7.67 -28.91 -55.72
N SER H 23 -8.80 -29.19 -56.38
CA SER H 23 -8.79 -29.25 -57.84
C SER H 23 -8.48 -27.89 -58.46
N GLU H 24 -9.03 -26.81 -57.89
CA GLU H 24 -8.91 -25.50 -58.49
C GLU H 24 -7.63 -24.77 -58.12
N VAL H 25 -6.99 -25.12 -57.00
CA VAL H 25 -5.80 -24.42 -56.55
C VAL H 25 -4.64 -24.74 -57.49
N THR H 26 -4.28 -23.79 -58.34
CA THR H 26 -3.14 -23.90 -59.25
C THR H 26 -2.31 -22.63 -59.16
N PRO H 27 -1.02 -22.70 -59.50
CA PRO H 27 -0.14 -21.54 -59.32
C PRO H 27 -0.49 -20.34 -60.18
N GLU H 28 -1.49 -20.45 -61.06
CA GLU H 28 -1.77 -19.38 -62.02
C GLU H 28 -2.67 -18.28 -61.47
N LYS H 29 -3.20 -18.41 -60.26
CA LYS H 29 -4.17 -17.46 -59.75
C LYS H 29 -3.75 -16.95 -58.38
N SER H 30 -4.24 -15.76 -58.05
CA SER H 30 -3.86 -15.06 -56.83
C SER H 30 -4.72 -15.51 -55.66
N PHE H 31 -4.41 -14.97 -54.48
CA PHE H 31 -5.13 -15.32 -53.26
C PHE H 31 -6.31 -14.38 -53.02
N VAL H 32 -6.04 -13.08 -52.85
CA VAL H 32 -7.08 -12.16 -52.41
C VAL H 32 -8.11 -11.92 -53.50
N ASP H 33 -7.66 -11.74 -54.74
CA ASP H 33 -8.57 -11.37 -55.81
C ASP H 33 -9.46 -12.55 -56.22
N ASP H 34 -8.88 -13.74 -56.37
CA ASP H 34 -9.59 -14.89 -56.91
C ASP H 34 -10.12 -15.81 -55.82
N LEU H 35 -9.22 -16.33 -54.98
CA LEU H 35 -9.61 -17.27 -53.94
C LEU H 35 -10.25 -16.60 -52.72
N ASP H 36 -10.21 -15.27 -52.65
CA ASP H 36 -10.81 -14.51 -51.56
C ASP H 36 -10.34 -15.05 -50.21
N ILE H 37 -9.02 -15.10 -50.05
CA ILE H 37 -8.39 -15.44 -48.78
C ILE H 37 -7.97 -14.13 -48.11
N ASP H 38 -8.56 -13.86 -46.94
CA ASP H 38 -8.31 -12.61 -46.26
C ASP H 38 -6.83 -12.50 -45.87
O 4HH H 39 -3.60 -11.76 -43.37
C 4HH H 39 -4.77 -11.65 -43.76
CA 4HH H 39 -5.04 -11.05 -45.14
N 4HH H 39 -6.39 -11.27 -45.60
CB 4HH H 39 -4.76 -9.54 -45.09
OG 4HH H 39 -5.59 -8.92 -44.14
CJ 4HH H 39 -3.70 -6.82 -41.73
CK 4HH H 39 -2.70 -7.24 -40.66
CL1 4HH H 39 -3.46 -7.45 -39.35
CL2 4HH H 39 -2.00 -8.55 -41.04
CL3 4HH H 39 -0.62 -6.46 -39.50
CM 4HH H 39 -1.67 -6.12 -40.55
OM 4HH H 39 -2.32 -4.94 -40.21
NN 4HH H 39 -0.80 -6.02 -38.13
ON 4HH H 39 0.35 -7.08 -39.81
P 4HH H 39 -5.54 -7.68 -43.32
O1P 4HH H 39 -6.93 -7.35 -42.80
O2P 4HH H 39 -5.05 -6.53 -44.18
O3P 4HH H 39 -4.52 -7.90 -42.06
CO 4HH H 39 0.20 -6.36 -37.15
CP 4HH H 39 -0.17 -5.68 -35.84
CQ 4HH H 39 -1.53 -6.18 -35.36
CS 4HH H 39 -2.90 -7.56 -33.77
CT 4HH H 39 -2.80 -7.82 -32.26
NR 4HH H 39 -1.61 -7.08 -34.23
OR 4HH H 39 -2.52 -5.81 -35.90
SU 4HH H 39 -2.70 -6.24 -31.38
N LEU H 40 -5.82 -12.06 -43.03
CA LEU H 40 -5.64 -12.66 -41.71
C LEU H 40 -5.77 -14.18 -41.73
N SER H 41 -6.33 -14.74 -42.79
CA SER H 41 -6.25 -16.20 -42.99
C SER H 41 -4.88 -16.64 -43.46
N MET H 42 -4.12 -15.75 -44.08
CA MET H 42 -2.79 -16.12 -44.55
C MET H 42 -1.87 -16.48 -43.40
N VAL H 43 -1.96 -15.74 -42.28
CA VAL H 43 -1.10 -16.06 -41.15
C VAL H 43 -1.49 -17.41 -40.57
N GLU H 44 -2.78 -17.76 -40.57
CA GLU H 44 -3.19 -19.09 -40.14
C GLU H 44 -2.60 -20.16 -41.05
N ILE H 45 -2.62 -19.92 -42.35
CA ILE H 45 -2.00 -20.87 -43.27
C ILE H 45 -0.52 -21.01 -42.97
N ALA H 46 0.14 -19.89 -42.68
CA ALA H 46 1.57 -19.94 -42.38
C ALA H 46 1.84 -20.74 -41.10
N VAL H 47 1.01 -20.55 -40.08
CA VAL H 47 1.18 -21.29 -38.83
C VAL H 47 1.04 -22.79 -39.08
N GLN H 48 -0.01 -23.17 -39.82
CA GLN H 48 -0.22 -24.59 -40.09
C GLN H 48 0.94 -25.18 -40.87
N THR H 49 1.42 -24.49 -41.91
CA THR H 49 2.53 -25.03 -42.69
C THR H 49 3.81 -25.08 -41.85
N GLU H 50 4.00 -24.11 -40.95
CA GLU H 50 5.16 -24.14 -40.06
C GLU H 50 5.15 -25.40 -39.21
N ASP H 51 4.00 -25.73 -38.63
CA ASP H 51 3.93 -26.93 -37.79
C ASP H 51 4.10 -28.20 -38.61
N LYS H 52 3.27 -28.39 -39.63
CA LYS H 52 3.22 -29.68 -40.29
C LYS H 52 4.51 -29.99 -41.04
N TYR H 53 5.08 -29.00 -41.73
CA TYR H 53 6.21 -29.25 -42.62
C TYR H 53 7.48 -28.49 -42.24
N GLY H 54 7.43 -27.64 -41.22
CA GLY H 54 8.63 -26.97 -40.76
C GLY H 54 9.24 -26.03 -41.77
N VAL H 55 8.41 -25.21 -42.41
CA VAL H 55 8.87 -24.16 -43.32
C VAL H 55 8.38 -22.84 -42.74
N LYS H 56 9.27 -22.11 -42.09
CA LYS H 56 8.91 -20.85 -41.43
C LYS H 56 8.92 -19.74 -42.46
N ILE H 57 7.74 -19.17 -42.74
CA ILE H 57 7.63 -17.96 -43.55
C ILE H 57 7.60 -16.77 -42.59
N PRO H 58 8.65 -15.95 -42.55
CA PRO H 58 8.71 -14.90 -41.53
C PRO H 58 7.56 -13.91 -41.63
N ASP H 59 7.42 -13.11 -40.59
CA ASP H 59 6.48 -12.01 -40.61
C ASP H 59 6.96 -10.95 -41.61
N GLU H 60 6.08 -10.01 -41.91
CA GLU H 60 6.38 -8.94 -42.87
C GLU H 60 6.95 -9.52 -44.17
N ASP H 61 6.54 -10.75 -44.47
CA ASP H 61 6.94 -11.42 -45.71
C ASP H 61 5.78 -12.09 -46.44
N LEU H 62 4.65 -12.31 -45.78
CA LEU H 62 3.47 -12.82 -46.48
C LEU H 62 2.95 -11.80 -47.48
N ALA H 63 3.01 -10.52 -47.13
CA ALA H 63 2.43 -9.48 -47.98
C ALA H 63 3.10 -9.45 -49.35
N GLY H 64 4.38 -9.78 -49.42
CA GLY H 64 5.07 -9.80 -50.69
C GLY H 64 4.76 -10.99 -51.58
N LEU H 65 4.05 -11.97 -51.04
CA LEU H 65 3.62 -13.15 -51.80
C LEU H 65 2.12 -13.05 -52.01
N ARG H 66 1.69 -13.08 -53.28
CA ARG H 66 0.29 -12.86 -53.62
C ARG H 66 -0.34 -13.97 -54.43
N THR H 67 0.44 -14.88 -55.01
CA THR H 67 -0.08 -15.95 -55.81
C THR H 67 0.46 -17.28 -55.32
N VAL H 68 -0.26 -18.35 -55.64
CA VAL H 68 0.19 -19.69 -55.26
C VAL H 68 1.58 -19.95 -55.84
N GLY H 69 1.81 -19.53 -57.07
CA GLY H 69 3.14 -19.68 -57.65
C GLY H 69 4.21 -19.00 -56.82
N ASP H 70 3.89 -17.83 -56.26
CA ASP H 70 4.87 -17.11 -55.43
C ASP H 70 5.26 -17.94 -54.22
N VAL H 71 4.27 -18.55 -53.55
CA VAL H 71 4.57 -19.33 -52.35
C VAL H 71 5.33 -20.60 -52.71
N VAL H 72 4.94 -21.26 -53.81
CA VAL H 72 5.64 -22.48 -54.21
C VAL H 72 7.09 -22.16 -54.58
N ALA H 73 7.33 -21.00 -55.20
CA ALA H 73 8.70 -20.61 -55.50
C ALA H 73 9.46 -20.26 -54.23
N TYR H 74 8.81 -19.59 -53.29
CA TYR H 74 9.48 -19.21 -52.04
C TYR H 74 9.90 -20.45 -51.26
N ILE H 75 9.03 -21.45 -51.17
CA ILE H 75 9.37 -22.66 -50.43
C ILE H 75 10.54 -23.37 -51.09
N GLN H 76 10.52 -23.47 -52.42
CA GLN H 76 11.55 -24.21 -53.12
C GLN H 76 12.90 -23.51 -53.03
N LYS H 77 12.91 -22.19 -52.91
CA LYS H 77 14.16 -21.45 -52.79
C LYS H 77 14.74 -21.58 -51.39
N LEU H 78 13.90 -21.55 -50.37
CA LEU H 78 14.37 -21.62 -48.99
C LEU H 78 14.70 -23.06 -48.61
N ALA I 1 36.64 -8.44 -58.55
CA ALA I 1 36.27 -9.22 -57.34
C ALA I 1 35.12 -8.54 -56.60
N THR I 2 34.95 -8.89 -55.33
CA THR I 2 33.94 -8.27 -54.48
C THR I 2 34.54 -7.24 -53.53
N GLN I 3 35.78 -7.46 -53.11
CA GLN I 3 36.37 -6.62 -52.07
C GLN I 3 36.38 -5.15 -52.47
N GLU I 4 36.52 -4.85 -53.76
CA GLU I 4 36.57 -3.45 -54.16
C GLU I 4 35.27 -2.74 -53.81
N GLU I 5 34.13 -3.31 -54.19
CA GLU I 5 32.87 -2.68 -53.86
C GLU I 5 32.58 -2.76 -52.37
N ILE I 6 33.11 -3.78 -51.69
CA ILE I 6 32.98 -3.82 -50.23
C ILE I 6 33.65 -2.60 -49.62
N ILE I 7 34.88 -2.31 -50.06
CA ILE I 7 35.56 -1.11 -49.57
C ILE I 7 34.76 0.13 -49.94
N ALA I 8 34.17 0.15 -51.12
CA ALA I 8 33.39 1.32 -51.53
C ALA I 8 32.25 1.57 -50.55
N GLY I 9 31.46 0.55 -50.27
CA GLY I 9 30.35 0.72 -49.34
C GLY I 9 30.83 1.11 -47.95
N LEU I 10 31.85 0.42 -47.46
CA LEU I 10 32.40 0.74 -46.14
C LEU I 10 32.87 2.19 -46.09
N ALA I 11 33.52 2.64 -47.16
CA ALA I 11 34.01 4.02 -47.20
C ALA I 11 32.86 5.00 -47.17
N GLU I 12 31.76 4.69 -47.86
CA GLU I 12 30.59 5.54 -47.78
C GLU I 12 30.11 5.66 -46.33
N ILE I 13 30.02 4.51 -45.65
CA ILE I 13 29.54 4.54 -44.26
C ILE I 13 30.50 5.35 -43.38
N ILE I 14 31.81 5.16 -43.56
CA ILE I 14 32.79 5.84 -42.72
C ILE I 14 32.78 7.34 -43.00
N GLU I 15 32.64 7.74 -44.26
CA GLU I 15 32.42 9.14 -44.57
C GLU I 15 31.23 9.68 -43.79
N GLU I 16 30.14 8.93 -43.79
CA GLU I 16 28.95 9.40 -43.09
C GLU I 16 29.19 9.54 -41.59
N VAL I 17 29.85 8.56 -40.99
CA VAL I 17 29.88 8.47 -39.52
C VAL I 17 30.76 9.56 -38.92
N THR I 18 31.93 9.81 -39.51
CA THR I 18 32.89 10.71 -38.88
C THR I 18 33.51 11.76 -39.80
N GLY I 19 33.39 11.65 -41.12
CA GLY I 19 33.95 12.66 -42.01
C GLY I 19 35.35 12.34 -42.49
N ILE I 20 35.54 11.14 -43.01
CA ILE I 20 36.84 10.68 -43.50
C ILE I 20 36.69 10.35 -44.98
N GLU I 21 37.58 10.90 -45.80
CA GLU I 21 37.38 10.85 -47.24
C GLU I 21 37.48 9.41 -47.75
N PRO I 22 36.76 9.08 -48.83
CA PRO I 22 36.82 7.70 -49.36
C PRO I 22 38.12 7.35 -50.07
N SER I 23 38.94 8.34 -50.43
CA SER I 23 40.10 8.05 -51.27
C SER I 23 41.15 7.25 -50.51
N GLU I 24 41.47 7.66 -49.28
CA GLU I 24 42.58 7.07 -48.55
C GLU I 24 42.18 5.88 -47.70
N VAL I 25 40.89 5.56 -47.59
CA VAL I 25 40.47 4.37 -46.88
C VAL I 25 40.90 3.16 -47.69
N THR I 26 41.92 2.45 -47.22
CA THR I 26 42.51 1.33 -47.94
C THR I 26 42.56 0.12 -47.03
N PRO I 27 42.55 -1.09 -47.61
CA PRO I 27 42.50 -2.32 -46.80
C PRO I 27 43.83 -2.70 -46.14
N GLU I 28 44.82 -1.82 -46.11
CA GLU I 28 46.13 -2.13 -45.54
C GLU I 28 46.42 -1.35 -44.27
N LYS I 29 45.52 -0.48 -43.83
CA LYS I 29 45.78 0.38 -42.68
C LYS I 29 44.79 0.09 -41.56
N SER I 30 45.23 0.32 -40.32
CA SER I 30 44.47 -0.06 -39.14
C SER I 30 43.49 1.03 -38.73
N PHE I 31 42.57 0.65 -37.84
CA PHE I 31 41.44 1.52 -37.51
C PHE I 31 41.84 2.59 -36.51
N VAL I 32 42.23 2.19 -35.31
CA VAL I 32 42.48 3.16 -34.24
C VAL I 32 43.74 3.96 -34.51
N ASP I 33 44.79 3.30 -35.01
CA ASP I 33 46.08 3.98 -35.14
C ASP I 33 46.03 5.04 -36.24
N ASP I 34 45.54 4.68 -37.42
CA ASP I 34 45.64 5.53 -38.60
C ASP I 34 44.44 6.43 -38.81
N LEU I 35 43.23 5.88 -38.72
CA LEU I 35 42.01 6.66 -38.86
C LEU I 35 41.50 7.21 -37.53
N ASP I 36 42.30 7.10 -36.46
CA ASP I 36 41.98 7.59 -35.13
C ASP I 36 40.49 7.44 -34.86
N ILE I 37 39.98 6.21 -34.97
CA ILE I 37 38.56 5.92 -34.84
C ILE I 37 38.31 5.33 -33.46
N ASP I 38 37.31 5.86 -32.76
CA ASP I 38 36.99 5.38 -31.43
C ASP I 38 36.49 3.93 -31.51
O 4HH I 39 33.51 1.02 -30.80
C 4HH I 39 34.10 2.03 -30.41
CA 4HH I 39 35.62 2.00 -30.31
N 4HH I 39 36.22 3.33 -30.36
CB 4HH I 39 36.02 1.30 -29.01
OG 4HH I 39 35.92 2.18 -27.91
CJ 4HH I 39 34.37 0.31 -25.01
CK 4HH I 39 33.08 -0.51 -25.02
CL1 4HH I 39 31.96 0.33 -24.43
CL2 4HH I 39 32.71 -0.91 -26.44
CL3 4HH I 39 32.21 -2.75 -24.33
CM 4HH I 39 33.33 -1.75 -24.16
OM 4HH I 39 33.41 -1.36 -22.82
NN 4HH I 39 31.10 -2.72 -23.39
ON 4HH I 39 32.24 -3.56 -25.19
P 4HH I 39 35.87 1.87 -26.46
O1P 4HH I 39 36.03 3.15 -25.66
O2P 4HH I 39 36.98 0.91 -26.10
O3P 4HH I 39 34.41 1.19 -26.10
CO 4HH I 39 30.00 -3.66 -23.50
CP 4HH I 39 29.08 -3.54 -22.30
CQ 4HH I 39 28.79 -2.08 -21.94
CS 4HH I 39 27.32 -0.03 -22.08
CT 4HH I 39 26.22 -0.02 -21.02
NR 4HH I 39 27.59 -1.42 -22.43
OR 4HH I 39 29.54 -1.49 -21.25
SU 4HH I 39 25.88 1.69 -20.52
N LEU I 40 33.46 3.15 -30.05
CA LEU I 40 32.03 3.29 -30.26
C LEU I 40 31.69 3.51 -31.73
N SER I 41 32.52 4.29 -32.42
CA SER I 41 32.27 4.54 -33.84
C SER I 41 32.32 3.23 -34.63
N MET I 42 33.09 2.25 -34.16
CA MET I 42 33.04 0.94 -34.78
C MET I 42 31.66 0.30 -34.58
N VAL I 43 31.06 0.51 -33.41
CA VAL I 43 29.69 0.03 -33.18
C VAL I 43 28.73 0.73 -34.13
N GLU I 44 28.91 2.03 -34.34
CA GLU I 44 28.04 2.76 -35.27
C GLU I 44 28.17 2.22 -36.68
N ILE I 45 29.40 1.94 -37.12
CA ILE I 45 29.60 1.35 -38.43
C ILE I 45 28.91 -0.01 -38.51
N ALA I 46 29.00 -0.79 -37.44
CA ALA I 46 28.33 -2.08 -37.43
C ALA I 46 26.81 -1.93 -37.58
N VAL I 47 26.22 -1.00 -36.85
CA VAL I 47 24.78 -0.79 -36.93
C VAL I 47 24.37 -0.35 -38.32
N GLN I 48 25.09 0.64 -38.87
CA GLN I 48 24.74 1.14 -40.20
C GLN I 48 24.87 0.05 -41.25
N THR I 49 25.94 -0.74 -41.19
CA THR I 49 26.13 -1.81 -42.16
C THR I 49 25.01 -2.84 -42.06
N GLU I 50 24.69 -3.26 -40.84
CA GLU I 50 23.62 -4.26 -40.66
C GLU I 50 22.30 -3.73 -41.20
N ASP I 51 22.00 -2.46 -40.96
CA ASP I 51 20.76 -1.89 -41.48
C ASP I 51 20.75 -1.84 -43.00
N LYS I 52 21.82 -1.32 -43.61
CA LYS I 52 21.78 -1.03 -45.03
C LYS I 52 22.07 -2.27 -45.86
N TYR I 53 23.27 -2.84 -45.73
CA TYR I 53 23.61 -4.10 -46.37
C TYR I 53 23.47 -5.18 -45.30
N GLY I 54 22.42 -5.99 -45.39
CA GLY I 54 22.14 -6.90 -44.30
C GLY I 54 23.30 -7.83 -44.00
N VAL I 55 24.01 -7.54 -42.90
CA VAL I 55 25.15 -8.33 -42.44
C VAL I 55 25.29 -8.08 -40.96
N LYS I 56 25.45 -9.14 -40.17
CA LYS I 56 25.48 -9.06 -38.72
C LYS I 56 26.88 -9.35 -38.22
N ILE I 57 27.44 -8.41 -37.47
CA ILE I 57 28.74 -8.58 -36.84
C ILE I 57 28.50 -8.64 -35.33
N PRO I 58 28.56 -9.80 -34.70
CA PRO I 58 28.15 -9.90 -33.29
C PRO I 58 29.09 -9.12 -32.38
N ASP I 59 28.55 -8.71 -31.24
CA ASP I 59 29.33 -7.98 -30.25
C ASP I 59 30.49 -8.85 -29.78
N GLU I 60 31.62 -8.20 -29.50
CA GLU I 60 32.87 -8.84 -29.07
C GLU I 60 33.52 -9.63 -30.19
N ASP I 61 33.04 -9.50 -31.42
CA ASP I 61 33.82 -9.83 -32.60
C ASP I 61 34.37 -8.59 -33.28
N LEU I 62 33.93 -7.41 -32.86
CA LEU I 62 34.52 -6.16 -33.36
C LEU I 62 35.97 -6.03 -32.93
N ALA I 63 36.27 -6.40 -31.68
CA ALA I 63 37.63 -6.24 -31.17
C ALA I 63 38.60 -7.11 -31.94
N GLY I 64 38.19 -8.31 -32.33
CA GLY I 64 39.10 -9.21 -33.02
C GLY I 64 39.67 -8.60 -34.28
N LEU I 65 38.84 -7.91 -35.05
CA LEU I 65 39.30 -7.24 -36.26
C LEU I 65 39.89 -5.88 -35.93
N ARG I 66 41.00 -5.55 -36.59
CA ARG I 66 41.72 -4.30 -36.32
C ARG I 66 42.04 -3.49 -37.56
N THR I 67 42.05 -4.09 -38.75
CA THR I 67 42.30 -3.38 -39.99
C THR I 67 41.12 -3.57 -40.94
N VAL I 68 41.00 -2.64 -41.90
CA VAL I 68 39.90 -2.73 -42.84
C VAL I 68 39.97 -4.03 -43.63
N GLY I 69 41.18 -4.51 -43.92
CA GLY I 69 41.31 -5.79 -44.59
C GLY I 69 40.68 -6.91 -43.82
N ASP I 70 40.87 -6.92 -42.49
CA ASP I 70 40.23 -7.93 -41.66
C ASP I 70 38.72 -7.82 -41.72
N VAL I 71 38.20 -6.60 -41.68
CA VAL I 71 36.75 -6.41 -41.71
C VAL I 71 36.18 -6.98 -43.00
N VAL I 72 36.80 -6.67 -44.14
CA VAL I 72 36.25 -7.13 -45.40
C VAL I 72 36.45 -8.63 -45.57
N ALA I 73 37.55 -9.18 -45.08
CA ALA I 73 37.71 -10.63 -45.10
C ALA I 73 36.60 -11.29 -44.30
N TYR I 74 36.27 -10.74 -43.14
CA TYR I 74 35.20 -11.29 -42.33
C TYR I 74 33.86 -11.19 -43.06
N ILE I 75 33.60 -10.05 -43.70
CA ILE I 75 32.33 -9.87 -44.40
C ILE I 75 32.19 -10.89 -45.52
N GLN I 76 33.25 -11.05 -46.33
CA GLN I 76 33.15 -11.96 -47.47
C GLN I 76 33.30 -13.42 -47.07
N LYS I 77 33.72 -13.71 -45.83
CA LYS I 77 33.69 -15.09 -45.37
C LYS I 77 32.27 -15.63 -45.37
N LEU I 78 31.32 -14.83 -44.88
CA LEU I 78 29.91 -15.24 -44.82
C LEU I 78 29.40 -15.66 -46.20
N L9Q J . 34.85 -0.34 -20.25
P L9Q J . 36.91 0.71 -16.54
C1 L9Q J . 34.73 2.20 -16.64
C2 L9Q J . 33.27 1.78 -16.59
O2 L9Q J . 32.51 2.67 -15.77
C3 L9Q J . 32.58 1.67 -17.93
O3 L9Q J . 31.92 2.88 -18.25
C4 L9Q J . 36.05 -1.11 -18.25
C5 L9Q J . 36.15 -0.53 -19.63
C11 L9Q J . 30.94 2.83 -19.14
O11 L9Q J . 31.11 2.54 -20.30
C12 L9Q J . 29.61 3.16 -18.52
C13 L9Q J . 29.43 4.63 -18.15
C14 L9Q J . 29.00 4.78 -16.70
C15 L9Q J . 27.71 5.58 -16.53
C16 L9Q J . 27.15 5.47 -15.11
C17 L9Q J . 25.64 5.73 -15.02
C18 L9Q J . 25.02 5.30 -13.71
C19 L9Q J . 24.38 3.91 -13.74
O1P L9Q J . 36.58 0.39 -15.12
C20 L9Q J . 23.65 3.58 -12.45
C21 L9Q J . 22.64 4.64 -12.06
C22 L9Q J . 22.40 4.77 -10.56
C23 L9Q J . 21.87 3.49 -9.93
C24 L9Q J . 20.89 3.73 -8.79
C25 L9Q J . 21.31 4.87 -7.86
C26 L9Q J . 20.74 4.71 -6.46
C27 L9Q J . 19.46 3.89 -6.43
C28 L9Q J . 19.13 3.33 -5.05
O2P L9Q J . 38.01 1.67 -16.88
C31 L9Q J . 32.70 2.65 -14.46
O31 L9Q J . 33.74 2.94 -13.94
C32 L9Q J . 31.46 2.20 -13.74
C33 L9Q J . 30.40 3.28 -13.60
C34 L9Q J . 30.11 3.60 -12.14
C35 L9Q J . 28.67 3.31 -11.77
C36 L9Q J . 28.13 4.26 -10.72
C37 L9Q J . 26.76 3.83 -10.21
C38 L9Q J . 26.51 4.20 -8.75
C39 L9Q J . 25.59 3.20 -8.10
O3P L9Q J . 35.51 1.19 -17.23
C40 L9Q J . 25.66 2.70 -6.86
C41 L9Q J . 24.72 1.70 -6.26
C42 L9Q J . 24.02 0.88 -7.34
C43 L9Q J . 23.16 -0.24 -6.76
O4P L9Q J . 37.10 -0.67 -17.41
N L9Q K . -6.04 6.00 -41.60
P L9Q K . -4.94 1.97 -41.01
C1 L9Q K . -5.04 -0.65 -40.53
C2 L9Q K . -5.14 -1.10 -39.09
O2 L9Q K . -6.46 -0.96 -38.60
C3 L9Q K . -4.76 -2.54 -38.81
O3 L9Q K . -5.90 -3.21 -38.28
C4 L9Q K . -5.95 3.78 -42.67
C5 L9Q K . -6.75 5.04 -42.42
C11 L9Q K . -5.68 -4.22 -37.44
O11 L9Q K . -4.73 -4.95 -37.52
C12 L9Q K . -6.75 -4.32 -36.40
C13 L9Q K . -6.46 -5.35 -35.32
C14 L9Q K . -7.17 -5.01 -34.02
C15 L9Q K . -8.13 -3.84 -34.16
C16 L9Q K . -8.94 -3.56 -32.90
C17 L9Q K . -8.23 -4.02 -31.63
C18 L9Q K . -8.94 -3.55 -30.37
C19 L9Q K . -8.07 -2.67 -29.48
O1P L9Q K . -3.90 1.64 -42.03
C20 L9Q K . -7.94 -3.18 -28.06
C21 L9Q K . -6.68 -2.65 -27.36
C22 L9Q K . -6.88 -2.46 -25.86
C23 L9Q K . -6.07 -1.30 -25.31
C24 L9Q K . -6.40 -0.94 -23.86
C25 L9Q K . -7.67 -0.11 -23.72
C26 L9Q K . -7.80 0.54 -22.35
C27 L9Q K . -6.50 1.18 -21.87
C28 L9Q K . -6.66 1.90 -20.54
O2P L9Q K . -4.56 2.62 -39.72
C31 L9Q K . -6.80 0.11 -37.88
O31 L9Q K . -6.24 1.18 -37.99
C32 L9Q K . -7.95 -0.19 -36.98
C33 L9Q K . -7.89 0.53 -35.65
C34 L9Q K . -6.97 -0.20 -34.68
C35 L9Q K . -7.30 0.11 -33.23
C36 L9Q K . -7.85 1.52 -33.05
C37 L9Q K . -7.59 2.05 -31.65
C38 L9Q K . -7.94 1.04 -30.56
C39 L9Q K . -7.40 1.46 -29.23
O3P L9Q K . -5.73 0.56 -40.73
C40 L9Q K . -7.92 2.33 -28.38
C41 L9Q K . -7.37 2.76 -27.04
C42 L9Q K . -8.49 2.91 -26.01
O4P L9Q K . -6.18 2.80 -41.67
N L9Q L . 3.20 -38.61 -16.93
P L9Q L . 6.96 -39.14 -15.00
C1 L9Q L . 7.46 -36.65 -14.45
C2 L9Q L . 8.51 -35.69 -13.89
O2 L9Q L . 8.63 -35.81 -12.47
C3 L9Q L . 9.89 -35.82 -14.47
O3 L9Q L . 10.83 -35.38 -13.49
C4 L9Q L . 4.32 -39.17 -14.81
C5 L9Q L . 3.12 -38.52 -15.48
C11 L9Q L . 10.96 -34.07 -13.35
O11 L9Q L . 10.83 -33.30 -14.27
C12 L9Q L . 11.27 -33.68 -11.94
C13 L9Q L . 10.78 -32.28 -11.58
C14 L9Q L . 10.58 -32.13 -10.09
C15 L9Q L . 11.82 -31.61 -9.37
C16 L9Q L . 11.47 -30.69 -8.21
C17 L9Q L . 9.99 -30.37 -8.14
C18 L9Q L . 9.59 -29.65 -6.86
C19 L9Q L . 9.35 -28.16 -7.04
O1P L9Q L . 7.57 -39.10 -16.36
C20 L9Q L . 8.79 -27.47 -5.81
O2P L9Q L . 6.88 -40.42 -14.23
C31 L9Q L . 7.58 -35.58 -11.69
O31 L9Q L . 6.58 -36.25 -11.72
C32 L9Q L . 7.82 -34.40 -10.81
C33 L9Q L . 6.84 -34.26 -9.67
C34 L9Q L . 6.48 -32.80 -9.45
C35 L9Q L . 6.25 -32.43 -7.99
C36 L9Q L . 5.01 -31.58 -7.82
C37 L9Q L . 5.10 -30.60 -6.66
C38 L9Q L . 5.36 -29.17 -7.12
C39 L9Q L . 4.11 -28.36 -7.11
O3P L9Q L . 7.74 -37.99 -14.15
C40 L9Q L . 3.76 -27.35 -6.30
C41 L9Q L . 4.54 -26.76 -5.18
C42 L9Q L . 3.84 -26.95 -3.83
C43 L9Q L . 2.34 -26.70 -3.90
C44 L9Q L . 1.99 -25.28 -4.36
C45 L9Q L . 0.58 -25.15 -4.89
C46 L9Q L . -0.41 -24.62 -3.87
C47 L9Q L . -0.62 -25.56 -2.69
C48 L9Q L . -1.25 -24.88 -1.49
O4P L9Q L . 5.48 -38.41 -14.99
#